data_7EQG
#
_entry.id   7EQG
#
_cell.length_a   1.00
_cell.length_b   1.00
_cell.length_c   1.00
_cell.angle_alpha   90.00
_cell.angle_beta   90.00
_cell.angle_gamma   90.00
#
_symmetry.space_group_name_H-M   'P 1'
#
loop_
_entity.id
_entity.type
_entity.pdbx_description
1 polymer 'CRISPR type I-F/YPEST-associated protein Csy2'
2 polymer 'CRISPR-associated protein Csy3'
3 polymer AcrIF5
4 polymer 'type I-F CRISPR-associated endoribonuclease Cas6/Csy4'
5 polymer 'RNA (60-MER)'
6 polymer 'DNA (54-MER)'
7 polymer 'Type I-F CRISPR-associated protein Csy1'
8 polymer 'DNA (54-MER)'
#
loop_
_entity_poly.entity_id
_entity_poly.type
_entity_poly.pdbx_seq_one_letter_code
_entity_poly.pdbx_strand_id
1 'polypeptide(L)'
;MSVTDPEALLLLPRLSIQNANAISSPLTWGFPSPGAFTGFVHALQRRVGISLDIELDGVGIVCHRFEAQISQPAGKRTKV
FNLTRNPLNRDGSTAAIVEEGRAHLEVSLLLGVHGDGLDDHPAQEIARQVQEQAGAMRLAGGSILPWCNERFPAPNAELL
MLGGSDEQRRKNQRRLTRRLLPGFALVSREALLQQHLETLRTTLPEATTLDALLDLCRINFEPPATSSEEEASPPDAAWQ
VRDKPGWLVPIPAGYNALSPLYLPGEVRNARDRETPLRFVENLFGLGEWLSPHRVAALSDLLWYHHAEPDKGLYRWSTPR
FVEHAIA
;
C
2 'polypeptide(L)'
;MSKPILSTASVLAFERKLDPSDALMSAGAWAQRDASQEWPAVTVREKSVRGTISNRLKTKDRDPAKLDASIQSPNLQTVD
VANLPSDADTLKVRFTLRVLGGAGTPSACNDAAYRDKLLQTVATYVNEQGFAELARRYAHNLANARFLWRNRVGAEAVEV
RINHIRQGEVARTWRFDALAIGLRDFKADAELDALAELIASGLSGSGHVLLEVVAFARIGDGQEVFPSQELILDKGDKKG
QKSKTLYSVRDAAAIHSQKIGNALRTIDTWYPDEDGLGPIAVEPYGSVTSQGKAYRQPKQKLDFYTLLDNWVLRDEAPAV
EQQHYVIANLIRGGVFGEAEEK
;
D,E,F,G,H,I
3 'polypeptide(L)' MSRPTVVTVTETPRNPGSYEVNVERDGKMVVGRARAGSDPGAAAAKAMQMAMEWGSPNYVILGSNKVLAFIPEQLRVKM J,K,P,Q,R
4 'polypeptide(L)'
;MDHYLDIRLRPDPEFPPAQLMSVLFGKLHQALVAQGGDRIGVSFPDLDESRSRLGERLRIHASADDLRALLARPWLEGLR
DHLQFGEPAVVPHPTPYRQVSRVQAKSNPERLRRRLMRRHDLSEEEARKRIPDTVARTLDLPFVTLRSQSTGQHFRLFIR
HGPLQATAEEGGFTCYGLSKGGFVPWF
;
L
5 'polyribonucleotide' CUAAGAAAUUCACGGCGGGCUUGAUGUCCGCGUCUACCUGGUUCACUGCCGUGUAGGCAG M
6 'polydeoxyribonucleotide'
;(DG)(DG)(DA)(DA)(DG)(DC)(DC)(DA)(DT)(DC)(DC)(DA)(DG)(DG)(DT)(DA)(DG)(DA)(DC)(DG)
(DC)(DG)(DG)(DA)(DC)(DA)(DT)(DC)(DA)(DA)(DG)(DC)(DC)(DC)(DG)(DC)(DC)(DG)(DT)(DG)
(DA)(DA)(DG)(DG)(DT)(DG)(DC)(DA)(DG)(DC)(DT)(DG)(DC)(DT)
;
N
7 'polypeptide(L)'
;MTSPLPTPTWQELRQFIESFIQERLQGKLDKLHPDEDDKRQTLLATHRREAWLADAARRVGQLQLVTHTLKPIHPDARGS
NLHSLPQAPGQPGLAGSHELGDRLVSDVVGNAAALDVFKFLSLQYQGKNLLNWLTEDSAEAVQALSDNAEQAREWRQAFI
GITAVKGAPASHSLAKQLYFPLPGSGYHLLAPLFPTSLVHHVHALLREARFGDAAKAAREARSRQESWPHGFSEYPNLAI
QKFGGTKPQNISQLNSERYGENWLLPSLPPHWQRQDQRAPIRHSSVFEHDFGRSPEVSRLTRTLQRLLAKTRHNNFTIRR
YRAQLVGQICDEALQYAARLRELEPGWSATPGCQLHDAEQLWLDPLRAQTDETFLQRRLRGDWPAEVGNRFANWLNRAVS
SDSQILGSPEAAQWSQELSKELTMFKEILEDERD
;
B
8 'polydeoxyribonucleotide'
;(DA)(DG)(DC)(DA)(DG)(DC)(DT)(DG)(DC)(DA)(DC)(DC)(DT)(DT)(DC)(DA)(DC)(DG)(DG)(DC)
(DG)(DG)(DG)(DC)(DT)(DT)(DG)(DA)(DT)(DG)(DT)(DC)(DC)(DG)(DC)(DG)(DT)(DC)(DT)(DA)
(DC)(DC)(DT)(DG)(DG)(DA)(DT)(DG)(DG)(DC)(DT)(DT)(DC)(DC)
;
O
#
loop_
_chem_comp.id
_chem_comp.type
_chem_comp.name
_chem_comp.formula
A RNA linking ADENOSINE-5'-MONOPHOSPHATE 'C10 H14 N5 O7 P'
C RNA linking CYTIDINE-5'-MONOPHOSPHATE 'C9 H14 N3 O8 P'
DA DNA linking 2'-DEOXYADENOSINE-5'-MONOPHOSPHATE 'C10 H14 N5 O6 P'
DC DNA linking 2'-DEOXYCYTIDINE-5'-MONOPHOSPHATE 'C9 H14 N3 O7 P'
DG DNA linking 2'-DEOXYGUANOSINE-5'-MONOPHOSPHATE 'C10 H14 N5 O7 P'
DT DNA linking THYMIDINE-5'-MONOPHOSPHATE 'C10 H15 N2 O8 P'
G RNA linking GUANOSINE-5'-MONOPHOSPHATE 'C10 H14 N5 O8 P'
U RNA linking URIDINE-5'-MONOPHOSPHATE 'C9 H13 N2 O9 P'
#
# COMPACT_ATOMS: atom_id res chain seq x y z
N VAL A 3 54.94 -29.14 -11.84
CA VAL A 3 55.54 -30.34 -11.28
C VAL A 3 54.44 -31.31 -10.87
N THR A 4 53.38 -30.77 -10.28
CA THR A 4 52.26 -31.57 -9.79
C THR A 4 50.98 -31.13 -10.47
N ASP A 5 50.12 -32.09 -10.77
CA ASP A 5 48.77 -31.86 -11.29
C ASP A 5 47.82 -32.77 -10.51
N PRO A 6 46.84 -32.21 -9.79
CA PRO A 6 46.05 -33.01 -8.86
C PRO A 6 45.10 -33.99 -9.56
N GLU A 7 45.07 -35.21 -9.04
CA GLU A 7 44.17 -36.24 -9.56
C GLU A 7 42.75 -36.08 -9.01
N ALA A 8 42.60 -35.46 -7.85
CA ALA A 8 41.28 -35.23 -7.29
C ALA A 8 41.30 -33.93 -6.50
N LEU A 9 40.11 -33.36 -6.31
CA LEU A 9 39.95 -32.17 -5.49
C LEU A 9 39.15 -32.52 -4.24
N LEU A 10 39.50 -31.86 -3.14
CA LEU A 10 38.78 -31.92 -1.89
C LEU A 10 38.20 -30.55 -1.63
N LEU A 11 36.91 -30.51 -1.30
CA LEU A 11 36.23 -29.24 -1.06
C LEU A 11 35.77 -29.22 0.39
N LEU A 12 36.40 -28.34 1.16
CA LEU A 12 35.99 -27.92 2.49
C LEU A 12 34.92 -26.84 2.36
N PRO A 13 33.85 -26.91 3.14
CA PRO A 13 32.78 -25.93 3.02
C PRO A 13 33.13 -24.57 3.62
N ARG A 14 32.14 -23.68 3.72
CA ARG A 14 32.36 -22.31 4.15
C ARG A 14 32.83 -22.23 5.60
N LEU A 15 34.13 -22.01 5.79
CA LEU A 15 34.73 -21.87 7.10
C LEU A 15 34.65 -20.42 7.56
N SER A 16 34.69 -20.23 8.88
CA SER A 16 34.66 -18.91 9.48
C SER A 16 35.86 -18.74 10.41
N ILE A 17 36.45 -17.56 10.38
CA ILE A 17 37.63 -17.22 11.19
C ILE A 17 37.35 -15.91 11.88
N GLN A 18 37.56 -15.85 13.20
CA GLN A 18 37.06 -14.70 13.96
C GLN A 18 38.06 -13.56 14.10
N ASN A 19 39.33 -13.81 14.42
CA ASN A 19 40.30 -12.72 14.56
C ASN A 19 41.56 -13.06 13.79
N ALA A 20 41.53 -12.81 12.49
CA ALA A 20 42.68 -13.07 11.64
C ALA A 20 43.63 -11.88 11.72
N ASN A 21 44.65 -11.88 10.87
CA ASN A 21 45.63 -10.79 10.84
C ASN A 21 45.27 -9.83 9.72
N ALA A 22 45.05 -8.56 10.07
CA ALA A 22 44.74 -7.54 9.08
C ALA A 22 46.01 -6.99 8.42
N ILE A 23 46.95 -6.53 9.24
CA ILE A 23 48.21 -6.00 8.74
C ILE A 23 49.03 -7.16 8.19
N SER A 24 49.13 -7.26 6.88
CA SER A 24 49.80 -8.38 6.24
C SER A 24 51.23 -8.09 5.82
N SER A 25 51.61 -6.82 5.74
CA SER A 25 52.91 -6.44 5.19
C SER A 25 53.22 -5.02 5.64
N PRO A 26 54.49 -4.60 5.58
CA PRO A 26 54.82 -3.20 5.93
C PRO A 26 54.27 -2.12 4.99
N LEU A 27 53.62 -2.45 3.88
CA LEU A 27 53.03 -1.43 3.03
C LEU A 27 51.57 -1.67 2.73
N THR A 28 51.02 -2.84 3.05
CA THR A 28 49.66 -3.20 2.70
C THR A 28 48.88 -3.59 3.95
N TRP A 29 47.57 -3.44 3.87
CA TRP A 29 46.66 -3.94 4.89
C TRP A 29 45.40 -4.44 4.21
N GLY A 30 44.66 -5.31 4.90
CA GLY A 30 43.44 -5.85 4.35
C GLY A 30 43.32 -7.36 4.50
N PHE A 31 43.25 -8.06 3.39
CA PHE A 31 43.15 -9.51 3.37
C PHE A 31 44.52 -10.12 3.70
N PRO A 32 44.57 -11.24 4.43
CA PRO A 32 45.85 -11.85 4.78
C PRO A 32 46.59 -12.42 3.58
N SER A 33 47.85 -12.77 3.82
CA SER A 33 48.75 -13.24 2.78
C SER A 33 48.45 -14.68 2.42
N PRO A 34 48.64 -15.07 1.15
CA PRO A 34 48.44 -16.49 0.78
C PRO A 34 49.51 -17.42 1.34
N GLY A 35 50.61 -16.88 1.85
CA GLY A 35 51.60 -17.70 2.55
C GLY A 35 51.04 -18.38 3.78
N ALA A 36 50.06 -17.75 4.44
CA ALA A 36 49.39 -18.36 5.57
C ALA A 36 48.57 -19.58 5.13
N PHE A 37 47.91 -19.49 3.98
CA PHE A 37 47.12 -20.61 3.49
C PHE A 37 48.00 -21.75 3.04
N THR A 38 49.14 -21.44 2.42
CA THR A 38 50.06 -22.50 2.01
C THR A 38 50.73 -23.17 3.22
N GLY A 39 51.05 -22.39 4.25
CA GLY A 39 51.52 -22.99 5.50
C GLY A 39 50.45 -23.82 6.18
N PHE A 40 49.18 -23.44 6.03
CA PHE A 40 48.08 -24.18 6.62
C PHE A 40 47.90 -25.54 5.94
N VAL A 41 47.96 -25.58 4.61
CA VAL A 41 47.79 -26.86 3.93
C VAL A 41 49.03 -27.73 4.14
N HIS A 42 50.22 -27.13 4.32
CA HIS A 42 51.36 -27.96 4.68
C HIS A 42 51.26 -28.50 6.11
N ALA A 43 50.62 -27.76 7.02
CA ALA A 43 50.37 -28.30 8.35
C ALA A 43 49.36 -29.45 8.31
N LEU A 44 48.33 -29.33 7.46
CA LEU A 44 47.36 -30.41 7.27
C LEU A 44 48.04 -31.65 6.69
N GLN A 45 48.98 -31.45 5.77
CA GLN A 45 49.77 -32.55 5.21
C GLN A 45 50.62 -33.21 6.29
N ARG A 46 51.26 -32.41 7.14
CA ARG A 46 52.11 -32.97 8.19
C ARG A 46 51.30 -33.68 9.27
N ARG A 47 50.02 -33.34 9.43
CA ARG A 47 49.24 -33.99 10.47
C ARG A 47 48.44 -35.20 9.98
N VAL A 48 47.90 -35.17 8.75
CA VAL A 48 47.00 -36.23 8.30
C VAL A 48 47.58 -37.00 7.12
N GLY A 49 48.31 -36.30 6.25
CA GLY A 49 48.70 -36.85 4.96
C GLY A 49 49.71 -37.99 5.02
N ILE A 50 50.41 -38.14 6.14
CA ILE A 50 51.39 -39.21 6.25
C ILE A 50 50.70 -40.56 6.44
N SER A 51 49.66 -40.60 7.27
CA SER A 51 49.03 -41.87 7.62
C SER A 51 48.12 -42.40 6.51
N LEU A 52 47.52 -41.52 5.72
CA LEU A 52 46.55 -41.93 4.71
C LEU A 52 47.15 -42.05 3.32
N ASP A 53 48.48 -41.87 3.19
CA ASP A 53 49.24 -41.98 1.95
C ASP A 53 48.75 -41.03 0.87
N ILE A 54 48.35 -39.83 1.28
CA ILE A 54 47.88 -38.80 0.37
C ILE A 54 48.79 -37.58 0.49
N GLU A 55 49.00 -36.90 -0.63
CA GLU A 55 49.82 -35.68 -0.65
C GLU A 55 48.92 -34.50 -1.01
N LEU A 56 48.79 -33.56 -0.08
CA LEU A 56 47.91 -32.40 -0.25
C LEU A 56 48.75 -31.20 -0.67
N ASP A 57 48.36 -30.58 -1.78
CA ASP A 57 49.14 -29.47 -2.33
C ASP A 57 48.24 -28.57 -3.17
N GLY A 58 48.32 -27.26 -2.93
CA GLY A 58 47.55 -26.30 -3.68
C GLY A 58 46.26 -25.90 -3.00
N VAL A 59 45.98 -24.61 -2.92
CA VAL A 59 44.78 -24.07 -2.28
C VAL A 59 44.22 -22.96 -3.17
N GLY A 60 42.93 -23.02 -3.45
CA GLY A 60 42.21 -21.91 -4.06
C GLY A 60 41.43 -21.15 -3.00
N ILE A 61 41.69 -19.85 -2.92
CA ILE A 61 41.09 -18.98 -1.90
C ILE A 61 39.85 -18.33 -2.50
N VAL A 62 38.79 -18.21 -1.69
CA VAL A 62 37.50 -17.71 -2.17
C VAL A 62 37.10 -16.40 -1.50
N CYS A 63 37.07 -16.37 -0.17
CA CYS A 63 36.71 -15.19 0.65
C CYS A 63 35.29 -14.70 0.32
N HIS A 64 34.33 -15.51 0.76
CA HIS A 64 32.92 -15.14 0.63
C HIS A 64 32.59 -13.81 1.29
N ARG A 65 33.13 -13.56 2.49
CA ARG A 65 32.97 -12.21 3.06
C ARG A 65 34.13 -11.87 3.99
N PHE A 66 34.34 -10.56 4.16
CA PHE A 66 35.48 -10.02 4.88
C PHE A 66 35.04 -8.77 5.64
N GLU A 67 35.39 -8.69 6.92
CA GLU A 67 35.07 -7.53 7.76
C GLU A 67 36.30 -7.15 8.57
N ALA A 68 36.57 -5.86 8.66
CA ALA A 68 37.73 -5.37 9.40
C ALA A 68 37.29 -4.48 10.55
N GLN A 69 38.07 -4.49 11.63
CA GLN A 69 37.77 -3.72 12.82
C GLN A 69 38.61 -2.44 12.76
N ILE A 70 38.10 -1.44 12.04
CA ILE A 70 38.78 -0.18 11.84
C ILE A 70 37.78 0.94 12.14
N SER A 71 38.30 2.15 12.30
CA SER A 71 37.47 3.32 12.54
C SER A 71 38.11 4.53 11.89
N GLN A 72 37.28 5.49 11.51
CA GLN A 72 37.75 6.70 10.84
C GLN A 72 37.65 7.88 11.79
N PRO A 73 38.75 8.58 12.07
CA PRO A 73 38.69 9.71 13.00
C PRO A 73 37.96 10.91 12.40
N ALA A 74 37.54 11.80 13.29
CA ALA A 74 36.66 12.90 12.94
C ALA A 74 37.42 14.00 12.21
N GLY A 75 37.02 14.29 10.99
CA GLY A 75 37.68 15.31 10.18
C GLY A 75 38.88 14.81 9.37
N LYS A 76 39.11 13.50 9.40
CA LYS A 76 40.21 12.90 8.65
C LYS A 76 39.66 11.78 7.79
N ARG A 77 40.27 11.58 6.63
CA ARG A 77 39.81 10.54 5.70
C ARG A 77 40.61 9.25 5.84
N THR A 78 41.59 9.26 6.74
CA THR A 78 42.42 8.10 7.05
C THR A 78 41.73 7.23 8.08
N LYS A 79 42.22 6.01 8.30
CA LYS A 79 41.57 5.13 9.26
C LYS A 79 42.58 4.67 10.30
N VAL A 80 42.08 4.18 11.43
CA VAL A 80 42.93 3.67 12.50
C VAL A 80 42.37 2.31 12.93
N PHE A 81 43.19 1.58 13.68
CA PHE A 81 42.83 0.25 14.14
C PHE A 81 42.32 0.29 15.58
N ASN A 82 41.44 -0.64 15.91
CA ASN A 82 40.98 -0.84 17.26
C ASN A 82 41.85 -1.88 17.94
N LEU A 83 42.35 -1.55 19.13
CA LEU A 83 43.35 -2.35 19.80
C LEU A 83 42.75 -3.20 20.92
N THR A 84 43.61 -3.91 21.63
CA THR A 84 43.28 -4.66 22.83
C THR A 84 43.97 -4.03 24.02
N ARG A 85 43.57 -4.46 25.22
CA ARG A 85 44.18 -3.97 26.44
C ARG A 85 44.94 -5.10 27.10
N ASN A 86 46.26 -5.07 26.98
CA ASN A 86 47.15 -6.06 27.55
C ASN A 86 47.24 -5.88 29.06
N PRO A 87 47.65 -6.92 29.81
CA PRO A 87 47.82 -6.76 31.26
C PRO A 87 48.98 -5.85 31.62
N LEU A 88 48.99 -5.44 32.88
CA LEU A 88 50.00 -4.52 33.38
C LEU A 88 51.36 -5.19 33.45
N ASN A 89 52.41 -4.37 33.34
CA ASN A 89 53.78 -4.89 33.41
C ASN A 89 54.10 -5.45 34.79
N ARG A 90 54.16 -4.54 35.77
CA ARG A 90 54.50 -4.77 37.17
C ARG A 90 54.42 -3.41 37.85
N ASP A 91 54.26 -3.43 39.17
CA ASP A 91 54.10 -2.26 40.02
C ASP A 91 52.92 -1.37 39.61
N GLY A 92 51.93 -1.93 38.92
CA GLY A 92 50.76 -1.18 38.50
C GLY A 92 50.94 -0.32 37.27
N SER A 93 52.09 -0.40 36.60
CA SER A 93 52.33 0.42 35.43
C SER A 93 51.70 -0.20 34.20
N THR A 94 51.02 0.61 33.40
CA THR A 94 50.44 0.14 32.15
C THR A 94 51.54 -0.18 31.14
N ALA A 95 51.23 -1.09 30.22
CA ALA A 95 52.21 -1.57 29.26
C ALA A 95 52.19 -0.72 28.00
N ALA A 96 53.34 -0.66 27.33
CA ALA A 96 53.44 0.06 26.07
C ALA A 96 52.67 -0.68 24.99
N ILE A 97 51.88 0.08 24.23
CA ILE A 97 50.98 -0.50 23.23
C ILE A 97 51.77 -0.86 21.98
N VAL A 98 51.55 -2.07 21.47
CA VAL A 98 52.07 -2.51 20.18
C VAL A 98 50.87 -2.79 19.30
N GLU A 99 50.73 -2.02 18.22
CA GLU A 99 49.50 -2.03 17.43
C GLU A 99 49.43 -3.27 16.54
N GLU A 100 48.22 -3.81 16.42
CA GLU A 100 47.95 -4.95 15.54
C GLU A 100 46.49 -4.89 15.11
N GLY A 101 46.24 -5.34 13.89
CA GLY A 101 44.89 -5.30 13.36
C GLY A 101 44.25 -6.66 13.32
N ARG A 102 42.91 -6.71 13.33
CA ARG A 102 42.19 -7.97 13.33
C ARG A 102 41.08 -7.90 12.29
N ALA A 103 40.55 -9.07 11.93
CA ALA A 103 39.53 -9.15 10.90
C ALA A 103 38.72 -10.44 11.08
N HIS A 104 37.51 -10.43 10.53
CA HIS A 104 36.63 -11.58 10.49
C HIS A 104 36.50 -12.04 9.04
N LEU A 105 36.70 -13.32 8.80
CA LEU A 105 36.66 -13.89 7.46
C LEU A 105 35.62 -15.00 7.39
N GLU A 106 34.96 -15.12 6.24
CA GLU A 106 34.25 -16.32 5.87
C GLU A 106 34.76 -16.74 4.50
N VAL A 107 35.41 -17.90 4.47
CA VAL A 107 36.18 -18.36 3.31
C VAL A 107 36.07 -19.88 3.24
N SER A 108 35.85 -20.38 2.02
CA SER A 108 35.97 -21.80 1.71
C SER A 108 37.20 -21.98 0.84
N LEU A 109 37.82 -23.15 0.90
CA LEU A 109 38.97 -23.40 0.04
C LEU A 109 38.97 -24.82 -0.46
N LEU A 110 39.22 -24.97 -1.76
CA LEU A 110 39.36 -26.27 -2.41
C LEU A 110 40.84 -26.59 -2.57
N LEU A 111 41.20 -27.84 -2.32
CA LEU A 111 42.59 -28.25 -2.31
C LEU A 111 42.78 -29.55 -3.08
N GLY A 112 43.85 -29.61 -3.87
CA GLY A 112 44.05 -30.73 -4.76
C GLY A 112 44.95 -31.82 -4.21
N VAL A 113 44.42 -33.03 -4.12
CA VAL A 113 45.20 -34.19 -3.72
C VAL A 113 45.54 -35.01 -4.96
N HIS A 114 46.77 -35.51 -5.02
CA HIS A 114 47.24 -36.24 -6.18
C HIS A 114 47.85 -37.58 -5.85
N GLY A 115 47.87 -37.99 -4.59
CA GLY A 115 48.56 -39.21 -4.21
C GLY A 115 47.84 -40.45 -4.70
N ASP A 116 48.61 -41.54 -4.81
CA ASP A 116 48.05 -42.83 -5.20
C ASP A 116 47.51 -43.62 -4.01
N GLY A 117 47.37 -42.99 -2.85
CA GLY A 117 46.78 -43.61 -1.68
C GLY A 117 45.27 -43.58 -1.64
N LEU A 118 44.63 -43.05 -2.67
CA LEU A 118 43.18 -43.14 -2.79
C LEU A 118 42.83 -44.41 -3.56
N ASP A 119 41.95 -45.22 -2.97
CA ASP A 119 41.60 -46.52 -3.52
C ASP A 119 40.09 -46.58 -3.78
N ASP A 120 39.61 -47.77 -4.12
CA ASP A 120 38.21 -47.95 -4.47
C ASP A 120 37.30 -47.91 -3.25
N HIS A 121 37.75 -48.44 -2.11
CA HIS A 121 36.93 -48.38 -0.89
C HIS A 121 37.01 -47.01 -0.20
N PRO A 122 38.20 -46.37 0.03
CA PRO A 122 38.15 -45.01 0.58
C PRO A 122 37.81 -43.97 -0.46
N ALA A 123 36.57 -43.46 -0.41
CA ALA A 123 36.13 -42.40 -1.30
C ALA A 123 35.61 -41.18 -0.56
N GLN A 124 34.85 -41.38 0.52
CA GLN A 124 34.27 -40.28 1.28
C GLN A 124 34.84 -40.15 2.69
N GLU A 125 35.38 -41.21 3.28
CA GLU A 125 35.93 -41.11 4.62
C GLU A 125 37.26 -40.36 4.64
N ILE A 126 37.93 -40.25 3.48
CA ILE A 126 39.16 -39.46 3.41
C ILE A 126 38.85 -37.98 3.63
N ALA A 127 37.82 -37.47 2.96
CA ALA A 127 37.47 -36.06 3.09
C ALA A 127 36.89 -35.76 4.47
N ARG A 128 36.16 -36.72 5.05
CA ARG A 128 35.66 -36.56 6.41
C ARG A 128 36.79 -36.55 7.42
N GLN A 129 37.80 -37.40 7.23
CA GLN A 129 38.93 -37.42 8.15
C GLN A 129 39.80 -36.18 8.00
N VAL A 130 39.82 -35.57 6.80
CA VAL A 130 40.51 -34.30 6.63
C VAL A 130 39.75 -33.17 7.32
N GLN A 131 38.41 -33.16 7.18
CA GLN A 131 37.60 -32.09 7.76
C GLN A 131 37.59 -32.14 9.28
N GLU A 132 37.60 -33.35 9.87
CA GLU A 132 37.60 -33.45 11.33
C GLU A 132 38.92 -32.95 11.94
N GLN A 133 40.00 -32.96 11.17
CA GLN A 133 41.27 -32.46 11.67
C GLN A 133 41.47 -30.98 11.34
N ALA A 134 40.91 -30.50 10.24
CA ALA A 134 41.00 -29.06 9.94
C ALA A 134 40.03 -28.21 10.76
N GLY A 135 39.35 -28.74 11.78
CA GLY A 135 38.48 -27.93 12.60
C GLY A 135 39.15 -27.42 13.87
N ALA A 136 40.09 -28.20 14.40
CA ALA A 136 40.85 -27.80 15.59
C ALA A 136 42.18 -27.15 15.21
N MET A 137 42.13 -26.16 14.33
CA MET A 137 43.32 -25.46 13.87
C MET A 137 42.95 -24.01 13.55
N ARG A 138 43.95 -23.25 13.11
CA ARG A 138 43.77 -21.83 12.84
C ARG A 138 44.41 -21.48 11.50
N LEU A 139 43.92 -20.41 10.88
CA LEU A 139 44.25 -20.12 9.48
C LEU A 139 45.17 -18.91 9.31
N ALA A 140 44.94 -17.82 10.03
CA ALA A 140 45.86 -16.69 9.96
C ALA A 140 46.05 -16.07 11.34
N GLY A 141 46.18 -16.93 12.35
CA GLY A 141 46.16 -16.47 13.71
C GLY A 141 44.78 -16.38 14.32
N GLY A 142 43.75 -16.70 13.56
CA GLY A 142 42.37 -16.67 14.04
C GLY A 142 41.79 -18.08 14.05
N SER A 143 41.09 -18.40 15.12
CA SER A 143 40.52 -19.74 15.29
C SER A 143 39.38 -19.97 14.32
N ILE A 144 39.18 -21.23 13.96
CA ILE A 144 38.13 -21.62 13.02
C ILE A 144 36.86 -21.88 13.81
N LEU A 145 35.78 -21.22 13.41
CA LEU A 145 34.51 -21.32 14.13
C LEU A 145 33.88 -22.69 13.87
N PRO A 146 33.33 -23.34 14.90
CA PRO A 146 33.12 -24.79 14.87
C PRO A 146 31.78 -25.26 14.33
N TRP A 147 30.86 -24.35 13.98
CA TRP A 147 29.53 -24.66 13.44
C TRP A 147 28.73 -25.53 14.42
N CYS A 148 28.30 -24.89 15.50
CA CYS A 148 27.41 -25.51 16.48
C CYS A 148 25.98 -25.60 15.92
N ASN A 149 25.02 -25.89 16.80
CA ASN A 149 23.63 -26.18 16.44
C ASN A 149 22.95 -25.05 15.67
N GLU A 150 22.67 -25.29 14.40
CA GLU A 150 22.17 -24.29 13.47
C GLU A 150 21.12 -24.96 12.58
N ARG A 151 20.77 -24.27 11.48
CA ARG A 151 19.68 -24.75 10.63
C ARG A 151 20.06 -25.99 9.84
N PHE A 152 21.08 -25.87 8.97
CA PHE A 152 21.46 -26.99 8.12
C PHE A 152 22.96 -27.01 7.93
N PRO A 153 23.62 -28.16 8.12
CA PRO A 153 25.09 -28.19 8.05
C PRO A 153 25.63 -28.12 6.62
N ALA A 154 26.93 -28.28 6.46
CA ALA A 154 27.57 -28.22 5.15
C ALA A 154 28.65 -29.30 5.07
N PRO A 155 28.52 -30.27 4.16
CA PRO A 155 29.50 -31.36 4.08
C PRO A 155 30.61 -31.06 3.09
N ASN A 156 31.66 -31.88 3.16
CA ASN A 156 32.79 -31.77 2.27
C ASN A 156 32.48 -32.42 0.92
N ALA A 157 33.48 -32.48 0.04
CA ALA A 157 33.33 -33.22 -1.20
C ALA A 157 34.69 -33.76 -1.63
N GLU A 158 34.68 -34.93 -2.26
CA GLU A 158 35.88 -35.53 -2.85
C GLU A 158 35.55 -35.78 -4.31
N LEU A 159 35.93 -34.84 -5.18
CA LEU A 159 35.56 -34.88 -6.59
C LEU A 159 36.76 -35.32 -7.41
N LEU A 160 36.64 -36.48 -8.06
CA LEU A 160 37.72 -36.99 -8.89
C LEU A 160 37.74 -36.26 -10.23
N MET A 161 38.95 -35.98 -10.72
CA MET A 161 39.11 -35.15 -11.92
C MET A 161 39.01 -35.95 -13.20
N LEU A 162 39.87 -36.95 -13.36
CA LEU A 162 39.91 -37.70 -14.62
C LEU A 162 38.77 -38.70 -14.76
N GLY A 163 38.14 -39.08 -13.66
CA GLY A 163 37.07 -40.07 -13.70
C GLY A 163 35.81 -39.50 -14.32
N GLY A 164 35.36 -40.08 -15.42
CA GLY A 164 34.15 -39.64 -16.08
C GLY A 164 34.34 -39.14 -17.49
N SER A 165 33.24 -39.07 -18.26
CA SER A 165 33.28 -38.56 -19.61
C SER A 165 33.50 -37.05 -19.61
N ASP A 166 33.78 -36.51 -20.80
CA ASP A 166 34.10 -35.09 -20.92
C ASP A 166 32.88 -34.20 -20.71
N GLU A 167 31.71 -34.66 -21.18
CA GLU A 167 30.46 -34.00 -20.81
C GLU A 167 30.20 -34.14 -19.33
N GLN A 168 30.49 -35.31 -18.76
CA GLN A 168 30.41 -35.48 -17.32
C GLN A 168 31.50 -34.69 -16.61
N ARG A 169 32.65 -34.47 -17.26
CA ARG A 169 33.69 -33.63 -16.68
C ARG A 169 33.24 -32.18 -16.57
N ARG A 170 32.58 -31.67 -17.60
CA ARG A 170 32.04 -30.31 -17.50
C ARG A 170 30.85 -30.25 -16.55
N LYS A 171 30.11 -31.35 -16.38
CA LYS A 171 29.03 -31.36 -15.39
C LYS A 171 29.59 -31.35 -13.98
N ASN A 172 30.70 -32.05 -13.74
CA ASN A 172 31.35 -32.02 -12.44
C ASN A 172 31.97 -30.66 -12.16
N GLN A 173 32.53 -30.00 -13.18
CA GLN A 173 33.05 -28.66 -12.99
C GLN A 173 31.93 -27.66 -12.69
N ARG A 174 30.77 -27.84 -13.32
CA ARG A 174 29.64 -26.95 -13.04
C ARG A 174 29.07 -27.21 -11.65
N ARG A 175 28.98 -28.48 -11.24
CA ARG A 175 28.46 -28.79 -9.92
C ARG A 175 29.43 -28.42 -8.80
N LEU A 176 30.72 -28.24 -9.12
CA LEU A 176 31.64 -27.70 -8.13
C LEU A 176 31.62 -26.18 -8.12
N THR A 177 31.48 -25.55 -9.30
CA THR A 177 31.45 -24.10 -9.39
C THR A 177 30.17 -23.51 -8.80
N ARG A 178 29.07 -24.27 -8.81
CA ARG A 178 27.84 -23.82 -8.17
C ARG A 178 27.94 -23.74 -6.65
N ARG A 179 28.91 -24.45 -6.06
CA ARG A 179 29.03 -24.46 -4.60
C ARG A 179 29.76 -23.23 -4.06
N LEU A 180 30.46 -22.47 -4.92
CA LEU A 180 31.25 -21.34 -4.46
C LEU A 180 31.09 -20.16 -5.41
N LEU A 181 29.92 -19.99 -5.98
CA LEU A 181 29.67 -18.91 -6.94
C LEU A 181 29.51 -17.51 -6.33
N PRO A 182 28.83 -17.30 -5.15
CA PRO A 182 28.78 -15.92 -4.63
C PRO A 182 30.07 -15.35 -4.07
N GLY A 183 31.20 -16.03 -4.20
CA GLY A 183 32.48 -15.54 -3.75
C GLY A 183 33.31 -14.95 -4.87
N PHE A 184 34.62 -14.86 -4.62
CA PHE A 184 35.60 -14.33 -5.56
C PHE A 184 36.81 -15.27 -5.52
N ALA A 185 37.93 -14.83 -6.09
CA ALA A 185 39.16 -15.63 -6.06
C ALA A 185 40.36 -14.72 -6.25
N LEU A 186 41.40 -14.94 -5.46
CA LEU A 186 42.62 -14.16 -5.55
C LEU A 186 43.63 -14.88 -6.45
N VAL A 187 44.13 -14.18 -7.47
CA VAL A 187 45.14 -14.71 -8.37
C VAL A 187 46.29 -13.71 -8.49
N SER A 188 47.42 -14.19 -9.00
CA SER A 188 48.64 -13.40 -9.11
C SER A 188 48.86 -12.99 -10.57
N ARG A 189 49.03 -11.70 -10.80
CA ARG A 189 49.23 -11.14 -12.13
C ARG A 189 50.59 -10.46 -12.18
N GLU A 190 51.61 -11.21 -12.56
CA GLU A 190 52.97 -10.70 -12.64
C GLU A 190 53.34 -10.26 -14.05
N ALA A 191 52.83 -10.95 -15.07
CA ALA A 191 53.12 -10.57 -16.44
C ALA A 191 52.45 -9.24 -16.79
N LEU A 192 51.27 -8.99 -16.23
CA LEU A 192 50.61 -7.69 -16.44
C LEU A 192 51.41 -6.56 -15.79
N LEU A 193 52.00 -6.82 -14.62
CA LEU A 193 52.82 -5.81 -13.96
C LEU A 193 54.10 -5.56 -14.74
N GLN A 194 54.70 -6.60 -15.31
CA GLN A 194 55.91 -6.42 -16.11
C GLN A 194 55.62 -5.69 -17.41
N GLN A 195 54.46 -5.98 -18.03
CA GLN A 195 54.07 -5.27 -19.25
C GLN A 195 53.75 -3.80 -18.95
N HIS A 196 53.15 -3.52 -17.80
CA HIS A 196 52.91 -2.12 -17.44
C HIS A 196 54.21 -1.42 -17.06
N LEU A 197 55.22 -2.16 -16.58
CA LEU A 197 56.54 -1.59 -16.38
C LEU A 197 57.16 -1.19 -17.71
N GLU A 198 57.07 -2.08 -18.71
CA GLU A 198 57.62 -1.77 -20.03
C GLU A 198 56.88 -0.62 -20.68
N THR A 199 55.57 -0.51 -20.43
CA THR A 199 54.79 0.60 -20.98
C THR A 199 55.13 1.92 -20.31
N LEU A 200 55.16 1.93 -18.97
CA LEU A 200 55.32 3.19 -18.23
C LEU A 200 56.73 3.76 -18.37
N ARG A 201 57.73 2.89 -18.58
CA ARG A 201 59.11 3.35 -18.71
C ARG A 201 59.30 3.94 -20.10
N THR A 202 59.26 5.28 -20.18
CA THR A 202 59.47 6.00 -21.42
C THR A 202 60.50 7.09 -21.09
N THR A 203 61.78 6.76 -21.30
CA THR A 203 62.98 7.57 -21.05
C THR A 203 63.19 7.98 -19.60
N LEU A 204 62.40 7.46 -18.66
CA LEU A 204 62.64 7.74 -17.24
C LEU A 204 62.79 6.43 -16.49
N PRO A 205 63.65 6.40 -15.45
CA PRO A 205 63.80 5.17 -14.66
C PRO A 205 62.82 5.08 -13.48
N GLU A 206 62.11 3.96 -13.37
CA GLU A 206 61.26 3.70 -12.21
C GLU A 206 61.00 2.21 -12.11
N ALA A 207 60.89 1.71 -10.86
CA ALA A 207 60.53 0.33 -10.63
C ALA A 207 59.26 0.16 -9.81
N THR A 208 59.18 0.79 -8.62
CA THR A 208 58.14 0.48 -7.66
C THR A 208 56.98 1.46 -7.66
N THR A 209 57.13 2.65 -8.25
CA THR A 209 55.98 3.54 -8.37
C THR A 209 55.04 3.08 -9.48
N LEU A 210 55.52 2.16 -10.32
CA LEU A 210 54.64 1.36 -11.17
C LEU A 210 53.53 0.69 -10.37
N ASP A 211 53.90 0.05 -9.26
CA ASP A 211 52.92 -0.66 -8.44
C ASP A 211 52.00 0.32 -7.74
N ALA A 212 52.52 1.49 -7.37
CA ALA A 212 51.69 2.53 -6.78
C ALA A 212 50.74 3.14 -7.80
N LEU A 213 51.09 3.10 -9.08
CA LEU A 213 50.26 3.69 -10.12
C LEU A 213 49.00 2.88 -10.39
N LEU A 214 49.09 1.55 -10.32
CA LEU A 214 47.94 0.69 -10.60
C LEU A 214 46.95 0.61 -9.45
N ASP A 215 47.23 1.24 -8.30
CA ASP A 215 46.33 1.18 -7.16
C ASP A 215 45.59 2.49 -6.89
N LEU A 216 46.16 3.64 -7.25
CA LEU A 216 45.51 4.90 -6.94
C LEU A 216 44.38 5.18 -7.92
N CYS A 217 43.72 6.31 -7.72
CA CYS A 217 42.60 6.75 -8.56
C CYS A 217 43.08 7.95 -9.38
N ARG A 218 43.36 7.70 -10.65
CA ARG A 218 43.84 8.75 -11.55
C ARG A 218 42.65 9.55 -12.10
N ILE A 219 42.08 10.38 -11.22
CA ILE A 219 41.00 11.28 -11.60
C ILE A 219 41.50 12.54 -12.28
N ASN A 220 42.82 12.64 -12.50
CA ASN A 220 43.43 13.76 -13.19
C ASN A 220 43.71 13.41 -14.65
N PHE A 221 43.34 14.31 -15.55
CA PHE A 221 43.64 14.22 -16.98
C PHE A 221 43.36 15.56 -17.62
N GLU A 222 44.05 15.82 -18.73
CA GLU A 222 43.72 16.99 -19.53
C GLU A 222 42.40 16.74 -20.26
N PRO A 223 41.42 17.64 -20.15
CA PRO A 223 40.09 17.44 -20.76
C PRO A 223 40.11 17.49 -22.29
N TRP A 239 37.10 16.38 -15.94
CA TRP A 239 38.33 15.77 -16.44
C TRP A 239 38.09 14.27 -16.63
N GLN A 240 39.10 13.55 -17.10
CA GLN A 240 38.94 12.13 -17.42
C GLN A 240 39.61 11.26 -16.36
N VAL A 241 39.05 10.07 -16.18
CA VAL A 241 39.55 9.09 -15.21
C VAL A 241 39.93 7.84 -16.01
N ARG A 242 41.22 7.60 -16.17
CA ARG A 242 41.67 6.38 -16.83
C ARG A 242 41.43 5.17 -15.92
N ASP A 243 40.76 4.16 -16.46
CA ASP A 243 40.36 3.01 -15.65
C ASP A 243 41.42 1.90 -15.72
N LYS A 244 41.12 0.78 -15.07
CA LYS A 244 41.99 -0.36 -14.97
C LYS A 244 41.15 -1.61 -15.11
N PRO A 245 41.75 -2.72 -15.58
CA PRO A 245 40.99 -3.99 -15.65
C PRO A 245 40.79 -4.62 -14.27
N GLY A 246 39.57 -4.50 -13.76
CA GLY A 246 39.18 -5.18 -12.54
C GLY A 246 39.86 -4.72 -11.27
N TRP A 247 39.57 -5.42 -10.16
CA TRP A 247 40.17 -5.11 -8.87
C TRP A 247 41.63 -5.51 -8.87
N LEU A 248 42.54 -4.55 -8.92
CA LEU A 248 43.96 -4.82 -8.84
C LEU A 248 44.44 -4.41 -7.44
N VAL A 249 45.13 -5.33 -6.76
CA VAL A 249 45.53 -5.11 -5.37
C VAL A 249 46.99 -5.55 -5.17
N PRO A 250 47.79 -4.81 -4.43
CA PRO A 250 49.14 -5.29 -4.11
C PRO A 250 49.10 -6.32 -2.99
N ILE A 251 49.96 -7.34 -3.12
CA ILE A 251 49.99 -8.44 -2.16
C ILE A 251 51.44 -8.74 -1.80
N PRO A 252 51.67 -9.30 -0.59
CA PRO A 252 53.00 -9.82 -0.27
C PRO A 252 53.23 -11.20 -0.87
N ALA A 253 54.02 -11.25 -1.93
CA ALA A 253 54.35 -12.51 -2.59
C ALA A 253 55.74 -13.01 -2.20
N GLY A 254 55.94 -13.32 -0.93
CA GLY A 254 57.15 -13.99 -0.51
C GLY A 254 58.27 -13.06 -0.05
N TYR A 255 59.43 -13.67 0.20
CA TYR A 255 60.57 -13.02 0.83
C TYR A 255 61.79 -13.05 -0.09
N ASN A 256 62.80 -12.28 0.32
CA ASN A 256 64.06 -12.13 -0.40
C ASN A 256 65.19 -12.05 0.62
N ALA A 257 66.32 -12.70 0.31
CA ALA A 257 67.36 -12.92 1.30
C ALA A 257 68.20 -11.66 1.55
N LEU A 258 68.65 -11.52 2.79
CA LEU A 258 69.56 -10.45 3.18
C LEU A 258 70.93 -10.94 3.61
N SER A 259 70.99 -12.03 4.36
CA SER A 259 72.22 -12.56 4.93
C SER A 259 72.49 -13.94 4.35
N PRO A 260 73.75 -14.40 4.39
CA PRO A 260 74.03 -15.80 4.01
C PRO A 260 73.41 -16.77 4.99
N LEU A 261 73.21 -17.99 4.51
CA LEU A 261 72.54 -19.02 5.31
C LEU A 261 73.49 -19.53 6.40
N TYR A 262 73.07 -19.44 7.65
CA TYR A 262 73.88 -19.89 8.77
C TYR A 262 73.57 -21.34 9.11
N LEU A 263 74.57 -22.00 9.69
CA LEU A 263 74.46 -23.40 10.05
C LEU A 263 73.54 -23.56 11.26
N PRO A 264 72.87 -24.76 11.44
CA PRO A 264 71.75 -24.87 12.39
C PRO A 264 72.01 -24.59 13.87
N GLY A 265 73.26 -24.45 14.31
CA GLY A 265 73.49 -24.19 15.71
C GLY A 265 74.29 -22.95 16.02
N GLU A 266 74.19 -21.93 15.16
CA GLU A 266 75.00 -20.72 15.27
C GLU A 266 74.21 -19.47 15.64
N VAL A 267 72.98 -19.34 15.15
CA VAL A 267 72.19 -18.16 15.46
C VAL A 267 71.72 -18.24 16.90
N ARG A 268 72.10 -17.24 17.70
CA ARG A 268 71.65 -17.19 19.08
C ARG A 268 70.16 -16.87 19.15
N ASN A 269 69.45 -17.64 19.98
CA ASN A 269 68.00 -17.57 20.19
C ASN A 269 67.23 -17.80 18.89
N ALA A 270 67.44 -18.98 18.31
CA ALA A 270 66.70 -19.41 17.15
C ALA A 270 65.36 -20.02 17.60
N ARG A 271 64.55 -20.42 16.61
CA ARG A 271 63.30 -21.11 16.96
C ARG A 271 63.55 -22.58 17.29
N ASP A 272 64.38 -23.25 16.49
CA ASP A 272 64.83 -24.60 16.81
C ASP A 272 66.26 -24.74 16.31
N ARG A 273 66.99 -25.67 16.93
CA ARG A 273 68.43 -25.78 16.71
C ARG A 273 68.80 -26.93 15.77
N GLU A 274 67.92 -27.26 14.83
CA GLU A 274 68.20 -28.27 13.81
C GLU A 274 67.71 -27.81 12.45
N THR A 275 67.80 -26.50 12.17
CA THR A 275 67.34 -25.91 10.93
C THR A 275 68.25 -24.73 10.62
N PRO A 276 68.70 -24.58 9.37
CA PRO A 276 69.49 -23.40 9.02
C PRO A 276 68.63 -22.14 8.97
N LEU A 277 69.22 -21.02 9.42
CA LEU A 277 68.51 -19.76 9.55
C LEU A 277 69.08 -18.73 8.59
N ARG A 278 68.22 -17.80 8.17
CA ARG A 278 68.57 -16.81 7.17
C ARG A 278 67.66 -15.60 7.33
N PHE A 279 68.25 -14.40 7.31
CA PHE A 279 67.50 -13.16 7.47
C PHE A 279 66.94 -12.72 6.13
N VAL A 280 65.62 -12.51 6.06
CA VAL A 280 64.93 -12.18 4.82
C VAL A 280 64.17 -10.89 5.00
N GLU A 281 63.54 -10.44 3.91
CA GLU A 281 62.67 -9.28 3.92
C GLU A 281 61.54 -9.48 2.91
N ASN A 282 60.56 -8.59 2.94
CA ASN A 282 59.36 -8.75 2.13
C ASN A 282 59.59 -8.41 0.66
N LEU A 283 58.82 -9.07 -0.20
CA LEU A 283 58.65 -8.71 -1.61
C LEU A 283 57.19 -8.37 -1.86
N PHE A 284 56.94 -7.67 -2.97
CA PHE A 284 55.62 -7.14 -3.26
C PHE A 284 55.24 -7.44 -4.70
N GLY A 285 54.06 -8.02 -4.89
CA GLY A 285 53.54 -8.28 -6.23
C GLY A 285 52.12 -7.79 -6.39
N LEU A 286 51.51 -8.10 -7.52
CA LEU A 286 50.17 -7.64 -7.86
C LEU A 286 49.24 -8.84 -7.99
N GLY A 287 47.96 -8.62 -7.68
CA GLY A 287 46.97 -9.67 -7.82
C GLY A 287 45.62 -9.12 -8.19
N GLU A 288 44.72 -10.03 -8.53
CA GLU A 288 43.38 -9.68 -8.98
C GLU A 288 42.36 -10.56 -8.28
N TRP A 289 41.17 -9.99 -8.04
CA TRP A 289 40.03 -10.70 -7.50
C TRP A 289 39.06 -10.99 -8.64
N LEU A 290 38.97 -12.25 -9.04
CA LEU A 290 38.11 -12.70 -10.12
C LEU A 290 36.84 -13.32 -9.56
N SER A 291 35.95 -13.62 -10.44
CA SER A 291 34.80 -14.46 -10.15
C SER A 291 35.10 -15.89 -10.58
N PRO A 292 34.64 -16.90 -9.84
CA PRO A 292 35.01 -18.29 -10.16
C PRO A 292 34.25 -18.92 -11.31
N HIS A 293 33.43 -18.18 -12.05
CA HIS A 293 32.72 -18.73 -13.20
C HIS A 293 33.26 -18.22 -14.53
N ARG A 294 34.28 -17.37 -14.53
CA ARG A 294 34.86 -16.82 -15.74
C ARG A 294 36.30 -17.27 -15.92
N VAL A 295 36.61 -18.49 -15.47
CA VAL A 295 37.94 -19.06 -15.60
C VAL A 295 37.93 -20.38 -16.38
N ALA A 296 36.85 -21.17 -16.26
CA ALA A 296 36.62 -22.44 -16.96
C ALA A 296 37.72 -23.48 -16.71
N ALA A 297 38.41 -23.41 -15.58
CA ALA A 297 39.44 -24.38 -15.22
C ALA A 297 39.62 -24.36 -13.72
N LEU A 298 39.31 -25.47 -13.04
CA LEU A 298 39.41 -25.52 -11.59
C LEU A 298 40.63 -26.28 -11.10
N SER A 299 41.37 -26.97 -11.97
CA SER A 299 42.73 -27.37 -11.65
C SER A 299 43.69 -26.19 -11.64
N ASP A 300 43.25 -25.03 -12.13
CA ASP A 300 43.93 -23.77 -11.96
C ASP A 300 43.63 -23.22 -10.56
N LEU A 301 43.96 -21.95 -10.33
CA LEU A 301 43.73 -21.20 -9.11
C LEU A 301 44.40 -21.81 -7.88
N LEU A 302 45.41 -22.65 -8.06
CA LEU A 302 46.11 -23.26 -6.94
C LEU A 302 47.44 -22.56 -6.72
N TRP A 303 47.79 -22.38 -5.44
CA TRP A 303 48.99 -21.67 -5.05
C TRP A 303 50.07 -22.67 -4.63
N TYR A 304 51.29 -22.43 -5.09
CA TYR A 304 52.44 -23.29 -4.80
C TYR A 304 53.62 -22.45 -4.37
N HIS A 305 54.54 -23.10 -3.64
CA HIS A 305 55.82 -22.53 -3.25
C HIS A 305 56.85 -22.71 -4.37
N HIS A 306 57.81 -21.80 -4.40
CA HIS A 306 58.98 -21.91 -5.27
C HIS A 306 60.16 -21.34 -4.49
N ALA A 307 61.11 -22.20 -4.13
CA ALA A 307 62.09 -21.85 -3.09
C ALA A 307 63.36 -21.22 -3.65
N GLU A 308 64.10 -21.95 -4.50
CA GLU A 308 65.44 -21.66 -4.99
C GLU A 308 66.35 -21.41 -3.79
N PRO A 309 66.78 -22.47 -3.08
CA PRO A 309 67.33 -22.29 -1.74
C PRO A 309 68.74 -21.70 -1.69
N ASP A 310 69.40 -21.50 -2.82
CA ASP A 310 70.77 -21.01 -2.81
C ASP A 310 70.88 -19.51 -3.06
N LYS A 311 69.79 -18.84 -3.43
CA LYS A 311 69.84 -17.42 -3.73
C LYS A 311 68.69 -16.67 -3.05
N GLY A 312 68.09 -17.27 -2.03
CA GLY A 312 66.93 -16.65 -1.42
C GLY A 312 65.74 -16.73 -2.36
N LEU A 313 64.93 -15.67 -2.33
CA LEU A 313 63.74 -15.52 -3.18
C LEU A 313 62.77 -16.68 -2.94
N TYR A 314 62.27 -16.74 -1.73
CA TYR A 314 61.28 -17.74 -1.35
C TYR A 314 59.91 -17.19 -1.71
N ARG A 315 59.32 -17.72 -2.77
CA ARG A 315 58.15 -17.11 -3.40
C ARG A 315 56.99 -18.10 -3.39
N TRP A 316 55.78 -17.60 -3.60
CA TRP A 316 54.61 -18.44 -3.86
C TRP A 316 53.75 -17.77 -4.91
N SER A 317 53.10 -18.58 -5.74
CA SER A 317 52.37 -18.03 -6.88
C SER A 317 51.29 -19.01 -7.32
N THR A 318 50.49 -18.56 -8.29
CA THR A 318 49.52 -19.39 -9.00
C THR A 318 50.08 -19.70 -10.38
N PRO A 319 50.72 -20.84 -10.58
CA PRO A 319 51.24 -21.17 -11.91
C PRO A 319 50.14 -21.61 -12.86
N ARG A 320 50.50 -21.88 -14.12
CA ARG A 320 49.65 -22.42 -15.20
C ARG A 320 48.34 -21.64 -15.40
N PHE A 321 48.33 -20.36 -15.04
CA PHE A 321 47.09 -19.58 -15.11
C PHE A 321 46.86 -19.03 -16.52
N VAL A 322 47.78 -18.23 -17.03
CA VAL A 322 47.67 -17.71 -18.39
C VAL A 322 49.01 -17.83 -19.10
N LEU B 6 -19.14 -19.59 -50.04
CA LEU B 6 -17.73 -19.78 -49.78
C LEU B 6 -17.49 -20.26 -48.35
N SER B 7 -18.10 -19.57 -47.39
CA SER B 7 -17.97 -19.91 -45.98
C SER B 7 -19.29 -19.68 -45.28
N THR B 8 -19.60 -20.53 -44.31
CA THR B 8 -20.76 -20.33 -43.47
C THR B 8 -20.55 -19.11 -42.57
N ALA B 9 -21.62 -18.35 -42.36
CA ALA B 9 -21.51 -17.07 -41.68
C ALA B 9 -21.24 -17.26 -40.19
N SER B 10 -20.58 -16.26 -39.60
CA SER B 10 -20.27 -16.32 -38.17
C SER B 10 -21.52 -16.12 -37.32
N VAL B 11 -22.47 -15.34 -37.81
CA VAL B 11 -23.79 -15.21 -37.18
C VAL B 11 -24.84 -15.53 -38.22
N LEU B 12 -25.87 -16.26 -37.80
CA LEU B 12 -26.97 -16.63 -38.68
C LEU B 12 -28.14 -17.02 -37.80
N ALA B 13 -29.23 -16.26 -37.86
CA ALA B 13 -30.36 -16.48 -36.98
C ALA B 13 -31.64 -16.43 -37.78
N PHE B 14 -32.59 -17.29 -37.43
CA PHE B 14 -33.85 -17.41 -38.14
C PHE B 14 -35.00 -17.22 -37.16
N GLU B 15 -35.98 -16.42 -37.55
CA GLU B 15 -37.14 -16.17 -36.70
C GLU B 15 -38.07 -17.37 -36.70
N ARG B 16 -38.98 -17.37 -35.74
CA ARG B 16 -39.89 -18.48 -35.53
C ARG B 16 -41.17 -18.27 -36.33
N LYS B 17 -41.41 -19.14 -37.30
CA LYS B 17 -42.74 -19.31 -37.84
C LYS B 17 -43.45 -20.39 -37.05
N LEU B 18 -44.77 -20.49 -37.22
CA LEU B 18 -45.67 -21.29 -36.38
C LEU B 18 -45.51 -20.90 -34.90
N ASP B 19 -45.94 -19.69 -34.59
CA ASP B 19 -45.77 -19.12 -33.25
C ASP B 19 -47.04 -19.36 -32.42
N PRO B 20 -47.03 -20.29 -31.45
CA PRO B 20 -48.24 -20.55 -30.67
C PRO B 20 -48.30 -19.71 -29.39
N SER B 21 -49.37 -19.89 -28.62
CA SER B 21 -49.51 -19.25 -27.33
C SER B 21 -49.81 -20.31 -26.27
N ASP B 22 -49.79 -19.89 -25.01
CA ASP B 22 -50.00 -20.83 -23.90
C ASP B 22 -51.43 -21.36 -23.91
N ALA B 23 -51.55 -22.68 -23.91
CA ALA B 23 -52.86 -23.31 -24.01
C ALA B 23 -53.59 -23.27 -22.67
N LEU B 24 -54.80 -22.76 -22.68
CA LEU B 24 -55.58 -22.61 -21.46
C LEU B 24 -56.62 -23.72 -21.34
N MET B 25 -56.76 -24.26 -20.13
CA MET B 25 -57.60 -25.42 -19.85
C MET B 25 -58.87 -25.02 -19.11
N SER B 26 -59.96 -25.69 -19.46
CA SER B 26 -61.25 -25.49 -18.80
C SER B 26 -61.98 -26.83 -18.75
N ALA B 27 -63.05 -26.87 -17.98
CA ALA B 27 -63.78 -28.11 -17.76
C ALA B 27 -65.28 -27.89 -17.93
N GLY B 28 -65.98 -28.94 -18.33
CA GLY B 28 -67.41 -28.84 -18.49
C GLY B 28 -68.03 -30.19 -18.75
N ALA B 29 -69.30 -30.16 -19.15
CA ALA B 29 -70.05 -31.35 -19.48
C ALA B 29 -70.15 -31.50 -20.98
N TRP B 30 -70.20 -32.75 -21.45
CA TRP B 30 -70.37 -33.02 -22.87
C TRP B 30 -71.79 -32.66 -23.30
N ALA B 31 -71.97 -32.63 -24.64
CA ALA B 31 -73.15 -32.06 -25.31
C ALA B 31 -73.40 -30.62 -24.88
N GLN B 32 -72.33 -29.87 -24.64
CA GLN B 32 -72.39 -28.44 -24.37
C GLN B 32 -71.24 -27.71 -25.05
N ARG B 33 -70.54 -28.36 -25.99
CA ARG B 33 -69.38 -27.75 -26.64
C ARG B 33 -69.76 -26.63 -27.58
N ASP B 34 -71.00 -26.57 -28.03
CA ASP B 34 -71.45 -25.51 -28.92
C ASP B 34 -71.85 -24.23 -28.19
N ALA B 35 -71.75 -24.23 -26.85
CA ALA B 35 -71.98 -23.02 -26.05
C ALA B 35 -70.88 -22.81 -25.03
N SER B 36 -69.79 -23.57 -25.10
CA SER B 36 -68.71 -23.48 -24.13
C SER B 36 -67.85 -22.25 -24.35
N GLN B 37 -68.21 -21.14 -23.70
CA GLN B 37 -67.39 -19.94 -23.70
C GLN B 37 -67.21 -19.36 -22.31
N GLU B 38 -67.94 -19.85 -21.31
CA GLU B 38 -67.84 -19.38 -19.94
C GLU B 38 -67.56 -20.53 -18.98
N TRP B 39 -66.88 -21.57 -19.46
CA TRP B 39 -66.56 -22.70 -18.61
C TRP B 39 -65.48 -22.33 -17.61
N PRO B 40 -65.58 -22.83 -16.38
CA PRO B 40 -64.61 -22.43 -15.35
C PRO B 40 -63.26 -23.09 -15.54
N ALA B 41 -62.21 -22.30 -15.35
CA ALA B 41 -60.85 -22.79 -15.51
C ALA B 41 -60.46 -23.66 -14.32
N VAL B 42 -59.84 -24.80 -14.59
CA VAL B 42 -59.38 -25.67 -13.51
C VAL B 42 -58.15 -25.05 -12.86
N THR B 43 -57.96 -25.36 -11.59
CA THR B 43 -56.86 -24.81 -10.80
C THR B 43 -56.03 -25.93 -10.21
N VAL B 44 -54.74 -25.66 -10.05
CA VAL B 44 -53.86 -26.62 -9.39
C VAL B 44 -54.05 -26.52 -7.88
N ARG B 45 -53.80 -27.64 -7.18
CA ARG B 45 -53.93 -27.68 -5.74
C ARG B 45 -52.73 -28.41 -5.16
N GLU B 46 -52.50 -28.19 -3.86
CA GLU B 46 -51.46 -28.89 -3.13
C GLU B 46 -52.03 -30.12 -2.44
N LYS B 47 -51.20 -31.14 -2.30
CA LYS B 47 -51.59 -32.34 -1.57
C LYS B 47 -50.37 -32.94 -0.90
N SER B 48 -50.56 -33.35 0.35
CA SER B 48 -49.51 -34.02 1.10
C SER B 48 -49.56 -35.52 0.86
N VAL B 49 -48.39 -36.13 0.71
CA VAL B 49 -48.30 -37.58 0.51
C VAL B 49 -47.61 -38.21 1.71
N LEU B 76 -43.81 -37.51 3.52
CA LEU B 76 -43.88 -36.19 4.12
C LEU B 76 -43.55 -35.10 3.09
N GLN B 77 -44.04 -35.28 1.87
CA GLN B 77 -43.79 -34.37 0.78
C GLN B 77 -45.09 -33.73 0.29
N THR B 78 -44.95 -32.58 -0.36
CA THR B 78 -46.08 -31.85 -0.92
C THR B 78 -45.96 -31.84 -2.44
N VAL B 79 -47.02 -32.26 -3.12
CA VAL B 79 -47.07 -32.26 -4.57
C VAL B 79 -48.18 -31.32 -5.02
N ASP B 80 -48.14 -30.97 -6.30
CA ASP B 80 -49.20 -30.22 -6.95
C ASP B 80 -49.95 -31.17 -7.89
N VAL B 81 -51.27 -31.24 -7.72
CA VAL B 81 -52.10 -32.07 -8.58
C VAL B 81 -53.19 -31.20 -9.20
N ALA B 82 -53.78 -31.72 -10.26
CA ALA B 82 -54.92 -31.10 -10.92
C ALA B 82 -56.00 -32.14 -11.14
N ASN B 83 -57.24 -31.70 -11.17
CA ASN B 83 -58.39 -32.59 -11.26
C ASN B 83 -59.57 -31.82 -11.84
N LEU B 84 -60.38 -32.50 -12.63
CA LEU B 84 -61.65 -31.95 -13.07
C LEU B 84 -62.60 -31.82 -11.88
N PRO B 85 -63.57 -30.91 -11.95
CA PRO B 85 -64.64 -30.89 -10.95
C PRO B 85 -65.52 -32.13 -11.04
N SER B 86 -66.26 -32.38 -9.97
CA SER B 86 -67.08 -33.58 -9.89
C SER B 86 -68.36 -33.48 -10.73
N ASP B 87 -68.66 -32.33 -11.32
CA ASP B 87 -69.78 -32.18 -12.23
C ASP B 87 -69.35 -32.07 -13.68
N ALA B 88 -68.05 -32.08 -13.95
CA ALA B 88 -67.51 -31.94 -15.29
C ALA B 88 -66.79 -33.21 -15.70
N ASP B 89 -67.03 -33.66 -16.93
CA ASP B 89 -66.39 -34.85 -17.46
C ASP B 89 -65.65 -34.60 -18.77
N THR B 90 -65.53 -33.36 -19.22
CA THR B 90 -64.93 -33.04 -20.51
C THR B 90 -63.94 -31.91 -20.33
N LEU B 91 -62.73 -32.09 -20.86
CA LEU B 91 -61.69 -31.07 -20.82
C LEU B 91 -61.67 -30.31 -22.13
N LYS B 92 -61.42 -29.00 -22.06
CA LYS B 92 -61.33 -28.14 -23.23
C LYS B 92 -60.03 -27.35 -23.16
N VAL B 93 -59.22 -27.46 -24.20
CA VAL B 93 -57.95 -26.77 -24.31
C VAL B 93 -58.03 -25.79 -25.47
N ARG B 94 -57.59 -24.55 -25.24
CA ARG B 94 -57.73 -23.51 -26.25
C ARG B 94 -56.43 -22.72 -26.40
N PHE B 95 -56.04 -22.48 -27.66
CA PHE B 95 -54.90 -21.60 -27.95
C PHE B 95 -55.06 -21.01 -29.34
N THR B 96 -54.13 -20.13 -29.71
CA THR B 96 -54.12 -19.47 -31.01
C THR B 96 -52.82 -19.78 -31.74
N LEU B 97 -52.82 -19.52 -33.04
CA LEU B 97 -51.68 -19.88 -33.89
C LEU B 97 -51.55 -18.88 -35.04
N ARG B 98 -50.30 -18.57 -35.39
CA ARG B 98 -49.98 -17.71 -36.51
C ARG B 98 -48.97 -18.39 -37.41
N VAL B 99 -49.03 -18.06 -38.70
CA VAL B 99 -48.00 -18.45 -39.67
C VAL B 99 -47.56 -17.18 -40.40
N LEU B 100 -46.24 -17.00 -40.54
CA LEU B 100 -45.71 -15.70 -40.88
C LEU B 100 -45.09 -15.60 -42.27
N GLY B 101 -44.64 -16.70 -42.86
CA GLY B 101 -44.10 -16.65 -44.20
C GLY B 101 -42.70 -16.06 -44.30
N GLY B 102 -42.06 -16.29 -45.45
CA GLY B 102 -40.68 -15.85 -45.64
C GLY B 102 -39.70 -16.71 -44.88
N ALA B 103 -39.67 -18.01 -45.22
CA ALA B 103 -38.95 -18.97 -44.39
C ALA B 103 -37.44 -18.88 -44.57
N GLY B 104 -37.00 -18.57 -45.78
CA GLY B 104 -35.57 -18.63 -46.08
C GLY B 104 -34.76 -17.42 -45.66
N THR B 105 -35.42 -16.28 -45.50
CA THR B 105 -34.72 -15.04 -45.17
C THR B 105 -34.25 -15.07 -43.72
N PRO B 106 -32.95 -14.94 -43.46
CA PRO B 106 -32.48 -14.93 -42.07
C PRO B 106 -32.66 -13.57 -41.42
N SER B 107 -32.68 -13.59 -40.09
CA SER B 107 -32.86 -12.35 -39.34
C SER B 107 -31.54 -11.59 -39.17
N ALA B 108 -30.43 -12.30 -39.07
CA ALA B 108 -29.11 -11.68 -38.98
C ALA B 108 -28.14 -12.48 -39.82
N CYS B 109 -27.08 -11.82 -40.27
CA CYS B 109 -26.06 -12.45 -41.09
C CYS B 109 -24.76 -11.71 -40.90
N ASN B 110 -23.72 -12.16 -41.60
CA ASN B 110 -22.42 -11.53 -41.55
C ASN B 110 -21.77 -11.30 -42.91
N ASP B 111 -22.16 -12.05 -43.94
CA ASP B 111 -21.70 -11.82 -45.29
C ASP B 111 -22.88 -11.96 -46.25
N ALA B 112 -22.93 -11.09 -47.25
CA ALA B 112 -24.07 -11.09 -48.17
C ALA B 112 -24.01 -12.26 -49.13
N ALA B 113 -22.84 -12.85 -49.34
CA ALA B 113 -22.68 -13.93 -50.31
C ALA B 113 -23.41 -15.19 -49.86
N TYR B 114 -23.22 -15.57 -48.60
CA TYR B 114 -23.89 -16.76 -48.06
C TYR B 114 -25.39 -16.55 -47.99
N ARG B 115 -25.84 -15.33 -47.67
CA ARG B 115 -27.26 -15.04 -47.62
C ARG B 115 -27.89 -15.09 -49.01
N ASP B 116 -27.18 -14.59 -50.02
CA ASP B 116 -27.70 -14.64 -51.39
C ASP B 116 -27.75 -16.07 -51.92
N LYS B 117 -26.74 -16.88 -51.60
CA LYS B 117 -26.76 -18.29 -51.99
C LYS B 117 -27.86 -19.05 -51.27
N LEU B 118 -28.12 -18.71 -50.01
CA LEU B 118 -29.19 -19.36 -49.25
C LEU B 118 -30.56 -18.98 -49.79
N LEU B 119 -30.74 -17.71 -50.16
CA LEU B 119 -32.00 -17.27 -50.75
C LEU B 119 -32.25 -17.93 -52.10
N GLN B 120 -31.18 -18.07 -52.92
CA GLN B 120 -31.31 -18.75 -54.19
C GLN B 120 -31.65 -20.23 -54.01
N THR B 121 -31.07 -20.86 -52.98
CA THR B 121 -31.33 -22.27 -52.72
C THR B 121 -32.78 -22.51 -52.26
N VAL B 122 -33.26 -21.70 -51.31
CA VAL B 122 -34.63 -21.86 -50.84
C VAL B 122 -35.64 -21.45 -51.91
N ALA B 123 -35.28 -20.47 -52.76
CA ALA B 123 -36.14 -20.11 -53.89
C ALA B 123 -36.20 -21.23 -54.91
N THR B 124 -35.08 -21.92 -55.13
CA THR B 124 -35.06 -23.11 -55.99
C THR B 124 -35.97 -24.20 -55.42
N TYR B 125 -35.92 -24.40 -54.11
CA TYR B 125 -36.77 -25.41 -53.46
C TYR B 125 -38.25 -25.09 -53.62
N VAL B 126 -38.64 -23.83 -53.35
CA VAL B 126 -40.06 -23.49 -53.42
C VAL B 126 -40.53 -23.41 -54.86
N ASN B 127 -39.62 -23.19 -55.82
CA ASN B 127 -40.01 -23.24 -57.22
C ASN B 127 -40.15 -24.67 -57.72
N GLU B 128 -39.40 -25.61 -57.15
CA GLU B 128 -39.67 -27.02 -57.42
C GLU B 128 -41.02 -27.45 -56.88
N GLN B 129 -41.23 -27.28 -55.58
CA GLN B 129 -42.48 -27.70 -54.94
C GLN B 129 -42.77 -26.75 -53.78
N GLY B 130 -43.98 -26.22 -53.75
CA GLY B 130 -44.38 -25.33 -52.69
C GLY B 130 -44.55 -26.05 -51.37
N PHE B 131 -44.84 -25.27 -50.33
CA PHE B 131 -44.98 -25.82 -48.98
C PHE B 131 -46.27 -26.59 -48.84
N ALA B 132 -46.37 -27.76 -49.47
CA ALA B 132 -47.60 -28.55 -49.45
C ALA B 132 -47.50 -29.83 -48.66
N GLU B 133 -46.33 -30.48 -48.64
CA GLU B 133 -46.15 -31.68 -47.82
C GLU B 133 -46.06 -31.31 -46.35
N LEU B 134 -45.25 -30.30 -46.03
CA LEU B 134 -45.10 -29.82 -44.66
C LEU B 134 -46.42 -29.28 -44.11
N ALA B 135 -47.18 -28.56 -44.95
CA ALA B 135 -48.46 -28.02 -44.51
C ALA B 135 -49.48 -29.13 -44.28
N ARG B 136 -49.40 -30.19 -45.08
CA ARG B 136 -50.31 -31.32 -44.89
C ARG B 136 -49.98 -32.07 -43.61
N ARG B 137 -48.69 -32.22 -43.29
CA ARG B 137 -48.34 -32.86 -42.03
C ARG B 137 -48.66 -31.98 -40.82
N TYR B 138 -48.56 -30.65 -40.96
CA TYR B 138 -48.96 -29.75 -39.88
C TYR B 138 -50.46 -29.79 -39.65
N ALA B 139 -51.24 -29.83 -40.73
CA ALA B 139 -52.69 -29.95 -40.59
C ALA B 139 -53.09 -31.31 -40.05
N HIS B 140 -52.29 -32.35 -40.33
CA HIS B 140 -52.53 -33.66 -39.74
C HIS B 140 -52.26 -33.63 -38.23
N ASN B 141 -51.15 -33.00 -37.82
CA ASN B 141 -50.84 -32.86 -36.40
C ASN B 141 -51.84 -31.96 -35.67
N LEU B 142 -52.51 -31.05 -36.37
CA LEU B 142 -53.60 -30.30 -35.77
C LEU B 142 -54.88 -31.11 -35.72
N ALA B 143 -55.08 -32.03 -36.68
CA ALA B 143 -56.32 -32.78 -36.78
C ALA B 143 -56.47 -33.76 -35.61
N ASN B 144 -55.55 -34.71 -35.50
CA ASN B 144 -55.48 -35.51 -34.28
C ASN B 144 -54.83 -34.68 -33.19
N ALA B 145 -55.52 -34.56 -32.05
CA ALA B 145 -55.12 -33.58 -31.03
C ALA B 145 -53.88 -34.05 -30.26
N ARG B 146 -52.74 -34.05 -30.96
CA ARG B 146 -51.49 -34.51 -30.37
C ARG B 146 -50.93 -33.55 -29.35
N PHE B 147 -51.40 -32.30 -29.31
CA PHE B 147 -50.97 -31.36 -28.28
C PHE B 147 -51.57 -31.67 -26.92
N LEU B 148 -52.58 -32.54 -26.85
CA LEU B 148 -52.99 -33.17 -25.60
C LEU B 148 -52.01 -34.32 -25.39
N TRP B 149 -50.96 -34.07 -24.61
CA TRP B 149 -49.86 -35.02 -24.51
C TRP B 149 -50.23 -36.32 -23.81
N ARG B 150 -50.53 -36.27 -22.52
CA ARG B 150 -50.83 -37.48 -21.76
C ARG B 150 -52.32 -37.64 -21.47
N ASN B 151 -53.12 -36.60 -21.65
CA ASN B 151 -54.55 -36.69 -21.48
C ASN B 151 -55.29 -37.05 -22.77
N ARG B 152 -54.57 -37.57 -23.76
CA ARG B 152 -55.16 -38.17 -24.95
C ARG B 152 -55.20 -39.69 -24.87
N VAL B 153 -54.42 -40.29 -23.98
CA VAL B 153 -54.25 -41.74 -23.94
C VAL B 153 -55.48 -42.41 -23.34
N GLY B 154 -56.02 -41.87 -22.26
CA GLY B 154 -57.20 -42.47 -21.65
C GLY B 154 -58.48 -41.80 -22.09
N ALA B 155 -58.48 -41.22 -23.28
CA ALA B 155 -59.64 -40.52 -23.80
C ALA B 155 -60.65 -41.51 -24.37
N GLU B 156 -61.92 -41.09 -24.35
CA GLU B 156 -63.00 -41.86 -24.94
C GLU B 156 -63.45 -41.30 -26.29
N ALA B 157 -63.49 -39.98 -26.43
CA ALA B 157 -63.85 -39.32 -27.67
C ALA B 157 -63.24 -37.93 -27.66
N VAL B 158 -62.59 -37.56 -28.76
CA VAL B 158 -61.94 -36.26 -28.89
C VAL B 158 -62.52 -35.56 -30.11
N GLU B 159 -62.76 -34.25 -29.98
CA GLU B 159 -63.22 -33.44 -31.09
C GLU B 159 -62.42 -32.15 -31.15
N VAL B 160 -61.90 -31.81 -32.33
CA VAL B 160 -61.07 -30.61 -32.52
C VAL B 160 -61.83 -29.63 -33.41
N ARG B 161 -61.84 -28.36 -33.01
CA ARG B 161 -62.44 -27.28 -33.78
C ARG B 161 -61.38 -26.24 -34.08
N ILE B 162 -61.34 -25.80 -35.33
CA ILE B 162 -60.34 -24.85 -35.82
C ILE B 162 -61.07 -23.72 -36.53
N ASN B 163 -60.80 -22.48 -36.12
CA ASN B 163 -61.43 -21.31 -36.71
C ASN B 163 -60.38 -20.43 -37.38
N HIS B 164 -60.75 -19.86 -38.53
CA HIS B 164 -59.93 -18.88 -39.22
C HIS B 164 -60.45 -17.49 -38.89
N ILE B 165 -59.63 -16.68 -38.23
CA ILE B 165 -60.04 -15.35 -37.78
C ILE B 165 -59.51 -14.33 -38.77
N ARG B 166 -60.42 -13.62 -39.45
CA ARG B 166 -60.06 -12.70 -40.51
C ARG B 166 -60.11 -11.24 -40.06
N GLN B 167 -61.22 -10.81 -39.47
CA GLN B 167 -61.38 -9.43 -39.02
C GLN B 167 -62.04 -9.39 -37.64
N GLY B 168 -61.60 -10.28 -36.75
CA GLY B 168 -62.23 -10.42 -35.46
C GLY B 168 -63.41 -11.37 -35.43
N GLU B 169 -63.84 -11.88 -36.58
CA GLU B 169 -64.94 -12.83 -36.67
C GLU B 169 -64.42 -14.15 -37.23
N VAL B 170 -65.34 -15.05 -37.51
CA VAL B 170 -65.00 -16.39 -38.01
C VAL B 170 -65.22 -16.41 -39.52
N ALA B 171 -64.18 -16.75 -40.27
CA ALA B 171 -64.26 -16.83 -41.72
C ALA B 171 -64.44 -18.25 -42.24
N ARG B 172 -63.97 -19.26 -41.50
CA ARG B 172 -64.07 -20.65 -41.90
C ARG B 172 -63.86 -21.53 -40.66
N THR B 173 -64.68 -22.58 -40.57
CA THR B 173 -64.66 -23.50 -39.43
C THR B 173 -64.35 -24.91 -39.92
N TRP B 174 -63.47 -25.61 -39.20
CA TRP B 174 -63.16 -27.00 -39.45
C TRP B 174 -63.43 -27.80 -38.18
N ARG B 175 -64.08 -28.95 -38.33
CA ARG B 175 -64.40 -29.83 -37.21
C ARG B 175 -63.88 -31.22 -37.52
N PHE B 176 -62.97 -31.72 -36.69
CA PHE B 176 -62.29 -32.98 -36.93
C PHE B 176 -62.51 -33.95 -35.79
N ASP B 177 -62.65 -35.23 -36.14
CA ASP B 177 -62.59 -36.32 -35.18
C ASP B 177 -61.15 -36.76 -35.06
N ALA B 178 -60.64 -36.83 -33.83
CA ALA B 178 -59.23 -37.08 -33.62
C ALA B 178 -58.91 -38.54 -33.37
N LEU B 179 -59.87 -39.35 -32.96
CA LEU B 179 -59.61 -40.76 -32.76
C LEU B 179 -59.70 -41.58 -34.03
N ALA B 180 -60.43 -41.09 -35.03
CA ALA B 180 -60.45 -41.75 -36.33
C ALA B 180 -59.21 -41.41 -37.15
N ILE B 181 -58.68 -40.20 -36.99
CA ILE B 181 -57.44 -39.79 -37.66
C ILE B 181 -56.29 -40.23 -36.75
N GLY B 182 -55.61 -41.29 -37.14
CA GLY B 182 -54.58 -41.87 -36.31
C GLY B 182 -53.32 -41.04 -36.22
N LEU B 183 -52.37 -41.54 -35.44
CA LEU B 183 -51.09 -40.87 -35.25
C LEU B 183 -50.02 -41.37 -36.19
N ARG B 184 -50.06 -42.64 -36.59
CA ARG B 184 -48.96 -43.24 -37.31
C ARG B 184 -48.95 -42.80 -38.78
N ASP B 185 -50.00 -43.12 -39.53
CA ASP B 185 -50.02 -42.89 -40.95
C ASP B 185 -50.79 -41.60 -41.29
N PHE B 186 -50.45 -41.05 -42.46
CA PHE B 186 -50.93 -39.75 -42.91
C PHE B 186 -51.98 -39.98 -43.99
N LYS B 187 -53.24 -40.08 -43.57
CA LYS B 187 -54.34 -40.37 -44.47
C LYS B 187 -54.77 -39.11 -45.22
N ALA B 188 -55.84 -39.21 -46.00
CA ALA B 188 -56.32 -38.11 -46.84
C ALA B 188 -57.77 -37.82 -46.55
N ASP B 189 -58.12 -36.53 -46.64
CA ASP B 189 -59.48 -36.04 -46.41
C ASP B 189 -59.61 -34.72 -47.15
N ALA B 190 -60.84 -34.37 -47.50
CA ALA B 190 -61.08 -33.14 -48.26
C ALA B 190 -60.85 -31.91 -47.38
N GLU B 191 -61.40 -31.91 -46.17
CA GLU B 191 -61.21 -30.77 -45.27
C GLU B 191 -59.78 -30.68 -44.77
N LEU B 192 -59.10 -31.83 -44.66
CA LEU B 192 -57.67 -31.80 -44.34
C LEU B 192 -56.87 -31.14 -45.45
N ASP B 193 -57.25 -31.39 -46.71
CA ASP B 193 -56.60 -30.69 -47.82
C ASP B 193 -56.94 -29.21 -47.81
N ALA B 194 -58.15 -28.84 -47.39
CA ALA B 194 -58.51 -27.42 -47.33
C ALA B 194 -57.70 -26.69 -46.25
N LEU B 195 -57.54 -27.31 -45.09
CA LEU B 195 -56.71 -26.72 -44.04
C LEU B 195 -55.24 -26.68 -44.46
N ALA B 196 -54.78 -27.68 -45.21
CA ALA B 196 -53.41 -27.66 -45.72
C ALA B 196 -53.21 -26.57 -46.75
N GLU B 197 -54.25 -26.28 -47.56
CA GLU B 197 -54.18 -25.15 -48.48
C GLU B 197 -54.12 -23.82 -47.73
N LEU B 198 -54.85 -23.71 -46.62
CA LEU B 198 -54.81 -22.48 -45.82
C LEU B 198 -53.43 -22.28 -45.19
N ILE B 199 -52.86 -23.34 -44.61
CA ILE B 199 -51.53 -23.24 -44.02
C ILE B 199 -50.46 -23.03 -45.09
N ALA B 200 -50.66 -23.58 -46.28
CA ALA B 200 -49.70 -23.38 -47.38
C ALA B 200 -49.74 -21.94 -47.89
N SER B 201 -50.94 -21.36 -48.00
CA SER B 201 -51.05 -19.96 -48.39
C SER B 201 -50.47 -19.04 -47.33
N GLY B 202 -50.60 -19.42 -46.05
CA GLY B 202 -49.96 -18.64 -45.00
C GLY B 202 -48.45 -18.74 -45.01
N LEU B 203 -47.92 -19.94 -45.28
CA LEU B 203 -46.47 -20.14 -45.27
C LEU B 203 -45.80 -19.58 -46.52
N SER B 204 -46.54 -19.45 -47.62
CA SER B 204 -45.96 -18.92 -48.85
C SER B 204 -45.71 -17.43 -48.74
N GLY B 205 -46.72 -16.67 -48.33
CA GLY B 205 -46.58 -15.23 -48.17
C GLY B 205 -47.65 -14.46 -48.91
N SER B 206 -48.76 -15.12 -49.22
CA SER B 206 -49.84 -14.51 -49.98
C SER B 206 -51.04 -14.13 -49.12
N GLY B 207 -51.04 -14.48 -47.83
CA GLY B 207 -52.15 -14.15 -46.97
C GLY B 207 -51.69 -14.00 -45.53
N HIS B 208 -52.65 -13.68 -44.66
CA HIS B 208 -52.41 -13.53 -43.24
C HIS B 208 -53.38 -14.48 -42.52
N VAL B 209 -52.84 -15.54 -41.94
CA VAL B 209 -53.64 -16.60 -41.33
C VAL B 209 -53.50 -16.52 -39.82
N LEU B 210 -54.62 -16.36 -39.13
CA LEU B 210 -54.70 -16.48 -37.68
C LEU B 210 -55.71 -17.58 -37.37
N LEU B 211 -55.27 -18.60 -36.63
CA LEU B 211 -56.11 -19.73 -36.30
C LEU B 211 -56.40 -19.76 -34.81
N GLU B 212 -57.60 -20.22 -34.48
CA GLU B 212 -57.97 -20.50 -33.09
C GLU B 212 -58.28 -21.99 -32.98
N VAL B 213 -57.55 -22.69 -32.11
CA VAL B 213 -57.67 -24.14 -31.97
C VAL B 213 -58.28 -24.45 -30.61
N VAL B 214 -59.37 -25.21 -30.60
CA VAL B 214 -60.03 -25.68 -29.39
C VAL B 214 -60.15 -27.19 -29.49
N ALA B 215 -59.85 -27.90 -28.41
CA ALA B 215 -59.92 -29.35 -28.41
C ALA B 215 -60.68 -29.82 -27.18
N PHE B 216 -61.70 -30.66 -27.41
CA PHE B 216 -62.50 -31.26 -26.34
C PHE B 216 -62.15 -32.74 -26.22
N ALA B 217 -61.77 -33.17 -25.03
CA ALA B 217 -61.45 -34.56 -24.76
C ALA B 217 -62.34 -35.07 -23.63
N ARG B 218 -62.91 -36.25 -23.81
CA ARG B 218 -63.83 -36.83 -22.83
C ARG B 218 -63.05 -37.80 -21.95
N ILE B 219 -62.38 -37.25 -20.95
CA ILE B 219 -61.52 -38.06 -20.07
C ILE B 219 -62.36 -38.88 -19.12
N GLY B 220 -63.23 -38.24 -18.35
CA GLY B 220 -64.03 -38.93 -17.37
C GLY B 220 -64.48 -37.98 -16.28
N ASP B 221 -65.39 -38.47 -15.45
CA ASP B 221 -66.04 -37.65 -14.42
C ASP B 221 -65.09 -37.46 -13.26
N GLY B 222 -64.38 -36.33 -13.26
CA GLY B 222 -63.49 -35.99 -12.16
C GLY B 222 -62.12 -36.63 -12.21
N GLN B 223 -61.64 -37.00 -13.39
CA GLN B 223 -60.37 -37.69 -13.52
C GLN B 223 -59.20 -36.71 -13.39
N GLU B 224 -57.99 -37.19 -13.61
CA GLU B 224 -56.80 -36.39 -13.46
C GLU B 224 -56.33 -35.86 -14.81
N VAL B 225 -56.21 -34.54 -14.91
CA VAL B 225 -55.65 -33.91 -16.08
C VAL B 225 -54.17 -33.63 -15.80
N PHE B 226 -53.41 -33.44 -16.87
CA PHE B 226 -51.96 -33.32 -16.78
C PHE B 226 -51.54 -31.98 -17.36
N PRO B 227 -51.41 -30.94 -16.54
CA PRO B 227 -50.84 -29.67 -17.03
C PRO B 227 -49.33 -29.78 -17.25
N SER B 228 -48.73 -28.72 -17.76
CA SER B 228 -47.30 -28.75 -17.99
C SER B 228 -46.55 -28.66 -16.67
N GLN B 229 -45.54 -29.50 -16.52
CA GLN B 229 -44.75 -29.50 -15.30
C GLN B 229 -43.74 -28.36 -15.34
N GLU B 230 -43.31 -27.94 -14.17
CA GLU B 230 -42.49 -26.75 -14.03
C GLU B 230 -41.01 -27.11 -13.88
N LEU B 231 -40.17 -26.27 -14.45
CA LEU B 231 -38.73 -26.31 -14.23
C LEU B 231 -38.35 -24.99 -13.58
N ILE B 232 -37.70 -25.06 -12.43
CA ILE B 232 -37.27 -23.87 -11.70
C ILE B 232 -35.79 -24.04 -11.39
N LEU B 233 -34.97 -23.13 -11.91
CA LEU B 233 -33.53 -23.21 -11.74
C LEU B 233 -33.03 -22.54 -10.46
N ASP B 234 -33.94 -22.10 -9.59
CA ASP B 234 -33.57 -21.48 -8.33
C ASP B 234 -34.03 -22.28 -7.11
N LYS B 235 -34.69 -23.41 -7.31
CA LYS B 235 -35.20 -24.19 -6.20
C LYS B 235 -34.05 -24.89 -5.46
N GLY B 236 -34.06 -24.77 -4.13
CA GLY B 236 -32.97 -25.27 -3.32
C GLY B 236 -32.95 -26.78 -3.20
N ASP B 237 -32.12 -27.25 -2.28
CA ASP B 237 -31.84 -28.67 -2.14
C ASP B 237 -32.30 -29.28 -0.83
N LYS B 238 -32.47 -28.49 0.23
CA LYS B 238 -32.76 -29.05 1.54
C LYS B 238 -34.20 -29.57 1.61
N LYS B 239 -34.41 -30.54 2.49
CA LYS B 239 -35.70 -31.22 2.56
C LYS B 239 -36.77 -30.31 3.15
N GLY B 240 -38.01 -30.63 2.82
CA GLY B 240 -39.13 -29.76 3.12
C GLY B 240 -39.61 -28.97 1.91
N GLN B 241 -38.85 -28.97 0.83
CA GLN B 241 -39.23 -28.24 -0.37
C GLN B 241 -40.27 -29.04 -1.17
N LYS B 242 -41.02 -28.32 -1.99
CA LYS B 242 -42.01 -28.91 -2.87
C LYS B 242 -41.35 -29.82 -3.89
N SER B 243 -41.91 -31.01 -4.07
CA SER B 243 -41.30 -31.98 -4.97
C SER B 243 -41.73 -31.79 -6.42
N LYS B 244 -42.94 -31.32 -6.67
CA LYS B 244 -43.44 -31.18 -8.03
C LYS B 244 -44.49 -30.08 -8.07
N THR B 245 -44.20 -29.03 -8.82
CA THR B 245 -45.13 -27.92 -9.03
C THR B 245 -45.54 -27.86 -10.50
N LEU B 246 -46.75 -27.36 -10.74
CA LEU B 246 -47.32 -27.32 -12.08
C LEU B 246 -47.45 -25.89 -12.56
N TYR B 247 -47.67 -25.75 -13.87
CA TYR B 247 -47.75 -24.45 -14.51
C TYR B 247 -49.15 -23.88 -14.38
N SER B 248 -49.22 -22.55 -14.23
CA SER B 248 -50.50 -21.87 -14.09
C SER B 248 -50.36 -20.43 -14.55
N VAL B 249 -51.44 -19.89 -15.11
CA VAL B 249 -51.48 -18.52 -15.62
C VAL B 249 -52.66 -17.83 -14.94
N ARG B 250 -52.37 -17.00 -13.94
CA ARG B 250 -53.34 -16.24 -13.15
C ARG B 250 -54.41 -17.14 -12.54
N ASP B 251 -53.95 -18.15 -11.78
CA ASP B 251 -54.78 -19.17 -11.13
C ASP B 251 -55.66 -19.90 -12.14
N ALA B 252 -55.00 -20.51 -13.12
CA ALA B 252 -55.66 -21.31 -14.14
C ALA B 252 -54.62 -22.24 -14.73
N ALA B 253 -54.88 -23.56 -14.67
CA ALA B 253 -53.90 -24.54 -15.12
C ALA B 253 -53.72 -24.48 -16.62
N ALA B 254 -52.47 -24.38 -17.07
CA ALA B 254 -52.17 -24.16 -18.48
C ALA B 254 -51.03 -25.06 -18.92
N ILE B 255 -50.74 -25.02 -20.22
CA ILE B 255 -49.64 -25.75 -20.84
C ILE B 255 -48.68 -24.74 -21.45
N HIS B 256 -47.38 -25.04 -21.38
CA HIS B 256 -46.36 -24.20 -22.01
C HIS B 256 -46.56 -24.15 -23.51
N SER B 257 -46.13 -23.04 -24.12
CA SER B 257 -46.25 -22.90 -25.57
C SER B 257 -45.20 -23.72 -26.31
N GLN B 258 -44.03 -23.92 -25.70
CA GLN B 258 -42.99 -24.73 -26.33
C GLN B 258 -43.37 -26.19 -26.39
N LYS B 259 -44.18 -26.66 -25.45
CA LYS B 259 -44.67 -28.03 -25.53
C LYS B 259 -45.68 -28.20 -26.66
N ILE B 260 -46.49 -27.17 -26.91
CA ILE B 260 -47.38 -27.19 -28.07
C ILE B 260 -46.59 -27.17 -29.37
N GLY B 261 -45.49 -26.40 -29.39
CA GLY B 261 -44.65 -26.36 -30.58
C GLY B 261 -43.95 -27.68 -30.86
N ASN B 262 -43.43 -28.32 -29.82
CA ASN B 262 -42.84 -29.64 -29.97
C ASN B 262 -43.88 -30.70 -30.30
N ALA B 263 -45.13 -30.47 -29.88
CA ALA B 263 -46.21 -31.42 -30.20
C ALA B 263 -46.56 -31.37 -31.67
N LEU B 264 -46.72 -30.17 -32.23
CA LEU B 264 -47.07 -30.06 -33.64
C LEU B 264 -45.86 -29.89 -34.54
N ARG B 265 -44.65 -30.15 -34.03
CA ARG B 265 -43.46 -30.23 -34.87
C ARG B 265 -43.06 -31.66 -35.21
N THR B 266 -43.73 -32.66 -34.65
CA THR B 266 -43.39 -34.07 -34.91
C THR B 266 -43.94 -34.47 -36.28
N ILE B 267 -43.16 -34.13 -37.31
CA ILE B 267 -43.47 -34.52 -38.68
C ILE B 267 -42.36 -35.31 -39.33
N ASP B 268 -41.24 -35.49 -38.64
CA ASP B 268 -40.03 -36.09 -39.23
C ASP B 268 -40.07 -37.60 -39.08
N THR B 269 -40.08 -38.30 -40.21
CA THR B 269 -40.04 -39.75 -40.23
C THR B 269 -38.98 -40.32 -41.15
N TRP B 270 -38.24 -39.49 -41.87
CA TRP B 270 -37.21 -39.96 -42.80
C TRP B 270 -35.83 -39.92 -42.15
N TYR B 271 -35.61 -40.85 -41.23
CA TYR B 271 -34.33 -41.00 -40.55
C TYR B 271 -33.84 -42.42 -40.68
N PRO B 272 -32.63 -42.71 -40.17
CA PRO B 272 -31.98 -43.98 -40.49
C PRO B 272 -32.52 -45.18 -39.73
N ASP B 273 -33.36 -45.00 -38.72
CA ASP B 273 -33.91 -46.13 -38.00
C ASP B 273 -35.05 -46.76 -38.80
N GLU B 274 -35.34 -48.02 -38.49
CA GLU B 274 -36.35 -48.78 -39.20
C GLU B 274 -37.75 -48.26 -38.87
N ASP B 275 -38.73 -48.74 -39.64
CA ASP B 275 -40.12 -48.32 -39.46
C ASP B 275 -40.75 -49.11 -38.32
N GLY B 276 -41.47 -48.40 -37.45
CA GLY B 276 -42.12 -49.03 -36.32
C GLY B 276 -42.09 -48.20 -35.06
N LEU B 277 -41.09 -47.33 -34.92
CA LEU B 277 -41.05 -46.46 -33.75
C LEU B 277 -41.98 -45.26 -33.91
N GLY B 278 -42.12 -44.74 -35.13
CA GLY B 278 -42.99 -43.62 -35.38
C GLY B 278 -42.22 -42.35 -35.67
N PRO B 279 -42.94 -41.29 -36.07
CA PRO B 279 -42.26 -40.02 -36.38
C PRO B 279 -41.86 -39.26 -35.13
N ILE B 280 -40.72 -38.57 -35.23
CA ILE B 280 -40.20 -37.78 -34.11
C ILE B 280 -40.09 -36.32 -34.55
N ALA B 281 -39.67 -35.46 -33.64
CA ALA B 281 -39.67 -34.02 -33.87
C ALA B 281 -38.45 -33.57 -34.66
N VAL B 282 -38.59 -32.43 -35.34
CA VAL B 282 -37.56 -31.91 -36.23
C VAL B 282 -36.56 -31.12 -35.40
N GLU B 283 -35.42 -31.73 -35.10
CA GLU B 283 -34.33 -31.07 -34.38
C GLU B 283 -33.02 -31.39 -35.09
N PRO B 284 -32.04 -30.50 -35.03
CA PRO B 284 -30.70 -30.85 -35.52
C PRO B 284 -30.08 -31.92 -34.65
N TYR B 285 -29.53 -32.96 -35.29
CA TYR B 285 -29.22 -34.25 -34.67
C TYR B 285 -30.43 -34.75 -33.90
N GLY B 286 -31.50 -35.08 -34.64
CA GLY B 286 -32.82 -35.39 -34.11
C GLY B 286 -32.87 -36.43 -33.02
N SER B 287 -33.15 -35.99 -31.80
CA SER B 287 -32.84 -36.76 -30.60
C SER B 287 -34.02 -36.72 -29.64
N VAL B 288 -34.53 -37.90 -29.29
CA VAL B 288 -35.48 -38.05 -28.19
C VAL B 288 -34.67 -38.15 -26.91
N THR B 289 -34.64 -37.05 -26.14
CA THR B 289 -33.78 -36.99 -24.97
C THR B 289 -34.40 -37.70 -23.78
N SER B 290 -35.73 -37.85 -23.76
CA SER B 290 -36.41 -38.54 -22.66
C SER B 290 -36.06 -40.02 -22.64
N GLN B 291 -35.99 -40.65 -23.82
CA GLN B 291 -35.52 -42.03 -23.90
C GLN B 291 -34.02 -42.11 -23.63
N GLY B 292 -33.25 -41.18 -24.20
CA GLY B 292 -31.81 -41.18 -24.06
C GLY B 292 -31.07 -41.43 -25.36
N LYS B 293 -31.74 -41.83 -26.43
CA LYS B 293 -31.10 -42.07 -27.71
C LYS B 293 -31.03 -40.78 -28.52
N ALA B 294 -30.17 -40.78 -29.53
CA ALA B 294 -30.00 -39.63 -30.40
C ALA B 294 -29.85 -40.13 -31.83
N TYR B 295 -30.92 -40.07 -32.61
CA TYR B 295 -30.83 -40.37 -34.02
C TYR B 295 -30.13 -39.24 -34.75
N ARG B 296 -29.74 -39.51 -36.00
CA ARG B 296 -28.98 -38.61 -36.87
C ARG B 296 -27.70 -38.12 -36.20
N GLN B 297 -26.84 -39.08 -35.86
CA GLN B 297 -25.55 -38.74 -35.29
C GLN B 297 -24.66 -38.14 -36.37
N PRO B 298 -23.75 -37.22 -36.03
CA PRO B 298 -22.88 -36.63 -37.06
C PRO B 298 -21.82 -37.58 -37.62
N LYS B 299 -21.65 -38.78 -37.07
CA LYS B 299 -20.78 -39.77 -37.71
C LYS B 299 -21.37 -40.24 -39.03
N GLN B 300 -22.69 -40.44 -39.08
CA GLN B 300 -23.37 -40.65 -40.33
C GLN B 300 -23.73 -39.29 -40.95
N LYS B 301 -23.93 -39.28 -42.26
CA LYS B 301 -24.20 -38.03 -42.97
C LYS B 301 -25.70 -37.82 -43.15
N LEU B 302 -26.41 -37.72 -42.02
CA LEU B 302 -27.86 -37.56 -42.07
C LEU B 302 -28.37 -36.56 -41.03
N ASP B 303 -27.56 -35.58 -40.64
CA ASP B 303 -28.03 -34.53 -39.76
C ASP B 303 -28.29 -33.26 -40.57
N PHE B 304 -28.79 -32.23 -39.86
CA PHE B 304 -29.19 -31.00 -40.52
C PHE B 304 -27.99 -30.23 -41.06
N TYR B 305 -26.90 -30.20 -40.30
CA TYR B 305 -25.80 -29.28 -40.59
C TYR B 305 -25.02 -29.70 -41.84
N THR B 306 -24.70 -30.99 -41.97
CA THR B 306 -23.91 -31.42 -43.12
C THR B 306 -24.73 -31.44 -44.40
N LEU B 307 -26.00 -31.82 -44.32
CA LEU B 307 -26.87 -31.76 -45.51
C LEU B 307 -27.09 -30.31 -45.95
N LEU B 308 -27.22 -29.39 -44.99
CA LEU B 308 -27.34 -27.98 -45.33
C LEU B 308 -26.05 -27.46 -45.97
N ASP B 309 -24.90 -27.85 -45.43
CA ASP B 309 -23.62 -27.38 -45.96
C ASP B 309 -23.37 -27.92 -47.36
N ASN B 310 -23.75 -29.17 -47.62
CA ASN B 310 -23.63 -29.74 -48.96
C ASN B 310 -24.61 -29.09 -49.92
N TRP B 311 -25.79 -28.70 -49.42
CA TRP B 311 -26.77 -28.06 -50.29
C TRP B 311 -26.34 -26.65 -50.70
N VAL B 312 -25.79 -25.87 -49.76
CA VAL B 312 -25.49 -24.48 -50.09
C VAL B 312 -24.08 -24.29 -50.62
N LEU B 313 -23.16 -25.21 -50.32
CA LEU B 313 -21.76 -25.01 -50.67
C LEU B 313 -21.31 -25.88 -51.84
N ARG B 314 -21.59 -27.19 -51.77
CA ARG B 314 -21.10 -28.13 -52.76
C ARG B 314 -22.17 -28.51 -53.78
N ASP B 315 -23.30 -27.78 -53.79
CA ASP B 315 -24.39 -27.92 -54.76
C ASP B 315 -24.95 -29.33 -54.81
N GLU B 316 -25.07 -29.96 -53.65
CA GLU B 316 -25.55 -31.33 -53.53
C GLU B 316 -26.89 -31.34 -52.81
N ALA B 317 -27.94 -31.67 -53.55
CA ALA B 317 -29.23 -31.94 -52.95
C ALA B 317 -29.23 -33.38 -52.47
N PRO B 318 -29.53 -33.63 -51.19
CA PRO B 318 -29.41 -35.02 -50.68
C PRO B 318 -30.45 -35.96 -51.24
N ALA B 319 -31.72 -35.59 -51.16
CA ALA B 319 -32.83 -36.34 -51.74
C ALA B 319 -34.02 -35.39 -51.79
N VAL B 320 -35.15 -35.91 -52.28
CA VAL B 320 -36.39 -35.15 -52.16
C VAL B 320 -36.88 -35.16 -50.72
N GLU B 321 -36.56 -36.23 -49.98
CA GLU B 321 -37.05 -36.37 -48.62
C GLU B 321 -36.27 -35.50 -47.65
N GLN B 322 -34.97 -35.33 -47.89
CA GLN B 322 -34.14 -34.57 -46.94
C GLN B 322 -34.35 -33.06 -47.09
N GLN B 323 -34.86 -32.63 -48.24
CA GLN B 323 -35.21 -31.22 -48.42
C GLN B 323 -36.37 -30.84 -47.50
N HIS B 324 -37.32 -31.74 -47.31
CA HIS B 324 -38.40 -31.54 -46.34
C HIS B 324 -37.86 -31.34 -44.94
N TYR B 325 -36.84 -32.12 -44.56
CA TYR B 325 -36.27 -32.02 -43.23
C TYR B 325 -35.50 -30.71 -43.05
N VAL B 326 -34.73 -30.31 -44.07
CA VAL B 326 -33.94 -29.08 -43.96
C VAL B 326 -34.85 -27.85 -43.93
N ILE B 327 -35.91 -27.83 -44.74
CA ILE B 327 -36.81 -26.68 -44.76
C ILE B 327 -37.68 -26.65 -43.50
N ALA B 328 -38.01 -27.82 -42.94
CA ALA B 328 -38.70 -27.84 -41.66
C ALA B 328 -37.82 -27.33 -40.53
N ASN B 329 -36.52 -27.65 -40.60
CA ASN B 329 -35.58 -27.14 -39.61
C ASN B 329 -35.33 -25.65 -39.79
N LEU B 330 -35.52 -25.10 -40.99
CA LEU B 330 -35.45 -23.65 -41.15
C LEU B 330 -36.73 -22.95 -40.71
N ILE B 331 -37.88 -23.60 -40.86
CA ILE B 331 -39.13 -23.05 -40.35
C ILE B 331 -39.10 -23.00 -38.82
N ARG B 332 -38.48 -24.00 -38.19
CA ARG B 332 -38.35 -24.00 -36.73
C ARG B 332 -37.45 -22.86 -36.26
N GLY B 333 -36.29 -22.69 -36.88
CA GLY B 333 -35.38 -21.62 -36.53
C GLY B 333 -34.26 -22.08 -35.62
N GLY B 334 -33.36 -21.16 -35.34
CA GLY B 334 -32.26 -21.46 -34.44
C GLY B 334 -31.10 -20.51 -34.64
N VAL B 335 -30.00 -20.82 -33.96
CA VAL B 335 -28.75 -20.07 -34.04
C VAL B 335 -27.74 -21.00 -34.68
N PHE B 336 -27.44 -20.78 -35.97
CA PHE B 336 -26.59 -21.66 -36.76
C PHE B 336 -25.33 -20.90 -37.16
N GLY B 337 -24.33 -20.87 -36.29
CA GLY B 337 -23.13 -20.12 -36.61
C GLY B 337 -21.82 -20.85 -36.41
N GLU B 338 -21.05 -21.00 -37.49
CA GLU B 338 -19.71 -21.55 -37.42
C GLU B 338 -18.74 -20.43 -37.09
N ALA B 339 -17.69 -20.77 -36.34
CA ALA B 339 -16.79 -19.76 -35.78
C ALA B 339 -16.01 -19.02 -36.86
N GLU B 340 -15.15 -19.74 -37.57
CA GLU B 340 -14.24 -19.21 -38.60
C GLU B 340 -13.39 -18.04 -38.10
N LEU C 6 -6.90 27.74 -45.00
CA LEU C 6 -8.17 27.32 -44.42
C LEU C 6 -8.26 25.81 -44.35
N SER C 7 -8.37 25.27 -43.14
CA SER C 7 -8.48 23.85 -42.91
C SER C 7 -9.64 23.57 -41.96
N THR C 8 -10.00 22.30 -41.84
CA THR C 8 -11.03 21.89 -40.91
C THR C 8 -10.47 21.82 -39.50
N ALA C 9 -11.33 22.12 -38.52
CA ALA C 9 -10.89 22.27 -37.14
C ALA C 9 -10.52 20.92 -36.54
N SER C 10 -9.80 20.98 -35.42
CA SER C 10 -9.44 19.77 -34.69
C SER C 10 -10.47 19.37 -33.64
N VAL C 11 -11.33 20.29 -33.23
CA VAL C 11 -12.45 20.00 -32.35
C VAL C 11 -13.69 20.62 -32.98
N LEU C 12 -14.69 19.78 -33.25
CA LEU C 12 -15.92 20.22 -33.88
C LEU C 12 -17.00 19.21 -33.53
N ALA C 13 -18.14 19.69 -33.07
CA ALA C 13 -19.17 18.79 -32.56
C ALA C 13 -20.52 19.45 -32.72
N PHE C 14 -21.53 18.64 -33.05
CA PHE C 14 -22.86 19.10 -33.34
C PHE C 14 -23.86 18.41 -32.42
N GLU C 15 -24.91 19.13 -32.04
CA GLU C 15 -25.94 18.60 -31.16
C GLU C 15 -26.92 17.74 -31.95
N ARG C 16 -27.92 17.23 -31.26
CA ARG C 16 -28.92 16.36 -31.85
C ARG C 16 -30.25 17.09 -31.94
N LYS C 17 -30.87 17.04 -33.10
CA LYS C 17 -32.27 17.39 -33.28
C LYS C 17 -33.07 16.10 -33.46
N LEU C 18 -34.39 16.23 -33.43
CA LEU C 18 -35.33 15.10 -33.38
C LEU C 18 -35.02 14.18 -32.19
N ASP C 19 -35.22 14.71 -30.99
CA ASP C 19 -34.92 14.03 -29.73
C ASP C 19 -36.12 13.22 -29.24
N PRO C 20 -36.09 11.89 -29.30
CA PRO C 20 -37.20 11.08 -28.81
C PRO C 20 -37.00 10.63 -27.36
N SER C 21 -38.03 10.01 -26.82
CA SER C 21 -37.98 9.39 -25.50
C SER C 21 -38.21 7.88 -25.63
N ASP C 22 -38.11 7.20 -24.50
CA ASP C 22 -38.37 5.76 -24.49
C ASP C 22 -39.86 5.50 -24.67
N ALA C 23 -40.18 4.50 -25.48
CA ALA C 23 -41.57 4.16 -25.74
C ALA C 23 -42.09 3.20 -24.69
N LEU C 24 -43.34 3.41 -24.28
CA LEU C 24 -43.96 2.54 -23.29
C LEU C 24 -45.05 1.72 -23.96
N MET C 25 -45.19 0.47 -23.48
CA MET C 25 -46.04 -0.54 -24.09
C MET C 25 -47.19 -0.89 -23.16
N SER C 26 -48.41 -0.90 -23.69
CA SER C 26 -49.60 -1.32 -22.97
C SER C 26 -50.37 -2.29 -23.84
N ALA C 27 -51.33 -2.99 -23.23
CA ALA C 27 -52.10 -4.01 -23.93
C ALA C 27 -53.59 -3.75 -23.73
N GLY C 28 -54.37 -4.01 -24.77
CA GLY C 28 -55.79 -3.83 -24.69
C GLY C 28 -56.51 -4.49 -25.83
N ALA C 29 -57.74 -4.08 -26.06
CA ALA C 29 -58.58 -4.61 -27.13
C ALA C 29 -58.78 -3.57 -28.21
N TRP C 30 -58.88 -4.03 -29.46
CA TRP C 30 -59.21 -3.16 -30.57
C TRP C 30 -60.64 -2.63 -30.42
N ALA C 31 -60.90 -1.50 -31.10
CA ALA C 31 -62.09 -0.64 -31.03
C ALA C 31 -62.24 0.07 -29.69
N GLN C 32 -61.32 -0.10 -28.75
CA GLN C 32 -61.17 0.78 -27.60
C GLN C 32 -59.93 1.65 -27.71
N ARG C 33 -59.44 1.86 -28.94
CA ARG C 33 -58.27 2.71 -29.14
C ARG C 33 -58.57 4.17 -28.84
N ASP C 34 -59.83 4.58 -29.03
CA ASP C 34 -60.21 5.98 -28.83
C ASP C 34 -60.33 6.35 -27.36
N ALA C 35 -60.28 5.39 -26.46
CA ALA C 35 -60.33 5.63 -25.02
C ALA C 35 -59.24 4.83 -24.31
N SER C 36 -58.04 4.82 -24.89
CA SER C 36 -56.93 4.02 -24.36
C SER C 36 -55.95 4.89 -23.57
N GLN C 37 -56.45 5.48 -22.49
CA GLN C 37 -55.60 6.28 -21.61
C GLN C 37 -55.19 5.55 -20.34
N GLU C 38 -55.77 4.37 -20.09
CA GLU C 38 -55.60 3.70 -18.82
C GLU C 38 -55.33 2.20 -18.99
N TRP C 39 -54.86 1.78 -20.16
CA TRP C 39 -54.57 0.38 -20.40
C TRP C 39 -53.39 -0.07 -19.54
N PRO C 40 -53.42 -1.28 -19.00
CA PRO C 40 -52.31 -1.75 -18.18
C PRO C 40 -51.10 -2.09 -19.04
N ALA C 41 -49.92 -1.94 -18.45
CA ALA C 41 -48.69 -2.21 -19.18
C ALA C 41 -48.48 -3.72 -19.33
N VAL C 42 -47.56 -4.08 -20.22
CA VAL C 42 -47.12 -5.46 -20.34
C VAL C 42 -45.89 -5.62 -19.46
N THR C 43 -45.70 -6.83 -18.94
CA THR C 43 -44.63 -7.10 -17.99
C THR C 43 -43.69 -8.18 -18.52
N VAL C 44 -42.41 -8.00 -18.23
CA VAL C 44 -41.39 -9.00 -18.55
C VAL C 44 -41.41 -10.06 -17.45
N ARG C 45 -41.51 -11.33 -17.85
CA ARG C 45 -41.51 -12.44 -16.89
C ARG C 45 -40.42 -13.44 -17.25
N GLU C 46 -39.81 -14.02 -16.23
CA GLU C 46 -38.81 -15.06 -16.43
C GLU C 46 -39.47 -16.42 -16.65
N LYS C 47 -38.73 -17.31 -17.30
CA LYS C 47 -39.16 -18.70 -17.43
C LYS C 47 -37.93 -19.56 -17.67
N SER C 48 -37.99 -20.79 -17.18
CA SER C 48 -36.95 -21.78 -17.41
C SER C 48 -37.46 -22.81 -18.41
N VAL C 49 -36.66 -23.09 -19.41
CA VAL C 49 -36.99 -24.05 -20.45
C VAL C 49 -36.02 -25.22 -20.38
N ARG C 50 -36.50 -26.38 -20.83
CA ARG C 50 -35.67 -27.56 -21.00
C ARG C 50 -35.63 -27.88 -22.48
N GLY C 51 -34.46 -27.71 -23.09
CA GLY C 51 -34.35 -27.99 -24.50
C GLY C 51 -33.26 -28.99 -24.81
N THR C 52 -32.97 -29.17 -26.09
CA THR C 52 -31.89 -30.03 -26.53
C THR C 52 -30.69 -29.19 -26.90
N ILE C 53 -29.54 -29.85 -27.10
CA ILE C 53 -28.32 -29.18 -27.52
C ILE C 53 -28.24 -29.29 -29.03
N SER C 54 -28.57 -28.20 -29.72
CA SER C 54 -28.59 -28.16 -31.19
C SER C 54 -27.75 -26.98 -31.64
N ASN C 55 -26.44 -27.20 -31.72
CA ASN C 55 -25.50 -26.19 -32.20
C ASN C 55 -24.29 -26.93 -32.76
N ARG C 56 -23.44 -26.19 -33.47
CA ARG C 56 -22.26 -26.79 -34.08
C ARG C 56 -21.27 -27.22 -33.01
N LEU C 57 -20.91 -28.50 -33.01
CA LEU C 57 -19.92 -29.05 -32.09
C LEU C 57 -18.52 -28.71 -32.63
N LYS C 58 -18.09 -27.48 -32.32
CA LYS C 58 -16.83 -26.97 -32.83
C LYS C 58 -15.60 -27.53 -32.12
N THR C 59 -15.77 -28.44 -31.17
CA THR C 59 -14.66 -29.15 -30.58
C THR C 59 -14.42 -30.45 -31.36
N LYS C 60 -13.57 -31.32 -30.84
CA LYS C 60 -13.31 -32.60 -31.49
C LYS C 60 -14.45 -33.58 -31.23
N ASP C 61 -14.41 -34.69 -31.96
CA ASP C 61 -15.42 -35.74 -31.78
C ASP C 61 -15.24 -36.43 -30.42
N ARG C 62 -14.01 -36.78 -30.08
CA ARG C 62 -13.66 -37.32 -28.76
C ARG C 62 -12.73 -36.30 -28.11
N ASP C 63 -13.31 -35.32 -27.44
CA ASP C 63 -12.51 -34.25 -26.84
C ASP C 63 -12.11 -34.64 -25.43
N PRO C 64 -10.83 -34.50 -25.06
CA PRO C 64 -10.45 -34.76 -23.65
C PRO C 64 -11.01 -33.74 -22.68
N ALA C 65 -10.82 -32.46 -22.96
CA ALA C 65 -11.42 -31.37 -22.20
C ALA C 65 -12.54 -30.79 -23.05
N LYS C 66 -13.74 -31.37 -22.92
CA LYS C 66 -14.87 -30.99 -23.75
C LYS C 66 -15.39 -29.61 -23.35
N LEU C 67 -15.39 -28.68 -24.29
CA LEU C 67 -15.89 -27.33 -24.07
C LEU C 67 -17.40 -27.20 -24.23
N ASP C 68 -18.10 -28.33 -24.34
CA ASP C 68 -19.56 -28.36 -24.43
C ASP C 68 -20.03 -29.67 -23.80
N ALA C 69 -21.27 -30.06 -24.07
CA ALA C 69 -21.86 -31.29 -23.55
C ALA C 69 -22.31 -32.18 -24.70
N SER C 70 -22.86 -33.34 -24.34
CA SER C 70 -23.24 -34.36 -25.29
C SER C 70 -24.67 -34.15 -25.79
N ILE C 71 -25.03 -34.91 -26.83
CA ILE C 71 -26.30 -34.73 -27.51
C ILE C 71 -27.44 -35.50 -26.84
N GLN C 72 -27.15 -36.56 -26.11
CA GLN C 72 -28.18 -37.39 -25.49
C GLN C 72 -28.70 -36.80 -24.18
N SER C 73 -28.20 -35.64 -23.75
CA SER C 73 -28.57 -34.98 -22.51
C SER C 73 -29.26 -33.66 -22.81
N PRO C 74 -30.20 -33.22 -21.97
CA PRO C 74 -30.87 -31.95 -22.21
C PRO C 74 -30.11 -30.79 -21.56
N ASN C 75 -30.47 -29.58 -21.98
CA ASN C 75 -29.91 -28.39 -21.36
C ASN C 75 -31.03 -27.48 -20.88
N LEU C 76 -30.86 -26.95 -19.68
CA LEU C 76 -31.88 -26.16 -18.99
C LEU C 76 -31.42 -24.71 -18.96
N GLN C 77 -32.30 -23.79 -19.39
CA GLN C 77 -31.93 -22.39 -19.53
C GLN C 77 -33.00 -21.50 -18.92
N THR C 78 -32.63 -20.23 -18.70
CA THR C 78 -33.53 -19.22 -18.17
C THR C 78 -33.56 -18.03 -19.11
N VAL C 79 -34.77 -17.57 -19.45
CA VAL C 79 -34.95 -16.49 -20.42
C VAL C 79 -36.10 -15.59 -19.98
N ASP C 80 -36.06 -14.35 -20.46
CA ASP C 80 -37.15 -13.40 -20.27
C ASP C 80 -38.10 -13.46 -21.46
N VAL C 81 -39.38 -13.15 -21.19
CA VAL C 81 -40.41 -13.20 -22.23
C VAL C 81 -41.49 -12.20 -21.85
N ALA C 82 -42.06 -11.53 -22.86
CA ALA C 82 -43.19 -10.64 -22.68
C ALA C 82 -44.31 -11.06 -23.62
N ASN C 83 -45.53 -11.14 -23.09
CA ASN C 83 -46.69 -11.62 -23.84
C ASN C 83 -47.83 -10.63 -23.69
N LEU C 84 -48.84 -10.84 -24.49
CA LEU C 84 -50.12 -10.16 -24.28
C LEU C 84 -50.99 -10.99 -23.34
N PRO C 85 -51.92 -10.36 -22.61
CA PRO C 85 -52.90 -11.14 -21.85
C PRO C 85 -53.85 -11.88 -22.77
N SER C 86 -54.53 -12.87 -22.21
CA SER C 86 -55.32 -13.80 -23.00
C SER C 86 -56.58 -13.18 -23.59
N ASP C 87 -57.02 -12.04 -23.07
CA ASP C 87 -58.18 -11.34 -23.60
C ASP C 87 -57.82 -10.13 -24.44
N ALA C 88 -56.59 -9.64 -24.37
CA ALA C 88 -56.16 -8.46 -25.09
C ALA C 88 -55.43 -8.86 -26.37
N ASP C 89 -55.80 -8.23 -27.48
CA ASP C 89 -55.21 -8.54 -28.78
C ASP C 89 -54.56 -7.35 -29.47
N THR C 90 -54.45 -6.21 -28.80
CA THR C 90 -53.86 -5.01 -29.37
C THR C 90 -52.75 -4.51 -28.47
N LEU C 91 -51.65 -4.07 -29.09
CA LEU C 91 -50.51 -3.50 -28.39
C LEU C 91 -50.42 -2.02 -28.71
N LYS C 92 -50.22 -1.20 -27.67
CA LYS C 92 -50.10 0.25 -27.81
C LYS C 92 -48.70 0.68 -27.40
N VAL C 93 -48.08 1.50 -28.24
CA VAL C 93 -46.72 1.99 -28.03
C VAL C 93 -46.75 3.52 -28.08
N ARG C 94 -46.25 4.17 -27.04
CA ARG C 94 -46.36 5.62 -26.92
C ARG C 94 -45.01 6.26 -26.64
N PHE C 95 -44.70 7.35 -27.36
CA PHE C 95 -43.50 8.15 -27.09
C PHE C 95 -43.75 9.60 -27.52
N THR C 96 -42.77 10.45 -27.25
CA THR C 96 -42.83 11.87 -27.58
C THR C 96 -41.61 12.29 -28.39
N LEU C 97 -41.76 13.36 -29.15
CA LEU C 97 -40.72 13.84 -30.06
C LEU C 97 -40.61 15.35 -29.97
N ARG C 98 -39.40 15.87 -30.18
CA ARG C 98 -39.15 17.29 -30.02
C ARG C 98 -38.23 17.77 -31.14
N VAL C 99 -38.69 18.73 -31.94
CA VAL C 99 -37.90 19.27 -33.04
C VAL C 99 -37.33 20.61 -32.61
N LEU C 100 -36.01 20.75 -32.68
CA LEU C 100 -35.32 21.86 -32.02
C LEU C 100 -35.07 23.05 -32.96
N GLY C 101 -34.30 22.83 -34.02
CA GLY C 101 -33.98 23.91 -34.93
C GLY C 101 -32.58 24.46 -34.69
N GLY C 102 -32.10 25.22 -35.68
CA GLY C 102 -30.75 25.75 -35.65
C GLY C 102 -29.71 24.70 -35.94
N ALA C 103 -29.82 24.06 -37.11
CA ALA C 103 -29.04 22.87 -37.43
C ALA C 103 -27.67 23.20 -38.02
N GLY C 104 -27.31 24.47 -38.14
CA GLY C 104 -26.06 24.82 -38.77
C GLY C 104 -24.92 25.08 -37.81
N THR C 105 -25.21 25.76 -36.71
CA THR C 105 -24.18 26.19 -35.77
C THR C 105 -23.67 25.00 -34.97
N PRO C 106 -22.36 24.80 -34.88
CA PRO C 106 -21.82 23.75 -34.03
C PRO C 106 -21.71 24.21 -32.59
N SER C 107 -21.60 23.24 -31.68
CA SER C 107 -21.41 23.56 -30.27
C SER C 107 -19.99 24.02 -30.01
N ALA C 108 -19.02 23.15 -30.25
CA ALA C 108 -17.61 23.47 -30.06
C ALA C 108 -16.94 23.63 -31.42
N CYS C 109 -16.01 24.57 -31.51
CA CYS C 109 -15.27 24.79 -32.75
C CYS C 109 -13.93 25.40 -32.40
N ASN C 110 -12.85 24.65 -32.64
CA ASN C 110 -11.50 25.13 -32.35
C ASN C 110 -11.11 26.30 -33.25
N ASP C 111 -11.58 26.29 -34.49
CA ASP C 111 -11.20 27.29 -35.48
C ASP C 111 -12.21 28.43 -35.50
N ALA C 112 -11.79 29.55 -36.08
CA ALA C 112 -12.62 30.73 -36.24
C ALA C 112 -13.10 30.94 -37.65
N ALA C 113 -12.23 30.75 -38.66
CA ALA C 113 -12.65 30.97 -40.05
C ALA C 113 -13.48 29.81 -40.58
N TYR C 114 -13.15 28.59 -40.14
CA TYR C 114 -13.88 27.41 -40.61
C TYR C 114 -15.33 27.44 -40.13
N ARG C 115 -15.57 28.01 -38.94
CA ARG C 115 -16.93 28.07 -38.41
C ARG C 115 -17.82 29.00 -39.24
N ASP C 116 -17.35 30.21 -39.54
CA ASP C 116 -18.21 31.12 -40.29
C ASP C 116 -18.29 30.74 -41.77
N LYS C 117 -17.27 30.06 -42.30
CA LYS C 117 -17.39 29.48 -43.64
C LYS C 117 -18.45 28.39 -43.68
N LEU C 118 -18.48 27.53 -42.64
CA LEU C 118 -19.49 26.49 -42.54
C LEU C 118 -20.89 27.09 -42.37
N LEU C 119 -20.99 28.18 -41.62
CA LEU C 119 -22.27 28.84 -41.43
C LEU C 119 -22.77 29.47 -42.73
N GLN C 120 -21.86 30.04 -43.52
CA GLN C 120 -22.24 30.59 -44.82
C GLN C 120 -22.70 29.50 -45.78
N THR C 121 -22.04 28.33 -45.74
CA THR C 121 -22.43 27.20 -46.58
C THR C 121 -23.82 26.67 -46.21
N VAL C 122 -24.06 26.47 -44.90
CA VAL C 122 -25.37 25.97 -44.47
C VAL C 122 -26.45 27.02 -44.73
N ALA C 123 -26.11 28.29 -44.57
CA ALA C 123 -27.08 29.36 -44.81
C ALA C 123 -27.48 29.45 -46.28
N THR C 124 -26.51 29.30 -47.20
CA THR C 124 -26.89 29.34 -48.61
C THR C 124 -27.62 28.06 -49.02
N TYR C 125 -27.39 26.94 -48.31
CA TYR C 125 -28.22 25.76 -48.56
C TYR C 125 -29.67 26.00 -48.19
N VAL C 126 -29.91 26.52 -46.97
CA VAL C 126 -31.28 26.75 -46.51
C VAL C 126 -31.96 27.85 -47.32
N ASN C 127 -31.18 28.84 -47.78
CA ASN C 127 -31.76 29.90 -48.61
C ASN C 127 -32.07 29.40 -50.02
N GLU C 128 -31.29 28.44 -50.51
CA GLU C 128 -31.60 27.83 -51.80
C GLU C 128 -32.88 27.01 -51.73
N GLN C 129 -32.89 25.99 -50.89
CA GLN C 129 -34.07 25.15 -50.68
C GLN C 129 -34.28 24.96 -49.18
N GLY C 130 -35.53 24.85 -48.76
CA GLY C 130 -35.84 24.73 -47.36
C GLY C 130 -35.59 23.32 -46.85
N PHE C 131 -36.07 23.08 -45.64
CA PHE C 131 -36.06 21.74 -45.07
C PHE C 131 -37.33 20.97 -45.44
N ALA C 132 -37.64 20.89 -46.73
CA ALA C 132 -38.91 20.31 -47.17
C ALA C 132 -38.80 18.82 -47.47
N GLU C 133 -37.75 18.41 -48.19
CA GLU C 133 -37.56 17.00 -48.54
C GLU C 133 -37.27 16.16 -47.29
N LEU C 134 -36.40 16.67 -46.42
CA LEU C 134 -36.04 15.94 -45.20
C LEU C 134 -37.24 15.80 -44.27
N ALA C 135 -38.04 16.87 -44.14
CA ALA C 135 -39.22 16.78 -43.29
C ALA C 135 -40.29 15.89 -43.90
N ARG C 136 -40.35 15.81 -45.23
CA ARG C 136 -41.27 14.88 -45.87
C ARG C 136 -40.86 13.43 -45.60
N ARG C 137 -39.55 13.15 -45.67
CA ARG C 137 -39.06 11.80 -45.36
C ARG C 137 -39.28 11.44 -43.89
N TYR C 138 -39.07 12.40 -42.98
CA TYR C 138 -39.29 12.14 -41.56
C TYR C 138 -40.76 11.93 -41.26
N ALA C 139 -41.64 12.66 -41.94
CA ALA C 139 -43.08 12.47 -41.78
C ALA C 139 -43.52 11.13 -42.33
N HIS C 140 -42.87 10.64 -43.39
CA HIS C 140 -43.16 9.31 -43.88
C HIS C 140 -42.71 8.23 -42.91
N ASN C 141 -41.52 8.38 -42.33
CA ASN C 141 -41.04 7.41 -41.34
C ASN C 141 -41.85 7.45 -40.05
N LEU C 142 -42.50 8.57 -39.75
CA LEU C 142 -43.43 8.61 -38.63
C LEU C 142 -44.79 8.02 -39.00
N ALA C 143 -45.22 8.19 -40.25
CA ALA C 143 -46.58 7.82 -40.65
C ALA C 143 -46.75 6.31 -40.70
N ASN C 144 -45.95 5.63 -41.51
CA ASN C 144 -45.86 4.18 -41.38
C ASN C 144 -45.04 3.86 -40.13
N ALA C 145 -45.56 2.97 -39.29
CA ALA C 145 -44.93 2.69 -38.01
C ALA C 145 -43.69 1.84 -38.25
N ARG C 146 -42.61 2.47 -38.69
CA ARG C 146 -41.33 1.74 -38.87
C ARG C 146 -40.76 1.38 -37.50
N PHE C 147 -41.00 2.25 -36.52
CA PHE C 147 -40.46 2.16 -35.13
C PHE C 147 -40.95 0.93 -34.35
N LEU C 148 -42.09 0.33 -34.71
CA LEU C 148 -42.58 -0.86 -33.94
C LEU C 148 -41.67 -2.09 -34.08
N TRP C 149 -40.90 -2.20 -35.18
CA TRP C 149 -39.93 -3.30 -35.44
C TRP C 149 -40.60 -4.67 -35.54
N ARG C 150 -40.11 -5.66 -34.79
CA ARG C 150 -40.63 -7.05 -34.92
C ARG C 150 -42.12 -7.12 -34.55
N ASN C 151 -42.65 -6.06 -33.94
CA ASN C 151 -44.06 -6.07 -33.60
C ASN C 151 -44.95 -5.70 -34.79
N ARG C 152 -44.36 -5.31 -35.91
CA ARG C 152 -45.08 -4.89 -37.11
C ARG C 152 -45.26 -6.01 -38.12
N VAL C 153 -44.59 -7.14 -37.93
CA VAL C 153 -44.44 -8.12 -39.00
C VAL C 153 -45.74 -8.89 -39.22
N GLY C 154 -46.21 -9.59 -38.20
CA GLY C 154 -47.41 -10.39 -38.38
C GLY C 154 -48.68 -9.70 -37.94
N ALA C 155 -48.67 -8.37 -37.95
CA ALA C 155 -49.80 -7.61 -37.46
C ALA C 155 -50.94 -7.62 -38.46
N GLU C 156 -52.17 -7.56 -37.92
CA GLU C 156 -53.35 -7.55 -38.77
C GLU C 156 -53.73 -6.15 -39.21
N ALA C 157 -53.51 -5.15 -38.36
CA ALA C 157 -53.80 -3.75 -38.66
C ALA C 157 -52.99 -2.87 -37.73
N VAL C 158 -52.42 -1.80 -38.29
CA VAL C 158 -51.64 -0.83 -37.54
C VAL C 158 -52.26 0.55 -37.76
N GLU C 159 -52.31 1.35 -36.70
CA GLU C 159 -52.82 2.71 -36.76
C GLU C 159 -51.88 3.64 -35.99
N VAL C 160 -51.66 4.84 -36.52
CA VAL C 160 -50.75 5.81 -35.91
C VAL C 160 -51.51 7.10 -35.66
N ARG C 161 -51.43 7.62 -34.43
CA ARG C 161 -52.03 8.90 -34.07
C ARG C 161 -50.95 9.86 -33.60
N ILE C 162 -50.91 11.05 -34.21
CA ILE C 162 -49.91 12.06 -33.92
C ILE C 162 -50.63 13.31 -33.40
N ASN C 163 -50.17 13.82 -32.26
CA ASN C 163 -50.76 14.98 -31.61
C ASN C 163 -49.74 16.10 -31.51
N HIS C 164 -50.16 17.32 -31.84
CA HIS C 164 -49.34 18.52 -31.70
C HIS C 164 -49.75 19.24 -30.42
N ILE C 165 -48.86 19.30 -29.45
CA ILE C 165 -49.18 19.76 -28.11
C ILE C 165 -48.61 21.16 -27.92
N ARG C 166 -49.49 22.13 -27.70
CA ARG C 166 -49.14 23.49 -27.28
C ARG C 166 -48.98 23.54 -25.77
N GLN C 167 -49.02 24.76 -25.22
CA GLN C 167 -48.93 25.01 -23.78
C GLN C 167 -49.88 24.14 -22.95
N GLY C 168 -51.12 24.00 -23.39
CA GLY C 168 -52.06 23.17 -22.69
C GLY C 168 -52.44 21.92 -23.44
N GLU C 169 -53.61 21.94 -24.07
CA GLU C 169 -54.15 20.77 -24.74
C GLU C 169 -53.51 20.58 -26.12
N VAL C 170 -53.99 19.55 -26.82
CA VAL C 170 -53.59 19.31 -28.20
C VAL C 170 -54.26 20.35 -29.11
N ALA C 171 -53.53 20.81 -30.12
CA ALA C 171 -54.05 21.79 -31.06
C ALA C 171 -54.25 21.25 -32.47
N ARG C 172 -53.81 20.03 -32.76
CA ARG C 172 -53.87 19.45 -34.09
C ARG C 172 -53.68 17.95 -33.99
N THR C 173 -54.50 17.18 -34.73
CA THR C 173 -54.48 15.74 -34.65
C THR C 173 -54.38 15.13 -36.05
N TRP C 174 -53.52 14.12 -36.20
CA TRP C 174 -53.38 13.36 -37.44
C TRP C 174 -53.59 11.88 -37.14
N ARG C 175 -54.29 11.20 -38.04
CA ARG C 175 -54.54 9.76 -37.92
C ARG C 175 -54.19 9.09 -39.25
N PHE C 176 -53.30 8.09 -39.19
CA PHE C 176 -52.84 7.39 -40.37
C PHE C 176 -53.06 5.89 -40.21
N ASP C 177 -53.35 5.23 -41.33
CA ASP C 177 -53.38 3.78 -41.43
C ASP C 177 -52.01 3.33 -41.94
N ALA C 178 -51.24 2.66 -41.08
CA ALA C 178 -49.83 2.44 -41.34
C ALA C 178 -49.54 1.31 -42.31
N LEU C 179 -50.55 0.56 -42.74
CA LEU C 179 -50.31 -0.53 -43.67
C LEU C 179 -50.53 -0.14 -45.13
N ALA C 180 -51.29 0.92 -45.39
CA ALA C 180 -51.37 1.44 -46.74
C ALA C 180 -50.09 2.19 -47.12
N ILE C 181 -49.56 2.98 -46.20
CA ILE C 181 -48.28 3.65 -46.38
C ILE C 181 -47.18 2.59 -46.23
N GLY C 182 -46.54 2.23 -47.33
CA GLY C 182 -45.56 1.17 -47.30
C GLY C 182 -44.22 1.63 -46.77
N LEU C 183 -43.37 0.64 -46.45
CA LEU C 183 -42.02 0.92 -46.00
C LEU C 183 -41.06 1.22 -47.14
N ARG C 184 -41.49 1.08 -48.40
CA ARG C 184 -40.59 1.18 -49.55
C ARG C 184 -40.67 2.54 -50.22
N ASP C 185 -41.87 2.95 -50.63
CA ASP C 185 -42.05 4.14 -51.45
C ASP C 185 -42.31 5.37 -50.60
N PHE C 186 -41.97 6.53 -51.15
CA PHE C 186 -42.24 7.82 -50.53
C PHE C 186 -43.22 8.57 -51.43
N LYS C 187 -44.51 8.33 -51.21
CA LYS C 187 -45.57 8.91 -52.03
C LYS C 187 -46.04 10.24 -51.44
N ALA C 188 -47.16 10.74 -51.94
CA ALA C 188 -47.72 12.01 -51.48
C ALA C 188 -49.11 11.80 -50.92
N ASP C 189 -49.54 12.74 -50.09
CA ASP C 189 -50.86 12.70 -49.46
C ASP C 189 -51.33 14.13 -49.25
N ALA C 190 -52.36 14.30 -48.43
CA ALA C 190 -52.87 15.62 -48.07
C ALA C 190 -52.50 16.01 -46.64
N GLU C 191 -52.74 15.13 -45.67
CA GLU C 191 -52.37 15.43 -44.29
C GLU C 191 -50.88 15.26 -44.06
N LEU C 192 -50.23 14.42 -44.86
CA LEU C 192 -48.79 14.21 -44.71
C LEU C 192 -48.01 15.46 -45.12
N ASP C 193 -48.52 16.23 -46.08
CA ASP C 193 -47.85 17.47 -46.45
C ASP C 193 -47.99 18.52 -45.35
N ALA C 194 -49.12 18.53 -44.65
CA ALA C 194 -49.29 19.44 -43.53
C ALA C 194 -48.37 19.06 -42.38
N LEU C 195 -48.23 17.77 -42.10
CA LEU C 195 -47.31 17.31 -41.07
C LEU C 195 -45.86 17.62 -41.45
N ALA C 196 -45.52 17.48 -42.74
CA ALA C 196 -44.17 17.78 -43.20
C ALA C 196 -43.87 19.28 -43.10
N GLU C 197 -44.87 20.12 -43.35
CA GLU C 197 -44.68 21.56 -43.19
C GLU C 197 -44.52 21.93 -41.73
N LEU C 198 -45.26 21.26 -40.84
CA LEU C 198 -45.12 21.51 -39.40
C LEU C 198 -43.75 21.06 -38.89
N ILE C 199 -43.19 19.98 -39.45
CA ILE C 199 -41.85 19.55 -39.04
C ILE C 199 -40.80 20.51 -39.62
N ALA C 200 -41.03 20.99 -40.85
CA ALA C 200 -40.06 21.87 -41.50
C ALA C 200 -39.97 23.22 -40.83
N SER C 201 -41.10 23.73 -40.31
CA SER C 201 -41.09 25.00 -39.60
C SER C 201 -40.26 24.94 -38.33
N GLY C 202 -40.33 23.81 -37.62
CA GLY C 202 -39.51 23.64 -36.44
C GLY C 202 -38.06 23.31 -36.75
N LEU C 203 -37.81 22.68 -37.91
CA LEU C 203 -36.43 22.39 -38.30
C LEU C 203 -35.70 23.65 -38.73
N SER C 204 -36.40 24.59 -39.36
CA SER C 204 -35.77 25.86 -39.74
C SER C 204 -35.49 26.71 -38.52
N GLY C 205 -36.47 26.85 -37.63
CA GLY C 205 -36.26 27.56 -36.39
C GLY C 205 -37.38 28.53 -36.06
N SER C 206 -38.44 28.52 -36.84
CA SER C 206 -39.52 29.49 -36.73
C SER C 206 -40.65 29.02 -35.83
N GLY C 207 -40.38 28.13 -34.88
CA GLY C 207 -41.42 27.69 -33.96
C GLY C 207 -40.90 26.65 -33.01
N HIS C 208 -41.77 26.26 -32.09
CA HIS C 208 -41.51 25.23 -31.10
C HIS C 208 -42.42 24.05 -31.40
N VAL C 209 -41.83 22.89 -31.71
CA VAL C 209 -42.59 21.73 -32.16
C VAL C 209 -42.34 20.57 -31.20
N LEU C 210 -43.39 20.15 -30.51
CA LEU C 210 -43.38 18.96 -29.67
C LEU C 210 -44.56 18.08 -30.05
N LEU C 211 -44.29 16.84 -30.41
CA LEU C 211 -45.29 15.89 -30.88
C LEU C 211 -45.43 14.73 -29.92
N GLU C 212 -46.61 14.13 -29.88
CA GLU C 212 -46.86 12.90 -29.15
C GLU C 212 -47.34 11.83 -30.13
N VAL C 213 -46.65 10.68 -30.16
CA VAL C 213 -46.92 9.64 -31.14
C VAL C 213 -47.41 8.39 -30.42
N VAL C 214 -48.57 7.88 -30.85
CA VAL C 214 -49.17 6.67 -30.32
C VAL C 214 -49.39 5.71 -31.48
N ALA C 215 -49.09 4.43 -31.28
CA ALA C 215 -49.24 3.42 -32.32
C ALA C 215 -49.98 2.20 -31.77
N PHE C 216 -51.01 1.75 -32.49
CA PHE C 216 -51.79 0.58 -32.14
C PHE C 216 -51.54 -0.52 -33.17
N ALA C 217 -51.25 -1.74 -32.70
CA ALA C 217 -50.97 -2.86 -33.57
C ALA C 217 -51.78 -4.07 -33.15
N ARG C 218 -52.43 -4.72 -34.11
CA ARG C 218 -53.34 -5.84 -33.85
C ARG C 218 -52.65 -7.14 -34.23
N ILE C 219 -52.17 -7.88 -33.23
CA ILE C 219 -51.35 -9.06 -33.48
C ILE C 219 -51.97 -10.33 -32.91
N GLY C 220 -53.26 -10.30 -32.56
CA GLY C 220 -53.90 -11.49 -32.03
C GLY C 220 -53.71 -11.66 -30.54
N ASP C 221 -54.66 -12.30 -29.87
CA ASP C 221 -54.70 -12.32 -28.41
C ASP C 221 -53.90 -13.48 -27.84
N GLY C 222 -53.11 -13.18 -26.81
CA GLY C 222 -52.26 -14.17 -26.18
C GLY C 222 -50.89 -14.29 -26.80
N GLN C 223 -50.60 -13.58 -27.88
CA GLN C 223 -49.36 -13.75 -28.62
C GLN C 223 -48.22 -13.04 -27.90
N GLU C 224 -47.03 -13.13 -28.49
CA GLU C 224 -45.81 -12.64 -27.89
C GLU C 224 -45.44 -11.29 -28.50
N VAL C 225 -45.04 -10.36 -27.65
CA VAL C 225 -44.52 -9.06 -28.08
C VAL C 225 -43.03 -9.04 -27.84
N PHE C 226 -42.35 -8.12 -28.51
CA PHE C 226 -40.89 -8.09 -28.55
C PHE C 226 -40.37 -6.73 -28.12
N PRO C 227 -40.03 -6.54 -26.84
CA PRO C 227 -39.41 -5.29 -26.41
C PRO C 227 -37.94 -5.24 -26.77
N SER C 228 -37.24 -4.18 -26.36
CA SER C 228 -35.83 -4.04 -26.68
C SER C 228 -35.01 -4.91 -25.74
N GLN C 229 -34.05 -5.63 -26.30
CA GLN C 229 -33.18 -6.49 -25.52
C GLN C 229 -31.97 -5.71 -25.04
N GLU C 230 -31.52 -6.02 -23.84
CA GLU C 230 -30.47 -5.26 -23.17
C GLU C 230 -29.09 -5.83 -23.50
N LEU C 231 -28.13 -4.92 -23.66
CA LEU C 231 -26.72 -5.26 -23.77
C LEU C 231 -26.05 -4.91 -22.45
N ILE C 232 -25.35 -5.88 -21.85
CA ILE C 232 -24.73 -5.70 -20.55
C ILE C 232 -23.24 -5.97 -20.68
N LEU C 233 -22.42 -5.00 -20.29
CA LEU C 233 -20.97 -5.09 -20.43
C LEU C 233 -20.27 -5.43 -19.12
N ASP C 234 -21.00 -5.65 -18.03
CA ASP C 234 -20.43 -6.09 -16.77
C ASP C 234 -20.53 -7.59 -16.58
N LYS C 235 -21.63 -8.19 -17.03
CA LYS C 235 -21.85 -9.62 -16.94
C LYS C 235 -20.83 -10.39 -17.76
N GLY C 236 -20.20 -11.39 -17.14
CA GLY C 236 -19.24 -12.16 -17.90
C GLY C 236 -18.81 -13.53 -17.39
N ASP C 237 -18.84 -14.51 -18.30
CA ASP C 237 -18.01 -15.71 -18.29
C ASP C 237 -18.17 -16.56 -17.02
N LYS C 238 -19.38 -17.10 -16.86
CA LYS C 238 -19.62 -18.10 -15.84
C LYS C 238 -20.78 -18.96 -16.28
N LYS C 239 -20.65 -20.28 -16.12
CA LYS C 239 -21.77 -21.17 -16.38
C LYS C 239 -22.80 -21.02 -15.27
N GLY C 240 -24.05 -20.77 -15.67
CA GLY C 240 -25.12 -20.50 -14.72
C GLY C 240 -25.77 -19.15 -14.87
N GLN C 241 -25.43 -18.37 -15.90
CA GLN C 241 -25.98 -17.05 -16.11
C GLN C 241 -27.35 -17.12 -16.76
N LYS C 242 -27.97 -15.96 -16.95
CA LYS C 242 -29.19 -15.82 -17.73
C LYS C 242 -28.83 -15.37 -19.14
N SER C 243 -29.49 -15.95 -20.13
CA SER C 243 -29.11 -15.68 -21.51
C SER C 243 -29.82 -14.49 -22.12
N LYS C 244 -31.02 -14.14 -21.65
CA LYS C 244 -31.81 -13.11 -22.29
C LYS C 244 -32.40 -12.19 -21.23
N THR C 245 -32.07 -10.90 -21.30
CA THR C 245 -32.61 -9.87 -20.44
C THR C 245 -33.28 -8.81 -21.29
N LEU C 246 -34.50 -8.43 -20.92
CA LEU C 246 -35.26 -7.44 -21.65
C LEU C 246 -35.29 -6.13 -20.89
N TYR C 247 -35.53 -5.04 -21.62
CA TYR C 247 -35.47 -3.69 -21.08
C TYR C 247 -36.82 -3.29 -20.53
N SER C 248 -36.81 -2.67 -19.35
CA SER C 248 -38.04 -2.24 -18.70
C SER C 248 -37.73 -1.05 -17.82
N VAL C 249 -38.70 -0.14 -17.72
CA VAL C 249 -38.62 1.00 -16.82
C VAL C 249 -39.82 0.97 -15.87
N ARG C 250 -39.54 0.74 -14.59
CA ARG C 250 -40.52 0.68 -13.49
C ARG C 250 -41.61 -0.37 -13.74
N ASP C 251 -41.16 -1.62 -13.93
CA ASP C 251 -42.01 -2.80 -14.07
C ASP C 251 -42.97 -2.67 -15.27
N ALA C 252 -42.43 -2.22 -16.40
CA ALA C 252 -43.22 -2.06 -17.61
C ALA C 252 -42.27 -2.18 -18.79
N ALA C 253 -42.61 -3.05 -19.75
CA ALA C 253 -41.73 -3.29 -20.89
C ALA C 253 -41.64 -2.05 -21.77
N ALA C 254 -40.48 -1.86 -22.39
CA ALA C 254 -40.20 -0.63 -23.10
C ALA C 254 -39.24 -0.92 -24.24
N ILE C 255 -39.11 0.06 -25.14
CA ILE C 255 -38.12 0.05 -26.20
C ILE C 255 -37.19 1.24 -25.97
N HIS C 256 -35.90 1.05 -26.28
CA HIS C 256 -34.90 2.09 -26.12
C HIS C 256 -35.22 3.30 -26.98
N SER C 257 -34.66 4.45 -26.60
CA SER C 257 -34.91 5.66 -27.38
C SER C 257 -34.06 5.72 -28.64
N GLN C 258 -32.84 5.18 -28.60
CA GLN C 258 -32.01 5.18 -29.80
C GLN C 258 -32.51 4.21 -30.86
N LYS C 259 -33.29 3.20 -30.47
CA LYS C 259 -33.87 2.31 -31.46
C LYS C 259 -34.98 3.01 -32.24
N ILE C 260 -35.79 3.81 -31.56
CA ILE C 260 -36.79 4.62 -32.26
C ILE C 260 -36.13 5.72 -33.04
N GLY C 261 -34.99 6.24 -32.57
CA GLY C 261 -34.24 7.21 -33.36
C GLY C 261 -33.70 6.62 -34.65
N ASN C 262 -33.23 5.37 -34.59
CA ASN C 262 -32.81 4.68 -35.80
C ASN C 262 -33.98 4.40 -36.72
N ALA C 263 -35.15 4.11 -36.16
CA ALA C 263 -36.33 3.83 -36.98
C ALA C 263 -36.86 5.09 -37.65
N LEU C 264 -36.70 6.25 -37.01
CA LEU C 264 -37.12 7.50 -37.64
C LEU C 264 -36.05 8.10 -38.54
N ARG C 265 -34.80 7.66 -38.42
CA ARG C 265 -33.71 8.23 -39.19
C ARG C 265 -33.47 7.54 -40.52
N THR C 266 -34.05 6.37 -40.76
CA THR C 266 -33.77 5.60 -41.96
C THR C 266 -34.52 6.18 -43.16
N ILE C 267 -33.89 7.18 -43.79
CA ILE C 267 -34.45 7.84 -44.96
C ILE C 267 -33.51 7.79 -46.15
N ASP C 268 -32.35 7.15 -46.03
CA ASP C 268 -31.28 7.26 -47.01
C ASP C 268 -31.52 6.29 -48.18
N THR C 269 -31.99 6.82 -49.30
CA THR C 269 -32.23 6.04 -50.50
C THR C 269 -31.31 6.44 -51.64
N TRP C 270 -30.14 7.01 -51.36
CA TRP C 270 -29.26 7.52 -52.39
C TRP C 270 -27.86 6.94 -52.33
N TYR C 271 -27.68 5.77 -51.74
CA TYR C 271 -26.35 5.21 -51.59
C TYR C 271 -25.84 4.65 -52.92
N PRO C 272 -24.54 4.33 -53.00
CA PRO C 272 -23.90 3.95 -54.28
C PRO C 272 -24.50 2.76 -54.99
N ASP C 273 -24.83 1.70 -54.26
CA ASP C 273 -25.36 0.49 -54.87
C ASP C 273 -26.82 0.68 -55.29
N GLU C 274 -27.45 -0.42 -55.69
CA GLU C 274 -28.85 -0.38 -56.10
C GLU C 274 -29.76 -0.07 -54.93
N ASP C 275 -30.30 1.14 -54.90
CA ASP C 275 -31.20 1.57 -53.84
C ASP C 275 -32.65 1.22 -54.11
N GLY C 276 -32.92 0.30 -55.03
CA GLY C 276 -34.27 -0.21 -55.21
C GLY C 276 -34.72 -1.17 -54.13
N LEU C 277 -33.77 -1.78 -53.42
CA LEU C 277 -34.12 -2.71 -52.36
C LEU C 277 -34.70 -2.02 -51.13
N GLY C 278 -34.40 -0.74 -50.92
CA GLY C 278 -34.97 0.00 -49.83
C GLY C 278 -34.03 1.02 -49.22
N PRO C 279 -34.52 1.77 -48.24
CA PRO C 279 -33.70 2.77 -47.56
C PRO C 279 -32.98 2.26 -46.32
N ILE C 280 -31.87 2.92 -46.01
CA ILE C 280 -31.08 2.61 -44.82
C ILE C 280 -30.97 3.86 -43.96
N ALA C 281 -30.26 3.78 -42.85
CA ALA C 281 -30.14 4.89 -41.92
C ALA C 281 -29.02 5.84 -42.33
N VAL C 282 -29.20 7.11 -41.99
CA VAL C 282 -28.23 8.16 -42.31
C VAL C 282 -27.14 8.14 -41.26
N GLU C 283 -25.92 7.82 -41.67
CA GLU C 283 -24.77 7.80 -40.77
C GLU C 283 -23.51 7.96 -41.62
N PRO C 284 -22.39 8.35 -41.01
CA PRO C 284 -21.12 8.29 -41.74
C PRO C 284 -20.77 6.85 -42.10
N TYR C 285 -20.28 6.67 -43.32
CA TYR C 285 -19.83 5.42 -43.95
C TYR C 285 -20.97 4.44 -44.16
N GLY C 286 -22.24 4.86 -44.07
CA GLY C 286 -23.45 4.16 -44.49
C GLY C 286 -23.60 2.67 -44.26
N SER C 287 -23.47 2.22 -43.02
CA SER C 287 -23.29 0.81 -42.72
C SER C 287 -24.50 0.21 -42.04
N VAL C 288 -24.97 -0.93 -42.54
CA VAL C 288 -25.97 -1.76 -41.87
C VAL C 288 -25.23 -2.95 -41.30
N THR C 289 -25.08 -2.99 -39.97
CA THR C 289 -24.18 -3.96 -39.36
C THR C 289 -24.85 -5.31 -39.14
N SER C 290 -26.17 -5.34 -38.92
CA SER C 290 -26.86 -6.60 -38.73
C SER C 290 -26.89 -7.43 -40.00
N GLN C 291 -26.90 -6.79 -41.17
CA GLN C 291 -26.69 -7.50 -42.42
C GLN C 291 -25.22 -7.75 -42.71
N GLY C 292 -24.32 -7.03 -42.05
CA GLY C 292 -22.90 -7.23 -42.22
C GLY C 292 -22.27 -6.46 -43.35
N LYS C 293 -22.97 -5.48 -43.91
CA LYS C 293 -22.51 -4.73 -45.06
C LYS C 293 -22.19 -3.28 -44.66
N ALA C 294 -21.70 -2.53 -45.64
CA ALA C 294 -21.44 -1.10 -45.46
C ALA C 294 -21.50 -0.45 -46.83
N TYR C 295 -22.55 0.33 -47.07
CA TYR C 295 -22.63 1.14 -48.28
C TYR C 295 -21.79 2.39 -48.07
N ARG C 296 -21.69 3.26 -49.08
CA ARG C 296 -21.01 4.55 -49.02
C ARG C 296 -19.58 4.46 -48.49
N GLN C 297 -18.80 3.50 -49.00
CA GLN C 297 -17.45 3.29 -48.52
C GLN C 297 -16.54 4.44 -48.93
N PRO C 298 -15.47 4.70 -48.18
CA PRO C 298 -14.57 5.81 -48.53
C PRO C 298 -13.63 5.54 -49.69
N LYS C 299 -13.82 4.45 -50.46
CA LYS C 299 -13.04 4.26 -51.68
C LYS C 299 -13.33 5.34 -52.70
N GLN C 300 -14.61 5.55 -53.01
CA GLN C 300 -15.02 6.65 -53.87
C GLN C 300 -15.27 7.89 -53.01
N LYS C 301 -15.81 8.94 -53.62
CA LYS C 301 -16.18 10.16 -52.90
C LYS C 301 -17.67 10.14 -52.55
N LEU C 302 -18.07 9.13 -51.78
CA LEU C 302 -19.48 8.92 -51.47
C LEU C 302 -19.80 8.89 -49.98
N ASP C 303 -18.80 8.95 -49.11
CA ASP C 303 -19.08 8.98 -47.69
C ASP C 303 -19.32 10.41 -47.24
N PHE C 304 -19.50 10.60 -45.93
CA PHE C 304 -19.90 11.91 -45.41
C PHE C 304 -18.75 12.90 -45.42
N TYR C 305 -17.58 12.46 -44.93
CA TYR C 305 -16.49 13.40 -44.67
C TYR C 305 -15.87 13.94 -45.96
N THR C 306 -15.82 13.11 -47.00
CA THR C 306 -15.29 13.55 -48.28
C THR C 306 -16.16 14.65 -48.90
N LEU C 307 -17.48 14.41 -48.93
CA LEU C 307 -18.43 15.40 -49.43
C LEU C 307 -18.40 16.68 -48.62
N LEU C 308 -18.32 16.56 -47.29
CA LEU C 308 -18.34 17.73 -46.41
C LEU C 308 -17.09 18.58 -46.59
N ASP C 309 -15.92 17.94 -46.58
CA ASP C 309 -14.67 18.67 -46.74
C ASP C 309 -14.54 19.29 -48.12
N ASN C 310 -15.01 18.59 -49.16
CA ASN C 310 -14.99 19.18 -50.51
C ASN C 310 -15.91 20.40 -50.58
N TRP C 311 -17.13 20.27 -50.06
CA TRP C 311 -18.12 21.35 -50.12
C TRP C 311 -17.68 22.58 -49.35
N VAL C 312 -17.08 22.39 -48.18
CA VAL C 312 -16.72 23.55 -47.36
C VAL C 312 -15.37 24.12 -47.79
N LEU C 313 -14.34 23.28 -47.90
CA LEU C 313 -13.00 23.79 -48.14
C LEU C 313 -12.77 24.19 -49.61
N ARG C 314 -13.34 23.46 -50.57
CA ARG C 314 -13.01 23.69 -51.97
C ARG C 314 -14.19 24.16 -52.81
N ASP C 315 -15.30 24.55 -52.18
CA ASP C 315 -16.50 25.15 -52.77
C ASP C 315 -17.24 24.25 -53.74
N GLU C 316 -16.87 22.98 -53.86
CA GLU C 316 -17.48 22.08 -54.84
C GLU C 316 -18.82 21.59 -54.30
N ALA C 317 -19.90 22.12 -54.84
CA ALA C 317 -21.23 21.71 -54.40
C ALA C 317 -21.59 20.38 -55.06
N PRO C 318 -21.91 19.34 -54.28
CA PRO C 318 -22.32 18.07 -54.88
C PRO C 318 -23.74 18.11 -55.44
N ALA C 319 -24.24 16.95 -55.87
CA ALA C 319 -25.64 16.85 -56.28
C ALA C 319 -26.56 17.06 -55.09
N VAL C 320 -27.83 17.37 -55.39
CA VAL C 320 -28.77 17.82 -54.36
C VAL C 320 -29.11 16.70 -53.39
N GLU C 321 -29.07 15.45 -53.87
CA GLU C 321 -29.34 14.32 -52.97
C GLU C 321 -28.19 14.12 -51.98
N GLN C 322 -26.96 14.36 -52.44
CA GLN C 322 -25.82 14.28 -51.52
C GLN C 322 -25.81 15.47 -50.56
N GLN C 323 -26.33 16.63 -50.99
CA GLN C 323 -26.52 17.74 -50.07
C GLN C 323 -27.56 17.41 -49.01
N HIS C 324 -28.65 16.74 -49.40
CA HIS C 324 -29.64 16.26 -48.45
C HIS C 324 -29.02 15.28 -47.46
N TYR C 325 -28.14 14.40 -47.95
CA TYR C 325 -27.48 13.43 -47.09
C TYR C 325 -26.56 14.10 -46.08
N VAL C 326 -25.80 15.10 -46.52
CA VAL C 326 -24.88 15.81 -45.62
C VAL C 326 -25.63 16.62 -44.57
N ILE C 327 -26.72 17.28 -44.99
CA ILE C 327 -27.48 18.10 -44.05
C ILE C 327 -28.23 17.22 -43.04
N ALA C 328 -28.74 16.06 -43.48
CA ALA C 328 -29.31 15.11 -42.52
C ALA C 328 -28.25 14.53 -41.59
N ASN C 329 -27.01 14.40 -42.09
CA ASN C 329 -25.94 13.87 -41.27
C ASN C 329 -25.44 14.87 -40.22
N LEU C 330 -25.64 16.16 -40.44
CA LEU C 330 -25.37 17.11 -39.35
C LEU C 330 -26.61 17.47 -38.53
N ILE C 331 -27.80 17.15 -39.02
CA ILE C 331 -28.98 17.11 -38.14
C ILE C 331 -28.82 15.98 -37.13
N ARG C 332 -28.23 14.86 -37.55
CA ARG C 332 -28.02 13.73 -36.65
C ARG C 332 -27.04 14.05 -35.53
N GLY C 333 -25.90 14.65 -35.85
CA GLY C 333 -24.94 15.06 -34.87
C GLY C 333 -23.71 14.17 -34.85
N GLY C 334 -22.80 14.50 -33.95
CA GLY C 334 -21.61 13.69 -33.76
C GLY C 334 -20.31 14.46 -33.62
N VAL C 335 -19.21 13.75 -33.47
CA VAL C 335 -17.90 14.34 -33.27
C VAL C 335 -17.13 14.24 -34.58
N PHE C 336 -16.93 15.38 -35.25
CA PHE C 336 -16.26 15.43 -36.54
C PHE C 336 -15.01 16.28 -36.42
N GLY C 337 -13.91 15.69 -36.00
CA GLY C 337 -12.68 16.44 -35.77
C GLY C 337 -11.47 15.68 -36.25
N GLU C 338 -10.45 16.44 -36.65
CA GLU C 338 -9.20 15.85 -37.12
C GLU C 338 -8.03 16.27 -36.25
N LEU D 6 6.43 55.46 -9.47
CA LEU D 6 5.42 54.52 -8.99
C LEU D 6 5.36 53.29 -9.88
N SER D 7 5.22 52.12 -9.27
CA SER D 7 5.22 50.86 -10.01
C SER D 7 4.20 49.93 -9.39
N THR D 8 3.63 49.05 -10.21
CA THR D 8 2.62 48.11 -9.74
C THR D 8 3.26 47.07 -8.82
N ALA D 9 2.43 46.50 -7.94
CA ALA D 9 2.92 45.50 -7.00
C ALA D 9 3.25 44.20 -7.71
N SER D 10 3.99 43.33 -7.02
CA SER D 10 4.28 42.01 -7.54
C SER D 10 3.33 40.95 -7.01
N VAL D 11 2.57 41.24 -5.96
CA VAL D 11 1.54 40.35 -5.44
C VAL D 11 0.26 41.16 -5.29
N LEU D 12 -0.80 40.74 -5.98
CA LEU D 12 -2.12 41.36 -5.87
C LEU D 12 -3.15 40.25 -5.99
N ALA D 13 -4.07 40.19 -5.03
CA ALA D 13 -4.99 39.06 -4.97
C ALA D 13 -6.37 39.59 -4.56
N PHE D 14 -7.27 39.72 -5.53
CA PHE D 14 -8.61 40.17 -5.24
C PHE D 14 -9.51 38.95 -4.97
N GLU D 15 -10.61 39.19 -4.27
CA GLU D 15 -11.59 38.16 -4.00
C GLU D 15 -12.84 38.42 -4.83
N ARG D 16 -13.58 37.36 -5.10
CA ARG D 16 -14.73 37.44 -6.00
C ARG D 16 -15.96 37.92 -5.24
N LYS D 17 -16.74 38.77 -5.88
CA LYS D 17 -18.10 39.04 -5.46
C LYS D 17 -19.02 38.18 -6.34
N LEU D 18 -20.32 38.21 -6.03
CA LEU D 18 -21.34 37.35 -6.66
C LEU D 18 -20.95 35.87 -6.53
N ASP D 19 -21.06 35.36 -5.31
CA ASP D 19 -20.72 33.98 -4.98
C ASP D 19 -21.88 33.04 -5.28
N PRO D 20 -21.80 32.16 -6.29
CA PRO D 20 -22.90 31.22 -6.55
C PRO D 20 -22.76 29.91 -5.81
N SER D 21 -23.66 28.97 -6.06
CA SER D 21 -23.63 27.66 -5.44
C SER D 21 -24.01 26.60 -6.46
N ASP D 22 -23.70 25.34 -6.15
CA ASP D 22 -24.06 24.23 -7.04
C ASP D 22 -25.57 24.04 -7.06
N ALA D 23 -26.15 24.06 -8.25
CA ALA D 23 -27.59 24.00 -8.41
C ALA D 23 -28.04 22.57 -8.65
N LEU D 24 -29.02 22.11 -7.88
CA LEU D 24 -29.50 20.74 -7.92
C LEU D 24 -30.77 20.66 -8.76
N MET D 25 -30.92 19.55 -9.48
CA MET D 25 -32.00 19.35 -10.43
C MET D 25 -33.08 18.45 -9.86
N SER D 26 -34.33 18.78 -10.16
CA SER D 26 -35.47 17.97 -9.76
C SER D 26 -36.52 18.02 -10.85
N ALA D 27 -37.50 17.12 -10.76
CA ALA D 27 -38.44 16.91 -11.87
C ALA D 27 -39.87 16.91 -11.36
N GLY D 28 -40.77 17.49 -12.15
CA GLY D 28 -42.17 17.50 -11.80
C GLY D 28 -43.08 17.97 -12.92
N ALA D 29 -44.21 18.55 -12.57
CA ALA D 29 -45.20 18.97 -13.54
C ALA D 29 -45.43 20.47 -13.45
N TRP D 30 -45.72 21.09 -14.60
CA TRP D 30 -46.19 22.46 -14.63
C TRP D 30 -47.57 22.55 -13.98
N ALA D 31 -47.97 23.78 -13.65
CA ALA D 31 -49.16 24.13 -12.88
C ALA D 31 -49.18 23.50 -11.49
N GLN D 32 -48.01 23.13 -10.95
CA GLN D 32 -47.86 22.77 -9.55
C GLN D 32 -46.56 23.34 -8.98
N ARG D 33 -46.06 24.43 -9.58
CA ARG D 33 -44.76 24.98 -9.20
C ARG D 33 -44.78 25.63 -7.83
N ASP D 34 -45.95 26.09 -7.39
CA ASP D 34 -46.06 26.75 -6.09
C ASP D 34 -45.98 25.79 -4.92
N ALA D 35 -46.07 24.48 -5.17
CA ALA D 35 -45.88 23.46 -4.14
C ALA D 35 -44.74 22.52 -4.51
N SER D 36 -43.73 23.05 -5.20
CA SER D 36 -42.63 22.25 -5.75
C SER D 36 -41.45 22.17 -4.80
N GLN D 37 -41.70 21.81 -3.54
CA GLN D 37 -40.63 21.69 -2.55
C GLN D 37 -40.36 20.25 -2.15
N GLU D 38 -41.17 19.30 -2.61
CA GLU D 38 -40.95 17.88 -2.34
C GLU D 38 -40.92 17.10 -3.64
N TRP D 39 -40.38 17.71 -4.69
CA TRP D 39 -40.25 17.04 -5.97
C TRP D 39 -39.03 16.12 -5.94
N PRO D 40 -39.12 14.91 -6.49
CA PRO D 40 -37.99 13.98 -6.42
C PRO D 40 -36.87 14.42 -7.34
N ALA D 41 -35.69 13.87 -7.09
CA ALA D 41 -34.50 14.29 -7.80
C ALA D 41 -34.46 13.66 -9.20
N VAL D 42 -33.44 14.02 -9.96
CA VAL D 42 -33.15 13.41 -11.25
C VAL D 42 -31.86 12.63 -11.07
N THR D 43 -31.93 11.32 -11.29
CA THR D 43 -30.80 10.43 -11.06
C THR D 43 -30.03 10.20 -12.34
N VAL D 44 -28.72 9.98 -12.19
CA VAL D 44 -27.82 9.79 -13.32
C VAL D 44 -27.78 8.30 -13.62
N ARG D 45 -28.46 7.89 -14.67
CA ARG D 45 -28.48 6.50 -15.12
C ARG D 45 -27.22 6.17 -15.91
N GLU D 46 -26.97 4.88 -16.06
CA GLU D 46 -25.85 4.36 -16.83
C GLU D 46 -26.36 3.30 -17.78
N LYS D 47 -26.03 3.42 -19.07
CA LYS D 47 -26.58 2.52 -20.05
C LYS D 47 -25.51 2.10 -21.06
N SER D 48 -25.63 0.87 -21.54
CA SER D 48 -24.76 0.35 -22.59
C SER D 48 -25.50 0.41 -23.92
N VAL D 49 -24.80 0.91 -24.94
CA VAL D 49 -25.37 1.10 -26.28
C VAL D 49 -24.52 0.34 -27.29
N ARG D 50 -25.09 0.13 -28.46
CA ARG D 50 -24.42 -0.52 -29.58
C ARG D 50 -24.56 0.37 -30.81
N GLY D 51 -23.44 0.87 -31.31
CA GLY D 51 -23.47 1.77 -32.45
C GLY D 51 -22.46 1.39 -33.50
N THR D 52 -22.19 2.29 -34.43
CA THR D 52 -21.26 2.05 -35.52
C THR D 52 -20.00 2.89 -35.33
N ILE D 53 -18.99 2.60 -36.14
CA ILE D 53 -17.78 3.41 -36.20
C ILE D 53 -18.09 4.63 -37.06
N SER D 54 -18.04 5.81 -36.46
CA SER D 54 -18.39 7.05 -37.14
C SER D 54 -17.40 8.16 -36.85
N ASN D 55 -16.13 7.80 -36.77
CA ASN D 55 -15.04 8.76 -36.63
C ASN D 55 -14.16 8.69 -37.86
N ARG D 56 -13.25 9.65 -37.97
CA ARG D 56 -12.32 9.69 -39.10
C ARG D 56 -11.27 8.59 -38.94
N LEU D 57 -11.22 7.68 -39.90
CA LEU D 57 -10.27 6.58 -39.85
C LEU D 57 -8.86 7.07 -40.14
N LYS D 58 -7.88 6.43 -39.51
CA LYS D 58 -6.47 6.78 -39.67
C LYS D 58 -5.85 5.78 -40.64
N THR D 59 -5.63 6.23 -41.88
CA THR D 59 -5.05 5.39 -42.92
C THR D 59 -3.65 5.88 -43.32
N LYS D 60 -2.87 6.33 -42.33
CA LYS D 60 -1.52 6.77 -42.61
C LYS D 60 -0.61 5.59 -42.91
N ASP D 61 -0.46 4.67 -41.95
CA ASP D 61 0.39 3.50 -42.13
C ASP D 61 -0.24 2.23 -41.60
N ARG D 62 -1.55 2.22 -41.35
CA ARG D 62 -2.23 1.02 -40.89
C ARG D 62 -2.55 0.11 -42.08
N ASP D 63 -3.35 -0.92 -41.85
CA ASP D 63 -3.75 -1.84 -42.91
C ASP D 63 -4.67 -1.13 -43.90
N PRO D 64 -4.25 -0.97 -45.16
CA PRO D 64 -5.04 -0.17 -46.10
C PRO D 64 -6.32 -0.84 -46.56
N ALA D 65 -6.37 -2.17 -46.58
CA ALA D 65 -7.55 -2.86 -47.04
C ALA D 65 -7.89 -4.12 -46.24
N LYS D 66 -7.13 -4.45 -45.19
CA LYS D 66 -7.34 -5.69 -44.46
C LYS D 66 -8.11 -5.46 -43.16
N LEU D 67 -7.57 -4.63 -42.27
CA LEU D 67 -8.22 -4.33 -41.00
C LEU D 67 -9.17 -3.15 -41.11
N ASP D 68 -9.36 -2.60 -42.30
CA ASP D 68 -10.31 -1.51 -42.51
C ASP D 68 -11.75 -2.02 -42.68
N ALA D 69 -11.99 -3.31 -42.42
CA ALA D 69 -13.33 -3.80 -42.16
C ALA D 69 -13.63 -3.80 -40.66
N SER D 70 -13.29 -2.68 -40.00
CA SER D 70 -13.79 -2.40 -38.67
C SER D 70 -15.20 -1.84 -38.72
N ILE D 71 -15.56 -1.26 -39.86
CA ILE D 71 -16.95 -1.05 -40.26
C ILE D 71 -17.47 -2.42 -40.66
N GLN D 72 -18.81 -2.58 -40.69
CA GLN D 72 -19.61 -3.82 -40.73
C GLN D 72 -19.51 -4.61 -39.43
N SER D 73 -18.83 -4.08 -38.41
CA SER D 73 -18.78 -4.66 -37.09
C SER D 73 -19.15 -3.56 -36.11
N PRO D 74 -19.98 -3.82 -35.11
CA PRO D 74 -20.46 -2.76 -34.24
C PRO D 74 -19.41 -2.38 -33.21
N ASN D 75 -19.73 -1.35 -32.41
CA ASN D 75 -18.94 -1.10 -31.22
C ASN D 75 -19.89 -0.81 -30.07
N LEU D 76 -19.57 -1.37 -28.91
CA LEU D 76 -20.43 -1.36 -27.74
C LEU D 76 -19.83 -0.46 -26.68
N GLN D 77 -20.60 0.55 -26.27
CA GLN D 77 -20.10 1.58 -25.37
C GLN D 77 -20.99 1.71 -24.14
N THR D 78 -20.51 2.47 -23.16
CA THR D 78 -21.25 2.75 -21.94
C THR D 78 -21.27 4.24 -21.72
N VAL D 79 -22.41 4.80 -21.33
CA VAL D 79 -22.54 6.24 -21.12
C VAL D 79 -23.42 6.51 -19.92
N ASP D 80 -23.12 7.61 -19.23
CA ASP D 80 -24.06 8.21 -18.30
C ASP D 80 -25.10 9.00 -19.06
N VAL D 81 -26.32 9.05 -18.51
CA VAL D 81 -27.41 9.78 -19.12
C VAL D 81 -28.35 10.23 -18.02
N ALA D 82 -29.08 11.31 -18.26
CA ALA D 82 -30.11 11.77 -17.35
C ALA D 82 -31.42 11.93 -18.10
N ASN D 83 -32.53 11.78 -17.39
CA ASN D 83 -33.83 11.76 -18.04
C ASN D 83 -34.89 12.18 -17.04
N LEU D 84 -35.98 12.74 -17.54
CA LEU D 84 -37.16 12.97 -16.75
C LEU D 84 -37.99 11.70 -16.67
N PRO D 85 -38.82 11.55 -15.63
CA PRO D 85 -39.81 10.46 -15.65
C PRO D 85 -40.85 10.70 -16.72
N SER D 86 -41.57 9.63 -17.06
CA SER D 86 -42.54 9.70 -18.14
C SER D 86 -43.82 10.44 -17.76
N ASP D 87 -44.00 10.83 -16.50
CA ASP D 87 -45.15 11.60 -16.07
C ASP D 87 -44.80 13.04 -15.68
N ALA D 88 -43.58 13.49 -15.91
CA ALA D 88 -43.10 14.78 -15.48
C ALA D 88 -42.67 15.59 -16.69
N ASP D 89 -43.05 16.87 -16.73
CA ASP D 89 -42.72 17.73 -17.87
C ASP D 89 -42.26 19.11 -17.41
N THR D 90 -41.48 19.16 -16.34
CA THR D 90 -40.90 20.42 -15.87
C THR D 90 -39.64 20.13 -15.09
N LEU D 91 -38.55 20.78 -15.48
CA LEU D 91 -37.27 20.70 -14.78
C LEU D 91 -37.12 21.89 -13.84
N LYS D 92 -36.64 21.62 -12.63
CA LYS D 92 -36.50 22.65 -11.60
C LYS D 92 -35.06 22.70 -11.13
N VAL D 93 -34.48 23.91 -11.19
CA VAL D 93 -33.08 24.14 -10.86
C VAL D 93 -33.00 25.26 -9.83
N ARG D 94 -32.33 25.00 -8.70
CA ARG D 94 -32.38 25.87 -7.53
C ARG D 94 -30.99 26.12 -6.98
N PHE D 95 -30.60 27.40 -6.84
CA PHE D 95 -29.32 27.75 -6.24
C PHE D 95 -29.48 29.03 -5.41
N THR D 96 -28.42 29.38 -4.68
CA THR D 96 -28.38 30.59 -3.87
C THR D 96 -27.23 31.49 -4.34
N LEU D 97 -27.26 32.74 -3.89
CA LEU D 97 -26.31 33.74 -4.36
C LEU D 97 -26.07 34.79 -3.27
N ARG D 98 -24.82 35.20 -3.11
CA ARG D 98 -24.42 36.23 -2.15
C ARG D 98 -23.83 37.42 -2.88
N VAL D 99 -24.12 38.63 -2.40
CA VAL D 99 -23.43 39.84 -2.86
C VAL D 99 -22.69 40.42 -1.66
N LEU D 100 -21.41 40.73 -1.83
CA LEU D 100 -20.51 40.93 -0.69
C LEU D 100 -20.11 42.38 -0.44
N GLY D 101 -19.67 43.12 -1.45
CA GLY D 101 -19.26 44.49 -1.23
C GLY D 101 -17.83 44.66 -0.75
N GLY D 102 -17.24 45.82 -1.03
CA GLY D 102 -15.83 46.02 -0.80
C GLY D 102 -14.99 45.52 -1.96
N ALA D 103 -15.22 46.05 -3.15
CA ALA D 103 -14.66 45.51 -4.38
C ALA D 103 -13.38 46.21 -4.82
N GLY D 104 -13.01 47.34 -4.21
CA GLY D 104 -11.82 48.05 -4.62
C GLY D 104 -10.57 47.64 -3.87
N THR D 105 -10.73 47.22 -2.62
CA THR D 105 -9.61 46.86 -1.76
C THR D 105 -9.06 45.49 -2.16
N PRO D 106 -7.73 45.36 -2.24
CA PRO D 106 -7.15 44.03 -2.41
C PRO D 106 -7.02 43.30 -1.09
N SER D 107 -7.06 41.98 -1.17
CA SER D 107 -7.00 41.13 0.01
C SER D 107 -5.58 40.77 0.41
N ALA D 108 -4.61 40.91 -0.49
CA ALA D 108 -3.22 40.64 -0.17
C ALA D 108 -2.36 41.43 -1.13
N CYS D 109 -1.78 42.53 -0.66
CA CYS D 109 -0.94 43.39 -1.48
C CYS D 109 0.53 43.22 -1.09
N ASN D 110 1.39 43.91 -1.83
CA ASN D 110 2.85 43.84 -1.70
C ASN D 110 3.48 45.21 -1.55
N ASP D 111 2.96 46.22 -2.24
CA ASP D 111 3.47 47.57 -2.23
C ASP D 111 2.60 48.44 -1.34
N ALA D 112 3.06 49.66 -1.07
CA ALA D 112 2.35 50.59 -0.19
C ALA D 112 1.77 51.78 -0.94
N ALA D 113 2.57 52.46 -1.77
CA ALA D 113 2.09 53.64 -2.46
C ALA D 113 1.15 53.27 -3.61
N TYR D 114 1.38 52.11 -4.24
CA TYR D 114 0.50 51.66 -5.30
C TYR D 114 -0.89 51.33 -4.79
N ARG D 115 -0.99 50.73 -3.60
CA ARG D 115 -2.28 50.41 -3.02
C ARG D 115 -3.05 51.68 -2.64
N ASP D 116 -2.35 52.66 -2.07
CA ASP D 116 -3.00 53.92 -1.70
C ASP D 116 -3.36 54.75 -2.93
N LYS D 117 -2.69 54.53 -4.07
CA LYS D 117 -3.10 55.20 -5.30
C LYS D 117 -4.28 54.49 -5.93
N LEU D 118 -4.29 53.16 -5.89
CA LEU D 118 -5.35 52.37 -6.49
C LEU D 118 -6.68 52.57 -5.77
N LEU D 119 -6.63 52.73 -4.45
CA LEU D 119 -7.85 52.97 -3.68
C LEU D 119 -8.48 54.31 -4.02
N GLN D 120 -7.66 55.34 -4.23
CA GLN D 120 -8.18 56.64 -4.65
C GLN D 120 -8.67 56.62 -6.09
N THR D 121 -8.01 55.83 -6.95
CA THR D 121 -8.45 55.69 -8.34
C THR D 121 -9.82 55.00 -8.43
N VAL D 122 -10.04 53.99 -7.60
CA VAL D 122 -11.35 53.36 -7.54
C VAL D 122 -12.36 54.28 -6.87
N ALA D 123 -11.92 55.07 -5.88
CA ALA D 123 -12.82 55.90 -5.10
C ALA D 123 -13.38 57.06 -5.93
N THR D 124 -12.57 57.64 -6.82
CA THR D 124 -13.08 58.73 -7.64
C THR D 124 -14.11 58.22 -8.66
N TYR D 125 -13.97 56.98 -9.12
CA TYR D 125 -14.97 56.40 -10.01
C TYR D 125 -16.26 56.10 -9.27
N VAL D 126 -16.17 55.50 -8.09
CA VAL D 126 -17.38 55.15 -7.35
C VAL D 126 -18.05 56.41 -6.78
N ASN D 127 -17.32 57.52 -6.69
CA ASN D 127 -17.97 58.78 -6.37
C ASN D 127 -18.69 59.36 -7.58
N GLU D 128 -18.01 59.42 -8.74
CA GLU D 128 -18.64 60.05 -9.90
C GLU D 128 -19.71 59.17 -10.55
N GLN D 129 -19.62 57.84 -10.38
CA GLN D 129 -20.60 56.91 -10.94
C GLN D 129 -20.82 55.80 -9.91
N GLY D 130 -22.00 55.75 -9.33
CA GLY D 130 -22.37 54.62 -8.50
C GLY D 130 -22.52 53.36 -9.33
N PHE D 131 -22.61 52.23 -8.62
CA PHE D 131 -22.69 50.93 -9.30
C PHE D 131 -24.04 50.71 -9.95
N ALA D 132 -24.36 51.48 -10.99
CA ALA D 132 -25.68 51.42 -11.60
C ALA D 132 -25.72 50.54 -12.84
N GLU D 133 -24.72 50.64 -13.70
CA GLU D 133 -24.75 49.90 -14.97
C GLU D 133 -24.44 48.43 -14.77
N LEU D 134 -23.43 48.11 -13.96
CA LEU D 134 -23.04 46.73 -13.72
C LEU D 134 -24.12 45.96 -12.99
N ALA D 135 -24.76 46.60 -12.01
CA ALA D 135 -25.87 45.96 -11.30
C ALA D 135 -27.06 45.74 -12.21
N ARG D 136 -27.28 46.67 -13.16
CA ARG D 136 -28.35 46.52 -14.13
C ARG D 136 -28.11 45.32 -15.03
N ARG D 137 -26.89 45.15 -15.51
CA ARG D 137 -26.61 44.03 -16.39
C ARG D 137 -26.56 42.70 -15.64
N TYR D 138 -26.15 42.70 -14.37
CA TYR D 138 -26.20 41.47 -13.57
C TYR D 138 -27.63 41.06 -13.28
N ALA D 139 -28.51 42.06 -13.03
CA ALA D 139 -29.93 41.77 -12.86
C ALA D 139 -30.54 41.24 -14.15
N HIS D 140 -30.06 41.73 -15.30
CA HIS D 140 -30.54 41.23 -16.59
C HIS D 140 -30.10 39.78 -16.81
N ASN D 141 -28.86 39.46 -16.47
CA ASN D 141 -28.38 38.09 -16.63
C ASN D 141 -29.00 37.13 -15.62
N LEU D 142 -29.51 37.63 -14.50
CA LEU D 142 -30.26 36.78 -13.58
C LEU D 142 -31.71 36.61 -14.04
N ALA D 143 -32.29 37.64 -14.66
CA ALA D 143 -33.72 37.63 -14.95
C ALA D 143 -34.08 36.64 -16.05
N ASN D 144 -33.35 36.65 -17.16
CA ASN D 144 -33.46 35.60 -18.15
C ASN D 144 -32.63 34.43 -17.68
N ALA D 145 -33.19 33.22 -17.77
CA ALA D 145 -32.53 32.07 -17.17
C ALA D 145 -31.35 31.61 -18.01
N ARG D 146 -30.28 32.40 -18.01
CA ARG D 146 -29.09 32.07 -18.80
C ARG D 146 -28.33 30.89 -18.23
N PHE D 147 -28.51 30.59 -16.93
CA PHE D 147 -27.74 29.54 -16.27
C PHE D 147 -28.26 28.15 -16.57
N LEU D 148 -29.34 28.01 -17.34
CA LEU D 148 -29.76 26.75 -17.94
C LEU D 148 -29.19 26.75 -19.35
N TRP D 149 -28.14 25.98 -19.59
CA TRP D 149 -27.37 26.19 -20.80
C TRP D 149 -28.01 25.51 -22.02
N ARG D 150 -28.09 24.18 -22.01
CA ARG D 150 -28.76 23.46 -23.08
C ARG D 150 -30.17 23.07 -22.72
N ASN D 151 -30.58 23.29 -21.48
CA ASN D 151 -31.96 23.05 -21.06
C ASN D 151 -32.88 24.23 -21.37
N ARG D 152 -32.37 25.28 -21.99
CA ARG D 152 -33.13 26.46 -22.39
C ARG D 152 -33.41 26.48 -23.88
N VAL D 153 -32.86 25.53 -24.64
CA VAL D 153 -32.92 25.60 -26.10
C VAL D 153 -34.31 25.20 -26.59
N GLY D 154 -34.76 24.00 -26.23
CA GLY D 154 -36.04 23.52 -26.71
C GLY D 154 -37.21 23.83 -25.81
N ALA D 155 -37.04 24.65 -24.79
CA ALA D 155 -38.11 24.92 -23.84
C ALA D 155 -39.17 25.82 -24.46
N GLU D 156 -40.41 25.65 -24.00
CA GLU D 156 -41.50 26.51 -24.42
C GLU D 156 -41.92 27.51 -23.36
N ALA D 157 -41.50 27.30 -22.12
CA ALA D 157 -41.86 28.18 -21.02
C ALA D 157 -40.78 28.08 -19.96
N VAL D 158 -40.01 29.14 -19.76
CA VAL D 158 -39.07 29.25 -18.67
C VAL D 158 -39.56 30.32 -17.72
N GLU D 159 -39.48 30.05 -16.43
CA GLU D 159 -40.02 30.95 -15.40
C GLU D 159 -39.06 31.01 -14.23
N VAL D 160 -38.65 32.23 -13.85
CA VAL D 160 -37.63 32.43 -12.83
C VAL D 160 -38.27 33.11 -11.62
N ARG D 161 -37.96 32.61 -10.43
CA ARG D 161 -38.37 33.23 -9.17
C ARG D 161 -37.12 33.56 -8.37
N ILE D 162 -37.04 34.77 -7.84
CA ILE D 162 -35.88 35.22 -7.09
C ILE D 162 -36.35 35.84 -5.78
N ASN D 163 -35.89 35.27 -4.66
CA ASN D 163 -36.24 35.74 -3.33
C ASN D 163 -35.05 36.43 -2.68
N HIS D 164 -35.34 37.45 -1.87
CA HIS D 164 -34.35 38.17 -1.08
C HIS D 164 -34.52 37.72 0.36
N ILE D 165 -33.71 36.75 0.78
CA ILE D 165 -33.88 36.10 2.06
C ILE D 165 -33.16 36.90 3.14
N ARG D 166 -33.91 37.41 4.10
CA ARG D 166 -33.38 38.16 5.22
C ARG D 166 -33.89 37.52 6.50
N GLN D 167 -32.96 36.99 7.31
CA GLN D 167 -33.23 36.27 8.57
C GLN D 167 -34.17 35.09 8.34
N GLY D 168 -33.71 34.16 7.52
CA GLY D 168 -34.44 32.93 7.29
C GLY D 168 -35.58 33.01 6.30
N GLU D 169 -36.57 33.84 6.61
CA GLU D 169 -37.79 33.91 5.82
C GLU D 169 -37.72 35.06 4.81
N VAL D 170 -38.54 34.95 3.77
CA VAL D 170 -38.45 35.82 2.61
C VAL D 170 -39.04 37.19 2.94
N ALA D 171 -38.38 38.23 2.43
CA ALA D 171 -38.82 39.62 2.59
C ALA D 171 -39.31 40.25 1.29
N ARG D 172 -38.76 39.87 0.14
CA ARG D 172 -39.16 40.45 -1.13
C ARG D 172 -38.93 39.45 -2.26
N THR D 173 -39.97 39.20 -3.06
CA THR D 173 -39.92 38.27 -4.17
C THR D 173 -40.00 39.00 -5.49
N TRP D 174 -39.41 38.40 -6.51
CA TRP D 174 -39.53 38.85 -7.89
C TRP D 174 -39.82 37.64 -8.77
N ARG D 175 -40.66 37.83 -9.78
CA ARG D 175 -41.05 36.77 -10.68
C ARG D 175 -40.88 37.25 -12.11
N PHE D 176 -40.23 36.44 -12.94
CA PHE D 176 -39.92 36.85 -14.30
C PHE D 176 -40.21 35.72 -15.26
N ASP D 177 -40.60 36.10 -16.48
CA ASP D 177 -40.78 35.19 -17.60
C ASP D 177 -39.52 35.29 -18.46
N ALA D 178 -38.71 34.24 -18.43
CA ALA D 178 -37.36 34.28 -18.97
C ALA D 178 -37.30 34.28 -20.50
N LEU D 179 -38.42 34.14 -21.20
CA LEU D 179 -38.37 34.17 -22.65
C LEU D 179 -38.69 35.54 -23.24
N ALA D 180 -39.35 36.42 -22.48
CA ALA D 180 -39.57 37.79 -22.94
C ALA D 180 -38.27 38.60 -22.87
N ILE D 181 -37.59 38.53 -21.74
CA ILE D 181 -36.24 39.10 -21.63
C ILE D 181 -35.31 38.21 -22.43
N GLY D 182 -34.83 38.70 -23.57
CA GLY D 182 -33.97 37.89 -24.42
C GLY D 182 -32.55 37.80 -23.93
N LEU D 183 -31.60 37.65 -24.85
CA LEU D 183 -30.20 37.59 -24.49
C LEU D 183 -29.35 38.68 -25.14
N ARG D 184 -29.91 39.47 -26.04
CA ARG D 184 -29.11 40.43 -26.81
C ARG D 184 -29.12 41.83 -26.20
N ASP D 185 -30.28 42.45 -26.12
CA ASP D 185 -30.39 43.85 -25.73
C ASP D 185 -30.74 43.97 -24.26
N PHE D 186 -30.52 45.16 -23.71
CA PHE D 186 -30.73 45.43 -22.29
C PHE D 186 -31.78 46.54 -22.16
N LYS D 187 -33.04 46.14 -21.98
CA LYS D 187 -34.14 47.08 -21.89
C LYS D 187 -34.63 47.19 -20.45
N ALA D 188 -35.49 48.17 -20.22
CA ALA D 188 -35.87 48.57 -18.86
C ALA D 188 -37.15 47.89 -18.40
N ASP D 189 -37.35 47.90 -17.08
CA ASP D 189 -38.53 47.42 -16.37
C ASP D 189 -38.41 47.92 -14.94
N ALA D 190 -39.55 48.16 -14.30
CA ALA D 190 -39.54 48.63 -12.91
C ALA D 190 -39.03 47.55 -11.96
N GLU D 191 -39.39 46.29 -12.21
CA GLU D 191 -38.89 45.19 -11.41
C GLU D 191 -37.39 45.01 -11.60
N LEU D 192 -36.92 45.21 -12.84
CA LEU D 192 -35.48 45.12 -13.11
C LEU D 192 -34.72 46.27 -12.46
N ASP D 193 -35.32 47.47 -12.39
CA ASP D 193 -34.69 48.57 -11.67
C ASP D 193 -34.66 48.32 -10.17
N ALA D 194 -35.71 47.70 -9.63
CA ALA D 194 -35.74 47.34 -8.20
C ALA D 194 -34.66 46.33 -7.87
N LEU D 195 -34.53 45.29 -8.70
CA LEU D 195 -33.50 44.28 -8.48
C LEU D 195 -32.10 44.86 -8.67
N ALA D 196 -31.96 45.81 -9.61
CA ALA D 196 -30.67 46.44 -9.85
C ALA D 196 -30.24 47.31 -8.68
N GLU D 197 -31.17 48.06 -8.09
CA GLU D 197 -30.81 48.86 -6.92
C GLU D 197 -30.56 47.98 -5.70
N LEU D 198 -31.27 46.86 -5.56
CA LEU D 198 -30.97 45.94 -4.46
C LEU D 198 -29.63 45.25 -4.64
N ILE D 199 -29.20 45.02 -5.87
CA ILE D 199 -27.86 44.47 -6.10
C ILE D 199 -26.81 45.55 -5.85
N ALA D 200 -27.09 46.79 -6.28
CA ALA D 200 -26.13 47.88 -6.12
C ALA D 200 -25.94 48.27 -4.66
N SER D 201 -26.94 48.03 -3.82
CA SER D 201 -26.80 48.28 -2.39
C SER D 201 -25.72 47.39 -1.79
N GLY D 202 -25.76 46.09 -2.08
CA GLY D 202 -24.74 45.18 -1.63
C GLY D 202 -23.43 45.27 -2.39
N LEU D 203 -23.45 45.84 -3.59
CA LEU D 203 -22.20 46.05 -4.32
C LEU D 203 -21.44 47.26 -3.81
N SER D 204 -22.16 48.30 -3.38
CA SER D 204 -21.49 49.41 -2.70
C SER D 204 -21.05 48.99 -1.31
N GLY D 205 -21.94 48.35 -0.56
CA GLY D 205 -21.60 47.86 0.77
C GLY D 205 -22.61 48.30 1.81
N SER D 206 -23.73 48.85 1.37
CA SER D 206 -24.70 49.45 2.28
C SER D 206 -25.52 48.42 3.05
N GLY D 207 -25.64 47.20 2.54
CA GLY D 207 -26.46 46.21 3.20
C GLY D 207 -25.97 44.79 3.01
N HIS D 208 -26.83 43.83 3.28
CA HIS D 208 -26.52 42.41 3.18
C HIS D 208 -27.49 41.77 2.20
N VAL D 209 -26.97 41.26 1.08
CA VAL D 209 -27.80 40.76 -0.01
C VAL D 209 -27.55 39.26 -0.17
N LEU D 210 -28.55 38.45 0.19
CA LEU D 210 -28.54 37.01 -0.04
C LEU D 210 -29.82 36.64 -0.77
N LEU D 211 -29.69 36.11 -1.98
CA LEU D 211 -30.83 35.76 -2.83
C LEU D 211 -30.89 34.26 -3.04
N GLU D 212 -32.11 33.77 -3.28
CA GLU D 212 -32.38 32.39 -3.65
C GLU D 212 -33.08 32.39 -5.01
N VAL D 213 -32.50 31.68 -5.98
CA VAL D 213 -32.98 31.71 -7.35
C VAL D 213 -33.46 30.31 -7.73
N VAL D 214 -34.72 30.22 -8.16
CA VAL D 214 -35.33 28.99 -8.65
C VAL D 214 -35.75 29.22 -10.10
N ALA D 215 -35.57 28.20 -10.94
CA ALA D 215 -35.94 28.30 -12.35
C ALA D 215 -36.66 27.03 -12.77
N PHE D 216 -37.81 27.21 -13.43
CA PHE D 216 -38.59 26.11 -13.98
C PHE D 216 -38.56 26.18 -15.50
N ALA D 217 -38.21 25.07 -16.14
CA ALA D 217 -38.22 24.96 -17.60
C ALA D 217 -39.21 23.90 -18.02
N ARG D 218 -39.97 24.17 -19.08
CA ARG D 218 -40.97 23.23 -19.58
C ARG D 218 -40.47 22.63 -20.89
N ILE D 219 -40.14 21.34 -20.87
CA ILE D 219 -39.49 20.73 -22.02
C ILE D 219 -40.30 19.57 -22.60
N GLY D 220 -41.11 18.90 -21.77
CA GLY D 220 -41.93 17.80 -22.22
C GLY D 220 -41.77 16.57 -21.36
N ASP D 221 -42.54 15.55 -21.70
CA ASP D 221 -42.65 14.34 -20.89
C ASP D 221 -41.55 13.35 -21.24
N GLY D 222 -40.75 12.98 -20.25
CA GLY D 222 -39.75 11.94 -20.42
C GLY D 222 -38.57 12.32 -21.27
N GLN D 223 -38.33 13.61 -21.48
CA GLN D 223 -37.25 14.06 -22.34
C GLN D 223 -35.92 14.01 -21.60
N GLU D 224 -34.86 14.42 -22.28
CA GLU D 224 -33.50 14.36 -21.75
C GLU D 224 -33.10 15.71 -21.18
N VAL D 225 -32.48 15.68 -20.00
CA VAL D 225 -31.95 16.88 -19.36
C VAL D 225 -30.44 16.77 -19.33
N PHE D 226 -29.78 17.92 -19.19
CA PHE D 226 -28.34 18.02 -19.39
C PHE D 226 -27.66 18.62 -18.17
N PRO D 227 -27.21 17.78 -17.24
CA PRO D 227 -26.34 18.26 -16.16
C PRO D 227 -24.92 18.53 -16.63
N SER D 228 -24.02 18.89 -15.71
CA SER D 228 -22.65 19.17 -16.10
C SER D 228 -21.87 17.89 -16.31
N GLN D 229 -21.11 17.84 -17.41
CA GLN D 229 -20.21 16.73 -17.67
C GLN D 229 -18.89 16.99 -16.98
N GLU D 230 -18.31 15.94 -16.40
CA GLU D 230 -17.18 16.10 -15.52
C GLU D 230 -15.86 15.92 -16.25
N LEU D 231 -14.86 16.66 -15.79
CA LEU D 231 -13.48 16.54 -16.25
C LEU D 231 -12.70 15.72 -15.24
N ILE D 232 -12.12 14.62 -15.69
CA ILE D 232 -11.37 13.70 -14.84
C ILE D 232 -9.92 13.72 -15.31
N LEU D 233 -9.01 14.09 -14.40
CA LEU D 233 -7.62 14.30 -14.75
C LEU D 233 -6.69 13.20 -14.25
N ASP D 234 -7.24 12.11 -13.73
CA ASP D 234 -6.44 10.93 -13.37
C ASP D 234 -7.12 9.67 -13.89
N LYS D 235 -7.60 9.71 -15.13
CA LYS D 235 -8.45 8.64 -15.63
C LYS D 235 -7.67 7.51 -16.28
N GLY D 236 -6.54 7.80 -16.92
CA GLY D 236 -5.84 6.74 -17.61
C GLY D 236 -6.39 6.51 -19.00
N ASP D 237 -5.52 6.13 -19.94
CA ASP D 237 -5.87 6.17 -21.35
C ASP D 237 -5.87 4.81 -22.02
N LYS D 238 -5.93 3.71 -21.26
CA LYS D 238 -5.76 2.38 -21.85
C LYS D 238 -6.87 1.97 -22.81
N LYS D 239 -8.06 1.66 -22.29
CA LYS D 239 -9.22 1.19 -23.06
C LYS D 239 -10.35 0.93 -22.07
N GLY D 240 -11.54 0.71 -22.60
CA GLY D 240 -12.66 0.26 -21.80
C GLY D 240 -13.23 1.25 -20.82
N GLN D 241 -12.93 2.53 -20.96
CA GLN D 241 -13.43 3.54 -20.04
C GLN D 241 -14.86 3.92 -20.42
N LYS D 242 -15.43 4.89 -19.70
CA LYS D 242 -16.82 5.26 -19.93
C LYS D 242 -16.98 6.42 -20.91
N SER D 243 -16.08 7.40 -20.86
CA SER D 243 -15.97 8.56 -21.77
C SER D 243 -17.13 9.56 -21.67
N LYS D 244 -18.12 9.34 -20.81
CA LYS D 244 -19.07 10.41 -20.47
C LYS D 244 -19.54 10.20 -19.05
N THR D 245 -19.07 11.04 -18.13
CA THR D 245 -19.43 10.96 -16.72
C THR D 245 -20.12 12.25 -16.33
N LEU D 246 -21.34 12.12 -15.82
CA LEU D 246 -22.11 13.29 -15.41
C LEU D 246 -21.87 13.60 -13.94
N TYR D 247 -22.04 14.87 -13.58
CA TYR D 247 -21.77 15.35 -12.24
C TYR D 247 -23.04 15.30 -11.41
N SER D 248 -22.96 14.66 -10.24
CA SER D 248 -24.10 14.57 -9.33
C SER D 248 -23.62 14.75 -7.91
N VAL D 249 -24.49 15.33 -7.08
CA VAL D 249 -24.20 15.57 -5.66
C VAL D 249 -25.12 14.70 -4.81
N ARG D 250 -24.62 13.52 -4.42
CA ARG D 250 -25.29 12.56 -3.53
C ARG D 250 -26.65 12.12 -4.10
N ASP D 251 -26.56 11.38 -5.21
CA ASP D 251 -27.70 10.76 -5.90
C ASP D 251 -28.69 11.81 -6.42
N ALA D 252 -28.16 12.92 -6.94
CA ALA D 252 -28.99 13.98 -7.50
C ALA D 252 -28.13 14.74 -8.50
N ALA D 253 -28.54 14.73 -9.77
CA ALA D 253 -27.79 15.40 -10.81
C ALA D 253 -27.79 16.91 -10.60
N ALA D 254 -26.64 17.54 -10.81
CA ALA D 254 -26.45 18.94 -10.45
C ALA D 254 -25.59 19.63 -11.49
N ILE D 255 -25.44 20.95 -11.35
CA ILE D 255 -24.63 21.79 -12.23
C ILE D 255 -23.51 22.41 -11.41
N HIS D 256 -22.34 22.57 -12.02
CA HIS D 256 -21.19 23.23 -11.39
C HIS D 256 -21.50 24.67 -11.03
N SER D 257 -20.77 25.20 -10.06
CA SER D 257 -20.99 26.57 -9.63
C SER D 257 -20.25 27.57 -10.49
N GLN D 258 -19.10 27.19 -11.05
CA GLN D 258 -18.36 28.09 -11.93
C GLN D 258 -19.09 28.30 -13.24
N LYS D 259 -19.90 27.34 -13.67
CA LYS D 259 -20.70 27.52 -14.88
C LYS D 259 -21.82 28.53 -14.67
N ILE D 260 -22.44 28.51 -13.49
CA ILE D 260 -23.47 29.50 -13.17
C ILE D 260 -22.85 30.88 -13.01
N GLY D 261 -21.67 30.96 -12.41
CA GLY D 261 -20.96 32.23 -12.35
C GLY D 261 -20.56 32.75 -13.72
N ASN D 262 -20.19 31.83 -14.62
CA ASN D 262 -19.86 32.23 -15.99
C ASN D 262 -21.09 32.72 -16.74
N ALA D 263 -22.24 32.12 -16.48
CA ALA D 263 -23.49 32.59 -17.09
C ALA D 263 -23.88 33.96 -16.56
N LEU D 264 -23.69 34.17 -15.25
CA LEU D 264 -24.00 35.46 -14.64
C LEU D 264 -23.03 36.56 -15.07
N ARG D 265 -21.81 36.20 -15.47
CA ARG D 265 -20.80 37.19 -15.81
C ARG D 265 -20.92 37.74 -17.23
N THR D 266 -21.76 37.15 -18.07
CA THR D 266 -21.85 37.52 -19.50
C THR D 266 -22.60 38.85 -19.61
N ILE D 267 -21.88 39.94 -19.34
CA ILE D 267 -22.42 41.29 -19.46
C ILE D 267 -21.61 42.15 -20.40
N ASP D 268 -20.48 41.66 -20.91
CA ASP D 268 -19.54 42.49 -21.67
C ASP D 268 -20.08 42.74 -23.06
N THR D 269 -20.74 43.88 -23.25
CA THR D 269 -21.19 44.33 -24.56
C THR D 269 -20.30 45.42 -25.15
N TRP D 270 -19.14 45.69 -24.55
CA TRP D 270 -18.20 46.67 -25.08
C TRP D 270 -16.90 45.95 -25.41
N TYR D 271 -16.70 45.64 -26.68
CA TYR D 271 -15.41 45.15 -27.14
C TYR D 271 -15.25 45.56 -28.59
N PRO D 272 -14.09 45.24 -29.21
CA PRO D 272 -13.69 45.90 -30.46
C PRO D 272 -14.57 45.68 -31.67
N ASP D 273 -14.81 44.43 -32.05
CA ASP D 273 -15.46 44.11 -33.31
C ASP D 273 -16.90 43.62 -33.13
N GLU D 274 -17.63 44.19 -32.18
CA GLU D 274 -19.04 43.86 -32.03
C GLU D 274 -19.88 44.66 -33.01
N ASP D 275 -20.77 43.96 -33.70
CA ASP D 275 -21.78 44.58 -34.54
C ASP D 275 -23.17 44.10 -34.13
N GLY D 276 -23.37 43.92 -32.83
CA GLY D 276 -24.62 43.43 -32.30
C GLY D 276 -24.70 41.94 -32.11
N LEU D 277 -23.57 41.24 -32.10
CA LEU D 277 -23.57 39.79 -32.00
C LEU D 277 -24.00 39.31 -30.62
N GLY D 278 -23.73 40.08 -29.57
CA GLY D 278 -24.13 39.73 -28.24
C GLY D 278 -23.00 39.76 -27.25
N PRO D 279 -23.33 39.71 -25.96
CA PRO D 279 -22.30 39.82 -24.92
C PRO D 279 -21.49 38.55 -24.79
N ILE D 280 -20.27 38.72 -24.25
CA ILE D 280 -19.39 37.63 -23.86
C ILE D 280 -19.08 37.79 -22.38
N ALA D 281 -18.39 36.80 -21.82
CA ALA D 281 -18.03 36.87 -20.42
C ALA D 281 -16.86 37.82 -20.20
N VAL D 282 -16.85 38.45 -19.03
CA VAL D 282 -15.82 39.44 -18.71
C VAL D 282 -14.58 38.72 -18.22
N GLU D 283 -13.58 38.62 -19.08
CA GLU D 283 -12.29 38.01 -18.78
C GLU D 283 -11.19 38.97 -19.18
N PRO D 284 -9.99 38.82 -18.59
CA PRO D 284 -8.82 39.49 -19.18
C PRO D 284 -8.46 38.82 -20.50
N TYR D 285 -8.17 39.65 -21.51
CA TYR D 285 -8.08 39.25 -22.93
C TYR D 285 -9.32 38.48 -23.34
N GLY D 286 -10.46 39.17 -23.35
CA GLY D 286 -11.77 38.54 -23.32
C GLY D 286 -12.06 37.56 -24.44
N SER D 287 -12.01 36.28 -24.08
CA SER D 287 -11.89 35.20 -25.04
C SER D 287 -12.92 34.13 -24.75
N VAL D 288 -13.40 33.51 -25.81
CA VAL D 288 -14.31 32.38 -25.74
C VAL D 288 -13.56 31.19 -26.30
N THR D 289 -13.09 30.30 -25.42
CA THR D 289 -12.34 29.14 -25.85
C THR D 289 -13.22 28.09 -26.52
N SER D 290 -14.53 28.12 -26.27
CA SER D 290 -15.47 27.22 -26.93
C SER D 290 -15.75 27.61 -28.37
N GLN D 291 -15.32 28.80 -28.80
CA GLN D 291 -15.41 29.20 -30.19
C GLN D 291 -14.05 29.43 -30.83
N GLY D 292 -12.97 29.47 -30.05
CA GLY D 292 -11.65 29.70 -30.57
C GLY D 292 -11.29 31.16 -30.79
N LYS D 293 -12.26 32.05 -30.81
CA LYS D 293 -12.00 33.47 -30.98
C LYS D 293 -11.45 34.08 -29.70
N ALA D 294 -10.67 35.14 -29.87
CA ALA D 294 -10.18 35.93 -28.73
C ALA D 294 -10.34 37.40 -29.09
N TYR D 295 -11.31 38.06 -28.49
CA TYR D 295 -11.41 39.51 -28.56
C TYR D 295 -10.40 40.08 -27.58
N ARG D 296 -10.22 41.40 -27.59
CA ARG D 296 -9.38 42.15 -26.65
C ARG D 296 -7.94 41.63 -26.56
N GLN D 297 -7.31 41.40 -27.71
CA GLN D 297 -5.92 41.01 -27.73
C GLN D 297 -5.03 42.17 -27.27
N PRO D 298 -3.86 41.87 -26.70
CA PRO D 298 -2.98 42.96 -26.27
C PRO D 298 -2.35 43.78 -27.39
N LYS D 299 -2.50 43.37 -28.66
CA LYS D 299 -2.05 44.22 -29.78
C LYS D 299 -2.84 45.52 -29.82
N GLN D 300 -4.16 45.42 -29.85
CA GLN D 300 -5.00 46.58 -29.62
C GLN D 300 -4.92 46.98 -28.15
N LYS D 301 -4.99 48.26 -27.88
CA LYS D 301 -4.75 48.72 -26.51
C LYS D 301 -5.97 48.53 -25.57
N LEU D 302 -7.02 47.80 -25.95
CA LEU D 302 -8.23 47.65 -25.13
C LEU D 302 -8.15 46.50 -24.15
N ASP D 303 -6.95 46.01 -23.85
CA ASP D 303 -6.73 44.96 -22.88
C ASP D 303 -6.99 45.50 -21.46
N PHE D 304 -7.24 44.58 -20.53
CA PHE D 304 -7.51 44.97 -19.15
C PHE D 304 -6.25 45.49 -18.46
N TYR D 305 -5.12 44.82 -18.65
CA TYR D 305 -3.89 45.18 -17.93
C TYR D 305 -3.34 46.51 -18.40
N THR D 306 -3.40 46.77 -19.72
CA THR D 306 -2.94 48.04 -20.24
C THR D 306 -3.82 49.19 -19.78
N LEU D 307 -5.13 48.96 -19.72
CA LEU D 307 -6.07 49.97 -19.25
C LEU D 307 -5.85 50.29 -17.78
N LEU D 308 -5.60 49.25 -16.97
CA LEU D 308 -5.39 49.47 -15.53
C LEU D 308 -4.07 50.18 -15.26
N ASP D 309 -3.01 49.78 -15.98
CA ASP D 309 -1.71 50.42 -15.82
C ASP D 309 -1.77 51.89 -16.25
N ASN D 310 -2.43 52.18 -17.37
CA ASN D 310 -2.55 53.56 -17.82
C ASN D 310 -3.44 54.37 -16.90
N TRP D 311 -4.45 53.75 -16.29
CA TRP D 311 -5.34 54.50 -15.42
C TRP D 311 -4.67 54.86 -14.09
N VAL D 312 -3.95 53.92 -13.50
CA VAL D 312 -3.36 54.17 -12.18
C VAL D 312 -2.02 54.88 -12.30
N LEU D 313 -1.08 54.29 -13.05
CA LEU D 313 0.28 54.80 -13.07
C LEU D 313 0.40 56.11 -13.84
N ARG D 314 -0.22 56.19 -15.01
CA ARG D 314 0.01 57.28 -15.95
C ARG D 314 -1.05 58.38 -15.89
N ASP D 315 -2.11 58.20 -15.09
CA ASP D 315 -3.26 59.11 -15.00
C ASP D 315 -3.91 59.36 -16.35
N GLU D 316 -4.22 58.27 -17.06
CA GLU D 316 -4.91 58.32 -18.35
C GLU D 316 -6.30 57.74 -18.15
N ALA D 317 -7.28 58.60 -17.95
CA ALA D 317 -8.66 58.16 -17.75
C ALA D 317 -9.27 57.72 -19.07
N PRO D 318 -9.64 56.44 -19.20
CA PRO D 318 -10.23 55.97 -20.46
C PRO D 318 -11.68 56.37 -20.61
N ALA D 319 -12.32 55.86 -21.67
CA ALA D 319 -13.76 56.04 -21.83
C ALA D 319 -14.53 55.32 -20.73
N VAL D 320 -15.80 55.71 -20.57
CA VAL D 320 -16.59 55.24 -19.43
C VAL D 320 -16.91 53.76 -19.56
N GLU D 321 -17.02 53.25 -20.79
CA GLU D 321 -17.32 51.84 -20.99
C GLU D 321 -16.12 50.97 -20.64
N GLN D 322 -14.91 51.44 -20.94
CA GLN D 322 -13.71 50.73 -20.51
C GLN D 322 -13.52 50.82 -19.01
N GLN D 323 -14.00 51.90 -18.38
CA GLN D 323 -14.04 51.97 -16.92
C GLN D 323 -14.98 50.92 -16.35
N HIS D 324 -16.14 50.73 -16.99
CA HIS D 324 -17.06 49.66 -16.62
C HIS D 324 -16.42 48.29 -16.76
N TYR D 325 -15.64 48.09 -17.83
CA TYR D 325 -14.96 46.82 -18.06
C TYR D 325 -13.87 46.54 -17.01
N VAL D 326 -13.09 47.57 -16.66
CA VAL D 326 -12.02 47.41 -15.68
C VAL D 326 -12.60 47.13 -14.29
N ILE D 327 -13.65 47.85 -13.92
CA ILE D 327 -14.27 47.65 -12.61
C ILE D 327 -14.98 46.30 -12.55
N ALA D 328 -15.55 45.85 -13.67
CA ALA D 328 -16.14 44.51 -13.72
C ALA D 328 -15.08 43.43 -13.56
N ASN D 329 -13.88 43.66 -14.09
CA ASN D 329 -12.78 42.72 -13.87
C ASN D 329 -12.29 42.74 -12.44
N LEU D 330 -12.32 43.89 -11.77
CA LEU D 330 -11.93 43.93 -10.35
C LEU D 330 -12.99 43.26 -9.47
N ILE D 331 -14.26 43.33 -9.86
CA ILE D 331 -15.31 42.61 -9.16
C ILE D 331 -15.19 41.11 -9.39
N ARG D 332 -14.73 40.71 -10.58
CA ARG D 332 -14.58 39.29 -10.90
C ARG D 332 -13.54 38.61 -10.04
N GLY D 333 -12.44 39.29 -9.74
CA GLY D 333 -11.40 38.75 -8.89
C GLY D 333 -10.25 38.18 -9.69
N GLY D 334 -9.26 37.68 -8.96
CA GLY D 334 -8.13 37.03 -9.58
C GLY D 334 -6.81 37.51 -9.04
N VAL D 335 -5.75 37.02 -9.67
CA VAL D 335 -4.38 37.25 -9.24
C VAL D 335 -3.69 38.13 -10.26
N PHE D 336 -3.35 39.34 -9.86
CA PHE D 336 -2.66 40.29 -10.72
C PHE D 336 -1.35 40.69 -10.05
N GLY D 337 -0.43 41.25 -10.81
CA GLY D 337 0.81 41.75 -10.26
C GLY D 337 2.05 41.51 -11.10
N GLU D 338 3.02 42.41 -10.95
CA GLU D 338 4.32 42.43 -11.64
C GLU D 338 4.19 42.42 -13.15
N ILE E 5 28.92 47.34 33.36
CA ILE E 5 28.19 48.39 32.68
C ILE E 5 26.83 47.82 32.24
N LEU E 6 26.64 46.54 32.53
CA LEU E 6 25.39 45.80 32.35
C LEU E 6 24.93 45.80 30.89
N SER E 7 25.72 45.12 30.07
CA SER E 7 25.29 44.85 28.70
C SER E 7 24.21 43.77 28.69
N THR E 8 23.47 43.72 27.58
CA THR E 8 22.40 42.75 27.40
C THR E 8 22.98 41.34 27.27
N ALA E 9 22.23 40.35 27.75
CA ALA E 9 22.66 38.96 27.70
C ALA E 9 22.71 38.45 26.27
N SER E 10 23.48 37.38 26.07
CA SER E 10 23.72 36.90 24.72
C SER E 10 22.61 35.98 24.24
N VAL E 11 22.07 35.13 25.12
CA VAL E 11 20.92 34.29 24.76
C VAL E 11 19.74 34.68 25.63
N LEU E 12 18.57 34.80 25.02
CA LEU E 12 17.30 34.99 25.71
C LEU E 12 16.26 34.10 25.07
N ALA E 13 15.28 33.67 25.87
CA ALA E 13 14.22 32.81 25.36
C ALA E 13 13.01 32.94 26.27
N PHE E 14 11.89 33.34 25.69
CA PHE E 14 10.63 33.49 26.42
C PHE E 14 9.60 32.53 25.86
N GLU E 15 8.68 32.11 26.72
CA GLU E 15 7.61 31.21 26.32
C GLU E 15 6.42 31.99 25.80
N ARG E 16 5.50 31.26 25.17
CA ARG E 16 4.31 31.88 24.62
C ARG E 16 3.16 31.73 25.57
N LYS E 17 2.61 32.86 26.02
CA LYS E 17 1.46 32.84 26.91
C LYS E 17 0.22 32.66 26.05
N LEU E 18 -0.87 32.19 26.65
CA LEU E 18 -2.14 31.94 25.94
C LEU E 18 -2.04 31.14 24.63
N ASP E 19 -1.83 29.83 24.74
CA ASP E 19 -1.71 28.97 23.57
C ASP E 19 -3.00 28.21 23.21
N PRO E 20 -3.53 28.46 22.00
CA PRO E 20 -4.74 27.79 21.52
C PRO E 20 -4.40 26.51 20.77
N SER E 21 -5.45 25.77 20.45
CA SER E 21 -5.32 24.51 19.72
C SER E 21 -5.77 24.68 18.28
N ASP E 22 -5.68 23.58 17.52
CA ASP E 22 -6.20 23.58 16.15
C ASP E 22 -7.71 23.64 16.16
N ALA E 23 -8.28 24.58 15.42
CA ALA E 23 -9.71 24.80 15.40
C ALA E 23 -10.37 23.91 14.35
N LEU E 24 -11.47 23.27 14.72
CA LEU E 24 -12.13 22.30 13.86
C LEU E 24 -13.46 22.84 13.35
N MET E 25 -13.91 22.28 12.21
CA MET E 25 -15.07 22.78 11.48
C MET E 25 -16.14 21.70 11.37
N SER E 26 -17.40 22.14 11.38
CA SER E 26 -18.54 21.27 11.22
C SER E 26 -19.72 22.09 10.68
N ALA E 27 -20.77 21.41 10.25
CA ALA E 27 -21.86 22.06 9.52
C ALA E 27 -23.21 21.70 10.11
N GLY E 28 -24.12 22.67 10.12
CA GLY E 28 -25.46 22.41 10.60
C GLY E 28 -26.41 23.56 10.30
N ALA E 29 -27.63 23.42 10.79
CA ALA E 29 -28.66 24.42 10.57
C ALA E 29 -28.71 25.40 11.74
N TRP E 30 -28.88 26.68 11.42
CA TRP E 30 -29.20 27.69 12.41
C TRP E 30 -30.54 27.39 13.07
N ALA E 31 -30.71 27.89 14.30
CA ALA E 31 -31.80 27.64 15.26
C ALA E 31 -31.76 26.20 15.76
N GLN E 32 -30.64 25.52 15.63
CA GLN E 32 -30.34 24.31 16.38
C GLN E 32 -28.94 24.39 16.96
N ARG E 33 -28.55 25.60 17.37
CA ARG E 33 -27.20 25.85 17.86
C ARG E 33 -26.93 25.15 19.18
N ASP E 34 -27.98 24.99 20.00
CA ASP E 34 -27.83 24.43 21.33
C ASP E 34 -27.83 22.89 21.32
N ALA E 35 -27.96 22.26 20.15
CA ALA E 35 -27.82 20.83 20.01
C ALA E 35 -26.73 20.48 19.01
N SER E 36 -25.69 21.31 18.97
CA SER E 36 -24.67 21.22 17.91
C SER E 36 -23.46 20.42 18.39
N GLN E 37 -23.72 19.19 18.81
CA GLN E 37 -22.65 18.30 19.23
C GLN E 37 -22.47 17.10 18.31
N GLU E 38 -23.51 16.71 17.58
CA GLU E 38 -23.43 15.60 16.63
C GLU E 38 -23.42 16.07 15.18
N TRP E 39 -23.17 17.36 14.94
CA TRP E 39 -23.10 17.90 13.60
C TRP E 39 -21.95 17.25 12.84
N PRO E 40 -22.15 16.82 11.59
CA PRO E 40 -21.11 16.05 10.89
C PRO E 40 -19.97 16.94 10.44
N ALA E 41 -18.83 16.30 10.21
CA ALA E 41 -17.62 17.04 9.88
C ALA E 41 -17.65 17.56 8.45
N VAL E 42 -17.22 18.81 8.28
CA VAL E 42 -17.02 19.37 6.95
C VAL E 42 -15.79 18.75 6.33
N THR E 43 -15.96 18.04 5.23
CA THR E 43 -14.89 17.35 4.55
C THR E 43 -14.33 18.19 3.42
N VAL E 44 -13.09 17.91 3.05
CA VAL E 44 -12.41 18.58 1.96
C VAL E 44 -12.47 17.66 0.75
N ARG E 45 -12.97 18.16 -0.37
CA ARG E 45 -13.05 17.39 -1.59
C ARG E 45 -12.15 18.00 -2.65
N GLU E 46 -12.04 17.33 -3.78
CA GLU E 46 -11.07 17.69 -4.82
C GLU E 46 -11.77 17.73 -6.16
N LYS E 47 -11.67 18.86 -6.86
CA LYS E 47 -12.36 19.02 -8.12
C LYS E 47 -11.40 19.52 -9.21
N SER E 48 -11.68 19.13 -10.43
CA SER E 48 -10.97 19.61 -11.60
C SER E 48 -11.82 20.64 -12.32
N VAL E 49 -11.24 21.80 -12.60
CA VAL E 49 -11.94 22.89 -13.26
C VAL E 49 -11.28 23.14 -14.61
N ARG E 50 -12.00 23.86 -15.46
CA ARG E 50 -11.52 24.28 -16.77
C ARG E 50 -11.75 25.77 -16.91
N GLY E 51 -10.71 26.52 -17.26
CA GLY E 51 -10.83 27.95 -17.38
C GLY E 51 -10.04 28.52 -18.54
N THR E 52 -9.72 29.80 -18.48
CA THR E 52 -8.94 30.47 -19.51
C THR E 52 -7.57 30.86 -18.95
N ILE E 53 -6.74 31.42 -19.81
CA ILE E 53 -5.43 31.91 -19.43
C ILE E 53 -5.55 33.40 -19.16
N SER E 54 -5.43 33.77 -17.88
CA SER E 54 -5.51 35.16 -17.44
C SER E 54 -4.35 35.44 -16.50
N ASN E 55 -3.21 35.81 -17.09
CA ASN E 55 -2.01 36.23 -16.37
C ASN E 55 -1.11 36.93 -17.38
N ARG E 56 -0.21 37.76 -16.86
CA ARG E 56 0.69 38.52 -17.72
C ARG E 56 1.65 37.61 -18.45
N LEU E 57 1.63 37.67 -19.78
CA LEU E 57 2.44 36.79 -20.60
C LEU E 57 3.86 37.32 -20.72
N LYS E 58 4.80 36.42 -20.95
CA LYS E 58 6.22 36.76 -21.11
C LYS E 58 6.53 36.86 -22.60
N THR E 59 6.22 38.04 -23.16
CA THR E 59 6.39 38.30 -24.59
C THR E 59 7.80 38.71 -24.97
N LYS E 60 8.77 38.56 -24.07
CA LYS E 60 10.10 39.13 -24.29
C LYS E 60 10.92 38.30 -25.27
N ASP E 61 11.18 37.03 -24.92
CA ASP E 61 12.10 36.21 -25.69
C ASP E 61 11.42 35.22 -26.64
N ARG E 62 10.13 34.94 -26.45
CA ARG E 62 9.44 33.95 -27.26
C ARG E 62 8.90 34.58 -28.53
N ASP E 63 8.23 33.77 -29.34
CA ASP E 63 7.59 34.21 -30.58
C ASP E 63 6.09 34.39 -30.37
N PRO E 64 5.48 35.42 -30.97
CA PRO E 64 4.09 35.77 -30.60
C PRO E 64 3.03 34.80 -31.11
N ALA E 65 3.38 33.86 -32.00
CA ALA E 65 2.38 32.96 -32.56
C ALA E 65 1.84 31.99 -31.51
N LYS E 66 2.74 31.33 -30.77
CA LYS E 66 2.31 30.44 -29.70
C LYS E 66 1.64 31.19 -28.56
N LEU E 67 2.13 32.41 -28.28
CA LEU E 67 1.58 33.18 -27.17
C LEU E 67 0.20 33.72 -27.48
N ASP E 68 -0.09 34.03 -28.74
CA ASP E 68 -1.43 34.45 -29.11
C ASP E 68 -2.33 33.29 -29.51
N ALA E 69 -1.77 32.09 -29.69
CA ALA E 69 -2.58 30.90 -29.81
C ALA E 69 -2.81 30.20 -28.48
N SER E 70 -2.16 30.66 -27.41
CA SER E 70 -2.38 30.07 -26.10
C SER E 70 -3.63 30.62 -25.43
N ILE E 71 -3.94 31.91 -25.64
CA ILE E 71 -5.11 32.50 -24.98
C ILE E 71 -6.43 32.16 -25.66
N GLN E 72 -6.39 31.45 -26.78
CA GLN E 72 -7.60 30.95 -27.43
C GLN E 72 -7.90 29.51 -27.04
N SER E 73 -7.17 28.96 -26.08
CA SER E 73 -7.28 27.59 -25.61
C SER E 73 -7.50 27.57 -24.11
N PRO E 74 -8.23 26.58 -23.58
CA PRO E 74 -8.49 26.55 -22.13
C PRO E 74 -7.29 26.11 -21.31
N ASN E 75 -7.44 26.02 -19.99
CA ASN E 75 -6.45 25.35 -19.18
C ASN E 75 -7.15 24.65 -18.02
N LEU E 76 -6.67 23.45 -17.72
CA LEU E 76 -7.34 22.52 -16.81
C LEU E 76 -6.56 22.47 -15.51
N GLN E 77 -7.26 22.65 -14.39
CA GLN E 77 -6.59 22.70 -13.09
C GLN E 77 -7.29 21.79 -12.09
N THR E 78 -6.59 21.49 -11.00
CA THR E 78 -7.12 20.68 -9.92
C THR E 78 -6.98 21.45 -8.62
N VAL E 79 -8.05 21.51 -7.83
CA VAL E 79 -8.06 22.30 -6.61
C VAL E 79 -8.84 21.57 -5.52
N ASP E 80 -8.37 21.70 -4.29
CA ASP E 80 -9.16 21.33 -3.13
C ASP E 80 -10.21 22.39 -2.85
N VAL E 81 -11.43 21.95 -2.55
CA VAL E 81 -12.52 22.85 -2.21
C VAL E 81 -13.28 22.24 -1.05
N ALA E 82 -14.03 23.09 -0.35
CA ALA E 82 -14.80 22.67 0.81
C ALA E 82 -16.06 23.52 0.90
N ASN E 83 -17.22 22.88 0.78
CA ASN E 83 -18.51 23.56 0.76
C ASN E 83 -19.37 23.13 1.94
N LEU E 84 -20.36 23.95 2.25
CA LEU E 84 -21.44 23.57 3.14
C LEU E 84 -22.39 22.61 2.42
N PRO E 85 -23.08 21.73 3.13
CA PRO E 85 -24.08 20.88 2.50
C PRO E 85 -25.28 21.68 2.03
N SER E 86 -26.10 21.05 1.20
CA SER E 86 -27.25 21.71 0.60
C SER E 86 -28.45 21.80 1.53
N ASP E 87 -28.32 21.38 2.80
CA ASP E 87 -29.38 21.53 3.79
C ASP E 87 -28.82 22.05 5.11
N ALA E 88 -27.76 22.83 5.06
CA ALA E 88 -27.13 23.40 6.25
C ALA E 88 -26.52 24.74 5.86
N ASP E 89 -26.90 25.79 6.57
CA ASP E 89 -26.42 27.14 6.28
C ASP E 89 -25.59 27.73 7.41
N THR E 90 -25.06 26.92 8.32
CA THR E 90 -24.33 27.42 9.47
C THR E 90 -23.05 26.63 9.66
N LEU E 91 -21.94 27.35 9.78
CA LEU E 91 -20.62 26.77 10.00
C LEU E 91 -20.24 26.92 11.47
N LYS E 92 -19.81 25.82 12.08
CA LYS E 92 -19.37 25.81 13.47
C LYS E 92 -17.87 25.59 13.50
N VAL E 93 -17.15 26.47 14.21
CA VAL E 93 -15.71 26.35 14.41
C VAL E 93 -15.44 26.31 15.92
N ARG E 94 -14.74 25.28 16.37
CA ARG E 94 -14.53 25.05 17.79
C ARG E 94 -13.04 24.93 18.09
N PHE E 95 -12.60 25.62 19.16
CA PHE E 95 -11.23 25.44 19.64
C PHE E 95 -11.18 25.68 21.15
N THR E 96 -10.05 25.30 21.74
CA THR E 96 -9.82 25.47 23.17
C THR E 96 -8.61 26.37 23.40
N LEU E 97 -8.65 27.11 24.50
CA LEU E 97 -7.62 28.09 24.85
C LEU E 97 -7.08 27.76 26.24
N ARG E 98 -5.82 28.11 26.46
CA ARG E 98 -5.17 27.87 27.75
C ARG E 98 -4.29 29.07 28.08
N VAL E 99 -4.71 29.89 29.04
CA VAL E 99 -3.93 31.05 29.45
C VAL E 99 -2.99 30.64 30.56
N LEU E 100 -1.69 30.91 30.36
CA LEU E 100 -0.66 30.33 31.23
C LEU E 100 -0.29 31.24 32.40
N GLY E 101 0.11 32.47 32.13
CA GLY E 101 0.38 33.40 33.21
C GLY E 101 1.71 33.21 33.91
N GLY E 102 2.30 34.31 34.38
CA GLY E 102 3.66 34.29 34.88
C GLY E 102 4.63 34.65 33.79
N ALA E 103 4.37 35.77 33.11
CA ALA E 103 5.06 36.13 31.88
C ALA E 103 6.19 37.14 32.10
N GLY E 104 6.85 37.08 33.25
CA GLY E 104 7.95 37.98 33.52
C GLY E 104 9.30 37.30 33.49
N THR E 105 9.30 35.99 33.58
CA THR E 105 10.50 35.20 33.65
C THR E 105 10.92 34.70 32.26
N PRO E 106 12.22 34.66 31.98
CA PRO E 106 12.70 33.97 30.79
C PRO E 106 12.85 32.49 31.06
N SER E 107 12.97 31.73 29.98
CA SER E 107 13.25 30.31 30.11
C SER E 107 14.75 30.00 30.08
N ALA E 108 15.53 30.87 29.42
CA ALA E 108 16.97 30.74 29.38
C ALA E 108 17.57 32.14 29.31
N CYS E 109 18.69 32.33 29.99
CA CYS E 109 19.43 33.58 29.93
C CYS E 109 20.92 33.26 29.87
N ASN E 110 21.74 34.30 29.88
CA ASN E 110 23.19 34.11 29.82
C ASN E 110 23.95 35.08 30.72
N ASP E 111 23.26 35.90 31.50
CA ASP E 111 23.89 36.86 32.39
C ASP E 111 22.91 37.12 33.53
N ALA E 112 23.31 36.78 34.76
CA ALA E 112 22.40 36.91 35.89
C ALA E 112 22.21 38.37 36.29
N ALA E 113 23.25 39.19 36.11
CA ALA E 113 23.15 40.60 36.45
C ALA E 113 22.18 41.33 35.54
N TYR E 114 22.01 40.87 34.30
CA TYR E 114 20.96 41.38 33.44
C TYR E 114 19.59 40.83 33.82
N ARG E 115 19.56 39.56 34.26
CA ARG E 115 18.29 38.91 34.58
C ARG E 115 17.63 39.55 35.79
N ASP E 116 18.42 40.00 36.76
CA ASP E 116 17.85 40.62 37.97
C ASP E 116 17.19 41.96 37.65
N LYS E 117 17.84 42.77 36.81
CA LYS E 117 17.25 44.04 36.39
C LYS E 117 16.03 43.83 35.51
N LEU E 118 16.09 42.83 34.62
CA LEU E 118 14.96 42.51 33.74
C LEU E 118 13.77 41.97 34.52
N LEU E 119 13.99 41.29 35.64
CA LEU E 119 12.87 40.88 36.47
C LEU E 119 12.35 42.03 37.32
N GLN E 120 13.25 42.90 37.78
CA GLN E 120 12.83 44.03 38.63
C GLN E 120 11.98 45.03 37.86
N THR E 121 12.32 45.28 36.58
CA THR E 121 11.56 46.25 35.80
C THR E 121 10.13 45.77 35.52
N VAL E 122 10.00 44.50 35.14
CA VAL E 122 8.67 43.93 34.90
C VAL E 122 7.88 43.83 36.21
N ALA E 123 8.57 43.55 37.32
CA ALA E 123 7.88 43.45 38.61
C ALA E 123 7.35 44.81 39.07
N THR E 124 8.14 45.87 38.91
CA THR E 124 7.62 47.19 39.29
C THR E 124 6.60 47.71 38.28
N TYR E 125 6.62 47.24 37.03
CA TYR E 125 5.56 47.63 36.10
C TYR E 125 4.24 46.96 36.45
N VAL E 126 4.28 45.66 36.77
CA VAL E 126 3.08 44.96 37.21
C VAL E 126 2.57 45.53 38.52
N ASN E 127 3.48 45.99 39.38
CA ASN E 127 3.04 46.59 40.64
C ASN E 127 2.39 47.95 40.44
N GLU E 128 2.89 48.79 39.53
CA GLU E 128 2.26 50.10 39.34
C GLU E 128 0.93 49.97 38.59
N GLN E 129 0.91 49.30 37.43
CA GLN E 129 -0.28 49.10 36.63
C GLN E 129 -0.43 47.61 36.37
N GLY E 130 -1.55 47.03 36.79
CA GLY E 130 -1.76 45.61 36.62
C GLY E 130 -1.99 45.22 35.17
N PHE E 131 -2.11 43.91 34.94
CA PHE E 131 -2.40 43.38 33.61
C PHE E 131 -3.84 43.68 33.23
N ALA E 132 -4.18 44.95 33.00
CA ALA E 132 -5.56 45.38 32.88
C ALA E 132 -5.97 45.59 31.42
N GLU E 133 -5.26 46.48 30.71
CA GLU E 133 -5.65 46.84 29.35
C GLU E 133 -5.35 45.71 28.37
N LEU E 134 -4.36 44.87 28.67
CA LEU E 134 -4.02 43.77 27.77
C LEU E 134 -5.10 42.70 27.79
N ALA E 135 -5.57 42.31 28.97
CA ALA E 135 -6.69 41.38 29.06
C ALA E 135 -7.98 42.01 28.56
N ARG E 136 -8.13 43.33 28.75
CA ARG E 136 -9.30 44.03 28.25
C ARG E 136 -9.35 44.04 26.73
N ARG E 137 -8.20 44.10 26.08
CA ARG E 137 -8.17 44.07 24.62
C ARG E 137 -8.16 42.65 24.06
N TYR E 138 -7.63 41.67 24.81
CA TYR E 138 -7.80 40.27 24.42
C TYR E 138 -9.26 39.85 24.49
N ALA E 139 -10.03 40.46 25.40
CA ALA E 139 -11.47 40.23 25.44
C ALA E 139 -12.16 40.72 24.16
N HIS E 140 -11.68 41.82 23.57
CA HIS E 140 -12.26 42.28 22.31
C HIS E 140 -11.83 41.41 21.15
N ASN E 141 -10.57 40.96 21.14
CA ASN E 141 -10.12 40.08 20.07
C ASN E 141 -10.75 38.70 20.15
N LEU E 142 -11.20 38.27 21.32
CA LEU E 142 -11.99 37.05 21.41
C LEU E 142 -13.47 37.31 21.15
N ALA E 143 -13.93 38.54 21.44
CA ALA E 143 -15.36 38.86 21.39
C ALA E 143 -15.88 38.84 19.96
N ASN E 144 -15.31 39.66 19.08
CA ASN E 144 -15.65 39.51 17.68
C ASN E 144 -14.91 38.31 17.09
N ALA E 145 -15.38 37.85 15.94
CA ALA E 145 -14.88 36.61 15.36
C ALA E 145 -13.72 36.87 14.39
N ARG E 146 -12.62 37.35 14.95
CA ARG E 146 -11.43 37.55 14.13
C ARG E 146 -10.80 36.22 13.75
N PHE E 147 -11.01 35.18 14.56
CA PHE E 147 -10.40 33.87 14.32
C PHE E 147 -10.92 33.22 13.04
N LEU E 148 -12.18 33.51 12.68
CA LEU E 148 -12.74 33.09 11.39
C LEU E 148 -12.48 34.23 10.41
N TRP E 149 -11.30 34.17 9.78
CA TRP E 149 -10.74 35.35 9.12
C TRP E 149 -11.50 35.72 7.85
N ARG E 150 -11.49 34.84 6.85
CA ARG E 150 -12.19 35.08 5.60
C ARG E 150 -13.57 34.44 5.57
N ASN E 151 -14.04 33.92 6.70
CA ASN E 151 -15.34 33.29 6.79
C ASN E 151 -16.34 34.16 7.54
N ARG E 152 -15.97 35.40 7.86
CA ARG E 152 -16.87 36.34 8.53
C ARG E 152 -17.14 37.57 7.68
N VAL E 153 -16.82 37.51 6.39
CA VAL E 153 -16.92 38.69 5.54
C VAL E 153 -18.29 38.87 4.91
N GLY E 154 -19.09 37.82 4.83
CA GLY E 154 -20.41 37.93 4.24
C GLY E 154 -21.47 37.20 5.03
N ALA E 155 -21.13 36.78 6.23
CA ALA E 155 -22.07 36.07 7.08
C ALA E 155 -23.15 37.02 7.57
N GLU E 156 -24.40 36.55 7.55
CA GLU E 156 -25.52 37.38 8.00
C GLU E 156 -25.48 37.58 9.50
N ALA E 157 -25.23 36.50 10.24
CA ALA E 157 -25.13 36.54 11.69
C ALA E 157 -23.97 35.66 12.12
N VAL E 158 -23.27 36.09 13.16
CA VAL E 158 -22.20 35.32 13.77
C VAL E 158 -22.41 35.35 15.28
N GLU E 159 -22.34 34.19 15.92
CA GLU E 159 -22.44 34.07 17.36
C GLU E 159 -21.16 33.44 17.89
N VAL E 160 -20.73 33.84 19.08
CA VAL E 160 -19.59 33.23 19.75
C VAL E 160 -19.96 32.91 21.19
N ARG E 161 -19.59 31.72 21.64
CA ARG E 161 -19.89 31.22 22.96
C ARG E 161 -18.59 30.82 23.65
N ILE E 162 -18.40 31.33 24.86
CA ILE E 162 -17.21 31.07 25.67
C ILE E 162 -17.64 30.32 26.91
N ASN E 163 -16.93 29.24 27.23
CA ASN E 163 -17.20 28.47 28.44
C ASN E 163 -15.92 28.30 29.23
N HIS E 164 -16.07 28.28 30.55
CA HIS E 164 -14.95 28.14 31.47
C HIS E 164 -14.89 26.69 31.94
N ILE E 165 -13.82 25.99 31.58
CA ILE E 165 -13.69 24.56 31.82
C ILE E 165 -12.92 24.33 33.12
N ARG E 166 -13.54 23.62 34.06
CA ARG E 166 -12.92 23.34 35.35
C ARG E 166 -13.49 22.02 35.86
N GLN E 167 -12.58 21.09 36.18
CA GLN E 167 -12.88 19.74 36.67
C GLN E 167 -13.69 18.91 35.67
N GLY E 168 -13.61 19.22 34.39
CA GLY E 168 -14.30 18.47 33.37
C GLY E 168 -15.69 18.96 33.01
N GLU E 169 -16.10 20.15 33.49
CA GLU E 169 -17.43 20.65 33.22
C GLU E 169 -17.41 22.17 33.27
N VAL E 170 -18.46 22.77 32.70
CA VAL E 170 -18.54 24.21 32.57
C VAL E 170 -18.86 24.85 33.92
N ALA E 171 -18.45 26.10 34.09
CA ALA E 171 -18.72 26.82 35.32
C ALA E 171 -19.13 28.27 35.09
N ARG E 172 -19.16 28.74 33.86
CA ARG E 172 -19.53 30.10 33.49
C ARG E 172 -19.69 30.17 31.98
N THR E 173 -20.76 30.81 31.52
CA THR E 173 -21.03 30.96 30.10
C THR E 173 -21.02 32.43 29.71
N TRP E 174 -20.47 32.71 28.54
CA TRP E 174 -20.45 34.04 27.95
C TRP E 174 -20.95 33.94 26.51
N ARG E 175 -21.81 34.86 26.11
CA ARG E 175 -22.44 34.79 24.79
C ARG E 175 -22.39 36.15 24.12
N PHE E 176 -21.92 36.20 22.89
CA PHE E 176 -21.77 37.47 22.18
C PHE E 176 -22.22 37.33 20.74
N ASP E 177 -23.06 38.27 20.29
CA ASP E 177 -23.17 38.49 18.85
C ASP E 177 -21.94 39.25 18.38
N ALA E 178 -21.37 38.83 17.26
CA ALA E 178 -20.07 39.35 16.88
C ALA E 178 -20.18 40.74 16.27
N LEU E 179 -21.08 40.92 15.31
CA LEU E 179 -21.04 42.08 14.42
C LEU E 179 -21.46 43.39 15.09
N ALA E 180 -21.98 43.34 16.31
CA ALA E 180 -22.16 44.57 17.08
C ALA E 180 -20.84 45.05 17.65
N ILE E 181 -20.01 44.13 18.13
CA ILE E 181 -18.69 44.46 18.66
C ILE E 181 -17.76 44.50 17.45
N GLY E 182 -17.54 45.70 16.93
CA GLY E 182 -16.81 45.86 15.69
C GLY E 182 -15.32 45.55 15.73
N LEU E 183 -14.63 45.86 14.64
CA LEU E 183 -13.23 45.50 14.49
C LEU E 183 -12.29 46.68 14.65
N ARG E 184 -12.81 47.86 15.02
CA ARG E 184 -11.97 49.05 15.10
C ARG E 184 -11.99 49.69 16.48
N ASP E 185 -13.16 49.70 17.12
CA ASP E 185 -13.38 50.45 18.35
C ASP E 185 -13.30 49.52 19.55
N PHE E 186 -12.33 49.79 20.44
CA PHE E 186 -12.27 49.12 21.74
C PHE E 186 -13.22 49.86 22.69
N LYS E 187 -14.24 49.15 23.17
CA LYS E 187 -15.27 49.74 24.03
C LYS E 187 -15.41 48.92 25.31
N ALA E 188 -16.46 49.16 26.08
CA ALA E 188 -16.71 48.46 27.32
C ALA E 188 -18.04 47.72 27.27
N ASP E 189 -18.23 46.82 28.23
CA ASP E 189 -19.45 46.03 28.40
C ASP E 189 -19.45 45.50 29.82
N ALA E 190 -20.39 44.59 30.13
CA ALA E 190 -20.50 44.01 31.46
C ALA E 190 -19.92 42.61 31.54
N GLU E 191 -20.45 41.69 30.73
CA GLU E 191 -19.93 40.32 30.70
C GLU E 191 -18.55 40.27 30.09
N LEU E 192 -18.26 41.17 29.14
CA LEU E 192 -16.90 41.34 28.65
C LEU E 192 -15.97 41.88 29.73
N ASP E 193 -16.47 42.72 30.63
CA ASP E 193 -15.67 43.16 31.77
C ASP E 193 -15.54 42.11 32.86
N ALA E 194 -16.35 41.05 32.82
CA ALA E 194 -16.04 39.87 33.62
C ALA E 194 -14.96 39.02 32.95
N LEU E 195 -15.03 38.90 31.62
CA LEU E 195 -14.05 38.12 30.88
C LEU E 195 -12.66 38.76 30.95
N ALA E 196 -12.61 40.08 30.94
CA ALA E 196 -11.36 40.81 31.06
C ALA E 196 -10.67 40.50 32.38
N GLU E 197 -11.44 40.48 33.47
CA GLU E 197 -10.86 40.18 34.77
C GLU E 197 -10.52 38.71 34.91
N LEU E 198 -11.22 37.82 34.21
CA LEU E 198 -10.85 36.41 34.25
C LEU E 198 -9.51 36.16 33.56
N ILE E 199 -9.31 36.73 32.37
CA ILE E 199 -8.02 36.59 31.70
C ILE E 199 -6.93 37.41 32.40
N ALA E 200 -7.31 38.50 33.09
CA ALA E 200 -6.34 39.24 33.89
C ALA E 200 -5.94 38.49 35.15
N SER E 201 -6.82 37.65 35.68
CA SER E 201 -6.43 36.78 36.78
C SER E 201 -5.57 35.63 36.29
N GLY E 202 -5.84 35.14 35.08
CA GLY E 202 -5.03 34.10 34.49
C GLY E 202 -3.62 34.53 34.13
N LEU E 203 -3.47 35.69 33.48
CA LEU E 203 -2.17 36.18 33.05
C LEU E 203 -1.27 36.54 34.22
N SER E 204 -1.85 36.86 35.39
CA SER E 204 -1.08 37.24 36.56
C SER E 204 -0.89 36.08 37.53
N GLY E 205 -1.06 34.83 37.06
CA GLY E 205 -0.71 33.67 37.84
C GLY E 205 -1.63 33.33 38.98
N SER E 206 -2.82 33.91 39.05
CA SER E 206 -3.70 33.66 40.17
C SER E 206 -4.42 32.32 40.06
N GLY E 207 -4.89 31.96 38.87
CA GLY E 207 -5.68 30.75 38.68
C GLY E 207 -5.27 29.99 37.44
N HIS E 208 -6.00 28.92 37.17
CA HIS E 208 -5.78 28.05 36.02
C HIS E 208 -6.93 28.26 35.04
N VAL E 209 -6.63 28.86 33.90
CA VAL E 209 -7.66 29.31 32.95
C VAL E 209 -7.55 28.47 31.69
N LEU E 210 -8.56 27.63 31.47
CA LEU E 210 -8.79 26.95 30.21
C LEU E 210 -10.18 27.32 29.72
N LEU E 211 -10.29 27.69 28.45
CA LEU E 211 -11.53 28.16 27.88
C LEU E 211 -11.92 27.31 26.68
N GLU E 212 -13.22 27.28 26.39
CA GLU E 212 -13.74 26.63 25.20
C GLU E 212 -14.49 27.67 24.38
N VAL E 213 -14.01 27.93 23.17
CA VAL E 213 -14.55 28.99 22.32
C VAL E 213 -15.16 28.36 21.08
N VAL E 214 -16.46 28.59 20.90
CA VAL E 214 -17.24 28.08 19.77
C VAL E 214 -17.76 29.28 18.98
N ALA E 215 -17.75 29.17 17.66
CA ALA E 215 -18.20 30.25 16.78
C ALA E 215 -19.13 29.68 15.72
N PHE E 216 -20.36 30.18 15.69
CA PHE E 216 -21.34 29.84 14.68
C PHE E 216 -21.45 30.98 13.68
N ALA E 217 -21.50 30.65 12.39
CA ALA E 217 -21.59 31.65 11.33
C ALA E 217 -22.67 31.21 10.34
N ARG E 218 -23.73 32.01 10.23
CA ARG E 218 -24.80 31.74 9.27
C ARG E 218 -24.40 32.32 7.92
N ILE E 219 -24.05 31.45 6.96
CA ILE E 219 -23.53 31.91 5.69
C ILE E 219 -24.63 31.95 4.64
N GLY E 220 -25.21 30.78 4.34
CA GLY E 220 -26.12 30.65 3.24
C GLY E 220 -26.10 29.22 2.71
N ASP E 221 -27.25 28.72 2.27
CA ASP E 221 -27.43 27.31 1.96
C ASP E 221 -26.61 26.84 0.76
N GLY E 222 -25.59 26.02 1.01
CA GLY E 222 -24.78 25.45 -0.04
C GLY E 222 -23.53 26.22 -0.39
N GLN E 223 -23.16 27.22 0.40
CA GLN E 223 -22.04 28.10 0.07
C GLN E 223 -20.71 27.46 0.49
N GLU E 224 -19.63 28.18 0.24
CA GLU E 224 -18.28 27.67 0.43
C GLU E 224 -17.66 28.25 1.70
N VAL E 225 -17.07 27.37 2.51
CA VAL E 225 -16.31 27.77 3.69
C VAL E 225 -14.85 27.84 3.31
N PHE E 226 -14.07 28.60 4.07
CA PHE E 226 -12.67 28.88 3.76
C PHE E 226 -11.76 28.41 4.88
N PRO E 227 -11.28 27.15 4.84
CA PRO E 227 -10.30 26.69 5.83
C PRO E 227 -8.91 27.23 5.55
N SER E 228 -7.92 26.73 6.27
CA SER E 228 -6.55 27.19 6.07
C SER E 228 -5.89 26.42 4.94
N GLN E 229 -5.30 27.14 4.00
CA GLN E 229 -4.52 26.55 2.93
C GLN E 229 -3.12 26.23 3.44
N GLU E 230 -2.60 25.07 3.04
CA GLU E 230 -1.33 24.60 3.56
C GLU E 230 -0.16 25.11 2.73
N LEU E 231 0.91 25.47 3.42
CA LEU E 231 2.19 25.80 2.80
C LEU E 231 3.06 24.55 2.82
N ILE E 232 3.39 24.04 1.63
CA ILE E 232 4.09 22.77 1.51
C ILE E 232 5.45 23.05 0.90
N LEU E 233 6.43 23.21 1.79
CA LEU E 233 7.82 23.35 1.38
C LEU E 233 8.27 21.95 0.96
N ASP E 234 9.22 21.86 0.04
CA ASP E 234 9.68 20.55 -0.41
C ASP E 234 8.85 19.93 -1.55
N LYS E 235 7.76 20.59 -1.92
CA LYS E 235 6.91 20.15 -3.02
C LYS E 235 7.69 20.68 -4.20
N GLY E 236 7.91 19.82 -5.19
CA GLY E 236 8.75 20.19 -6.31
C GLY E 236 8.16 21.30 -7.15
N ASP E 237 9.04 21.94 -7.94
CA ASP E 237 8.68 23.04 -8.80
C ASP E 237 8.34 22.61 -10.22
N LYS E 238 7.90 21.36 -10.40
CA LYS E 238 7.55 20.86 -11.72
C LYS E 238 6.18 21.40 -12.16
N LYS E 239 5.74 20.98 -13.33
CA LYS E 239 4.51 21.48 -13.92
C LYS E 239 3.36 20.51 -13.68
N GLY E 240 2.18 21.07 -13.46
CA GLY E 240 0.96 20.29 -13.34
C GLY E 240 0.89 19.36 -12.16
N GLN E 241 1.13 19.87 -10.95
CA GLN E 241 0.98 19.00 -9.78
C GLN E 241 -0.39 19.18 -9.12
N LYS E 242 -0.64 20.34 -8.53
CA LYS E 242 -1.88 20.70 -7.86
C LYS E 242 -1.81 22.16 -7.47
N SER E 243 -2.94 22.85 -7.56
CA SER E 243 -2.93 24.28 -7.36
C SER E 243 -3.13 24.66 -5.89
N LYS E 244 -4.11 24.05 -5.22
CA LYS E 244 -4.48 24.45 -3.87
C LYS E 244 -4.70 23.21 -3.01
N THR E 245 -4.03 23.17 -1.87
CA THR E 245 -4.20 22.11 -0.88
C THR E 245 -4.75 22.71 0.40
N LEU E 246 -5.72 22.03 1.01
CA LEU E 246 -6.33 22.51 2.23
C LEU E 246 -5.94 21.63 3.42
N TYR E 247 -6.26 22.13 4.61
CA TYR E 247 -5.85 21.52 5.87
C TYR E 247 -6.99 20.68 6.44
N SER E 248 -6.64 19.53 7.00
CA SER E 248 -7.61 18.61 7.57
C SER E 248 -6.98 17.83 8.70
N VAL E 249 -7.71 17.70 9.81
CA VAL E 249 -7.19 16.97 10.96
C VAL E 249 -7.30 15.48 10.75
N ARG E 250 -8.53 14.97 10.57
CA ARG E 250 -8.68 13.57 10.14
C ARG E 250 -9.96 13.49 9.31
N ASP E 251 -9.81 13.74 8.00
CA ASP E 251 -10.92 13.91 7.05
C ASP E 251 -11.98 14.87 7.59
N ALA E 252 -11.51 16.00 8.09
CA ALA E 252 -12.38 17.03 8.67
C ALA E 252 -11.63 18.35 8.59
N ALA E 253 -12.24 19.36 7.96
CA ALA E 253 -11.56 20.61 7.67
C ALA E 253 -11.24 21.38 8.96
N ALA E 254 -10.17 22.17 8.91
CA ALA E 254 -9.65 22.80 10.12
C ALA E 254 -8.96 24.10 9.78
N ILE E 255 -8.47 24.78 10.82
CA ILE E 255 -7.68 26.01 10.73
C ILE E 255 -6.42 25.79 11.56
N HIS E 256 -5.27 26.26 11.06
CA HIS E 256 -4.02 26.25 11.81
C HIS E 256 -4.16 27.05 13.12
N SER E 257 -3.34 26.68 14.10
CA SER E 257 -3.39 27.30 15.41
C SER E 257 -2.67 28.64 15.46
N GLN E 258 -1.62 28.82 14.64
CA GLN E 258 -0.92 30.09 14.64
C GLN E 258 -1.75 31.20 14.01
N LYS E 259 -2.63 30.86 13.07
CA LYS E 259 -3.57 31.84 12.53
C LYS E 259 -4.63 32.21 13.56
N ILE E 260 -5.06 31.23 14.37
CA ILE E 260 -6.00 31.49 15.46
C ILE E 260 -5.39 32.43 16.50
N GLY E 261 -4.12 32.21 16.86
CA GLY E 261 -3.48 33.08 17.84
C GLY E 261 -3.17 34.45 17.27
N ASN E 262 -2.75 34.51 16.00
CA ASN E 262 -2.49 35.78 15.34
C ASN E 262 -3.74 36.62 15.21
N ALA E 263 -4.90 35.98 15.11
CA ALA E 263 -6.16 36.71 15.13
C ALA E 263 -6.40 37.38 16.49
N LEU E 264 -6.05 36.70 17.58
CA LEU E 264 -6.27 37.25 18.92
C LEU E 264 -5.14 38.14 19.40
N ARG E 265 -4.04 38.26 18.64
CA ARG E 265 -2.91 39.04 19.11
C ARG E 265 -3.00 40.52 18.75
N THR E 266 -3.85 40.90 17.79
CA THR E 266 -3.83 42.25 17.22
C THR E 266 -4.49 43.28 18.14
N ILE E 267 -3.74 43.72 19.14
CA ILE E 267 -4.20 44.73 20.08
C ILE E 267 -3.41 46.02 19.97
N ASP E 268 -2.46 46.12 19.03
CA ASP E 268 -1.51 47.21 18.97
C ASP E 268 -2.15 48.41 18.27
N THR E 269 -2.81 49.25 19.05
CA THR E 269 -3.31 50.54 18.58
C THR E 269 -2.36 51.68 18.88
N TRP E 270 -1.10 51.38 19.20
CA TRP E 270 -0.10 52.39 19.51
C TRP E 270 1.05 52.25 18.53
N TYR E 271 1.12 53.18 17.57
CA TYR E 271 2.27 53.32 16.70
C TYR E 271 2.28 54.76 16.19
N PRO E 272 3.44 55.29 15.78
CA PRO E 272 3.49 56.72 15.39
C PRO E 272 2.69 57.06 14.14
N ASP E 273 2.42 56.09 13.27
CA ASP E 273 1.50 56.29 12.16
C ASP E 273 0.07 56.37 12.70
N GLU E 274 -0.84 56.80 11.83
CA GLU E 274 -2.24 56.97 12.22
C GLU E 274 -2.88 55.65 12.61
N ASP E 275 -3.25 55.54 13.89
CA ASP E 275 -3.87 54.33 14.42
C ASP E 275 -5.39 54.34 14.31
N GLY E 276 -5.96 55.30 13.57
CA GLY E 276 -7.38 55.31 13.28
C GLY E 276 -7.83 54.22 12.32
N LEU E 277 -6.89 53.57 11.63
CA LEU E 277 -7.17 52.44 10.77
C LEU E 277 -7.27 51.13 11.54
N GLY E 278 -7.25 51.17 12.88
CA GLY E 278 -7.50 49.99 13.69
C GLY E 278 -6.25 49.44 14.33
N PRO E 279 -6.35 48.24 14.89
CA PRO E 279 -5.17 47.58 15.44
C PRO E 279 -4.44 46.69 14.42
N ILE E 280 -3.20 46.35 14.77
CA ILE E 280 -2.39 45.39 14.03
C ILE E 280 -1.75 44.44 15.03
N ALA E 281 -1.25 43.32 14.52
CA ALA E 281 -0.66 42.30 15.37
C ALA E 281 0.65 42.79 15.97
N VAL E 282 0.96 42.32 17.17
CA VAL E 282 2.05 42.87 17.96
C VAL E 282 3.26 41.93 17.83
N GLU E 283 4.18 42.33 16.97
CA GLU E 283 5.49 41.74 16.78
C GLU E 283 6.53 42.86 16.78
N PRO E 284 7.80 42.56 17.07
CA PRO E 284 8.84 43.58 16.89
C PRO E 284 9.00 43.91 15.43
N TYR E 285 9.31 45.18 15.16
CA TYR E 285 9.31 45.79 13.82
C TYR E 285 7.98 45.56 13.13
N GLY E 286 6.92 46.14 13.72
CA GLY E 286 5.54 45.75 13.45
C GLY E 286 5.11 45.84 12.01
N SER E 287 5.06 44.67 11.38
CA SER E 287 5.06 44.56 9.94
C SER E 287 3.81 43.83 9.48
N VAL E 288 3.12 44.42 8.52
CA VAL E 288 2.06 43.70 7.82
C VAL E 288 2.62 43.31 6.47
N THR E 289 3.22 42.13 6.40
CA THR E 289 3.77 41.62 5.15
C THR E 289 2.68 41.22 4.17
N SER E 290 1.45 41.03 4.65
CA SER E 290 0.28 40.91 3.80
C SER E 290 -0.18 42.25 3.23
N GLN E 291 0.35 43.36 3.75
CA GLN E 291 0.07 44.69 3.23
C GLN E 291 1.31 45.39 2.72
N GLY E 292 2.49 44.98 3.13
CA GLY E 292 3.72 45.48 2.54
C GLY E 292 4.27 46.74 3.14
N LYS E 293 4.08 46.97 4.44
CA LYS E 293 4.66 48.14 5.09
C LYS E 293 4.95 47.78 6.54
N ALA E 294 5.84 48.56 7.15
CA ALA E 294 6.38 48.24 8.47
C ALA E 294 6.29 49.49 9.36
N TYR E 295 5.24 49.53 10.17
CA TYR E 295 5.23 50.42 11.33
C TYR E 295 6.28 49.94 12.33
N ARG E 296 6.70 50.87 13.21
CA ARG E 296 7.70 50.63 14.25
C ARG E 296 9.02 50.14 13.67
N GLN E 297 9.59 50.96 12.78
CA GLN E 297 10.84 50.88 12.05
C GLN E 297 11.97 51.47 12.87
N PRO E 298 13.21 50.97 12.74
CA PRO E 298 14.28 51.42 13.66
C PRO E 298 14.74 52.84 13.45
N LYS E 299 14.32 53.52 12.39
CA LYS E 299 14.72 54.91 12.19
C LYS E 299 13.99 55.83 13.16
N GLN E 300 12.67 55.72 13.25
CA GLN E 300 11.91 56.40 14.30
C GLN E 300 11.93 55.51 15.53
N LYS E 301 12.65 55.94 16.57
CA LYS E 301 13.04 55.06 17.67
C LYS E 301 11.86 54.66 18.55
N LEU E 302 10.96 53.84 18.00
CA LEU E 302 9.75 53.43 18.70
C LEU E 302 9.42 51.96 18.47
N ASP E 303 10.44 51.12 18.30
CA ASP E 303 10.24 49.68 18.19
C ASP E 303 10.56 49.01 19.52
N PHE E 304 10.36 47.69 19.57
CA PHE E 304 10.45 46.95 20.83
C PHE E 304 11.87 46.87 21.34
N TYR E 305 12.85 46.67 20.46
CA TYR E 305 14.23 46.49 20.89
C TYR E 305 14.81 47.79 21.44
N THR E 306 14.56 48.91 20.76
CA THR E 306 15.07 50.20 21.19
C THR E 306 14.46 50.61 22.53
N LEU E 307 13.14 50.43 22.69
CA LEU E 307 12.49 50.82 23.92
C LEU E 307 12.87 49.90 25.08
N LEU E 308 13.06 48.60 24.80
CA LEU E 308 13.49 47.68 25.84
C LEU E 308 14.91 47.97 26.30
N ASP E 309 15.81 48.26 25.36
CA ASP E 309 17.20 48.56 25.72
C ASP E 309 17.30 49.91 26.42
N ASN E 310 16.42 50.85 26.10
CA ASN E 310 16.37 52.09 26.87
C ASN E 310 15.76 51.87 28.24
N TRP E 311 14.89 50.86 28.37
CA TRP E 311 14.21 50.65 29.65
C TRP E 311 15.10 49.95 30.66
N VAL E 312 15.61 48.76 30.32
CA VAL E 312 16.25 47.94 31.35
C VAL E 312 17.71 48.34 31.57
N LEU E 313 18.40 48.82 30.53
CA LEU E 313 19.83 49.10 30.67
C LEU E 313 20.08 50.50 31.22
N ARG E 314 19.42 51.50 30.67
CA ARG E 314 19.70 52.88 31.01
C ARG E 314 18.65 53.51 31.91
N ASP E 315 17.64 52.74 32.33
CA ASP E 315 16.65 53.12 33.35
C ASP E 315 15.85 54.37 32.95
N GLU E 316 15.45 54.45 31.68
CA GLU E 316 14.57 55.52 31.20
C GLU E 316 13.33 54.86 30.57
N ALA E 317 12.25 54.81 31.34
CA ALA E 317 11.03 54.21 30.86
C ALA E 317 10.36 55.12 29.82
N PRO E 318 9.74 54.54 28.80
CA PRO E 318 9.01 55.35 27.82
C PRO E 318 7.61 55.70 28.31
N ALA E 319 6.80 56.27 27.43
CA ALA E 319 5.39 56.51 27.73
C ALA E 319 4.65 55.18 27.93
N VAL E 320 3.47 55.29 28.54
CA VAL E 320 2.76 54.11 29.04
C VAL E 320 2.25 53.23 27.89
N GLU E 321 1.95 53.84 26.74
CA GLU E 321 1.45 53.08 25.59
C GLU E 321 2.55 52.19 25.00
N GLN E 322 3.76 52.74 24.89
CA GLN E 322 4.87 51.92 24.46
C GLN E 322 5.30 50.90 25.52
N GLN E 323 5.01 51.17 26.79
CA GLN E 323 5.22 50.16 27.81
C GLN E 323 4.24 49.01 27.65
N HIS E 324 2.99 49.32 27.27
CA HIS E 324 2.02 48.29 26.92
C HIS E 324 2.50 47.46 25.72
N TYR E 325 3.11 48.13 24.72
CA TYR E 325 3.61 47.42 23.56
C TYR E 325 4.78 46.49 23.90
N VAL E 326 5.69 46.93 24.76
CA VAL E 326 6.83 46.06 25.07
C VAL E 326 6.43 44.91 26.00
N ILE E 327 5.48 45.13 26.90
CA ILE E 327 5.02 44.02 27.74
C ILE E 327 4.19 43.05 26.91
N ALA E 328 3.45 43.54 25.90
CA ALA E 328 2.74 42.63 24.99
C ALA E 328 3.71 41.84 24.10
N ASN E 329 4.87 42.42 23.79
CA ASN E 329 5.91 41.67 23.09
C ASN E 329 6.44 40.53 23.95
N LEU E 330 6.71 40.82 25.23
CA LEU E 330 7.14 39.75 26.13
C LEU E 330 6.05 38.71 26.39
N ILE E 331 4.78 39.09 26.21
CA ILE E 331 3.69 38.13 26.25
C ILE E 331 3.68 37.25 25.01
N ARG E 332 4.05 37.81 23.85
CA ARG E 332 4.04 37.04 22.61
C ARG E 332 5.15 35.99 22.56
N GLY E 333 6.34 36.31 23.07
CA GLY E 333 7.40 35.33 23.18
C GLY E 333 8.25 35.15 21.93
N GLY E 334 9.52 34.82 22.12
CA GLY E 334 10.42 34.65 20.99
C GLY E 334 11.85 34.42 21.45
N VAL E 335 12.79 34.83 20.59
CA VAL E 335 14.23 34.76 20.85
C VAL E 335 14.77 36.17 20.66
N PHE E 336 15.00 36.89 21.76
CA PHE E 336 15.35 38.30 21.69
C PHE E 336 16.80 38.56 22.13
N GLY E 337 17.67 37.56 22.00
CA GLY E 337 19.01 37.68 22.53
C GLY E 337 19.97 38.37 21.57
N GLU E 338 20.95 39.05 22.14
CA GLU E 338 21.92 39.85 21.40
C GLU E 338 23.05 38.97 20.88
N ALA E 339 24.12 39.59 20.41
CA ALA E 339 25.32 38.86 20.04
C ALA E 339 26.57 39.57 20.56
N LEU F 6 49.92 9.85 51.13
CA LEU F 6 48.95 9.47 50.10
C LEU F 6 48.72 10.60 49.10
N SER F 7 48.28 10.23 47.91
CA SER F 7 47.94 11.17 46.87
C SER F 7 46.77 10.62 46.08
N THR F 8 46.17 11.47 45.24
CA THR F 8 45.02 11.06 44.46
C THR F 8 45.44 10.12 43.34
N ALA F 9 44.58 9.16 43.03
CA ALA F 9 44.84 8.20 41.96
C ALA F 9 44.85 8.87 40.60
N SER F 10 45.56 8.26 39.66
CA SER F 10 45.64 8.81 38.31
C SER F 10 44.41 8.48 37.48
N VAL F 11 43.87 7.28 37.65
CA VAL F 11 42.63 6.85 37.03
C VAL F 11 41.69 6.45 38.16
N LEU F 12 40.46 6.96 38.13
CA LEU F 12 39.49 6.66 39.18
C LEU F 12 38.11 6.90 38.60
N ALA F 13 37.32 5.84 38.48
CA ALA F 13 36.01 5.89 37.86
C ALA F 13 34.95 5.35 38.82
N PHE F 14 33.70 5.69 38.54
CA PHE F 14 32.57 5.23 39.35
C PHE F 14 31.42 4.82 38.45
N GLU F 15 30.61 3.90 38.95
CA GLU F 15 29.50 3.33 38.20
C GLU F 15 28.30 4.27 38.27
N ARG F 16 27.13 3.79 37.83
CA ARG F 16 25.90 4.57 37.88
C ARG F 16 24.81 3.77 38.56
N LYS F 17 24.35 4.27 39.70
CA LYS F 17 23.07 3.87 40.26
C LYS F 17 22.01 4.87 39.82
N LEU F 18 20.74 4.53 40.07
CA LEU F 18 19.56 5.30 39.63
C LEU F 18 19.55 5.43 38.10
N ASP F 19 19.33 4.29 37.45
CA ASP F 19 19.32 4.20 35.99
C ASP F 19 17.88 4.24 35.48
N PRO F 20 17.46 5.30 34.80
CA PRO F 20 16.14 5.31 34.16
C PRO F 20 16.23 4.91 32.69
N SER F 21 15.06 4.76 32.09
CA SER F 21 14.93 4.44 30.68
C SER F 21 14.20 5.57 29.97
N ASP F 22 14.00 5.41 28.66
CA ASP F 22 13.32 6.42 27.86
C ASP F 22 11.84 6.48 28.24
N ALA F 23 11.36 7.69 28.51
CA ALA F 23 9.99 7.89 28.97
C ALA F 23 9.07 8.01 27.78
N LEU F 24 8.18 7.03 27.62
CA LEU F 24 7.31 7.00 26.44
C LEU F 24 5.97 7.65 26.73
N MET F 25 5.38 8.24 25.68
CA MET F 25 4.16 9.02 25.77
C MET F 25 3.00 8.30 25.07
N SER F 26 1.85 8.30 25.72
CA SER F 26 0.60 7.88 25.08
C SER F 26 -0.47 8.92 25.39
N ALA F 27 -1.56 8.87 24.65
CA ALA F 27 -2.59 9.89 24.73
C ALA F 27 -3.97 9.25 24.82
N GLY F 28 -4.76 9.72 25.77
CA GLY F 28 -6.08 9.16 25.97
C GLY F 28 -6.95 10.09 26.77
N ALA F 29 -8.01 9.54 27.33
CA ALA F 29 -8.94 10.32 28.12
C ALA F 29 -8.69 10.13 29.61
N TRP F 30 -9.10 11.14 30.39
CA TRP F 30 -9.14 11.01 31.84
C TRP F 30 -10.30 10.10 32.22
N ALA F 31 -10.29 9.66 33.48
CA ALA F 31 -11.25 8.72 34.08
C ALA F 31 -11.26 7.34 33.41
N GLN F 32 -10.28 7.09 32.54
CA GLN F 32 -9.98 5.76 32.02
C GLN F 32 -8.59 5.32 32.46
N ARG F 33 -8.15 5.82 33.63
CA ARG F 33 -6.79 5.65 34.10
C ARG F 33 -6.51 4.25 34.64
N ASP F 34 -7.50 3.36 34.71
CA ASP F 34 -7.25 2.00 35.13
C ASP F 34 -6.93 1.06 33.98
N ALA F 35 -7.51 1.29 32.81
CA ALA F 35 -7.27 0.47 31.62
C ALA F 35 -6.37 1.18 30.62
N SER F 36 -5.33 1.87 31.08
CA SER F 36 -4.51 2.72 30.23
C SER F 36 -3.34 1.98 29.61
N GLN F 37 -3.62 0.82 29.02
CA GLN F 37 -2.58 0.00 28.38
C GLN F 37 -2.83 -0.24 26.91
N GLU F 38 -4.00 0.14 26.38
CA GLU F 38 -4.31 0.00 24.97
C GLU F 38 -4.40 1.36 24.27
N TRP F 39 -3.77 2.38 24.85
CA TRP F 39 -3.80 3.75 24.36
C TRP F 39 -2.85 3.91 23.18
N PRO F 40 -3.26 4.62 22.13
CA PRO F 40 -2.35 4.90 21.02
C PRO F 40 -1.29 5.91 21.44
N ALA F 41 -0.18 5.89 20.71
CA ALA F 41 0.93 6.77 21.05
C ALA F 41 0.67 8.19 20.57
N VAL F 42 1.56 9.10 20.98
CA VAL F 42 1.61 10.45 20.44
C VAL F 42 2.61 10.45 19.30
N THR F 43 2.13 10.60 18.08
CA THR F 43 2.99 10.60 16.91
C THR F 43 3.51 12.00 16.64
N VAL F 44 4.81 12.11 16.38
CA VAL F 44 5.42 13.40 16.10
C VAL F 44 5.06 13.82 14.68
N ARG F 45 4.73 15.09 14.50
CA ARG F 45 4.16 15.62 13.29
C ARG F 45 5.06 16.74 12.78
N GLU F 46 4.94 17.03 11.48
CA GLU F 46 5.82 17.99 10.82
C GLU F 46 4.98 19.04 10.10
N LYS F 47 5.38 20.31 10.16
CA LYS F 47 4.57 21.34 9.54
C LYS F 47 5.44 22.52 9.14
N SER F 48 4.82 23.45 8.40
CA SER F 48 5.46 24.65 7.88
C SER F 48 4.66 25.89 8.29
N VAL F 49 5.37 26.94 8.70
CA VAL F 49 4.72 28.16 9.16
C VAL F 49 5.04 29.30 8.21
N ARG F 50 4.41 30.46 8.43
CA ARG F 50 4.72 31.67 7.65
C ARG F 50 4.83 32.83 8.65
N GLY F 51 6.01 33.02 9.21
CA GLY F 51 6.23 34.01 10.24
C GLY F 51 6.59 35.36 9.68
N THR F 52 7.34 36.12 10.48
CA THR F 52 7.94 37.37 10.04
C THR F 52 9.35 37.46 10.58
N ILE F 53 10.15 38.35 10.00
CA ILE F 53 11.50 38.59 10.49
C ILE F 53 11.41 39.29 11.84
N SER F 54 11.94 38.65 12.88
CA SER F 54 11.87 39.22 14.21
C SER F 54 13.16 39.04 14.98
N ASN F 55 14.29 38.93 14.30
CA ASN F 55 15.59 38.96 14.93
C ASN F 55 16.14 40.38 14.87
N ARG F 56 16.97 40.74 15.83
CA ARG F 56 17.48 42.11 15.87
C ARG F 56 18.51 42.33 14.77
N LEU F 57 18.37 43.45 14.07
CA LEU F 57 19.14 43.72 12.87
C LEU F 57 20.59 44.07 13.20
N LYS F 58 21.50 43.68 12.32
CA LYS F 58 22.92 43.93 12.49
C LYS F 58 23.26 45.39 12.21
N THR F 59 24.54 45.73 12.41
CA THR F 59 25.01 47.08 12.08
C THR F 59 25.09 47.29 10.58
N LYS F 60 25.29 46.22 9.81
CA LYS F 60 25.25 46.29 8.35
C LYS F 60 23.83 46.30 7.80
N ASP F 61 22.82 46.16 8.66
CA ASP F 61 21.44 45.94 8.24
C ASP F 61 20.62 47.21 8.14
N ARG F 62 21.27 48.39 8.19
CA ARG F 62 20.56 49.65 8.14
C ARG F 62 20.24 50.13 6.72
N ASP F 63 20.71 49.42 5.70
CA ASP F 63 20.55 49.87 4.32
C ASP F 63 19.13 49.63 3.83
N PRO F 64 18.82 50.09 2.62
CA PRO F 64 17.44 49.88 2.10
C PRO F 64 17.15 48.44 1.72
N ALA F 65 18.14 47.73 1.19
CA ALA F 65 17.97 46.34 0.78
C ALA F 65 17.84 45.38 1.96
N LYS F 66 18.02 45.84 3.19
CA LYS F 66 17.77 45.02 4.37
C LYS F 66 16.59 45.51 5.20
N LEU F 67 16.18 46.78 5.07
CA LEU F 67 14.90 47.18 5.62
C LEU F 67 13.75 46.76 4.71
N ASP F 68 14.03 46.42 3.45
CA ASP F 68 13.04 45.70 2.64
C ASP F 68 12.76 44.32 3.21
N ALA F 69 13.77 43.71 3.86
CA ALA F 69 13.53 42.45 4.57
C ALA F 69 12.69 42.69 5.82
N SER F 70 12.83 43.85 6.44
CA SER F 70 11.98 44.19 7.58
C SER F 70 10.53 44.40 7.14
N ILE F 71 10.36 45.05 5.97
CA ILE F 71 9.02 45.44 5.54
C ILE F 71 8.21 44.23 5.08
N GLN F 72 8.70 43.50 4.07
CA GLN F 72 7.93 42.42 3.46
C GLN F 72 8.83 41.20 3.28
N SER F 73 8.88 40.37 4.30
CA SER F 73 9.59 39.10 4.23
C SER F 73 9.04 38.13 5.25
N PRO F 74 8.09 37.28 4.87
CA PRO F 74 7.77 36.12 5.71
C PRO F 74 8.94 35.17 5.79
N ASN F 75 8.90 34.28 6.78
CA ASN F 75 10.09 33.45 7.01
C ASN F 75 10.03 32.07 6.39
N LEU F 76 8.86 31.40 6.42
CA LEU F 76 8.64 30.06 5.85
C LEU F 76 9.60 29.03 6.47
N GLN F 77 9.35 28.72 7.74
CA GLN F 77 10.16 27.76 8.47
C GLN F 77 9.44 26.43 8.60
N THR F 78 10.23 25.37 8.79
CA THR F 78 9.75 24.00 8.96
C THR F 78 10.05 23.52 10.36
N VAL F 79 9.03 23.05 11.08
CA VAL F 79 9.20 22.65 12.47
C VAL F 79 8.41 21.37 12.76
N ASP F 80 8.94 20.57 13.69
CA ASP F 80 8.20 19.46 14.27
C ASP F 80 7.30 19.96 15.39
N VAL F 81 6.26 19.18 15.67
CA VAL F 81 5.28 19.51 16.69
C VAL F 81 4.57 18.21 17.09
N ALA F 82 4.30 18.03 18.38
CA ALA F 82 3.51 16.92 18.85
C ALA F 82 2.22 17.43 19.45
N ASN F 83 1.17 16.60 19.42
CA ASN F 83 -0.15 17.05 19.81
C ASN F 83 -0.95 15.87 20.36
N LEU F 84 -1.81 16.17 21.33
CA LEU F 84 -2.85 15.25 21.72
C LEU F 84 -3.92 15.20 20.62
N PRO F 85 -4.71 14.11 20.54
CA PRO F 85 -5.80 14.09 19.57
C PRO F 85 -6.93 15.02 19.96
N SER F 86 -7.91 15.20 19.07
CA SER F 86 -8.96 16.19 19.30
C SER F 86 -10.04 15.73 20.27
N ASP F 87 -9.93 14.54 20.86
CA ASP F 87 -10.90 14.06 21.83
C ASP F 87 -10.20 13.39 23.00
N ALA F 88 -9.02 13.90 23.37
CA ALA F 88 -8.21 13.31 24.41
C ALA F 88 -7.58 14.40 25.24
N ASP F 89 -7.65 14.26 26.57
CA ASP F 89 -7.14 15.28 27.47
C ASP F 89 -6.11 14.77 28.45
N THR F 90 -5.56 13.57 28.25
CA THR F 90 -4.59 12.99 29.15
C THR F 90 -3.34 12.57 28.39
N LEU F 91 -2.19 13.03 28.87
CA LEU F 91 -0.89 12.57 28.44
C LEU F 91 -0.34 11.64 29.51
N LYS F 92 -0.01 10.41 29.12
CA LYS F 92 0.51 9.40 30.04
C LYS F 92 1.96 9.12 29.69
N VAL F 93 2.85 9.30 30.67
CA VAL F 93 4.29 9.16 30.48
C VAL F 93 4.77 8.03 31.38
N ARG F 94 5.41 7.02 30.78
CA ARG F 94 5.76 5.79 31.47
C ARG F 94 7.21 5.42 31.26
N PHE F 95 7.87 4.96 32.34
CA PHE F 95 9.23 4.45 32.27
C PHE F 95 9.49 3.50 33.44
N THR F 96 10.71 2.97 33.51
CA THR F 96 11.13 2.04 34.56
C THR F 96 12.47 2.46 35.14
N LEU F 97 12.61 2.32 36.46
CA LEU F 97 13.79 2.71 37.20
C LEU F 97 14.44 1.48 37.83
N ARG F 98 15.74 1.55 38.07
CA ARG F 98 16.48 0.42 38.62
C ARG F 98 17.55 0.95 39.57
N VAL F 99 17.34 0.77 40.88
CA VAL F 99 18.28 1.26 41.89
C VAL F 99 19.14 0.10 42.36
N LEU F 100 20.46 0.24 42.23
CA LEU F 100 21.38 -0.90 42.33
C LEU F 100 22.05 -1.01 43.70
N GLY F 101 22.83 -0.01 44.09
CA GLY F 101 23.54 -0.06 45.35
C GLY F 101 24.99 -0.52 45.18
N GLY F 102 25.76 -0.34 46.24
CA GLY F 102 27.19 -0.57 46.20
C GLY F 102 27.91 0.67 45.71
N ALA F 103 27.71 1.79 46.41
CA ALA F 103 28.05 3.09 45.86
C ALA F 103 29.54 3.38 45.91
N GLY F 104 30.19 3.03 47.01
CA GLY F 104 31.54 3.53 47.27
C GLY F 104 32.62 2.90 46.41
N THR F 105 32.46 1.62 46.08
CA THR F 105 33.47 0.81 45.38
C THR F 105 33.72 1.30 43.97
N PRO F 106 34.92 1.80 43.66
CA PRO F 106 35.19 2.31 42.31
C PRO F 106 35.32 1.18 41.30
N SER F 107 34.93 1.49 40.06
CA SER F 107 35.00 0.51 38.99
C SER F 107 36.42 0.27 38.49
N ALA F 108 37.30 1.25 38.64
CA ALA F 108 38.68 1.14 38.21
C ALA F 108 39.49 2.13 39.01
N CYS F 109 40.77 1.79 39.22
CA CYS F 109 41.63 2.63 40.03
C CYS F 109 43.08 2.39 39.60
N ASN F 110 44.01 3.03 40.30
CA ASN F 110 45.42 2.81 40.08
C ASN F 110 46.22 2.67 41.37
N ASP F 111 45.62 2.96 42.52
CA ASP F 111 46.29 2.86 43.81
C ASP F 111 45.61 1.81 44.67
N ALA F 112 46.42 1.12 45.46
CA ALA F 112 45.87 0.25 46.50
C ALA F 112 45.62 1.00 47.79
N ALA F 113 46.43 2.02 48.08
CA ALA F 113 46.26 2.78 49.32
C ALA F 113 45.07 3.74 49.24
N TYR F 114 44.91 4.40 48.09
CA TYR F 114 43.82 5.36 47.95
C TYR F 114 42.48 4.64 47.88
N ARG F 115 42.43 3.43 47.31
CA ARG F 115 41.21 2.65 47.31
C ARG F 115 40.83 2.23 48.72
N ASP F 116 41.82 1.86 49.55
CA ASP F 116 41.54 1.49 50.93
C ASP F 116 41.05 2.68 51.75
N LYS F 117 41.66 3.85 51.55
CA LYS F 117 41.22 5.04 52.28
C LYS F 117 39.83 5.50 51.82
N LEU F 118 39.55 5.38 50.52
CA LEU F 118 38.24 5.75 49.99
C LEU F 118 37.15 4.81 50.51
N LEU F 119 37.42 3.50 50.51
CA LEU F 119 36.45 2.54 51.01
C LEU F 119 36.26 2.69 52.52
N GLN F 120 37.32 3.04 53.25
CA GLN F 120 37.19 3.29 54.68
C GLN F 120 36.34 4.54 54.95
N THR F 121 36.48 5.56 54.12
CA THR F 121 35.70 6.79 54.29
C THR F 121 34.22 6.57 53.99
N VAL F 122 33.90 5.88 52.89
CA VAL F 122 32.50 5.58 52.58
C VAL F 122 31.93 4.63 53.63
N ALA F 123 32.74 3.71 54.15
CA ALA F 123 32.27 2.77 55.17
C ALA F 123 31.95 3.49 56.47
N THR F 124 32.79 4.43 56.91
CA THR F 124 32.47 5.13 58.16
C THR F 124 31.34 6.13 57.95
N TYR F 125 31.12 6.59 56.72
CA TYR F 125 29.92 7.38 56.45
C TYR F 125 28.66 6.53 56.61
N VAL F 126 28.66 5.31 56.06
CA VAL F 126 27.50 4.44 56.21
C VAL F 126 27.31 4.00 57.67
N ASN F 127 28.42 3.86 58.41
CA ASN F 127 28.32 3.54 59.84
C ASN F 127 27.71 4.67 60.63
N GLU F 128 28.04 5.93 60.29
CA GLU F 128 27.48 7.06 61.02
C GLU F 128 25.99 7.26 60.70
N GLN F 129 25.63 7.29 59.42
CA GLN F 129 24.24 7.47 59.03
C GLN F 129 24.02 6.84 57.66
N GLY F 130 22.80 6.33 57.45
CA GLY F 130 22.45 5.65 56.23
C GLY F 130 22.22 6.59 55.08
N PHE F 131 21.54 6.07 54.05
CA PHE F 131 21.18 6.86 52.89
C PHE F 131 19.82 7.52 53.02
N ALA F 132 19.37 7.77 54.27
CA ALA F 132 17.98 8.15 54.50
C ALA F 132 17.67 9.55 53.97
N GLU F 133 18.62 10.47 54.09
CA GLU F 133 18.43 11.80 53.49
C GLU F 133 18.42 11.74 51.97
N LEU F 134 19.36 10.99 51.39
CA LEU F 134 19.46 10.91 49.94
C LEU F 134 18.30 10.13 49.33
N ALA F 135 17.95 8.99 49.93
CA ALA F 135 16.80 8.22 49.45
C ALA F 135 15.50 8.97 49.68
N ARG F 136 15.45 9.75 50.76
CA ARG F 136 14.29 10.60 51.05
C ARG F 136 14.09 11.63 49.94
N ARG F 137 15.16 12.30 49.55
CA ARG F 137 15.06 13.31 48.51
C ARG F 137 14.88 12.70 47.11
N TYR F 138 15.40 11.49 46.87
CA TYR F 138 15.16 10.80 45.60
C TYR F 138 13.70 10.39 45.46
N ALA F 139 13.13 9.76 46.49
CA ALA F 139 11.72 9.41 46.46
C ALA F 139 10.82 10.64 46.48
N HIS F 140 11.29 11.73 47.07
CA HIS F 140 10.54 12.98 47.03
C HIS F 140 10.50 13.55 45.63
N ASN F 141 11.65 13.54 44.94
CA ASN F 141 11.68 14.02 43.55
C ASN F 141 10.97 13.07 42.60
N LEU F 142 10.77 11.81 42.99
CA LEU F 142 9.88 10.93 42.24
C LEU F 142 8.42 11.19 42.55
N ALA F 143 8.11 11.72 43.74
CA ALA F 143 6.73 11.89 44.18
C ALA F 143 6.02 12.97 43.38
N ASN F 144 6.50 14.20 43.44
CA ASN F 144 6.03 15.20 42.49
C ASN F 144 6.68 14.92 41.14
N ALA F 145 5.87 14.92 40.08
CA ALA F 145 6.33 14.42 38.79
C ALA F 145 7.28 15.38 38.11
N ARG F 146 8.50 15.52 38.65
CA ARG F 146 9.43 16.52 38.13
C ARG F 146 10.03 16.14 36.77
N PHE F 147 9.80 14.94 36.29
CA PHE F 147 10.29 14.57 34.97
C PHE F 147 9.43 15.09 33.83
N LEU F 148 8.27 15.67 34.14
CA LEU F 148 7.47 16.42 33.18
C LEU F 148 7.91 17.87 33.30
N TRP F 149 8.72 18.34 32.34
CA TRP F 149 9.37 19.63 32.52
C TRP F 149 8.47 20.80 32.12
N ARG F 150 8.10 20.87 30.84
CA ARG F 150 7.15 21.87 30.38
C ARG F 150 5.72 21.32 30.33
N ASN F 151 5.56 20.01 30.46
CA ASN F 151 4.26 19.37 30.54
C ASN F 151 3.61 19.48 31.91
N ARG F 152 4.10 20.35 32.79
CA ARG F 152 3.63 20.46 34.16
C ARG F 152 3.36 21.90 34.57
N VAL F 153 3.60 22.88 33.70
CA VAL F 153 3.45 24.28 34.07
C VAL F 153 2.07 24.83 33.79
N GLY F 154 1.20 24.06 33.14
CA GLY F 154 -0.15 24.50 32.87
C GLY F 154 -1.16 23.38 33.03
N ALA F 155 -0.72 22.25 33.58
CA ALA F 155 -1.59 21.10 33.71
C ALA F 155 -2.61 21.31 34.83
N GLU F 156 -3.75 20.65 34.70
CA GLU F 156 -4.82 20.76 35.68
C GLU F 156 -4.65 19.80 36.84
N ALA F 157 -4.12 18.61 36.57
CA ALA F 157 -3.87 17.61 37.59
C ALA F 157 -2.75 16.70 37.10
N VAL F 158 -1.90 16.28 38.02
CA VAL F 158 -0.86 15.28 37.75
C VAL F 158 -0.99 14.18 38.78
N GLU F 159 -0.86 12.93 38.34
CA GLU F 159 -0.96 11.77 39.23
C GLU F 159 0.13 10.77 38.90
N VAL F 160 0.88 10.33 39.91
CA VAL F 160 2.01 9.42 39.74
C VAL F 160 1.68 8.09 40.40
N ARG F 161 1.88 6.99 39.67
CA ARG F 161 1.67 5.64 40.15
C ARG F 161 2.97 4.86 40.10
N ILE F 162 3.32 4.19 41.19
CA ILE F 162 4.60 3.50 41.31
C ILE F 162 4.34 2.04 41.64
N ASN F 163 4.95 1.13 40.87
CA ASN F 163 4.75 -0.31 41.03
C ASN F 163 6.09 -1.00 41.23
N HIS F 164 6.20 -1.82 42.27
CA HIS F 164 7.43 -2.57 42.56
C HIS F 164 7.34 -3.92 41.90
N ILE F 165 8.04 -4.10 40.77
CA ILE F 165 8.02 -5.36 40.04
C ILE F 165 8.90 -6.36 40.78
N ARG F 166 8.28 -7.37 41.41
CA ARG F 166 9.07 -8.33 42.18
C ARG F 166 9.62 -9.45 41.30
N GLN F 167 8.74 -10.29 40.76
CA GLN F 167 9.12 -11.34 39.82
C GLN F 167 8.16 -11.28 38.64
N GLY F 168 8.43 -10.36 37.71
CA GLY F 168 7.55 -10.09 36.58
C GLY F 168 6.17 -9.56 36.91
N GLU F 169 5.92 -9.21 38.18
CA GLU F 169 4.59 -8.87 38.64
C GLU F 169 4.68 -7.84 39.76
N VAL F 170 3.57 -7.14 39.98
CA VAL F 170 3.51 -6.09 40.99
C VAL F 170 3.50 -6.71 42.37
N ALA F 171 4.18 -6.05 43.32
CA ALA F 171 4.20 -6.50 44.70
C ALA F 171 3.81 -5.40 45.69
N ARG F 172 3.68 -4.16 45.24
CA ARG F 172 3.40 -3.00 46.08
C ARG F 172 3.01 -1.86 45.15
N THR F 173 2.05 -1.04 45.58
CA THR F 173 1.56 0.07 44.77
C THR F 173 1.56 1.36 45.60
N TRP F 174 2.06 2.42 44.99
CA TRP F 174 2.00 3.77 45.56
C TRP F 174 1.19 4.66 44.63
N ARG F 175 0.27 5.43 45.21
CA ARG F 175 -0.48 6.45 44.49
C ARG F 175 -0.26 7.80 45.17
N PHE F 176 0.07 8.81 44.39
CA PHE F 176 0.44 10.12 44.87
C PHE F 176 -0.51 11.18 44.32
N ASP F 177 -0.27 12.43 44.74
CA ASP F 177 -0.80 13.62 44.08
C ASP F 177 0.39 14.53 43.85
N ALA F 178 0.78 14.69 42.58
CA ALA F 178 2.03 15.36 42.28
C ALA F 178 1.94 16.88 42.39
N LEU F 179 0.74 17.45 42.43
CA LEU F 179 0.60 18.89 42.57
C LEU F 179 0.45 19.32 44.03
N ALA F 180 0.13 18.39 44.94
CA ALA F 180 0.08 18.70 46.35
C ALA F 180 1.49 18.84 46.92
N ILE F 181 2.32 17.83 46.71
CA ILE F 181 3.74 17.94 46.99
C ILE F 181 4.37 18.90 45.99
N GLY F 182 5.25 19.77 46.48
CA GLY F 182 5.74 20.88 45.69
C GLY F 182 7.14 20.66 45.15
N LEU F 183 7.82 21.76 44.89
CA LEU F 183 9.17 21.74 44.33
C LEU F 183 10.18 22.51 45.18
N ARG F 184 9.76 23.09 46.30
CA ARG F 184 10.64 23.91 47.11
C ARG F 184 10.84 23.41 48.53
N ASP F 185 10.22 22.30 48.92
CA ASP F 185 10.33 21.83 50.30
C ASP F 185 10.15 20.32 50.37
N PHE F 186 10.97 19.69 51.22
CA PHE F 186 10.91 18.26 51.46
C PHE F 186 10.21 18.02 52.79
N LYS F 187 9.18 17.17 52.77
CA LYS F 187 8.36 16.94 53.96
C LYS F 187 8.30 15.47 54.32
N ALA F 188 7.41 15.11 55.24
CA ALA F 188 7.24 13.74 55.68
C ALA F 188 5.79 13.31 55.55
N ASP F 189 5.57 12.00 55.43
CA ASP F 189 4.26 11.41 55.23
C ASP F 189 4.33 9.96 55.69
N ALA F 190 3.33 9.17 55.30
CA ALA F 190 3.31 7.75 55.62
C ALA F 190 3.60 6.85 54.43
N GLU F 191 3.34 7.31 53.20
CA GLU F 191 3.61 6.54 52.01
C GLU F 191 4.96 6.86 51.39
N LEU F 192 5.36 8.14 51.45
CA LEU F 192 6.68 8.54 50.98
C LEU F 192 7.77 7.92 51.81
N ASP F 193 7.52 7.73 53.11
CA ASP F 193 8.51 7.09 53.97
C ASP F 193 8.60 5.58 53.68
N ALA F 194 7.46 4.95 53.37
CA ALA F 194 7.49 3.54 53.02
C ALA F 194 8.14 3.30 51.66
N LEU F 195 8.10 4.30 50.77
CA LEU F 195 8.86 4.19 49.52
C LEU F 195 10.35 4.46 49.74
N ALA F 196 10.66 5.45 50.56
CA ALA F 196 12.06 5.82 50.79
C ALA F 196 12.81 4.73 51.54
N GLU F 197 12.12 3.97 52.39
CA GLU F 197 12.72 2.82 53.05
C GLU F 197 13.17 1.77 52.04
N LEU F 198 12.34 1.49 51.04
CA LEU F 198 12.67 0.50 50.02
C LEU F 198 13.78 1.00 49.11
N ILE F 199 13.77 2.29 48.80
CA ILE F 199 14.81 2.86 47.95
C ILE F 199 16.16 2.83 48.67
N ALA F 200 16.18 3.13 49.98
CA ALA F 200 17.41 3.02 50.74
C ALA F 200 17.85 1.58 50.93
N SER F 201 16.89 0.65 51.02
CA SER F 201 17.22 -0.77 51.14
C SER F 201 17.88 -1.30 49.88
N GLY F 202 17.40 -0.87 48.72
CA GLY F 202 18.06 -1.23 47.48
C GLY F 202 19.38 -0.49 47.30
N LEU F 203 19.45 0.75 47.78
CA LEU F 203 20.65 1.57 47.65
C LEU F 203 21.77 1.07 48.54
N SER F 204 21.46 0.36 49.63
CA SER F 204 22.52 -0.19 50.46
C SER F 204 23.11 -1.46 49.87
N GLY F 205 22.28 -2.30 49.27
CA GLY F 205 22.77 -3.49 48.61
C GLY F 205 22.08 -4.76 49.08
N SER F 206 21.10 -4.61 49.96
CA SER F 206 20.39 -5.74 50.56
C SER F 206 19.04 -5.99 49.90
N GLY F 207 18.93 -5.77 48.60
CA GLY F 207 17.66 -5.99 47.94
C GLY F 207 17.78 -5.93 46.44
N HIS F 208 16.64 -5.72 45.79
CA HIS F 208 16.56 -5.70 44.33
C HIS F 208 15.41 -4.77 43.96
N VAL F 209 15.72 -3.51 43.65
CA VAL F 209 14.71 -2.49 43.42
C VAL F 209 14.66 -2.20 41.93
N LEU F 210 13.59 -2.68 41.30
CA LEU F 210 13.20 -2.34 39.93
C LEU F 210 11.78 -1.82 39.98
N LEU F 211 11.61 -0.54 39.71
CA LEU F 211 10.32 0.13 39.79
C LEU F 211 9.77 0.44 38.41
N GLU F 212 8.45 0.61 38.34
CA GLU F 212 7.76 1.04 37.14
C GLU F 212 6.94 2.28 37.49
N VAL F 213 7.19 3.38 36.79
CA VAL F 213 6.62 4.68 37.12
C VAL F 213 5.73 5.14 35.97
N VAL F 214 4.50 5.53 36.30
CA VAL F 214 3.54 6.11 35.36
C VAL F 214 3.15 7.48 35.89
N ALA F 215 2.93 8.43 34.98
CA ALA F 215 2.44 9.75 35.36
C ALA F 215 1.40 10.23 34.37
N PHE F 216 0.28 10.73 34.88
CA PHE F 216 -0.82 11.26 34.10
C PHE F 216 -0.85 12.77 34.26
N ALA F 217 -0.97 13.49 33.14
CA ALA F 217 -1.05 14.94 33.13
C ALA F 217 -2.21 15.39 32.24
N ARG F 218 -3.09 16.20 32.80
CA ARG F 218 -4.32 16.63 32.12
C ARG F 218 -4.09 18.00 31.51
N ILE F 219 -3.89 18.01 30.18
CA ILE F 219 -3.53 19.23 29.46
C ILE F 219 -4.78 19.91 28.91
N GLY F 220 -5.52 19.22 28.08
CA GLY F 220 -6.66 19.78 27.36
C GLY F 220 -6.74 19.11 26.00
N ASP F 221 -7.94 19.15 25.41
CA ASP F 221 -8.22 18.41 24.18
C ASP F 221 -7.47 18.94 22.97
N GLY F 222 -6.44 18.23 22.56
CA GLY F 222 -5.75 18.56 21.32
C GLY F 222 -4.75 19.68 21.41
N GLN F 223 -4.16 19.92 22.58
CA GLN F 223 -3.15 20.95 22.73
C GLN F 223 -1.76 20.33 22.68
N GLU F 224 -0.75 21.19 22.77
CA GLU F 224 0.62 20.80 22.44
C GLU F 224 1.34 20.18 23.62
N VAL F 225 1.90 19.00 23.40
CA VAL F 225 2.79 18.36 24.35
C VAL F 225 4.21 18.50 23.84
N PHE F 226 5.17 18.38 24.75
CA PHE F 226 6.55 18.77 24.50
C PHE F 226 7.48 17.60 24.77
N PRO F 227 7.82 16.82 23.73
CA PRO F 227 8.83 15.77 23.90
C PRO F 227 10.23 16.35 23.91
N SER F 228 11.25 15.50 24.01
CA SER F 228 12.60 16.00 24.02
C SER F 228 13.03 16.40 22.62
N GLN F 229 13.79 17.48 22.55
CA GLN F 229 14.28 18.03 21.29
C GLN F 229 15.70 17.54 21.05
N GLU F 230 15.98 17.14 19.82
CA GLU F 230 17.26 16.53 19.51
C GLU F 230 18.37 17.57 19.50
N LEU F 231 19.60 17.08 19.60
CA LEU F 231 20.81 17.89 19.57
C LEU F 231 21.60 17.46 18.33
N ILE F 232 21.34 18.14 17.22
CA ILE F 232 22.03 17.85 15.97
C ILE F 232 23.39 18.54 16.00
N LEU F 233 24.45 17.76 16.19
CA LEU F 233 25.80 18.31 16.35
C LEU F 233 26.49 18.31 14.98
N ASP F 234 26.03 19.22 14.13
CA ASP F 234 26.58 19.41 12.80
C ASP F 234 26.90 20.89 12.65
N LYS F 235 27.16 21.31 11.41
CA LYS F 235 27.41 22.71 11.11
C LYS F 235 26.11 23.40 10.74
N GLY F 236 26.01 24.68 11.08
CA GLY F 236 24.80 25.43 10.80
C GLY F 236 24.67 25.79 9.34
N ASP F 237 23.43 25.89 8.88
CA ASP F 237 23.12 26.27 7.51
C ASP F 237 21.73 26.93 7.51
N LYS F 238 21.23 27.23 6.32
CA LYS F 238 19.96 27.93 6.17
C LYS F 238 19.22 27.39 4.97
N LYS F 239 17.88 27.36 5.06
CA LYS F 239 16.96 27.05 3.96
C LYS F 239 17.24 25.66 3.37
N GLY F 240 16.99 24.66 4.20
CA GLY F 240 17.47 23.31 3.93
C GLY F 240 17.81 22.61 5.23
N GLN F 241 17.61 23.31 6.33
CA GLN F 241 17.57 22.70 7.64
C GLN F 241 16.19 22.91 8.25
N LYS F 242 15.91 22.14 9.30
CA LYS F 242 14.65 22.23 10.02
C LYS F 242 14.78 23.08 11.28
N SER F 243 15.84 22.88 12.05
CA SER F 243 16.21 23.53 13.30
C SER F 243 15.27 23.19 14.45
N LYS F 244 14.36 22.23 14.30
CA LYS F 244 13.59 21.72 15.43
C LYS F 244 13.20 20.28 15.10
N THR F 245 13.90 19.32 15.70
CA THR F 245 13.59 17.92 15.57
C THR F 245 13.27 17.36 16.95
N LEU F 246 12.20 16.58 17.05
CA LEU F 246 11.77 16.01 18.30
C LEU F 246 12.11 14.52 18.35
N TYR F 247 12.10 13.98 19.57
CA TYR F 247 12.55 12.61 19.80
C TYR F 247 11.37 11.64 19.75
N SER F 248 11.62 10.47 19.17
CA SER F 248 10.57 9.46 19.05
C SER F 248 11.20 8.07 19.03
N VAL F 249 10.55 7.13 19.69
CA VAL F 249 10.99 5.74 19.75
C VAL F 249 9.98 4.88 19.01
N ARG F 250 10.30 4.52 17.75
CA ARG F 250 9.49 3.67 16.88
C ARG F 250 8.09 4.24 16.67
N ASP F 251 8.04 5.49 16.17
CA ASP F 251 6.82 6.26 15.92
C ASP F 251 6.00 6.45 17.20
N ALA F 252 6.68 6.93 18.24
CA ALA F 252 6.05 7.21 19.53
C ALA F 252 6.91 8.23 20.24
N ALA F 253 6.34 9.41 20.52
CA ALA F 253 7.10 10.51 21.10
C ALA F 253 7.63 10.14 22.48
N ALA F 254 8.78 10.70 22.84
CA ALA F 254 9.48 10.25 24.04
C ALA F 254 10.31 11.40 24.61
N ILE F 255 10.88 11.15 25.78
CA ILE F 255 11.83 12.03 26.45
C ILE F 255 13.08 11.21 26.74
N HIS F 256 14.26 11.82 26.58
CA HIS F 256 15.53 11.13 26.77
C HIS F 256 15.67 10.65 28.22
N SER F 257 16.60 9.72 28.43
CA SER F 257 16.81 9.18 29.76
C SER F 257 17.61 10.12 30.65
N GLN F 258 18.48 10.94 30.06
CA GLN F 258 19.25 11.89 30.85
C GLN F 258 18.39 13.04 31.37
N LYS F 259 17.28 13.32 30.69
CA LYS F 259 16.34 14.33 31.18
C LYS F 259 15.60 13.82 32.42
N ILE F 260 15.09 12.60 32.37
CA ILE F 260 14.45 11.98 33.53
C ILE F 260 15.44 11.73 34.64
N GLY F 261 16.71 11.51 34.31
CA GLY F 261 17.73 11.35 35.33
C GLY F 261 18.09 12.64 36.02
N ASN F 262 18.15 13.75 35.25
CA ASN F 262 18.41 15.05 35.83
C ASN F 262 17.26 15.52 36.69
N ALA F 263 16.03 15.13 36.35
CA ALA F 263 14.86 15.63 37.06
C ALA F 263 14.80 15.10 38.48
N LEU F 264 14.95 13.80 38.67
CA LEU F 264 14.95 13.22 40.01
C LEU F 264 16.31 13.26 40.69
N ARG F 265 17.24 14.11 40.22
CA ARG F 265 18.52 14.34 40.85
C ARG F 265 18.63 15.76 41.40
N THR F 266 17.54 16.52 41.40
CA THR F 266 17.54 17.88 41.94
C THR F 266 17.28 17.77 43.44
N ILE F 267 18.34 17.52 44.19
CA ILE F 267 18.28 17.39 45.64
C ILE F 267 19.21 18.36 46.36
N ASP F 268 20.00 19.14 45.62
CA ASP F 268 21.07 19.96 46.19
C ASP F 268 20.50 21.32 46.57
N THR F 269 20.12 21.45 47.84
CA THR F 269 19.59 22.71 48.37
C THR F 269 20.58 23.42 49.27
N TRP F 270 21.81 22.94 49.39
CA TRP F 270 22.85 23.59 50.16
C TRP F 270 23.92 24.12 49.21
N TYR F 271 24.16 25.42 49.26
CA TYR F 271 25.30 26.02 48.58
C TYR F 271 25.62 27.35 49.24
N PRO F 272 26.73 27.98 48.87
CA PRO F 272 27.13 29.23 49.55
C PRO F 272 26.25 30.42 49.20
N ASP F 273 25.43 30.32 48.16
CA ASP F 273 24.49 31.37 47.80
C ASP F 273 23.23 31.24 48.65
N GLU F 274 22.19 31.97 48.26
CA GLU F 274 20.91 31.91 48.97
C GLU F 274 20.27 30.54 48.74
N ASP F 275 20.23 29.73 49.80
CA ASP F 275 19.63 28.40 49.74
C ASP F 275 18.11 28.45 49.78
N GLY F 276 17.51 29.61 50.02
CA GLY F 276 16.06 29.75 50.07
C GLY F 276 15.37 29.79 48.73
N LEU F 277 16.13 29.87 47.63
CA LEU F 277 15.54 29.87 46.30
C LEU F 277 14.93 28.51 45.97
N GLY F 278 15.76 27.48 45.92
CA GLY F 278 15.31 26.15 45.57
C GLY F 278 16.48 25.23 45.29
N PRO F 279 16.19 23.95 45.07
CA PRO F 279 17.27 23.00 44.79
C PRO F 279 17.77 23.11 43.35
N ILE F 280 19.08 22.91 43.20
CA ILE F 280 19.71 22.84 41.89
C ILE F 280 20.21 21.41 41.74
N ALA F 281 20.81 21.07 40.59
CA ALA F 281 21.21 19.69 40.34
C ALA F 281 22.50 19.36 41.09
N VAL F 282 22.92 18.10 40.98
CA VAL F 282 24.11 17.60 41.66
C VAL F 282 25.19 17.43 40.60
N GLU F 283 26.05 18.43 40.47
CA GLU F 283 27.18 18.42 39.56
C GLU F 283 28.36 19.07 40.27
N PRO F 284 29.58 18.68 39.93
CA PRO F 284 30.76 19.40 40.47
C PRO F 284 30.82 20.81 39.92
N TYR F 285 31.17 21.75 40.79
CA TYR F 285 31.02 23.19 40.63
C TYR F 285 29.58 23.57 40.35
N GLY F 286 28.58 22.85 40.89
CA GLY F 286 27.17 23.22 41.00
C GLY F 286 26.51 24.08 39.94
N SER F 287 26.64 23.69 38.67
CA SER F 287 26.35 24.56 37.54
C SER F 287 24.94 24.33 37.01
N VAL F 288 24.27 25.43 36.67
CA VAL F 288 23.02 25.43 35.91
C VAL F 288 23.26 26.31 34.70
N THR F 289 23.49 25.68 33.54
CA THR F 289 23.99 26.41 32.37
C THR F 289 22.91 27.22 31.66
N SER F 290 21.64 26.85 31.79
CA SER F 290 20.57 27.60 31.15
C SER F 290 20.34 28.93 31.83
N GLN F 291 20.61 29.02 33.13
CA GLN F 291 20.54 30.30 33.82
C GLN F 291 21.80 31.11 33.60
N GLY F 292 22.92 30.44 33.33
CA GLY F 292 24.17 31.14 33.10
C GLY F 292 24.89 31.48 34.38
N LYS F 293 24.86 30.56 35.35
CA LYS F 293 25.53 30.79 36.62
C LYS F 293 25.94 29.45 37.22
N ALA F 294 27.17 29.38 37.70
CA ALA F 294 27.71 28.19 38.35
C ALA F 294 27.94 28.52 39.81
N TYR F 295 27.13 27.94 40.68
CA TYR F 295 27.37 28.04 42.11
C TYR F 295 28.50 27.09 42.49
N ARG F 296 28.94 27.18 43.75
CA ARG F 296 30.06 26.40 44.30
C ARG F 296 31.33 26.58 43.45
N GLN F 297 31.78 27.81 43.37
CA GLN F 297 32.90 28.11 42.50
C GLN F 297 34.23 27.69 43.13
N PRO F 298 35.25 27.40 42.32
CA PRO F 298 36.57 27.05 42.89
C PRO F 298 37.30 28.20 43.58
N LYS F 299 36.79 29.43 43.51
CA LYS F 299 37.36 30.50 44.33
C LYS F 299 37.16 30.22 45.81
N GLN F 300 35.97 29.78 46.18
CA GLN F 300 35.70 29.31 47.54
C GLN F 300 35.99 27.83 47.64
N LYS F 301 36.10 27.34 48.87
CA LYS F 301 36.39 25.93 49.11
C LYS F 301 35.10 25.16 49.39
N LEU F 302 34.21 25.14 48.41
CA LEU F 302 32.91 24.52 48.58
C LEU F 302 32.49 23.73 47.34
N ASP F 303 33.45 23.12 46.65
CA ASP F 303 33.15 22.24 45.54
C ASP F 303 33.46 20.80 45.91
N PHE F 304 33.23 19.89 44.96
CA PHE F 304 33.34 18.45 45.26
C PHE F 304 34.78 18.02 45.46
N TYR F 305 35.71 18.58 44.67
CA TYR F 305 37.07 18.05 44.64
C TYR F 305 37.85 18.45 45.88
N THR F 306 37.74 19.71 46.31
CA THR F 306 38.49 20.15 47.49
C THR F 306 37.95 19.51 48.76
N LEU F 307 36.62 19.39 48.87
CA LEU F 307 36.02 18.72 50.03
C LEU F 307 36.37 17.23 50.04
N LEU F 308 36.43 16.60 48.87
CA LEU F 308 36.79 15.19 48.81
C LEU F 308 38.24 14.96 49.20
N ASP F 309 39.15 15.77 48.67
CA ASP F 309 40.57 15.60 48.99
C ASP F 309 40.92 16.05 50.40
N ASN F 310 40.09 16.91 51.02
CA ASN F 310 40.28 17.20 52.44
C ASN F 310 39.69 16.12 53.33
N TRP F 311 38.63 15.45 52.89
CA TRP F 311 38.06 14.38 53.70
C TRP F 311 38.93 13.12 53.64
N VAL F 312 39.47 12.80 52.47
CA VAL F 312 40.15 11.52 52.29
C VAL F 312 41.59 11.59 52.78
N LEU F 313 42.36 12.54 52.25
CA LEU F 313 43.79 12.59 52.53
C LEU F 313 44.05 13.12 53.94
N ARG F 314 43.66 14.37 54.20
CA ARG F 314 44.00 15.04 55.44
C ARG F 314 43.04 14.75 56.57
N ASP F 315 41.97 13.97 56.32
CA ASP F 315 40.93 13.61 57.28
C ASP F 315 40.24 14.83 57.88
N GLU F 316 40.10 15.91 57.12
CA GLU F 316 39.33 17.07 57.53
C GLU F 316 37.89 16.85 57.09
N ALA F 317 37.02 16.51 58.03
CA ALA F 317 35.66 16.27 57.57
C ALA F 317 34.88 17.57 57.48
N PRO F 318 34.07 17.74 56.45
CA PRO F 318 33.18 18.90 56.36
C PRO F 318 31.91 18.64 57.18
N ALA F 319 30.97 19.57 57.07
CA ALA F 319 29.68 19.40 57.72
C ALA F 319 28.90 18.25 57.08
N VAL F 320 27.83 17.83 57.77
CA VAL F 320 27.09 16.64 57.39
C VAL F 320 26.37 16.83 56.05
N GLU F 321 25.91 18.05 55.79
CA GLU F 321 25.23 18.37 54.54
C GLU F 321 26.18 18.24 53.34
N GLN F 322 27.41 18.74 53.52
CA GLN F 322 28.42 18.59 52.48
C GLN F 322 28.81 17.13 52.29
N GLN F 323 28.74 16.32 53.35
CA GLN F 323 29.00 14.90 53.23
C GLN F 323 27.91 14.19 52.43
N HIS F 324 26.64 14.56 52.69
CA HIS F 324 25.52 14.08 51.88
C HIS F 324 25.72 14.43 50.41
N TYR F 325 26.20 15.64 50.14
CA TYR F 325 26.46 16.07 48.76
C TYR F 325 27.57 15.24 48.10
N VAL F 326 28.65 14.95 48.84
CA VAL F 326 29.76 14.16 48.31
C VAL F 326 29.30 12.72 48.02
N ILE F 327 28.47 12.15 48.89
CA ILE F 327 27.99 10.80 48.65
C ILE F 327 26.98 10.76 47.49
N ALA F 328 26.20 11.83 47.30
CA ALA F 328 25.35 11.92 46.12
C ALA F 328 26.16 12.03 44.83
N ASN F 329 27.30 12.73 44.89
CA ASN F 329 28.20 12.77 43.74
C ASN F 329 28.83 11.43 43.46
N LEU F 330 29.08 10.62 44.50
CA LEU F 330 29.56 9.27 44.24
C LEU F 330 28.48 8.36 43.67
N ILE F 331 27.23 8.58 44.06
CA ILE F 331 26.12 7.77 43.53
C ILE F 331 25.85 8.11 42.07
N ARG F 332 26.00 9.40 41.70
CA ARG F 332 25.78 9.83 40.32
C ARG F 332 26.78 9.18 39.36
N GLY F 333 28.06 9.23 39.69
CA GLY F 333 29.10 8.64 38.88
C GLY F 333 29.98 9.69 38.24
N GLY F 334 30.94 9.22 37.44
CA GLY F 334 31.78 10.11 36.68
C GLY F 334 33.23 9.73 36.76
N VAL F 335 34.09 10.66 36.36
CA VAL F 335 35.53 10.45 36.26
C VAL F 335 36.18 11.49 37.16
N PHE F 336 36.58 11.09 38.37
CA PHE F 336 37.22 11.98 39.33
C PHE F 336 38.63 11.49 39.60
N GLY F 337 39.61 12.03 38.86
CA GLY F 337 40.98 11.60 39.03
C GLY F 337 41.95 12.70 38.64
N GLU F 338 43.21 12.50 39.01
CA GLU F 338 44.28 13.44 38.66
C GLU F 338 44.52 13.45 37.15
N LEU G 6 69.86 -28.46 32.32
CA LEU G 6 70.72 -27.45 32.93
C LEU G 6 70.23 -26.04 32.63
N SER G 7 70.77 -25.44 31.57
CA SER G 7 70.32 -24.11 31.17
C SER G 7 68.98 -24.20 30.47
N THR G 8 68.13 -23.21 30.71
CA THR G 8 66.79 -23.19 30.13
C THR G 8 66.85 -22.79 28.66
N ALA G 9 65.68 -22.81 28.02
CA ALA G 9 65.58 -22.49 26.61
C ALA G 9 65.55 -20.98 26.40
N SER G 10 65.70 -20.58 25.15
CA SER G 10 65.61 -19.17 24.79
C SER G 10 64.31 -18.81 24.09
N VAL G 11 63.61 -19.80 23.53
CA VAL G 11 62.27 -19.61 22.98
C VAL G 11 61.38 -20.69 23.59
N LEU G 12 60.27 -20.26 24.18
CA LEU G 12 59.34 -21.20 24.82
C LEU G 12 57.94 -20.63 24.72
N ALA G 13 57.14 -21.17 23.81
CA ALA G 13 55.78 -20.69 23.60
C ALA G 13 54.78 -21.79 23.89
N PHE G 14 53.63 -21.40 24.42
CA PHE G 14 52.54 -22.32 24.70
C PHE G 14 51.27 -21.79 24.07
N GLU G 15 50.61 -22.64 23.27
CA GLU G 15 49.38 -22.26 22.58
C GLU G 15 48.20 -22.33 23.56
N ARG G 16 47.12 -21.63 23.21
CA ARG G 16 45.99 -21.43 24.10
C ARG G 16 44.95 -22.53 23.90
N LYS G 17 44.62 -23.23 24.98
CA LYS G 17 43.45 -24.09 25.04
C LYS G 17 42.29 -23.32 25.64
N LEU G 18 41.10 -23.92 25.59
CA LEU G 18 39.82 -23.30 26.00
C LEU G 18 39.56 -22.02 25.21
N ASP G 19 39.33 -22.21 23.91
CA ASP G 19 39.18 -21.14 22.92
C ASP G 19 37.72 -20.76 22.71
N PRO G 20 37.28 -19.59 23.17
CA PRO G 20 35.89 -19.18 22.98
C PRO G 20 35.71 -18.30 21.75
N SER G 21 34.44 -18.06 21.41
CA SER G 21 34.08 -17.18 20.31
C SER G 21 33.60 -15.84 20.86
N ASP G 22 33.09 -14.98 19.99
CA ASP G 22 32.51 -13.71 20.42
C ASP G 22 31.07 -13.96 20.86
N ALA G 23 30.76 -13.52 22.08
CA ALA G 23 29.45 -13.76 22.66
C ALA G 23 28.44 -12.77 22.09
N LEU G 24 27.41 -13.26 21.42
CA LEU G 24 26.44 -12.38 20.77
C LEU G 24 25.20 -12.22 21.63
N MET G 25 24.59 -11.03 21.52
CA MET G 25 23.44 -10.64 22.33
C MET G 25 22.16 -10.62 21.50
N SER G 26 21.07 -11.11 22.09
CA SER G 26 19.74 -11.00 21.53
C SER G 26 18.77 -10.67 22.66
N ALA G 27 17.55 -10.28 22.29
CA ALA G 27 16.57 -9.80 23.24
C ALA G 27 15.26 -10.57 23.10
N GLY G 28 14.63 -10.85 24.22
CA GLY G 28 13.35 -11.55 24.18
C GLY G 28 12.64 -11.46 25.51
N ALA G 29 11.62 -12.29 25.66
CA ALA G 29 10.82 -12.33 26.88
C ALA G 29 11.19 -13.54 27.71
N TRP G 30 11.08 -13.40 29.02
CA TRP G 30 11.17 -14.55 29.90
C TRP G 30 9.94 -15.43 29.73
N ALA G 31 10.08 -16.70 30.13
CA ALA G 31 9.16 -17.83 29.95
C ALA G 31 9.01 -18.25 28.49
N GLN G 32 9.67 -17.59 27.55
CA GLN G 32 9.89 -18.12 26.21
C GLN G 32 11.36 -18.46 26.00
N ARG G 33 12.07 -18.80 27.07
CA ARG G 33 13.49 -19.11 27.04
C ARG G 33 13.79 -20.48 26.43
N ASP G 34 12.78 -21.28 26.10
CA ASP G 34 12.99 -22.56 25.46
C ASP G 34 13.01 -22.46 23.94
N ALA G 35 12.09 -21.68 23.36
CA ALA G 35 12.10 -21.42 21.92
C ALA G 35 12.85 -20.14 21.59
N SER G 36 14.07 -20.04 22.09
CA SER G 36 14.87 -18.82 21.99
C SER G 36 15.81 -18.84 20.79
N GLN G 37 15.26 -19.07 19.60
CA GLN G 37 16.07 -19.07 18.38
C GLN G 37 15.60 -18.07 17.35
N GLU G 38 14.37 -17.58 17.42
CA GLU G 38 13.87 -16.55 16.53
C GLU G 38 13.90 -15.17 17.16
N TRP G 39 14.73 -14.99 18.18
CA TRP G 39 14.78 -13.73 18.91
C TRP G 39 15.60 -12.70 18.14
N PRO G 40 15.14 -11.45 18.09
CA PRO G 40 15.91 -10.42 17.38
C PRO G 40 17.05 -9.89 18.22
N ALA G 41 18.07 -9.38 17.53
CA ALA G 41 19.27 -8.93 18.19
C ALA G 41 19.11 -7.49 18.70
N VAL G 42 19.98 -7.10 19.63
CA VAL G 42 20.05 -5.72 20.09
C VAL G 42 21.03 -4.98 19.20
N THR G 43 20.78 -3.68 19.00
CA THR G 43 21.54 -2.87 18.08
C THR G 43 22.06 -1.63 18.77
N VAL G 44 23.27 -1.23 18.43
CA VAL G 44 23.88 -0.03 19.02
C VAL G 44 23.32 1.22 18.33
N ARG G 45 22.95 2.20 19.13
CA ARG G 45 22.52 3.51 18.66
C ARG G 45 23.53 4.56 19.08
N GLU G 46 23.34 5.76 18.53
CA GLU G 46 24.26 6.87 18.72
C GLU G 46 23.45 8.08 19.15
N LYS G 47 23.62 8.53 20.38
CA LYS G 47 22.87 9.66 20.91
C LYS G 47 23.80 10.81 21.22
N SER G 48 23.33 12.03 20.95
CA SER G 48 24.07 13.25 21.24
C SER G 48 23.50 13.87 22.50
N VAL G 49 24.37 14.21 23.45
CA VAL G 49 23.96 14.64 24.77
C VAL G 49 24.54 16.02 25.05
N ARG G 50 23.97 16.67 26.06
CA ARG G 50 24.42 17.94 26.58
C ARG G 50 24.65 17.80 28.08
N GLY G 51 25.73 18.35 28.57
CA GLY G 51 26.07 18.29 29.98
C GLY G 51 26.86 19.51 30.39
N THR G 52 27.67 19.34 31.41
CA THR G 52 28.45 20.42 32.00
C THR G 52 29.94 20.07 31.94
N ILE G 53 30.76 20.89 32.58
CA ILE G 53 32.19 20.63 32.72
C ILE G 53 32.38 20.14 34.15
N SER G 54 32.38 18.81 34.31
CA SER G 54 32.47 18.18 35.61
C SER G 54 33.83 17.55 35.88
N ASN G 55 34.85 17.95 35.13
CA ASN G 55 36.21 17.50 35.35
C ASN G 55 37.03 18.58 36.03
N ARG G 56 38.16 18.17 36.62
CA ARG G 56 39.02 19.11 37.34
C ARG G 56 39.67 20.10 36.37
N LEU G 57 39.85 21.33 36.84
CA LEU G 57 40.43 22.37 36.00
C LEU G 57 41.95 22.32 36.04
N LYS G 58 42.56 22.77 34.95
CA LYS G 58 44.02 22.86 34.87
C LYS G 58 44.40 24.34 35.00
N THR G 59 44.56 24.76 36.25
CA THR G 59 44.76 26.19 36.56
C THR G 59 46.25 26.53 36.60
N LYS G 60 46.92 26.29 35.47
CA LYS G 60 48.31 26.69 35.30
C LYS G 60 48.47 27.37 33.95
N ASP G 61 49.18 28.52 33.96
CA ASP G 61 49.55 29.31 32.78
C ASP G 61 48.33 29.79 31.98
N ARG G 62 47.18 29.95 32.64
CA ARG G 62 46.00 30.48 31.99
C ARG G 62 45.47 31.68 32.76
N ASP G 63 44.29 32.17 32.39
CA ASP G 63 43.64 33.25 33.11
C ASP G 63 42.37 32.72 33.78
N PRO G 64 42.02 33.24 34.97
CA PRO G 64 40.85 32.70 35.67
C PRO G 64 39.52 33.02 35.01
N ALA G 65 39.43 34.13 34.26
CA ALA G 65 38.17 34.51 33.63
C ALA G 65 37.77 33.52 32.55
N LYS G 66 38.74 32.90 31.87
CA LYS G 66 38.44 31.85 30.91
C LYS G 66 37.82 30.63 31.61
N LEU G 67 38.33 30.28 32.79
CA LEU G 67 37.76 29.16 33.53
C LEU G 67 36.37 29.48 34.05
N ASP G 68 36.15 30.71 34.50
CA ASP G 68 34.82 31.11 34.96
C ASP G 68 33.83 31.16 33.81
N ALA G 69 34.30 31.45 32.60
CA ALA G 69 33.43 31.33 31.43
C ALA G 69 33.18 29.87 31.07
N SER G 70 34.20 29.02 31.26
CA SER G 70 34.10 27.63 30.81
C SER G 70 33.22 26.78 31.72
N ILE G 71 33.12 27.14 33.00
CA ILE G 71 32.28 26.39 33.92
C ILE G 71 30.81 26.79 33.82
N GLN G 72 30.53 28.04 33.43
CA GLN G 72 29.16 28.53 33.28
C GLN G 72 28.60 28.29 31.87
N SER G 73 29.17 27.36 31.13
CA SER G 73 28.78 27.08 29.76
C SER G 73 28.51 25.59 29.59
N PRO G 74 27.60 25.21 28.70
CA PRO G 74 27.32 23.79 28.49
C PRO G 74 28.42 23.09 27.70
N ASN G 75 28.27 21.78 27.58
CA ASN G 75 29.28 20.90 26.98
C ASN G 75 28.58 19.81 26.19
N LEU G 76 28.83 19.77 24.88
CA LEU G 76 28.07 18.91 23.97
C LEU G 76 28.92 17.74 23.52
N GLN G 77 28.36 16.52 23.65
CA GLN G 77 29.06 15.29 23.28
C GLN G 77 28.12 14.40 22.48
N THR G 78 28.66 13.28 21.98
CA THR G 78 27.85 12.32 21.22
C THR G 78 28.41 10.92 21.39
N VAL G 79 27.71 10.07 22.14
CA VAL G 79 28.21 8.74 22.48
C VAL G 79 27.33 7.63 21.92
N ASP G 80 27.72 6.38 22.15
CA ASP G 80 26.97 5.19 21.76
C ASP G 80 26.27 4.57 22.96
N VAL G 81 25.20 3.82 22.67
CA VAL G 81 24.41 3.21 23.72
C VAL G 81 23.66 2.01 23.12
N ALA G 82 23.51 0.95 23.91
CA ALA G 82 22.71 -0.20 23.51
C ALA G 82 21.67 -0.48 24.59
N ASN G 83 20.41 -0.56 24.18
CA ASN G 83 19.29 -0.79 25.08
C ASN G 83 18.60 -2.10 24.73
N LEU G 84 17.67 -2.49 25.56
CA LEU G 84 16.65 -3.48 25.25
C LEU G 84 15.39 -2.78 24.77
N PRO G 85 14.59 -3.41 23.92
CA PRO G 85 13.32 -2.80 23.52
C PRO G 85 12.34 -2.72 24.67
N SER G 86 11.27 -1.94 24.47
CA SER G 86 10.33 -1.63 25.54
C SER G 86 9.40 -2.77 25.90
N ASP G 87 9.48 -3.92 25.22
CA ASP G 87 8.61 -5.05 25.56
C ASP G 87 9.39 -6.35 25.73
N ALA G 88 10.67 -6.28 26.07
CA ALA G 88 11.52 -7.46 26.22
C ALA G 88 12.39 -7.28 27.44
N ASP G 89 12.32 -8.23 28.37
CA ASP G 89 13.05 -8.13 29.63
C ASP G 89 14.20 -9.10 29.77
N THR G 90 14.49 -9.90 28.75
CA THR G 90 15.49 -10.96 28.87
C THR G 90 16.58 -10.75 27.82
N LEU G 91 17.82 -10.75 28.28
CA LEU G 91 19.00 -10.66 27.43
C LEU G 91 19.60 -12.05 27.29
N LYS G 92 19.80 -12.48 26.05
CA LYS G 92 20.36 -13.80 25.75
C LYS G 92 21.76 -13.61 25.19
N VAL G 93 22.75 -14.21 25.86
CA VAL G 93 24.15 -14.11 25.47
C VAL G 93 24.62 -15.51 25.08
N ARG G 94 25.11 -15.66 23.85
CA ARG G 94 25.40 -16.99 23.31
C ARG G 94 26.81 -17.06 22.75
N PHE G 95 27.51 -18.16 23.05
CA PHE G 95 28.82 -18.42 22.43
C PHE G 95 29.11 -19.92 22.47
N THR G 96 30.24 -20.31 21.89
CA THR G 96 30.70 -21.69 21.79
C THR G 96 32.05 -21.84 22.49
N LEU G 97 32.52 -23.08 22.61
CA LEU G 97 33.78 -23.33 23.30
C LEU G 97 34.40 -24.62 22.78
N ARG G 98 35.71 -24.59 22.54
CA ARG G 98 36.47 -25.73 22.06
C ARG G 98 37.58 -26.05 23.06
N VAL G 99 37.51 -27.21 23.71
CA VAL G 99 38.59 -27.68 24.56
C VAL G 99 39.44 -28.63 23.73
N LEU G 100 40.73 -28.32 23.59
CA LEU G 100 41.58 -28.95 22.60
C LEU G 100 42.35 -30.16 23.13
N GLY G 101 43.10 -29.98 24.21
CA GLY G 101 43.82 -31.14 24.71
C GLY G 101 45.21 -31.26 24.11
N GLY G 102 46.10 -31.88 24.88
CA GLY G 102 47.52 -31.83 24.58
C GLY G 102 48.13 -30.66 25.29
N ALA G 103 47.94 -30.61 26.62
CA ALA G 103 48.21 -29.42 27.39
C ALA G 103 49.70 -29.12 27.49
N GLY G 104 50.48 -30.06 28.02
CA GLY G 104 51.87 -29.78 28.33
C GLY G 104 52.82 -29.74 27.14
N THR G 105 52.36 -30.07 25.95
CA THR G 105 53.24 -30.05 24.78
C THR G 105 53.42 -28.62 24.29
N PRO G 106 54.64 -28.09 24.29
CA PRO G 106 54.84 -26.71 23.85
C PRO G 106 54.85 -26.60 22.33
N SER G 107 54.53 -25.41 21.85
CA SER G 107 54.55 -25.13 20.43
C SER G 107 55.91 -24.69 19.93
N ALA G 108 56.85 -24.43 20.84
CA ALA G 108 58.21 -24.06 20.50
C ALA G 108 59.10 -24.30 21.72
N CYS G 109 60.25 -24.92 21.49
CA CYS G 109 61.24 -25.13 22.54
C CYS G 109 62.61 -25.32 21.90
N ASN G 110 63.59 -24.58 22.42
CA ASN G 110 64.94 -24.65 21.86
C ASN G 110 65.66 -25.91 22.31
N ASP G 111 65.86 -26.07 23.62
CA ASP G 111 66.65 -27.15 24.15
C ASP G 111 65.85 -28.44 24.20
N ALA G 112 66.45 -29.53 23.71
CA ALA G 112 65.76 -30.82 23.73
C ALA G 112 65.78 -31.45 25.12
N ALA G 113 66.81 -31.18 25.91
CA ALA G 113 66.87 -31.71 27.27
C ALA G 113 65.81 -31.07 28.16
N TYR G 114 65.63 -29.75 28.02
CA TYR G 114 64.56 -29.07 28.75
C TYR G 114 63.19 -29.53 28.27
N ARG G 115 63.08 -29.85 26.99
CA ARG G 115 61.82 -30.37 26.44
C ARG G 115 61.49 -31.73 27.04
N ASP G 116 62.50 -32.60 27.16
CA ASP G 116 62.28 -33.93 27.72
C ASP G 116 61.97 -33.86 29.22
N LYS G 117 62.68 -32.99 29.94
CA LYS G 117 62.42 -32.86 31.38
C LYS G 117 61.07 -32.22 31.65
N LEU G 118 60.63 -31.29 30.79
CA LEU G 118 59.30 -30.72 30.93
C LEU G 118 58.22 -31.75 30.62
N LEU G 119 58.46 -32.59 29.60
CA LEU G 119 57.51 -33.65 29.28
C LEU G 119 57.40 -34.66 30.41
N GLN G 120 58.52 -34.98 31.06
CA GLN G 120 58.50 -35.93 32.18
C GLN G 120 57.83 -35.30 33.40
N THR G 121 57.99 -34.00 33.61
CA THR G 121 57.34 -33.33 34.73
C THR G 121 55.83 -33.28 34.55
N VAL G 122 55.38 -32.95 33.33
CA VAL G 122 53.94 -32.95 33.05
C VAL G 122 53.37 -34.37 33.11
N ALA G 123 54.15 -35.38 32.70
CA ALA G 123 53.68 -36.76 32.79
C ALA G 123 53.55 -37.22 34.25
N THR G 124 54.52 -36.83 35.09
CA THR G 124 54.44 -37.16 36.51
C THR G 124 53.26 -36.46 37.18
N TYR G 125 52.99 -35.21 36.80
CA TYR G 125 51.84 -34.49 37.34
C TYR G 125 50.53 -35.15 36.93
N VAL G 126 50.37 -35.44 35.63
CA VAL G 126 49.11 -36.01 35.16
C VAL G 126 48.94 -37.46 35.61
N ASN G 127 50.03 -38.15 35.98
CA ASN G 127 49.86 -39.48 36.56
C ASN G 127 49.47 -39.39 38.02
N GLU G 128 50.08 -38.47 38.78
CA GLU G 128 49.73 -38.34 40.20
C GLU G 128 48.40 -37.62 40.37
N GLN G 129 48.25 -36.42 39.80
CA GLN G 129 47.04 -35.62 39.94
C GLN G 129 46.60 -35.16 38.56
N GLY G 130 45.59 -35.82 38.00
CA GLY G 130 45.08 -35.45 36.69
C GLY G 130 44.35 -34.12 36.69
N PHE G 131 43.74 -33.81 35.55
CA PHE G 131 43.05 -32.53 35.37
C PHE G 131 41.66 -32.54 36.03
N ALA G 132 41.64 -32.82 37.33
CA ALA G 132 40.40 -32.95 38.08
C ALA G 132 40.04 -31.71 38.87
N GLU G 133 41.02 -30.88 39.23
CA GLU G 133 40.77 -29.65 39.95
C GLU G 133 40.60 -28.47 39.00
N LEU G 134 41.48 -28.39 37.99
CA LEU G 134 41.44 -27.29 37.02
C LEU G 134 40.17 -27.35 36.19
N ALA G 135 39.78 -28.54 35.74
CA ALA G 135 38.54 -28.68 34.97
C ALA G 135 37.33 -28.40 35.82
N ARG G 136 37.40 -28.72 37.12
CA ARG G 136 36.30 -28.42 38.03
C ARG G 136 36.14 -26.92 38.22
N ARG G 137 37.25 -26.19 38.34
CA ARG G 137 37.16 -24.74 38.47
C ARG G 137 36.72 -24.07 37.17
N TYR G 138 37.15 -24.61 36.02
CA TYR G 138 36.68 -24.11 34.73
C TYR G 138 35.19 -24.35 34.54
N ALA G 139 34.70 -25.51 35.00
CA ALA G 139 33.28 -25.80 34.91
C ALA G 139 32.47 -24.95 35.87
N HIS G 140 33.05 -24.59 37.02
CA HIS G 140 32.40 -23.66 37.93
C HIS G 140 32.30 -22.27 37.30
N ASN G 141 33.36 -21.82 36.62
CA ASN G 141 33.31 -20.49 36.01
C ASN G 141 32.42 -20.46 34.78
N LEU G 142 32.22 -21.61 34.13
CA LEU G 142 31.19 -21.71 33.11
C LEU G 142 29.80 -21.77 33.73
N ALA G 143 29.70 -22.28 34.96
CA ALA G 143 28.40 -22.50 35.60
C ALA G 143 27.77 -21.19 36.06
N ASN G 144 28.45 -20.47 36.95
CA ASN G 144 28.04 -19.10 37.22
C ASN G 144 28.35 -18.25 36.01
N ALA G 145 27.43 -17.38 35.63
CA ALA G 145 27.62 -16.62 34.40
C ALA G 145 28.60 -15.47 34.61
N ARG G 146 29.89 -15.79 34.78
CA ARG G 146 30.89 -14.76 34.99
C ARG G 146 31.20 -14.00 33.70
N PHE G 147 30.85 -14.55 32.54
CA PHE G 147 31.13 -13.92 31.25
C PHE G 147 30.18 -12.79 30.93
N LEU G 148 29.17 -12.54 31.75
CA LEU G 148 28.37 -11.33 31.69
C LEU G 148 28.90 -10.41 32.79
N TRP G 149 29.68 -9.39 32.39
CA TRP G 149 30.45 -8.64 33.37
C TRP G 149 29.57 -7.64 34.11
N ARG G 150 29.03 -6.65 33.41
CA ARG G 150 28.15 -5.67 34.01
C ARG G 150 26.69 -5.98 33.76
N ASN G 151 26.39 -7.07 33.04
CA ASN G 151 25.03 -7.55 32.86
C ASN G 151 24.61 -8.51 33.97
N ARG G 152 25.34 -8.53 35.08
CA ARG G 152 25.11 -9.46 36.16
C ARG G 152 24.99 -8.76 37.51
N VAL G 153 25.15 -7.43 37.55
CA VAL G 153 25.06 -6.71 38.81
C VAL G 153 23.62 -6.37 39.17
N GLY G 154 22.74 -6.23 38.20
CA GLY G 154 21.37 -5.90 38.48
C GLY G 154 20.41 -6.94 37.93
N ALA G 155 20.96 -8.08 37.52
CA ALA G 155 20.17 -9.15 36.96
C ALA G 155 19.34 -9.81 38.06
N GLU G 156 18.05 -10.01 37.76
CA GLU G 156 17.17 -10.62 38.75
C GLU G 156 17.41 -12.12 38.85
N ALA G 157 17.60 -12.78 37.71
CA ALA G 157 17.83 -14.22 37.67
C ALA G 157 18.61 -14.54 36.42
N VAL G 158 19.67 -15.32 36.56
CA VAL G 158 20.49 -15.78 35.45
C VAL G 158 20.33 -17.29 35.34
N GLU G 159 20.30 -17.79 34.10
CA GLU G 159 20.14 -19.22 33.84
C GLU G 159 21.06 -19.63 32.71
N VAL G 160 21.89 -20.65 32.94
CA VAL G 160 22.93 -21.06 32.00
C VAL G 160 22.60 -22.45 31.48
N ARG G 161 22.55 -22.58 30.15
CA ARG G 161 22.30 -23.86 29.49
C ARG G 161 23.51 -24.24 28.65
N ILE G 162 24.04 -25.45 28.88
CA ILE G 162 25.25 -25.92 28.23
C ILE G 162 24.92 -27.19 27.45
N ASN G 163 25.34 -27.25 26.19
CA ASN G 163 25.11 -28.40 25.33
C ASN G 163 26.43 -28.97 24.84
N HIS G 164 26.61 -30.28 24.98
CA HIS G 164 27.76 -30.95 24.39
C HIS G 164 27.40 -31.45 23.00
N ILE G 165 28.24 -31.14 22.01
CA ILE G 165 27.97 -31.51 20.63
C ILE G 165 29.06 -32.48 20.18
N ARG G 166 28.65 -33.66 19.70
CA ARG G 166 29.60 -34.70 19.32
C ARG G 166 29.74 -34.85 17.81
N GLN G 167 28.67 -35.14 17.08
CA GLN G 167 28.76 -35.26 15.63
C GLN G 167 27.93 -34.20 14.91
N GLY G 168 26.63 -34.16 15.12
CA GLY G 168 25.80 -33.13 14.54
C GLY G 168 24.61 -32.80 15.42
N GLU G 169 24.57 -33.37 16.61
CA GLU G 169 23.41 -33.25 17.49
C GLU G 169 23.87 -33.20 18.94
N VAL G 170 22.95 -32.77 19.80
CA VAL G 170 23.25 -32.62 21.22
C VAL G 170 23.31 -34.01 21.85
N ALA G 171 24.41 -34.28 22.55
CA ALA G 171 24.59 -35.56 23.22
C ALA G 171 24.34 -35.49 24.72
N ARG G 172 24.36 -34.30 25.30
CA ARG G 172 24.22 -34.11 26.75
C ARG G 172 23.91 -32.65 27.02
N THR G 173 22.99 -32.41 27.96
CA THR G 173 22.47 -31.07 28.25
C THR G 173 22.54 -30.82 29.75
N TRP G 174 23.20 -29.73 30.14
CA TRP G 174 23.24 -29.25 31.50
C TRP G 174 22.46 -27.94 31.62
N ARG G 175 21.91 -27.70 32.81
CA ARG G 175 21.19 -26.47 33.11
C ARG G 175 21.51 -26.07 34.54
N PHE G 176 22.00 -24.85 34.71
CA PHE G 176 22.38 -24.33 36.03
C PHE G 176 21.68 -23.00 36.28
N ASP G 177 21.49 -22.72 37.57
CA ASP G 177 21.04 -21.42 38.05
C ASP G 177 22.29 -20.68 38.53
N ALA G 178 22.70 -19.66 37.79
CA ALA G 178 23.99 -19.01 37.99
C ALA G 178 24.05 -18.16 39.26
N LEU G 179 22.92 -17.84 39.87
CA LEU G 179 22.92 -17.03 41.08
C LEU G 179 23.11 -17.85 42.34
N ALA G 180 22.61 -19.10 42.36
CA ALA G 180 22.83 -19.96 43.51
C ALA G 180 24.29 -20.39 43.61
N ILE G 181 24.90 -20.72 42.48
CA ILE G 181 26.34 -20.97 42.45
C ILE G 181 27.06 -19.65 42.65
N GLY G 182 27.91 -19.58 43.67
CA GLY G 182 28.55 -18.34 44.03
C GLY G 182 29.64 -17.92 43.06
N LEU G 183 30.30 -16.82 43.41
CA LEU G 183 31.44 -16.32 42.66
C LEU G 183 32.75 -16.46 43.44
N ARG G 184 32.72 -17.00 44.65
CA ARG G 184 33.92 -17.02 45.47
C ARG G 184 34.15 -18.33 46.22
N ASP G 185 33.41 -19.38 45.92
CA ASP G 185 33.68 -20.68 46.53
C ASP G 185 33.33 -21.76 45.54
N PHE G 186 34.17 -22.79 45.48
CA PHE G 186 34.04 -23.90 44.53
C PHE G 186 33.59 -25.14 45.29
N LYS G 187 32.28 -25.38 45.30
CA LYS G 187 31.69 -26.51 46.01
C LYS G 187 31.68 -27.74 45.10
N ALA G 188 31.00 -28.80 45.55
CA ALA G 188 30.85 -30.03 44.79
C ALA G 188 29.38 -30.28 44.52
N ASP G 189 29.09 -30.85 43.35
CA ASP G 189 27.72 -31.12 42.92
C ASP G 189 27.74 -32.46 42.18
N ALA G 190 26.65 -32.76 41.46
CA ALA G 190 26.53 -34.00 40.69
C ALA G 190 26.70 -33.79 39.20
N GLU G 191 25.98 -32.83 38.62
CA GLU G 191 26.08 -32.57 37.19
C GLU G 191 27.33 -31.76 36.84
N LEU G 192 27.74 -30.89 37.76
CA LEU G 192 28.96 -30.11 37.56
C LEU G 192 30.19 -31.00 37.52
N ASP G 193 30.18 -32.09 38.28
CA ASP G 193 31.28 -33.04 38.24
C ASP G 193 31.31 -33.81 36.92
N ALA G 194 30.14 -34.09 36.33
CA ALA G 194 30.11 -34.75 35.03
C ALA G 194 30.61 -33.82 33.93
N LEU G 195 30.25 -32.53 34.00
CA LEU G 195 30.77 -31.54 33.06
C LEU G 195 32.28 -31.37 33.22
N ALA G 196 32.76 -31.38 34.47
CA ALA G 196 34.19 -31.29 34.74
C ALA G 196 34.92 -32.52 34.24
N GLU G 197 34.30 -33.70 34.33
CA GLU G 197 34.92 -34.91 33.81
C GLU G 197 34.97 -34.90 32.29
N LEU G 198 33.97 -34.32 31.64
CA LEU G 198 34.01 -34.16 30.19
C LEU G 198 35.12 -33.21 29.76
N ILE G 199 35.26 -32.08 30.47
CA ILE G 199 36.33 -31.13 30.18
C ILE G 199 37.70 -31.75 30.44
N ALA G 200 37.81 -32.59 31.47
CA ALA G 200 39.05 -33.28 31.76
C ALA G 200 39.39 -34.32 30.70
N SER G 201 38.38 -35.03 30.21
CA SER G 201 38.61 -36.02 29.16
C SER G 201 38.96 -35.35 27.83
N GLY G 202 38.51 -34.12 27.63
CA GLY G 202 38.94 -33.36 26.47
C GLY G 202 40.33 -32.79 26.59
N LEU G 203 40.71 -32.36 27.80
CA LEU G 203 42.02 -31.76 28.02
C LEU G 203 43.15 -32.78 27.99
N SER G 204 42.85 -34.07 28.07
CA SER G 204 43.87 -35.12 28.11
C SER G 204 44.14 -35.72 26.74
N GLY G 205 43.88 -34.99 25.68
CA GLY G 205 44.26 -35.41 24.34
C GLY G 205 43.32 -36.39 23.68
N SER G 206 42.35 -36.92 24.43
CA SER G 206 41.45 -37.94 23.91
C SER G 206 40.50 -37.35 22.88
N GLY G 207 39.74 -36.32 23.26
CA GLY G 207 38.84 -35.65 22.35
C GLY G 207 39.09 -34.15 22.34
N HIS G 208 38.37 -33.46 21.46
CA HIS G 208 38.38 -32.01 21.36
C HIS G 208 36.93 -31.58 21.56
N VAL G 209 36.57 -31.33 22.81
CA VAL G 209 35.17 -31.20 23.19
C VAL G 209 34.61 -29.87 22.70
N LEU G 210 33.42 -29.94 22.09
CA LEU G 210 32.71 -28.77 21.61
C LEU G 210 31.48 -28.55 22.48
N LEU G 211 31.43 -27.39 23.15
CA LEU G 211 30.32 -27.01 24.00
C LEU G 211 29.66 -25.77 23.43
N GLU G 212 28.37 -25.61 23.73
CA GLU G 212 27.61 -24.43 23.36
C GLU G 212 26.97 -23.87 24.61
N VAL G 213 27.29 -22.61 24.93
CA VAL G 213 26.85 -21.98 26.17
C VAL G 213 25.87 -20.86 25.83
N VAL G 214 24.71 -20.89 26.49
CA VAL G 214 23.70 -19.84 26.36
C VAL G 214 23.35 -19.36 27.77
N ALA G 215 23.28 -18.04 27.95
CA ALA G 215 22.93 -17.46 29.25
C ALA G 215 21.76 -16.52 29.09
N PHE G 216 20.79 -16.64 29.99
CA PHE G 216 19.61 -15.77 30.03
C PHE G 216 19.69 -14.92 31.29
N ALA G 217 19.68 -13.60 31.11
CA ALA G 217 19.71 -12.66 32.22
C ALA G 217 18.46 -11.80 32.17
N ARG G 218 17.77 -11.68 33.31
CA ARG G 218 16.51 -10.96 33.40
C ARG G 218 16.77 -9.59 33.99
N ILE G 219 16.64 -8.55 33.18
CA ILE G 219 17.00 -7.20 33.59
C ILE G 219 15.76 -6.36 33.86
N GLY G 220 14.92 -6.18 32.84
CA GLY G 220 13.79 -5.27 32.92
C GLY G 220 13.50 -4.65 31.57
N ASP G 221 12.26 -4.19 31.36
CA ASP G 221 11.85 -3.68 30.07
C ASP G 221 12.54 -2.36 29.74
N GLY G 222 13.27 -2.32 28.65
CA GLY G 222 13.83 -1.09 28.16
C GLY G 222 15.10 -0.63 28.85
N GLN G 223 15.78 -1.50 29.56
CA GLN G 223 16.96 -1.12 30.30
C GLN G 223 18.21 -1.24 29.43
N GLU G 224 19.37 -1.01 30.04
CA GLU G 224 20.61 -0.85 29.32
C GLU G 224 21.44 -2.12 29.39
N VAL G 225 21.94 -2.57 28.25
CA VAL G 225 22.88 -3.68 28.18
C VAL G 225 24.23 -3.12 27.76
N PHE G 226 25.30 -3.78 28.19
CA PHE G 226 26.65 -3.25 28.06
C PHE G 226 27.52 -4.15 27.21
N PRO G 227 27.69 -3.84 25.92
CA PRO G 227 28.63 -4.61 25.09
C PRO G 227 30.08 -4.22 25.36
N SER G 228 31.01 -4.77 24.59
CA SER G 228 32.39 -4.39 24.79
C SER G 228 32.68 -3.05 24.14
N GLN G 229 33.67 -2.35 24.69
CA GLN G 229 34.10 -1.05 24.21
C GLN G 229 35.46 -1.18 23.56
N GLU G 230 35.68 -0.42 22.50
CA GLU G 230 36.88 -0.52 21.70
C GLU G 230 37.92 0.49 22.15
N LEU G 231 39.20 0.10 22.08
CA LEU G 231 40.31 0.98 22.43
C LEU G 231 40.70 1.78 21.20
N ILE G 232 40.26 3.03 21.14
CA ILE G 232 40.59 3.93 20.04
C ILE G 232 41.47 5.04 20.62
N LEU G 233 42.72 5.10 20.15
CA LEU G 233 43.66 6.07 20.68
C LEU G 233 43.54 7.44 20.02
N ASP G 234 43.25 7.49 18.72
CA ASP G 234 43.19 8.74 17.98
C ASP G 234 41.75 9.02 17.58
N LYS G 235 41.05 9.76 18.44
CA LYS G 235 39.84 10.47 18.04
C LYS G 235 40.29 11.79 17.44
N GLY G 236 39.85 12.06 16.22
CA GLY G 236 40.47 13.06 15.35
C GLY G 236 40.59 14.48 15.85
N ASP G 237 39.49 15.23 15.84
CA ASP G 237 39.48 16.63 16.25
C ASP G 237 38.14 17.05 16.84
N LYS G 238 38.15 18.06 17.70
CA LYS G 238 36.95 18.51 18.37
C LYS G 238 35.88 18.87 17.33
N LYS G 239 34.65 19.03 17.83
CA LYS G 239 33.46 19.26 17.02
C LYS G 239 33.26 18.15 15.99
N GLY G 240 33.00 16.95 16.49
CA GLY G 240 32.73 15.82 15.64
C GLY G 240 33.20 14.48 16.17
N GLN G 241 33.95 14.49 17.28
CA GLN G 241 34.46 13.25 17.84
C GLN G 241 33.36 12.52 18.59
N LYS G 242 33.65 11.29 19.01
CA LYS G 242 32.63 10.41 19.58
C LYS G 242 32.87 10.03 21.03
N SER G 243 34.10 9.68 21.40
CA SER G 243 34.55 9.38 22.77
C SER G 243 33.93 8.13 23.41
N LYS G 244 33.02 7.43 22.72
CA LYS G 244 32.59 6.09 23.15
C LYS G 244 32.10 5.34 21.94
N THR G 245 32.76 4.23 21.61
CA THR G 245 32.36 3.36 20.53
C THR G 245 32.20 1.94 21.05
N LEU G 246 31.13 1.27 20.65
CA LEU G 246 30.84 -0.07 21.10
C LEU G 246 31.09 -1.09 19.99
N TYR G 247 31.19 -2.35 20.39
CA TYR G 247 31.59 -3.44 19.50
C TYR G 247 30.38 -4.24 19.07
N SER G 248 30.34 -4.60 17.80
CA SER G 248 29.22 -5.35 17.25
C SER G 248 29.67 -6.06 15.99
N VAL G 249 29.15 -7.28 15.78
CA VAL G 249 29.37 -8.04 14.56
C VAL G 249 28.03 -8.33 13.90
N ARG G 250 28.01 -8.22 12.57
CA ARG G 250 26.83 -8.46 11.72
C ARG G 250 25.62 -7.62 12.16
N ASP G 251 25.89 -6.38 12.57
CA ASP G 251 24.91 -5.44 13.12
C ASP G 251 24.17 -6.02 14.32
N ALA G 252 24.94 -6.52 15.28
CA ALA G 252 24.39 -7.10 16.50
C ALA G 252 25.43 -6.94 17.59
N ALA G 253 25.03 -6.36 18.72
CA ALA G 253 25.99 -6.02 19.78
C ALA G 253 26.57 -7.28 20.41
N ALA G 254 27.89 -7.28 20.61
CA ALA G 254 28.61 -8.47 21.02
C ALA G 254 29.64 -8.11 22.08
N ILE G 255 30.22 -9.16 22.67
CA ILE G 255 31.29 -9.04 23.65
C ILE G 255 32.54 -9.66 23.04
N HIS G 256 33.70 -9.06 23.33
CA HIS G 256 34.98 -9.54 22.82
C HIS G 256 35.27 -10.95 23.33
N SER G 257 36.04 -11.70 22.54
CA SER G 257 36.39 -13.06 22.93
C SER G 257 37.43 -13.11 24.03
N GLN G 258 38.32 -12.12 24.09
CA GLN G 258 39.31 -12.10 25.15
C GLN G 258 38.69 -11.74 26.49
N LYS G 259 37.55 -11.04 26.49
CA LYS G 259 36.86 -10.74 27.74
C LYS G 259 36.20 -11.99 28.31
N ILE G 260 35.57 -12.80 27.46
CA ILE G 260 35.01 -14.09 27.87
C ILE G 260 36.14 -15.02 28.33
N GLY G 261 37.27 -14.99 27.63
CA GLY G 261 38.40 -15.83 28.01
C GLY G 261 39.00 -15.45 29.34
N ASN G 262 39.05 -14.14 29.62
CA ASN G 262 39.47 -13.70 30.95
C ASN G 262 38.43 -14.05 32.00
N ALA G 263 37.16 -14.11 31.61
CA ALA G 263 36.10 -14.41 32.57
C ALA G 263 36.16 -15.85 33.05
N LEU G 264 36.30 -16.81 32.13
CA LEU G 264 36.35 -18.20 32.57
C LEU G 264 37.76 -18.66 32.98
N ARG G 265 38.65 -17.74 33.35
CA ARG G 265 40.01 -18.05 33.74
C ARG G 265 40.34 -17.63 35.16
N THR G 266 39.46 -16.93 35.85
CA THR G 266 39.70 -16.47 37.22
C THR G 266 39.47 -17.65 38.15
N ILE G 267 40.53 -18.43 38.39
CA ILE G 267 40.43 -19.65 39.19
C ILE G 267 41.46 -19.61 40.30
N ASP G 268 42.39 -18.68 40.23
CA ASP G 268 43.55 -18.66 41.12
C ASP G 268 43.16 -18.07 42.47
N THR G 269 43.03 -18.90 43.48
CA THR G 269 42.78 -18.46 44.85
C THR G 269 43.98 -18.68 45.76
N TRP G 270 45.12 -19.09 45.22
CA TRP G 270 46.27 -19.48 46.02
C TRP G 270 47.32 -18.38 46.17
N TYR G 271 47.01 -17.15 45.76
CA TYR G 271 47.97 -16.07 45.88
C TYR G 271 48.13 -15.69 47.37
N PRO G 272 49.34 -15.28 47.79
CA PRO G 272 49.69 -15.39 49.22
C PRO G 272 48.93 -14.48 50.17
N ASP G 273 48.69 -13.22 49.83
CA ASP G 273 48.10 -12.27 50.76
C ASP G 273 46.65 -12.03 50.41
N GLU G 274 45.78 -12.21 51.41
CA GLU G 274 44.33 -11.97 51.35
C GLU G 274 43.66 -12.79 50.24
N ASP G 275 43.74 -14.12 50.40
CA ASP G 275 43.14 -15.02 49.44
C ASP G 275 41.62 -15.08 49.55
N GLY G 276 41.04 -14.52 50.61
CA GLY G 276 39.60 -14.49 50.78
C GLY G 276 38.89 -13.36 50.03
N LEU G 277 39.66 -12.47 49.39
CA LEU G 277 39.05 -11.43 48.58
C LEU G 277 38.41 -12.00 47.32
N GLY G 278 38.94 -13.11 46.81
CA GLY G 278 38.36 -13.78 45.67
C GLY G 278 39.42 -14.31 44.73
N PRO G 279 39.00 -15.11 43.76
CA PRO G 279 39.94 -15.56 42.73
C PRO G 279 40.28 -14.48 41.73
N ILE G 280 41.53 -14.49 41.27
CA ILE G 280 41.98 -13.60 40.21
C ILE G 280 42.36 -14.45 39.01
N ALA G 281 42.58 -13.78 37.88
CA ALA G 281 42.94 -14.48 36.67
C ALA G 281 44.37 -15.01 36.73
N VAL G 282 44.64 -16.06 35.97
CA VAL G 282 45.95 -16.69 35.95
C VAL G 282 46.88 -15.84 35.09
N GLU G 283 47.81 -15.14 35.73
CA GLU G 283 48.77 -14.29 35.03
C GLU G 283 50.15 -14.50 35.64
N PRO G 284 51.21 -14.40 34.84
CA PRO G 284 52.56 -14.31 35.42
C PRO G 284 52.74 -12.95 36.08
N TYR G 285 53.21 -12.96 37.32
CA TYR G 285 53.08 -11.84 38.26
C TYR G 285 51.64 -11.34 38.30
N GLY G 286 50.77 -12.21 38.83
CA GLY G 286 49.32 -12.10 38.72
C GLY G 286 48.71 -10.76 39.10
N SER G 287 48.26 -10.05 38.07
CA SER G 287 47.92 -8.65 38.16
C SER G 287 46.47 -8.42 37.75
N VAL G 288 45.89 -7.35 38.30
CA VAL G 288 44.54 -6.92 37.97
C VAL G 288 44.62 -5.50 37.44
N THR G 289 43.95 -5.23 36.32
CA THR G 289 43.95 -3.86 35.80
C THR G 289 43.01 -2.97 36.59
N SER G 290 41.93 -3.52 37.15
CA SER G 290 41.00 -2.72 37.93
C SER G 290 41.53 -2.36 39.30
N GLN G 291 42.59 -3.03 39.75
CA GLN G 291 43.22 -2.72 41.03
C GLN G 291 44.47 -1.88 40.91
N GLY G 292 45.20 -1.98 39.81
CA GLY G 292 46.47 -1.31 39.69
C GLY G 292 47.54 -1.89 40.60
N LYS G 293 47.40 -3.16 40.95
CA LYS G 293 48.33 -3.84 41.85
C LYS G 293 48.68 -5.20 41.25
N ALA G 294 49.93 -5.60 41.44
CA ALA G 294 50.41 -6.88 40.93
C ALA G 294 50.70 -7.80 42.11
N TYR G 295 49.79 -8.74 42.35
CA TYR G 295 50.06 -9.80 43.30
C TYR G 295 51.00 -10.82 42.67
N ARG G 296 51.51 -11.72 43.51
CA ARG G 296 52.58 -12.67 43.16
C ARG G 296 53.79 -11.93 42.57
N GLN G 297 54.33 -11.01 43.35
CA GLN G 297 55.52 -10.27 42.96
C GLN G 297 56.72 -11.21 42.88
N PRO G 298 57.75 -10.86 42.11
CA PRO G 298 58.95 -11.71 42.07
C PRO G 298 59.82 -11.62 43.31
N LYS G 299 59.52 -10.73 44.26
CA LYS G 299 60.31 -10.64 45.48
C LYS G 299 60.05 -11.82 46.40
N GLN G 300 58.79 -12.15 46.62
CA GLN G 300 58.42 -13.40 47.28
C GLN G 300 58.25 -14.47 46.22
N LYS G 301 59.00 -15.56 46.35
CA LYS G 301 59.19 -16.51 45.25
C LYS G 301 57.90 -17.31 45.02
N LEU G 302 56.95 -16.66 44.34
CA LEU G 302 55.66 -17.29 44.04
C LEU G 302 55.14 -16.98 42.65
N ASP G 303 55.93 -16.34 41.77
CA ASP G 303 55.49 -16.08 40.42
C ASP G 303 55.63 -17.34 39.56
N PHE G 304 55.38 -17.19 38.27
CA PHE G 304 55.39 -18.36 37.38
C PHE G 304 56.80 -18.80 37.04
N TYR G 305 57.71 -17.84 36.81
CA TYR G 305 59.01 -18.18 36.22
C TYR G 305 59.92 -18.86 37.23
N THR G 306 60.00 -18.34 38.45
CA THR G 306 60.85 -18.96 39.46
C THR G 306 60.31 -20.31 39.89
N LEU G 307 58.98 -20.46 39.92
CA LEU G 307 58.38 -21.75 40.26
C LEU G 307 58.67 -22.78 39.18
N LEU G 308 58.56 -22.40 37.91
CA LEU G 308 58.84 -23.33 36.82
C LEU G 308 60.32 -23.70 36.78
N ASP G 309 61.21 -22.73 37.00
CA ASP G 309 62.65 -23.00 37.00
C ASP G 309 63.07 -23.87 38.18
N ASN G 310 62.45 -23.67 39.35
CA ASN G 310 62.78 -24.54 40.47
C ASN G 310 62.11 -25.90 40.37
N TRP G 311 61.02 -26.03 39.60
CA TRP G 311 60.41 -27.33 39.43
C TRP G 311 61.16 -28.17 38.41
N VAL G 312 61.54 -27.59 37.28
CA VAL G 312 62.13 -28.37 36.21
C VAL G 312 63.63 -28.56 36.41
N LEU G 313 64.36 -27.46 36.57
CA LEU G 313 65.82 -27.53 36.54
C LEU G 313 66.39 -28.16 37.80
N ARG G 314 65.94 -27.70 38.97
CA ARG G 314 66.52 -28.13 40.24
C ARG G 314 65.70 -29.20 40.94
N ASP G 315 64.57 -29.61 40.37
CA ASP G 315 63.65 -30.64 40.87
C ASP G 315 63.05 -30.31 42.23
N GLU G 316 63.15 -29.05 42.68
CA GLU G 316 62.54 -28.62 43.94
C GLU G 316 61.07 -28.35 43.68
N ALA G 317 60.27 -29.40 43.83
CA ALA G 317 58.85 -29.31 43.50
C ALA G 317 58.11 -28.49 44.56
N PRO G 318 57.20 -27.61 44.15
CA PRO G 318 56.44 -26.81 45.11
C PRO G 318 55.26 -27.60 45.66
N ALA G 319 54.44 -26.89 46.44
CA ALA G 319 53.19 -27.46 46.93
C ALA G 319 52.23 -27.71 45.78
N VAL G 320 51.27 -28.60 46.01
CA VAL G 320 50.32 -29.00 44.96
C VAL G 320 49.43 -27.85 44.55
N GLU G 321 49.13 -26.94 45.49
CA GLU G 321 48.33 -25.76 45.19
C GLU G 321 49.06 -24.78 44.28
N GLN G 322 50.40 -24.86 44.21
CA GLN G 322 51.15 -24.07 43.25
C GLN G 322 51.46 -24.84 41.97
N GLN G 323 51.53 -26.17 42.04
CA GLN G 323 51.61 -26.98 40.83
C GLN G 323 50.37 -26.81 39.97
N HIS G 324 49.21 -26.66 40.62
CA HIS G 324 47.98 -26.35 39.90
C HIS G 324 48.08 -25.03 39.15
N TYR G 325 48.68 -24.02 39.78
CA TYR G 325 48.84 -22.71 39.15
C TYR G 325 49.81 -22.77 37.98
N VAL G 326 50.89 -23.55 38.12
CA VAL G 326 51.87 -23.70 37.04
C VAL G 326 51.23 -24.39 35.84
N ILE G 327 50.48 -25.47 36.08
CA ILE G 327 49.84 -26.18 34.97
C ILE G 327 48.70 -25.35 34.37
N ALA G 328 48.05 -24.50 35.16
CA ALA G 328 47.04 -23.60 34.61
C ALA G 328 47.66 -22.54 33.72
N ASN G 329 48.85 -22.05 34.10
CA ASN G 329 49.58 -21.13 33.24
C ASN G 329 50.03 -21.80 31.95
N LEU G 330 50.35 -23.10 32.01
CA LEU G 330 50.69 -23.82 30.78
C LEU G 330 49.47 -24.02 29.90
N ILE G 331 48.29 -24.19 30.51
CA ILE G 331 47.05 -24.35 29.75
C ILE G 331 46.66 -23.03 29.09
N ARG G 332 46.91 -21.91 29.77
CA ARG G 332 46.55 -20.60 29.25
C ARG G 332 47.38 -20.23 28.01
N GLY G 333 48.69 -20.39 28.08
CA GLY G 333 49.58 -20.10 26.98
C GLY G 333 50.41 -18.85 27.27
N GLY G 334 51.31 -18.57 26.34
CA GLY G 334 52.14 -17.39 26.47
C GLY G 334 53.51 -17.58 25.87
N VAL G 335 54.27 -16.49 25.86
CA VAL G 335 55.60 -16.42 25.25
C VAL G 335 56.60 -16.12 26.35
N PHE G 336 57.50 -17.06 26.64
CA PHE G 336 58.55 -16.89 27.62
C PHE G 336 59.88 -17.28 27.00
N GLY G 337 60.94 -16.56 27.35
CA GLY G 337 62.26 -16.93 26.89
C GLY G 337 63.34 -16.17 27.64
N GLU G 338 64.53 -16.78 27.69
CA GLU G 338 65.68 -16.12 28.29
C GLU G 338 66.87 -16.08 27.34
N SER H 2 -29.65 -18.17 13.82
CA SER H 2 -30.97 -17.82 13.32
C SER H 2 -32.07 -18.34 14.25
N ARG H 3 -32.20 -17.71 15.41
CA ARG H 3 -33.18 -18.11 16.42
C ARG H 3 -34.62 -17.61 16.16
N PRO H 4 -34.88 -16.38 15.71
CA PRO H 4 -36.28 -16.04 15.38
C PRO H 4 -36.74 -16.73 14.11
N THR H 5 -37.99 -17.22 14.13
CA THR H 5 -38.56 -17.87 12.95
C THR H 5 -38.81 -16.84 11.87
N VAL H 6 -38.50 -17.21 10.63
CA VAL H 6 -38.52 -16.28 9.50
C VAL H 6 -39.65 -16.66 8.56
N VAL H 7 -40.42 -15.66 8.12
CA VAL H 7 -41.54 -15.83 7.20
C VAL H 7 -41.36 -14.81 6.08
N THR H 8 -41.06 -15.27 4.88
CA THR H 8 -40.85 -14.37 3.74
C THR H 8 -41.91 -14.60 2.68
N VAL H 9 -42.33 -13.51 2.02
CA VAL H 9 -43.36 -13.54 0.99
C VAL H 9 -42.75 -12.94 -0.27
N THR H 10 -42.57 -13.78 -1.30
CA THR H 10 -41.92 -13.36 -2.53
C THR H 10 -42.88 -13.58 -3.70
N GLU H 11 -42.86 -12.65 -4.66
CA GLU H 11 -43.66 -12.76 -5.86
C GLU H 11 -42.95 -13.63 -6.88
N THR H 12 -43.67 -14.62 -7.42
CA THR H 12 -43.08 -15.54 -8.39
C THR H 12 -42.93 -14.83 -9.74
N PRO H 13 -41.72 -14.73 -10.28
CA PRO H 13 -41.53 -13.95 -11.52
C PRO H 13 -41.98 -14.68 -12.77
N ARG H 14 -42.41 -15.94 -12.69
CA ARG H 14 -42.92 -16.62 -13.88
C ARG H 14 -44.33 -16.22 -14.23
N ASN H 15 -45.13 -15.75 -13.26
CA ASN H 15 -46.34 -15.01 -13.60
C ASN H 15 -46.50 -13.87 -12.61
N PRO H 16 -46.54 -12.63 -13.08
CA PRO H 16 -46.59 -11.49 -12.16
C PRO H 16 -47.97 -11.34 -11.53
N GLY H 17 -47.97 -11.16 -10.22
CA GLY H 17 -49.20 -10.95 -9.46
C GLY H 17 -49.55 -12.03 -8.47
N SER H 18 -48.82 -13.14 -8.46
CA SER H 18 -49.06 -14.22 -7.51
C SER H 18 -47.86 -14.40 -6.60
N TYR H 19 -48.13 -14.78 -5.35
CA TYR H 19 -47.14 -14.75 -4.29
C TYR H 19 -46.94 -16.15 -3.71
N GLU H 20 -45.83 -16.31 -3.00
CA GLU H 20 -45.51 -17.57 -2.36
C GLU H 20 -44.73 -17.30 -1.09
N VAL H 21 -45.00 -18.08 -0.04
CA VAL H 21 -44.50 -17.83 1.30
C VAL H 21 -43.58 -18.97 1.73
N ASN H 22 -42.46 -18.61 2.35
CA ASN H 22 -41.52 -19.56 2.94
C ASN H 22 -41.45 -19.33 4.45
N VAL H 23 -41.45 -20.41 5.22
CA VAL H 23 -41.44 -20.36 6.69
C VAL H 23 -40.33 -21.28 7.19
N GLU H 24 -39.40 -20.71 7.96
CA GLU H 24 -38.30 -21.45 8.55
C GLU H 24 -38.31 -21.27 10.06
N ARG H 25 -38.14 -22.37 10.80
CA ARG H 25 -38.10 -22.35 12.26
C ARG H 25 -36.94 -23.20 12.74
N ASP H 26 -36.00 -22.57 13.45
CA ASP H 26 -34.90 -23.22 14.18
C ASP H 26 -34.00 -24.04 13.25
N GLY H 27 -33.43 -23.36 12.27
CA GLY H 27 -32.41 -23.97 11.43
C GLY H 27 -32.93 -24.71 10.21
N LYS H 28 -34.07 -25.38 10.32
CA LYS H 28 -34.65 -26.14 9.23
C LYS H 28 -35.97 -25.51 8.81
N MET H 29 -36.32 -25.67 7.54
CA MET H 29 -37.51 -25.03 7.00
C MET H 29 -38.74 -25.90 7.20
N VAL H 30 -39.85 -25.26 7.52
CA VAL H 30 -41.10 -25.97 7.75
C VAL H 30 -42.06 -25.81 6.58
N VAL H 31 -41.99 -24.71 5.83
CA VAL H 31 -42.87 -24.49 4.69
C VAL H 31 -42.01 -23.95 3.55
N GLY H 32 -41.99 -24.64 2.42
CA GLY H 32 -41.24 -24.20 1.27
C GLY H 32 -42.09 -24.00 0.03
N ARG H 33 -42.21 -22.74 -0.39
CA ARG H 33 -42.89 -22.31 -1.63
C ARG H 33 -44.35 -22.79 -1.69
N ALA H 34 -45.12 -22.36 -0.70
CA ALA H 34 -46.55 -22.65 -0.65
C ALA H 34 -47.31 -21.48 -1.26
N ARG H 35 -48.42 -21.80 -1.91
CA ARG H 35 -49.15 -20.78 -2.65
C ARG H 35 -49.88 -19.81 -1.73
N ALA H 36 -49.87 -18.56 -2.11
CA ALA H 36 -50.71 -17.51 -1.55
C ALA H 36 -51.65 -17.04 -2.65
N GLY H 37 -52.36 -15.95 -2.39
CA GLY H 37 -53.36 -15.49 -3.33
C GLY H 37 -52.77 -14.83 -4.57
N SER H 38 -53.68 -14.23 -5.33
CA SER H 38 -53.32 -13.48 -6.53
C SER H 38 -53.41 -11.97 -6.31
N ASP H 39 -53.26 -11.53 -5.06
CA ASP H 39 -53.32 -10.12 -4.71
C ASP H 39 -52.56 -9.95 -3.39
N PRO H 40 -52.07 -8.74 -3.10
CA PRO H 40 -51.31 -8.54 -1.85
C PRO H 40 -52.13 -8.70 -0.58
N GLY H 41 -53.45 -8.58 -0.64
CA GLY H 41 -54.26 -8.76 0.56
C GLY H 41 -54.26 -10.19 1.08
N ALA H 42 -54.48 -11.15 0.17
CA ALA H 42 -54.42 -12.56 0.53
C ALA H 42 -53.01 -12.98 0.92
N ALA H 43 -51.99 -12.37 0.30
CA ALA H 43 -50.61 -12.67 0.65
C ALA H 43 -50.26 -12.19 2.05
N ALA H 44 -50.71 -10.98 2.41
CA ALA H 44 -50.47 -10.46 3.74
C ALA H 44 -51.25 -11.25 4.80
N ALA H 45 -52.47 -11.67 4.46
CA ALA H 45 -53.26 -12.48 5.37
C ALA H 45 -52.63 -13.85 5.61
N LYS H 46 -52.13 -14.47 4.55
CA LYS H 46 -51.44 -15.75 4.70
C LYS H 46 -50.11 -15.60 5.45
N ALA H 47 -49.45 -14.44 5.29
CA ALA H 47 -48.24 -14.19 6.08
C ALA H 47 -48.55 -14.05 7.56
N MET H 48 -49.65 -13.38 7.90
CA MET H 48 -50.07 -13.28 9.30
C MET H 48 -50.45 -14.65 9.86
N GLN H 49 -51.14 -15.47 9.06
CA GLN H 49 -51.54 -16.81 9.50
C GLN H 49 -50.33 -17.72 9.68
N MET H 50 -49.35 -17.61 8.80
CA MET H 50 -48.11 -18.37 8.95
C MET H 50 -47.20 -17.78 10.02
N ALA H 51 -47.49 -16.56 10.49
CA ALA H 51 -46.76 -16.02 11.63
C ALA H 51 -47.35 -16.47 12.95
N MET H 52 -48.67 -16.66 13.01
CA MET H 52 -49.31 -17.18 14.22
C MET H 52 -48.85 -18.59 14.53
N GLU H 53 -49.07 -19.51 13.58
CA GLU H 53 -48.46 -20.82 13.66
C GLU H 53 -46.96 -20.72 13.34
N TRP H 54 -46.23 -21.78 13.68
CA TRP H 54 -44.82 -22.03 13.32
C TRP H 54 -43.81 -21.08 13.96
N GLY H 55 -44.28 -20.08 14.70
CA GLY H 55 -43.47 -19.50 15.75
C GLY H 55 -44.36 -18.73 16.71
N SER H 56 -44.35 -19.10 17.98
CA SER H 56 -45.06 -18.29 18.96
C SER H 56 -44.20 -17.12 19.42
N PRO H 57 -42.88 -17.30 19.81
CA PRO H 57 -42.06 -16.10 19.99
C PRO H 57 -41.23 -15.77 18.76
N ASN H 58 -41.01 -14.46 18.55
CA ASN H 58 -40.00 -13.92 17.63
C ASN H 58 -40.21 -14.37 16.18
N TYR H 59 -41.31 -13.93 15.60
CA TYR H 59 -41.46 -14.09 14.16
C TYR H 59 -40.94 -12.85 13.44
N VAL H 60 -40.45 -13.06 12.22
CA VAL H 60 -40.11 -11.99 11.31
C VAL H 60 -40.93 -12.16 10.05
N ILE H 61 -41.55 -11.09 9.58
CA ILE H 61 -42.37 -11.11 8.36
C ILE H 61 -41.71 -10.18 7.36
N LEU H 62 -41.28 -10.75 6.24
CA LEU H 62 -40.66 -9.98 5.17
C LEU H 62 -41.56 -10.03 3.93
N GLY H 63 -41.41 -9.02 3.08
CA GLY H 63 -42.26 -8.91 1.91
C GLY H 63 -42.10 -7.55 1.27
N SER H 64 -42.90 -7.33 0.24
CA SER H 64 -42.84 -6.09 -0.51
C SER H 64 -43.52 -4.97 0.26
N ASN H 65 -43.40 -3.74 -0.27
CA ASN H 65 -44.10 -2.62 0.33
C ASN H 65 -45.58 -2.60 -0.03
N LYS H 66 -45.96 -3.31 -1.10
CA LYS H 66 -47.37 -3.49 -1.41
C LYS H 66 -48.01 -4.58 -0.55
N VAL H 67 -47.19 -5.47 0.01
CA VAL H 67 -47.68 -6.52 0.90
C VAL H 67 -47.66 -6.08 2.35
N LEU H 68 -46.59 -5.41 2.78
CA LEU H 68 -46.46 -4.93 4.15
C LEU H 68 -47.17 -3.61 4.40
N ALA H 69 -48.10 -3.21 3.53
CA ALA H 69 -48.93 -2.04 3.78
C ALA H 69 -50.33 -2.40 4.27
N PHE H 70 -50.68 -3.69 4.26
CA PHE H 70 -51.98 -4.12 4.76
C PHE H 70 -51.96 -4.54 6.22
N ILE H 71 -50.77 -4.65 6.81
CA ILE H 71 -50.64 -4.98 8.23
C ILE H 71 -50.12 -3.74 8.96
N PRO H 72 -50.42 -3.57 10.25
CA PRO H 72 -49.88 -2.43 10.98
C PRO H 72 -48.38 -2.55 11.20
N GLU H 73 -47.77 -1.41 11.56
CA GLU H 73 -46.32 -1.34 11.68
C GLU H 73 -45.79 -2.11 12.88
N GLN H 74 -46.62 -2.32 13.90
CA GLN H 74 -46.19 -3.07 15.08
C GLN H 74 -46.29 -4.58 14.90
N LEU H 75 -46.93 -5.06 13.83
CA LEU H 75 -47.14 -6.47 13.61
C LEU H 75 -46.20 -7.06 12.57
N ARG H 76 -45.06 -6.42 12.32
CA ARG H 76 -44.11 -6.92 11.34
C ARG H 76 -42.90 -7.60 11.98
N VAL H 77 -42.44 -7.13 13.13
CA VAL H 77 -41.34 -7.75 13.86
C VAL H 77 -41.80 -7.95 15.30
N LYS H 78 -41.71 -9.19 15.77
CA LYS H 78 -42.10 -9.51 17.14
C LYS H 78 -41.03 -9.06 18.13
N SER I 2 -13.51 -20.49 0.32
CA SER I 2 -14.83 -19.86 0.32
C SER I 2 -15.91 -20.88 0.65
N ARG I 3 -16.03 -21.21 1.93
CA ARG I 3 -16.97 -22.25 2.38
C ARG I 3 -18.45 -21.84 2.48
N PRO I 4 -18.86 -20.72 3.12
CA PRO I 4 -20.30 -20.47 3.24
C PRO I 4 -20.93 -20.00 1.95
N THR I 5 -22.23 -20.24 1.82
CA THR I 5 -22.98 -19.79 0.66
C THR I 5 -23.11 -18.27 0.69
N VAL I 6 -22.68 -17.62 -0.38
CA VAL I 6 -22.67 -16.16 -0.46
C VAL I 6 -23.85 -15.70 -1.29
N VAL I 7 -24.65 -14.79 -0.72
CA VAL I 7 -25.81 -14.20 -1.37
C VAL I 7 -25.61 -12.69 -1.43
N THR I 8 -25.64 -12.12 -2.63
CA THR I 8 -25.48 -10.68 -2.83
C THR I 8 -26.71 -10.10 -3.53
N VAL I 9 -27.06 -8.88 -3.16
CA VAL I 9 -28.20 -8.15 -3.74
C VAL I 9 -27.70 -6.80 -4.23
N THR I 10 -27.69 -6.60 -5.55
CA THR I 10 -27.18 -5.39 -6.16
C THR I 10 -28.25 -4.68 -6.97
N GLU I 11 -28.20 -3.36 -6.99
CA GLU I 11 -29.15 -2.53 -7.72
C GLU I 11 -28.66 -2.28 -9.13
N THR I 12 -29.54 -2.46 -10.11
CA THR I 12 -29.18 -2.24 -11.50
C THR I 12 -29.13 -0.74 -11.78
N PRO I 13 -28.04 -0.21 -12.33
CA PRO I 13 -28.02 1.22 -12.68
C PRO I 13 -28.67 1.56 -14.00
N ARG I 14 -29.13 0.59 -14.78
CA ARG I 14 -29.81 0.92 -16.04
C ARG I 14 -31.22 1.46 -15.80
N ASN I 15 -31.86 1.08 -14.70
CA ASN I 15 -33.03 1.80 -14.20
C ASN I 15 -33.01 1.70 -12.68
N PRO I 16 -33.08 2.83 -11.98
CA PRO I 16 -32.92 2.80 -10.53
C PRO I 16 -34.16 2.30 -9.81
N GLY I 17 -33.92 1.69 -8.65
CA GLY I 17 -35.00 1.16 -7.85
C GLY I 17 -35.36 -0.28 -8.11
N SER I 18 -34.56 -1.00 -8.89
CA SER I 18 -34.79 -2.42 -9.15
C SER I 18 -33.51 -3.19 -8.86
N TYR I 19 -33.65 -4.36 -8.25
CA TYR I 19 -32.53 -5.10 -7.69
C TYR I 19 -32.41 -6.47 -8.34
N GLU I 20 -31.29 -7.14 -8.04
CA GLU I 20 -30.97 -8.46 -8.55
C GLU I 20 -30.20 -9.21 -7.46
N VAL I 21 -30.28 -10.55 -7.49
CA VAL I 21 -29.68 -11.38 -6.47
C VAL I 21 -28.80 -12.45 -7.12
N ASN I 22 -27.64 -12.70 -6.51
CA ASN I 22 -26.67 -13.70 -6.97
C ASN I 22 -26.30 -14.62 -5.82
N VAL I 23 -26.32 -15.93 -6.06
CA VAL I 23 -26.03 -16.95 -5.06
C VAL I 23 -24.84 -17.78 -5.53
N GLU I 24 -23.94 -18.10 -4.61
CA GLU I 24 -22.81 -18.98 -4.89
C GLU I 24 -22.63 -19.93 -3.71
N ARG I 25 -22.82 -21.23 -3.95
CA ARG I 25 -22.77 -22.18 -2.85
C ARG I 25 -21.34 -22.61 -2.53
N ASP I 26 -20.68 -23.30 -3.46
CA ASP I 26 -19.33 -23.79 -3.20
C ASP I 26 -18.57 -23.80 -4.53
N GLY I 27 -17.89 -22.69 -4.81
CA GLY I 27 -17.08 -22.57 -6.01
C GLY I 27 -17.81 -22.51 -7.33
N LYS I 28 -19.14 -22.54 -7.31
CA LYS I 28 -19.93 -22.48 -8.53
C LYS I 28 -21.15 -21.62 -8.30
N MET I 29 -21.55 -20.91 -9.34
CA MET I 29 -22.68 -19.98 -9.28
C MET I 29 -23.96 -20.74 -9.58
N VAL I 30 -24.90 -20.73 -8.62
CA VAL I 30 -26.14 -21.47 -8.76
C VAL I 30 -27.31 -20.60 -9.21
N VAL I 31 -27.28 -19.31 -8.91
CA VAL I 31 -28.31 -18.35 -9.34
C VAL I 31 -27.60 -17.10 -9.85
N GLY I 32 -27.86 -16.73 -11.09
CA GLY I 32 -27.24 -15.53 -11.63
C GLY I 32 -28.21 -14.48 -12.12
N ARG I 33 -28.22 -13.34 -11.44
CA ARG I 33 -29.04 -12.20 -11.76
C ARG I 33 -30.50 -12.54 -11.92
N ALA I 34 -31.13 -12.92 -10.82
CA ALA I 34 -32.54 -13.23 -10.81
C ALA I 34 -33.21 -11.95 -10.31
N ARG I 35 -34.37 -11.62 -10.87
CA ARG I 35 -35.06 -10.42 -10.46
C ARG I 35 -35.49 -10.42 -9.00
N ALA I 36 -34.89 -9.54 -8.20
CA ALA I 36 -35.23 -9.40 -6.80
C ALA I 36 -36.58 -8.67 -6.62
N GLY I 37 -36.67 -7.44 -7.08
CA GLY I 37 -37.93 -6.73 -6.96
C GLY I 37 -37.81 -5.30 -7.43
N SER I 38 -38.75 -4.47 -7.00
CA SER I 38 -38.80 -3.07 -7.38
C SER I 38 -38.79 -2.13 -6.18
N ASP I 39 -38.40 -2.64 -5.02
CA ASP I 39 -38.32 -1.88 -3.78
C ASP I 39 -37.36 -2.62 -2.84
N PRO I 40 -36.85 -1.95 -1.79
CA PRO I 40 -35.94 -2.66 -0.88
C PRO I 40 -36.56 -3.84 -0.14
N GLY I 41 -37.87 -3.81 0.09
CA GLY I 41 -38.51 -4.89 0.84
C GLY I 41 -38.52 -6.21 0.10
N ALA I 42 -38.81 -6.18 -1.21
CA ALA I 42 -38.79 -7.39 -2.01
C ALA I 42 -37.37 -7.91 -2.19
N ALA I 43 -36.38 -7.03 -2.23
CA ALA I 43 -34.99 -7.47 -2.32
C ALA I 43 -34.54 -8.15 -1.04
N ALA I 44 -34.93 -7.61 0.12
CA ALA I 44 -34.61 -8.26 1.39
C ALA I 44 -35.33 -9.61 1.53
N ALA I 45 -36.58 -9.68 1.08
CA ALA I 45 -37.33 -10.94 1.12
C ALA I 45 -36.71 -11.97 0.20
N LYS I 46 -36.25 -11.56 -0.98
CA LYS I 46 -35.63 -12.49 -1.92
C LYS I 46 -34.27 -12.97 -1.41
N ALA I 47 -33.53 -12.09 -0.72
CA ALA I 47 -32.25 -12.49 -0.12
C ALA I 47 -32.45 -13.50 0.99
N MET I 48 -33.44 -13.30 1.85
CA MET I 48 -33.70 -14.26 2.91
C MET I 48 -34.24 -15.57 2.36
N GLN I 49 -35.00 -15.52 1.25
CA GLN I 49 -35.47 -16.75 0.63
C GLN I 49 -34.32 -17.53 0.00
N MET I 50 -33.38 -16.83 -0.66
CA MET I 50 -32.25 -17.51 -1.25
C MET I 50 -31.22 -17.96 -0.21
N ALA I 51 -31.29 -17.43 1.01
CA ALA I 51 -30.44 -17.92 2.09
C ALA I 51 -31.07 -19.05 2.89
N MET I 52 -32.40 -19.11 2.93
CA MET I 52 -33.10 -20.20 3.60
C MET I 52 -32.80 -21.54 2.94
N GLU I 53 -33.15 -21.67 1.65
CA GLU I 53 -32.62 -22.74 0.84
C GLU I 53 -31.22 -22.35 0.37
N TRP I 54 -30.58 -23.24 -0.40
CA TRP I 54 -29.20 -23.12 -0.91
C TRP I 54 -28.16 -22.97 0.19
N GLY I 55 -28.53 -23.27 1.42
CA GLY I 55 -27.68 -22.96 2.54
C GLY I 55 -27.24 -24.19 3.29
N SER I 56 -25.94 -24.24 3.56
CA SER I 56 -25.30 -25.12 4.52
C SER I 56 -25.56 -24.55 5.91
N PRO I 57 -25.04 -25.15 7.00
CA PRO I 57 -25.06 -24.45 8.29
C PRO I 57 -24.40 -23.06 8.40
N ASN I 58 -23.79 -22.54 7.33
CA ASN I 58 -23.33 -21.17 7.28
C ASN I 58 -23.86 -20.48 6.02
N TYR I 59 -24.00 -19.16 6.09
CA TYR I 59 -24.25 -18.32 4.93
C TYR I 59 -23.83 -16.88 5.24
N VAL I 60 -23.92 -16.02 4.24
CA VAL I 60 -23.60 -14.60 4.36
C VAL I 60 -24.43 -13.81 3.35
N ILE I 61 -25.02 -12.70 3.80
CA ILE I 61 -25.88 -11.86 2.96
C ILE I 61 -25.22 -10.48 2.86
N LEU I 62 -25.11 -9.97 1.63
CA LEU I 62 -24.54 -8.65 1.38
C LEU I 62 -25.53 -7.81 0.60
N GLY I 63 -25.61 -6.53 0.95
CA GLY I 63 -26.54 -5.63 0.28
C GLY I 63 -26.26 -4.20 0.70
N SER I 64 -27.05 -3.29 0.15
CA SER I 64 -26.89 -1.88 0.44
C SER I 64 -27.45 -1.56 1.83
N ASN I 65 -27.28 -0.30 2.25
CA ASN I 65 -27.74 0.13 3.56
C ASN I 65 -29.20 0.53 3.59
N LYS I 66 -29.93 0.37 2.48
CA LYS I 66 -31.38 0.50 2.47
C LYS I 66 -32.08 -0.85 2.47
N VAL I 67 -31.42 -1.89 1.95
CA VAL I 67 -31.96 -3.24 1.93
C VAL I 67 -31.68 -3.96 3.23
N LEU I 68 -30.47 -3.80 3.76
CA LEU I 68 -30.06 -4.41 5.02
C LEU I 68 -30.69 -3.73 6.24
N ALA I 69 -31.58 -2.76 6.11
CA ALA I 69 -32.33 -2.29 7.26
C ALA I 69 -33.52 -3.18 7.58
N PHE I 70 -34.12 -3.80 6.55
CA PHE I 70 -35.26 -4.69 6.77
C PHE I 70 -34.84 -6.03 7.38
N ILE I 71 -33.63 -6.47 7.14
CA ILE I 71 -33.11 -7.67 7.79
C ILE I 71 -32.77 -7.32 9.24
N PRO I 72 -33.11 -8.17 10.22
CA PRO I 72 -32.80 -7.88 11.63
C PRO I 72 -31.31 -7.68 11.87
N GLU I 73 -31.01 -6.69 12.73
CA GLU I 73 -29.68 -6.11 12.87
C GLU I 73 -28.66 -7.10 13.40
N GLN I 74 -27.76 -7.54 12.52
CA GLN I 74 -26.63 -8.43 12.79
C GLN I 74 -27.04 -9.73 13.49
N LEU I 75 -28.24 -10.23 13.18
CA LEU I 75 -28.72 -11.48 13.75
C LEU I 75 -28.97 -12.54 12.69
N ARG I 76 -29.72 -12.20 11.64
CA ARG I 76 -30.02 -13.11 10.55
C ARG I 76 -29.14 -12.87 9.33
N VAL I 77 -28.10 -12.05 9.45
CA VAL I 77 -27.24 -11.74 8.32
C VAL I 77 -26.09 -12.73 8.19
N LYS I 78 -25.65 -13.34 9.29
CA LYS I 78 -24.53 -14.25 9.26
C LYS I 78 -24.91 -15.58 9.90
N MET I 79 -24.14 -16.60 9.58
CA MET I 79 -24.27 -17.91 10.20
C MET I 79 -22.97 -18.70 10.05
N MET J 1 -56.43 -72.06 -21.65
CA MET J 1 -57.55 -72.08 -22.58
C MET J 1 -57.06 -71.94 -24.01
N ASP J 2 -57.95 -72.12 -24.99
CA ASP J 2 -57.60 -72.18 -26.39
C ASP J 2 -58.05 -70.93 -27.14
N HIS J 3 -58.06 -69.78 -26.46
CA HIS J 3 -58.49 -68.51 -27.05
C HIS J 3 -57.54 -67.39 -26.66
N TYR J 4 -56.24 -67.62 -26.83
CA TYR J 4 -55.25 -66.66 -26.40
C TYR J 4 -55.11 -65.51 -27.39
N LEU J 5 -54.82 -64.31 -26.86
CA LEU J 5 -54.66 -63.09 -27.65
C LEU J 5 -53.40 -62.37 -27.19
N ASP J 6 -52.30 -62.60 -27.89
CA ASP J 6 -51.06 -61.92 -27.54
C ASP J 6 -51.09 -60.49 -28.05
N ILE J 7 -50.68 -59.56 -27.18
CA ILE J 7 -50.63 -58.14 -27.50
C ILE J 7 -49.18 -57.67 -27.35
N ARG J 8 -48.65 -57.03 -28.39
CA ARG J 8 -47.27 -56.56 -28.39
C ARG J 8 -47.28 -55.05 -28.58
N LEU J 9 -46.92 -54.32 -27.51
CA LEU J 9 -46.98 -52.87 -27.52
C LEU J 9 -45.98 -52.27 -28.51
N ARG J 10 -46.47 -51.36 -29.36
CA ARG J 10 -45.59 -50.68 -30.30
C ARG J 10 -44.70 -49.71 -29.53
N PRO J 11 -43.41 -49.63 -29.88
CA PRO J 11 -42.51 -48.67 -29.21
C PRO J 11 -42.86 -47.24 -29.58
N ASP J 12 -43.13 -46.44 -28.56
CA ASP J 12 -43.51 -45.04 -28.72
C ASP J 12 -42.48 -44.20 -27.98
N PRO J 13 -41.86 -43.21 -28.62
CA PRO J 13 -40.84 -42.41 -27.91
C PRO J 13 -41.41 -41.49 -26.84
N GLU J 14 -42.66 -41.03 -27.01
CA GLU J 14 -43.24 -40.10 -26.05
C GLU J 14 -43.60 -40.76 -24.74
N PHE J 15 -43.95 -42.04 -24.76
CA PHE J 15 -44.47 -42.72 -23.58
C PHE J 15 -43.60 -43.90 -23.20
N PRO J 16 -43.21 -44.03 -21.93
CA PRO J 16 -42.57 -45.26 -21.45
C PRO J 16 -43.54 -46.43 -21.48
N PRO J 17 -43.05 -47.67 -21.56
CA PRO J 17 -43.96 -48.80 -21.80
C PRO J 17 -44.82 -49.19 -20.60
N ALA J 18 -44.29 -49.02 -19.39
CA ALA J 18 -45.09 -49.36 -18.20
C ALA J 18 -46.22 -48.35 -17.98
N GLN J 19 -46.00 -47.10 -18.41
CA GLN J 19 -47.05 -46.08 -18.32
C GLN J 19 -48.23 -46.40 -19.22
N LEU J 20 -47.99 -47.13 -20.32
CA LEU J 20 -49.08 -47.61 -21.16
C LEU J 20 -49.62 -48.96 -20.71
N MET J 21 -48.77 -49.76 -20.06
CA MET J 21 -49.23 -51.02 -19.47
C MET J 21 -50.23 -50.77 -18.37
N SER J 22 -50.05 -49.69 -17.60
CA SER J 22 -51.01 -49.33 -16.56
C SER J 22 -52.38 -48.96 -17.15
N VAL J 23 -52.39 -48.22 -18.26
CA VAL J 23 -53.65 -47.84 -18.90
C VAL J 23 -54.32 -49.06 -19.52
N LEU J 24 -53.53 -49.96 -20.12
CA LEU J 24 -54.07 -51.20 -20.68
C LEU J 24 -54.69 -52.06 -19.59
N PHE J 25 -54.01 -52.18 -18.44
CA PHE J 25 -54.52 -52.98 -17.35
C PHE J 25 -55.76 -52.34 -16.73
N GLY J 26 -55.81 -51.01 -16.67
CA GLY J 26 -56.97 -50.34 -16.13
C GLY J 26 -58.20 -50.51 -17.00
N LYS J 27 -58.03 -50.36 -18.33
CA LYS J 27 -59.15 -50.59 -19.24
C LYS J 27 -59.57 -52.05 -19.26
N LEU J 28 -58.62 -52.97 -19.11
CA LEU J 28 -58.93 -54.39 -19.04
C LEU J 28 -59.74 -54.71 -17.78
N HIS J 29 -59.36 -54.13 -16.64
CA HIS J 29 -60.08 -54.37 -15.39
C HIS J 29 -61.49 -53.78 -15.45
N GLN J 30 -61.60 -52.55 -15.98
CA GLN J 30 -62.89 -51.86 -16.04
C GLN J 30 -63.86 -52.60 -16.96
N ALA J 31 -63.38 -53.02 -18.14
CA ALA J 31 -64.28 -53.71 -19.05
C ALA J 31 -64.35 -55.21 -18.82
N LEU J 32 -63.56 -55.76 -17.88
CA LEU J 32 -63.71 -57.15 -17.48
C LEU J 32 -64.69 -57.29 -16.32
N VAL J 33 -64.73 -56.30 -15.44
CA VAL J 33 -65.78 -56.27 -14.42
C VAL J 33 -67.15 -56.04 -15.05
N ALA J 34 -67.19 -55.30 -16.16
CA ALA J 34 -68.45 -54.86 -16.75
C ALA J 34 -69.21 -56.00 -17.42
N GLN J 35 -68.54 -57.10 -17.77
CA GLN J 35 -69.20 -58.19 -18.47
C GLN J 35 -69.83 -59.16 -17.48
N GLY J 36 -70.43 -60.23 -18.00
CA GLY J 36 -71.07 -61.24 -17.19
C GLY J 36 -70.18 -62.41 -16.84
N GLY J 37 -69.10 -62.59 -17.59
CA GLY J 37 -68.16 -63.66 -17.29
C GLY J 37 -67.35 -63.36 -16.04
N ASP J 38 -67.09 -64.40 -15.26
CA ASP J 38 -66.46 -64.25 -13.96
C ASP J 38 -65.00 -64.69 -13.93
N ARG J 39 -64.65 -65.78 -14.62
CA ARG J 39 -63.28 -66.30 -14.59
C ARG J 39 -62.68 -66.17 -15.99
N ILE J 40 -61.85 -65.15 -16.18
CA ILE J 40 -61.17 -64.88 -17.45
C ILE J 40 -59.69 -64.73 -17.15
N GLY J 41 -58.89 -65.71 -17.56
CA GLY J 41 -57.49 -65.73 -17.16
C GLY J 41 -56.66 -64.70 -17.91
N VAL J 42 -55.58 -64.26 -17.27
CA VAL J 42 -54.67 -63.27 -17.82
C VAL J 42 -53.25 -63.71 -17.49
N SER J 43 -52.38 -63.78 -18.51
CA SER J 43 -51.00 -64.20 -18.31
C SER J 43 -50.05 -63.15 -18.86
N PHE J 44 -48.85 -63.13 -18.29
CA PHE J 44 -47.82 -62.13 -18.57
C PHE J 44 -46.56 -62.81 -19.09
N PRO J 45 -46.46 -63.04 -20.40
CA PRO J 45 -45.20 -63.57 -20.95
C PRO J 45 -44.13 -62.48 -21.01
N ASP J 46 -42.93 -62.90 -21.46
CA ASP J 46 -41.73 -62.06 -21.54
C ASP J 46 -41.39 -61.47 -20.16
N LEU J 47 -41.43 -62.34 -19.14
CA LEU J 47 -41.53 -61.89 -17.75
C LEU J 47 -40.22 -61.26 -17.26
N ASP J 48 -39.08 -61.86 -17.60
CA ASP J 48 -37.72 -61.35 -17.33
C ASP J 48 -37.47 -61.11 -15.84
N GLU J 49 -37.40 -62.21 -15.08
CA GLU J 49 -37.28 -62.10 -13.62
C GLU J 49 -35.83 -61.98 -13.15
N SER J 50 -35.03 -61.16 -13.82
CA SER J 50 -33.64 -60.97 -13.42
C SER J 50 -33.32 -59.48 -13.27
N ARG J 51 -34.00 -58.63 -14.04
CA ARG J 51 -33.77 -57.20 -14.00
C ARG J 51 -34.92 -56.43 -13.35
N SER J 52 -35.93 -57.12 -12.83
CA SER J 52 -37.07 -56.55 -12.11
C SER J 52 -37.85 -55.54 -12.97
N ARG J 53 -38.42 -56.05 -14.06
CA ARG J 53 -39.30 -55.24 -14.88
C ARG J 53 -40.35 -56.14 -15.52
N LEU J 54 -41.57 -55.62 -15.62
CA LEU J 54 -42.65 -56.38 -16.23
C LEU J 54 -42.50 -56.38 -17.75
N GLY J 55 -43.09 -57.39 -18.38
CA GLY J 55 -42.90 -57.61 -19.80
C GLY J 55 -43.71 -56.68 -20.68
N GLU J 56 -43.46 -56.80 -21.98
CA GLU J 56 -44.14 -56.01 -23.01
C GLU J 56 -45.28 -56.77 -23.67
N ARG J 57 -45.66 -57.93 -23.15
CA ARG J 57 -46.69 -58.76 -23.74
C ARG J 57 -47.76 -59.09 -22.70
N LEU J 58 -48.91 -59.55 -23.19
CA LEU J 58 -50.06 -59.85 -22.35
C LEU J 58 -51.03 -60.76 -23.09
N ARG J 59 -51.50 -61.83 -22.45
CA ARG J 59 -52.44 -62.74 -23.11
C ARG J 59 -53.64 -63.01 -22.22
N ILE J 60 -54.76 -63.36 -22.86
CA ILE J 60 -56.04 -63.57 -22.19
C ILE J 60 -56.45 -65.03 -22.42
N HIS J 61 -57.39 -65.50 -21.59
CA HIS J 61 -57.93 -66.86 -21.69
C HIS J 61 -59.42 -66.79 -21.38
N ALA J 62 -60.26 -67.13 -22.35
CA ALA J 62 -61.71 -67.09 -22.17
C ALA J 62 -62.33 -68.17 -23.04
N SER J 63 -63.01 -69.13 -22.41
CA SER J 63 -63.51 -70.32 -23.10
C SER J 63 -64.79 -70.08 -23.88
N ALA J 64 -64.75 -69.16 -24.84
CA ALA J 64 -65.87 -68.85 -25.73
C ALA J 64 -65.34 -68.01 -26.87
N ASP J 65 -66.12 -67.94 -27.95
CA ASP J 65 -65.77 -67.07 -29.07
C ASP J 65 -66.34 -65.68 -28.89
N ASP J 66 -67.60 -65.60 -28.43
CA ASP J 66 -68.23 -64.30 -28.22
C ASP J 66 -67.57 -63.56 -27.05
N LEU J 67 -67.19 -64.28 -25.99
CA LEU J 67 -66.51 -63.66 -24.86
C LEU J 67 -65.10 -63.20 -25.24
N ARG J 68 -64.38 -63.98 -26.05
CA ARG J 68 -63.05 -63.53 -26.47
C ARG J 68 -63.14 -62.39 -27.48
N ALA J 69 -64.24 -62.30 -28.24
CA ALA J 69 -64.43 -61.12 -29.08
C ALA J 69 -64.76 -59.89 -28.25
N LEU J 70 -65.59 -60.06 -27.21
CA LEU J 70 -65.90 -58.99 -26.28
C LEU J 70 -64.66 -58.48 -25.58
N LEU J 71 -63.74 -59.38 -25.21
CA LEU J 71 -62.51 -58.93 -24.58
C LEU J 71 -61.43 -58.53 -25.57
N ALA J 72 -61.56 -58.89 -26.85
CA ALA J 72 -60.71 -58.27 -27.87
C ALA J 72 -61.10 -56.81 -28.05
N ARG J 73 -62.39 -56.51 -27.97
CA ARG J 73 -62.83 -55.12 -27.99
C ARG J 73 -62.53 -54.39 -26.69
N PRO J 74 -62.60 -55.08 -25.53
CA PRO J 74 -62.57 -54.41 -24.21
C PRO J 74 -61.28 -53.72 -23.86
N TRP J 75 -60.15 -54.42 -24.04
CA TRP J 75 -58.84 -53.80 -23.83
C TRP J 75 -58.49 -52.82 -24.93
N LEU J 76 -59.24 -52.82 -26.03
CA LEU J 76 -58.96 -51.94 -27.16
C LEU J 76 -60.00 -50.81 -27.31
N GLU J 77 -60.68 -50.49 -26.22
CA GLU J 77 -61.66 -49.41 -26.23
C GLU J 77 -61.04 -48.02 -26.26
N GLY J 78 -61.12 -47.36 -27.42
CA GLY J 78 -60.76 -45.97 -27.56
C GLY J 78 -59.32 -45.73 -27.98
N LEU J 79 -58.40 -46.63 -27.65
CA LEU J 79 -56.99 -46.35 -27.89
C LEU J 79 -56.63 -46.51 -29.37
N ARG J 80 -56.73 -47.74 -29.87
CA ARG J 80 -56.57 -48.12 -31.29
C ARG J 80 -55.23 -47.75 -31.93
N ASP J 81 -54.24 -47.29 -31.15
CA ASP J 81 -52.98 -46.83 -31.71
C ASP J 81 -51.79 -47.42 -30.99
N HIS J 82 -51.93 -47.71 -29.70
CA HIS J 82 -50.80 -48.12 -28.88
C HIS J 82 -50.72 -49.61 -28.62
N LEU J 83 -51.80 -50.36 -28.85
CA LEU J 83 -51.80 -51.78 -28.53
C LEU J 83 -51.03 -52.59 -29.55
N GLN J 84 -51.50 -52.58 -30.81
CA GLN J 84 -51.02 -53.45 -31.89
C GLN J 84 -51.11 -54.92 -31.46
N PHE J 85 -52.35 -55.39 -31.34
CA PHE J 85 -52.62 -56.73 -30.87
C PHE J 85 -52.68 -57.70 -32.05
N GLY J 86 -52.89 -58.99 -31.74
CA GLY J 86 -52.82 -60.04 -32.72
C GLY J 86 -54.15 -60.69 -32.99
N GLU J 87 -54.09 -61.96 -33.39
CA GLU J 87 -55.25 -62.76 -33.73
C GLU J 87 -55.35 -63.97 -32.82
N PRO J 88 -56.56 -64.35 -32.40
CA PRO J 88 -56.72 -65.55 -31.57
C PRO J 88 -56.41 -66.82 -32.34
N ALA J 89 -55.37 -67.52 -31.90
CA ALA J 89 -54.87 -68.72 -32.56
C ALA J 89 -54.96 -69.91 -31.61
N VAL J 90 -54.80 -71.10 -32.19
CA VAL J 90 -54.91 -72.33 -31.41
C VAL J 90 -53.65 -72.52 -30.59
N VAL J 91 -53.83 -72.73 -29.28
CA VAL J 91 -52.73 -72.73 -28.33
C VAL J 91 -52.01 -74.08 -28.32
N PRO J 92 -50.73 -74.11 -28.00
CA PRO J 92 -50.08 -75.37 -27.63
C PRO J 92 -50.42 -75.73 -26.19
N HIS J 93 -50.02 -76.93 -25.79
CA HIS J 93 -50.34 -77.45 -24.46
C HIS J 93 -49.12 -78.02 -23.73
N PRO J 94 -48.16 -77.17 -23.29
CA PRO J 94 -47.18 -77.67 -22.32
C PRO J 94 -47.69 -77.66 -20.89
N THR J 95 -48.45 -76.60 -20.52
CA THR J 95 -49.00 -76.24 -19.21
C THR J 95 -48.01 -76.51 -18.08
N PRO J 96 -46.91 -75.75 -17.96
CA PRO J 96 -45.91 -76.06 -16.92
C PRO J 96 -46.21 -75.42 -15.57
N TYR J 97 -47.47 -75.57 -15.12
CA TYR J 97 -47.87 -75.44 -13.72
C TYR J 97 -47.71 -74.01 -13.17
N ARG J 98 -47.61 -73.03 -14.06
CA ARG J 98 -47.29 -71.68 -13.65
C ARG J 98 -48.57 -70.91 -13.34
N GLN J 99 -48.70 -70.49 -12.08
CA GLN J 99 -49.88 -69.81 -11.59
C GLN J 99 -49.51 -68.37 -11.24
N VAL J 100 -50.27 -67.42 -11.77
CA VAL J 100 -50.00 -66.00 -11.59
C VAL J 100 -51.09 -65.43 -10.69
N SER J 101 -50.69 -64.75 -9.62
CA SER J 101 -51.62 -64.35 -8.58
C SER J 101 -51.16 -63.07 -7.89
N ARG J 102 -52.13 -62.37 -7.29
CA ARG J 102 -51.87 -61.13 -6.61
C ARG J 102 -51.18 -61.36 -5.26
N VAL J 103 -50.34 -60.40 -4.86
CA VAL J 103 -49.77 -60.36 -3.51
C VAL J 103 -49.90 -58.94 -2.98
N GLN J 104 -49.81 -58.82 -1.65
CA GLN J 104 -49.97 -57.54 -0.97
C GLN J 104 -48.96 -57.46 0.17
N ALA J 105 -48.45 -56.26 0.41
CA ALA J 105 -47.46 -56.03 1.44
C ALA J 105 -47.84 -54.81 2.27
N LYS J 106 -47.20 -54.68 3.43
CA LYS J 106 -47.47 -53.58 4.36
C LYS J 106 -46.19 -52.78 4.55
N SER J 107 -46.17 -51.57 4.01
CA SER J 107 -45.04 -50.67 4.15
C SER J 107 -45.37 -49.38 4.90
N ASN J 108 -46.63 -49.19 5.30
CA ASN J 108 -47.05 -47.99 6.01
C ASN J 108 -47.44 -48.38 7.42
N PRO J 109 -46.59 -48.14 8.43
CA PRO J 109 -46.98 -48.48 9.80
C PRO J 109 -48.02 -47.55 10.40
N GLU J 110 -48.21 -46.36 9.84
CA GLU J 110 -49.19 -45.43 10.39
C GLU J 110 -50.62 -45.91 10.17
N ARG J 111 -50.87 -46.64 9.08
CA ARG J 111 -52.18 -47.26 8.89
C ARG J 111 -52.44 -48.33 9.93
N LEU J 112 -51.39 -49.09 10.28
CA LEU J 112 -51.52 -50.09 11.35
C LEU J 112 -51.75 -49.42 12.70
N ARG J 113 -51.13 -48.27 12.93
CA ARG J 113 -51.37 -47.52 14.16
C ARG J 113 -52.78 -46.96 14.22
N ARG J 114 -53.32 -46.57 13.06
CA ARG J 114 -54.67 -46.06 13.00
C ARG J 114 -55.65 -47.20 13.29
N ARG J 115 -55.41 -48.35 12.69
CA ARG J 115 -56.27 -49.52 12.91
C ARG J 115 -56.19 -50.00 14.36
N LEU J 116 -55.01 -49.90 14.97
CA LEU J 116 -54.87 -50.26 16.39
C LEU J 116 -55.62 -49.29 17.29
N MET J 117 -55.51 -47.99 17.01
CA MET J 117 -56.09 -46.98 17.89
C MET J 117 -57.60 -46.92 17.75
N ARG J 118 -58.12 -46.78 16.54
CA ARG J 118 -59.50 -46.35 16.35
C ARG J 118 -60.48 -47.49 16.15
N ARG J 119 -60.02 -48.74 16.15
CA ARG J 119 -60.93 -49.86 15.91
C ARG J 119 -61.04 -50.81 17.09
N HIS J 120 -59.94 -51.40 17.57
CA HIS J 120 -60.01 -52.46 18.56
C HIS J 120 -59.36 -52.08 19.88
N ASP J 121 -58.08 -51.74 19.89
CA ASP J 121 -57.33 -51.51 21.13
C ASP J 121 -57.28 -50.01 21.38
N LEU J 122 -58.36 -49.49 21.98
CA LEU J 122 -58.53 -48.06 22.19
C LEU J 122 -57.48 -47.48 23.13
N SER J 123 -56.54 -46.71 22.57
CA SER J 123 -55.45 -46.11 23.32
C SER J 123 -55.08 -44.81 22.65
N GLU J 124 -54.00 -44.18 23.14
CA GLU J 124 -53.41 -43.01 22.48
C GLU J 124 -51.98 -43.25 22.04
N GLU J 125 -51.10 -43.71 22.93
CA GLU J 125 -49.69 -43.81 22.64
C GLU J 125 -49.09 -45.19 22.82
N GLU J 126 -49.85 -46.17 23.32
CA GLU J 126 -49.36 -47.55 23.43
C GLU J 126 -49.07 -48.15 22.05
N ALA J 127 -49.83 -47.71 21.03
CA ALA J 127 -49.67 -48.20 19.67
C ALA J 127 -48.29 -47.89 19.12
N ARG J 128 -47.85 -46.63 19.22
CA ARG J 128 -46.56 -46.24 18.68
C ARG J 128 -45.37 -46.87 19.41
N LYS J 129 -45.55 -47.26 20.68
CA LYS J 129 -44.46 -47.91 21.40
C LYS J 129 -44.40 -49.40 21.10
N ARG J 130 -45.55 -50.05 20.89
CA ARG J 130 -45.57 -51.51 20.98
C ARG J 130 -45.01 -52.20 19.74
N ILE J 131 -45.74 -52.15 18.61
CA ILE J 131 -45.30 -52.87 17.40
C ILE J 131 -44.39 -52.11 16.44
N PRO J 132 -44.73 -50.91 15.93
CA PRO J 132 -44.04 -50.42 14.74
C PRO J 132 -42.68 -49.81 15.03
N ASP J 133 -41.87 -49.76 13.98
CA ASP J 133 -40.53 -49.21 13.98
C ASP J 133 -40.18 -48.94 12.51
N THR J 134 -39.14 -48.14 12.29
CA THR J 134 -38.66 -47.90 10.93
C THR J 134 -37.81 -49.06 10.42
N VAL J 135 -38.38 -50.26 10.38
CA VAL J 135 -37.69 -51.48 10.02
C VAL J 135 -38.74 -52.47 9.53
N ALA J 136 -38.28 -53.51 8.82
CA ALA J 136 -39.11 -54.60 8.27
C ALA J 136 -40.16 -54.07 7.31
N ARG J 137 -39.82 -53.03 6.56
CA ARG J 137 -40.67 -52.53 5.49
C ARG J 137 -40.45 -53.38 4.24
N THR J 138 -41.53 -53.98 3.75
CA THR J 138 -41.43 -54.95 2.67
C THR J 138 -41.24 -54.26 1.33
N LEU J 139 -41.13 -55.08 0.28
CA LEU J 139 -41.05 -54.61 -1.09
C LEU J 139 -41.48 -55.76 -2.00
N ASP J 140 -41.96 -55.41 -3.18
CA ASP J 140 -42.34 -56.38 -4.20
C ASP J 140 -42.03 -55.78 -5.57
N LEU J 141 -41.60 -56.65 -6.49
CA LEU J 141 -40.92 -56.23 -7.72
C LEU J 141 -41.82 -55.72 -8.87
N PRO J 142 -42.84 -56.44 -9.35
CA PRO J 142 -43.53 -55.95 -10.56
C PRO J 142 -44.58 -54.90 -10.19
N PHE J 143 -44.43 -53.70 -10.74
CA PHE J 143 -45.24 -52.55 -10.37
C PHE J 143 -46.26 -52.21 -11.46
N VAL J 144 -47.44 -51.76 -11.03
CA VAL J 144 -48.52 -51.30 -11.90
C VAL J 144 -49.10 -50.05 -11.23
N THR J 145 -49.18 -48.94 -11.97
CA THR J 145 -49.52 -47.65 -11.37
C THR J 145 -50.96 -47.62 -10.85
N LEU J 146 -51.93 -47.87 -11.72
CA LEU J 146 -53.32 -48.24 -11.37
C LEU J 146 -54.03 -47.19 -10.52
N ARG J 147 -54.33 -46.05 -11.16
CA ARG J 147 -55.23 -45.07 -10.55
C ARG J 147 -56.61 -45.68 -10.33
N SER J 148 -57.23 -45.30 -9.22
CA SER J 148 -58.49 -45.93 -8.80
C SER J 148 -59.68 -45.21 -9.43
N GLN J 149 -60.88 -45.74 -9.16
CA GLN J 149 -62.10 -45.22 -9.78
C GLN J 149 -63.10 -44.72 -8.75
N SER J 150 -63.39 -45.49 -7.71
CA SER J 150 -64.47 -45.15 -6.77
C SER J 150 -63.86 -44.43 -5.57
N THR J 151 -63.50 -43.16 -5.80
CA THR J 151 -62.93 -42.24 -4.80
C THR J 151 -61.66 -42.82 -4.16
N GLY J 152 -60.64 -43.01 -5.00
CA GLY J 152 -59.40 -43.58 -4.53
C GLY J 152 -58.17 -42.78 -4.91
N GLN J 153 -56.99 -43.36 -4.67
CA GLN J 153 -55.72 -42.72 -4.97
C GLN J 153 -54.82 -43.70 -5.72
N HIS J 154 -53.61 -43.25 -6.02
CA HIS J 154 -52.67 -44.02 -6.82
C HIS J 154 -52.03 -45.10 -5.95
N PHE J 155 -52.31 -46.36 -6.27
CA PHE J 155 -51.80 -47.47 -5.47
C PHE J 155 -51.24 -48.56 -6.36
N ARG J 156 -50.10 -49.12 -5.95
CA ARG J 156 -49.44 -50.12 -6.76
C ARG J 156 -50.16 -51.47 -6.66
N LEU J 157 -49.80 -52.37 -7.56
CA LEU J 157 -50.29 -53.75 -7.56
C LEU J 157 -49.14 -54.66 -7.89
N PHE J 158 -48.99 -55.74 -7.13
CA PHE J 158 -47.88 -56.66 -7.29
C PHE J 158 -48.40 -58.07 -7.54
N ILE J 159 -47.75 -58.77 -8.46
CA ILE J 159 -48.23 -60.05 -8.95
C ILE J 159 -47.04 -61.02 -8.97
N ARG J 160 -47.34 -62.31 -8.84
CA ARG J 160 -46.32 -63.35 -8.78
C ARG J 160 -46.66 -64.49 -9.73
N HIS J 161 -45.68 -64.90 -10.52
CA HIS J 161 -45.76 -66.15 -11.26
C HIS J 161 -45.23 -67.27 -10.38
N GLY J 162 -46.02 -68.32 -10.21
CA GLY J 162 -45.75 -69.34 -9.21
C GLY J 162 -44.67 -70.33 -9.59
N PRO J 163 -44.72 -71.52 -8.99
CA PRO J 163 -43.69 -72.53 -9.26
C PRO J 163 -43.94 -73.22 -10.58
N LEU J 164 -42.88 -73.35 -11.39
CA LEU J 164 -42.95 -73.94 -12.72
C LEU J 164 -42.52 -75.41 -12.73
N GLN J 165 -42.84 -76.16 -11.67
CA GLN J 165 -42.48 -77.57 -11.60
C GLN J 165 -43.28 -78.37 -12.64
N ALA J 166 -42.56 -78.92 -13.62
CA ALA J 166 -43.20 -79.65 -14.72
C ALA J 166 -43.31 -81.12 -14.32
N THR J 167 -44.38 -81.41 -13.59
CA THR J 167 -44.66 -82.80 -13.20
C THR J 167 -46.08 -83.24 -13.56
N ALA J 168 -47.06 -82.34 -13.42
CA ALA J 168 -48.46 -82.66 -13.71
C ALA J 168 -49.18 -81.33 -13.96
N GLU J 169 -50.51 -81.41 -14.11
CA GLU J 169 -51.34 -80.23 -14.34
C GLU J 169 -52.47 -80.25 -13.32
N GLU J 170 -52.41 -79.34 -12.35
CA GLU J 170 -53.41 -79.25 -11.30
C GLU J 170 -54.48 -78.25 -11.72
N GLY J 171 -55.74 -78.66 -11.60
CA GLY J 171 -56.83 -77.79 -12.01
C GLY J 171 -57.01 -76.65 -11.03
N GLY J 172 -57.25 -75.46 -11.57
CA GLY J 172 -57.44 -74.28 -10.74
C GLY J 172 -58.44 -73.34 -11.38
N PHE J 173 -58.80 -72.31 -10.61
CA PHE J 173 -59.66 -71.25 -11.12
C PHE J 173 -58.93 -70.46 -12.19
N THR J 174 -59.68 -70.01 -13.20
CA THR J 174 -59.08 -69.24 -14.29
C THR J 174 -58.65 -67.85 -13.81
N CYS J 175 -59.47 -67.21 -12.97
CA CYS J 175 -59.18 -65.87 -12.51
C CYS J 175 -59.88 -65.61 -11.19
N TYR J 176 -59.11 -65.14 -10.21
CA TYR J 176 -59.64 -64.70 -8.92
C TYR J 176 -59.19 -63.26 -8.72
N GLY J 177 -60.13 -62.31 -8.85
CA GLY J 177 -59.85 -60.91 -8.69
C GLY J 177 -60.10 -60.13 -9.97
N LEU J 178 -59.25 -59.13 -10.20
CA LEU J 178 -59.43 -58.24 -11.34
C LEU J 178 -59.05 -58.92 -12.65
N SER J 179 -57.85 -59.50 -12.71
CA SER J 179 -57.37 -60.14 -13.92
C SER J 179 -57.05 -61.61 -13.74
N LYS J 180 -56.22 -61.96 -12.76
CA LYS J 180 -55.72 -63.32 -12.66
C LYS J 180 -55.53 -63.71 -11.20
N GLY J 181 -55.95 -64.93 -10.87
CA GLY J 181 -55.78 -65.46 -9.53
C GLY J 181 -55.43 -66.93 -9.49
N GLY J 182 -55.27 -67.56 -10.66
CA GLY J 182 -55.00 -68.99 -10.72
C GLY J 182 -53.93 -69.40 -11.71
N PHE J 183 -54.04 -70.62 -12.21
CA PHE J 183 -53.05 -71.16 -13.14
C PHE J 183 -53.47 -70.92 -14.59
N VAL J 184 -52.47 -70.73 -15.44
CA VAL J 184 -52.69 -70.53 -16.88
C VAL J 184 -51.65 -71.32 -17.66
N PRO J 185 -52.01 -71.79 -18.85
CA PRO J 185 -51.02 -72.44 -19.72
C PRO J 185 -49.94 -71.46 -20.17
N TRP J 186 -48.69 -71.80 -19.87
CA TRP J 186 -47.55 -70.92 -20.07
C TRP J 186 -46.74 -71.39 -21.27
N PHE J 187 -46.34 -70.44 -22.12
CA PHE J 187 -45.58 -70.77 -23.32
C PHE J 187 -44.14 -70.29 -23.20
N SER M 2 -0.07 -12.11 -11.76
CA SER M 2 -1.06 -11.50 -12.64
C SER M 2 -2.05 -12.54 -13.15
N ARG M 3 -2.14 -13.65 -12.43
CA ARG M 3 -3.09 -14.72 -12.75
C ARG M 3 -4.52 -14.49 -12.25
N PRO M 4 -4.80 -14.13 -10.99
CA PRO M 4 -6.20 -13.98 -10.60
C PRO M 4 -6.79 -12.65 -11.05
N THR M 5 -8.12 -12.59 -11.01
CA THR M 5 -8.83 -11.35 -11.32
C THR M 5 -8.75 -10.40 -10.14
N VAL M 6 -8.45 -9.13 -10.43
CA VAL M 6 -8.29 -8.10 -9.43
C VAL M 6 -9.52 -7.21 -9.45
N VAL M 7 -10.14 -7.05 -8.30
CA VAL M 7 -11.31 -6.18 -8.11
C VAL M 7 -10.91 -5.09 -7.12
N THR M 8 -11.03 -3.83 -7.55
CA THR M 8 -10.71 -2.69 -6.70
C THR M 8 -11.94 -1.81 -6.54
N VAL M 9 -12.20 -1.37 -5.31
CA VAL M 9 -13.28 -0.44 -5.01
C VAL M 9 -12.66 0.83 -4.44
N THR M 10 -12.97 1.97 -5.04
CA THR M 10 -12.39 3.24 -4.63
C THR M 10 -13.46 4.31 -4.51
N GLU M 11 -13.28 5.20 -3.53
CA GLU M 11 -14.20 6.30 -3.29
C GLU M 11 -13.86 7.47 -4.20
N THR M 12 -14.89 8.08 -4.77
CA THR M 12 -14.71 9.23 -5.63
C THR M 12 -14.41 10.46 -4.77
N PRO M 13 -13.30 11.17 -5.00
CA PRO M 13 -13.01 12.35 -4.18
C PRO M 13 -13.79 13.59 -4.59
N ARG M 14 -14.41 13.60 -5.77
CA ARG M 14 -15.13 14.78 -6.22
C ARG M 14 -16.48 14.93 -5.53
N ASN M 15 -17.03 13.85 -4.96
CA ASN M 15 -18.11 13.97 -3.97
C ASN M 15 -17.95 12.82 -2.98
N PRO M 16 -17.83 13.13 -1.69
CA PRO M 16 -17.54 12.07 -0.72
C PRO M 16 -18.77 11.21 -0.42
N GLY M 17 -18.55 9.90 -0.36
CA GLY M 17 -19.57 8.94 0.00
C GLY M 17 -19.90 7.93 -1.08
N SER M 18 -19.49 8.16 -2.32
CA SER M 18 -19.83 7.30 -3.44
C SER M 18 -18.60 6.56 -3.93
N TYR M 19 -18.82 5.37 -4.48
CA TYR M 19 -17.75 4.42 -4.78
C TYR M 19 -17.85 3.97 -6.24
N GLU M 20 -16.73 3.45 -6.76
CA GLU M 20 -16.63 2.96 -8.13
C GLU M 20 -15.72 1.74 -8.13
N VAL M 21 -16.03 0.76 -8.99
CA VAL M 21 -15.36 -0.54 -9.01
C VAL M 21 -14.64 -0.73 -10.35
N ASN M 22 -13.45 -1.34 -10.29
CA ASN M 22 -12.66 -1.72 -11.45
C ASN M 22 -12.33 -3.20 -11.37
N VAL M 23 -12.39 -3.89 -12.51
CA VAL M 23 -12.15 -5.33 -12.60
C VAL M 23 -11.16 -5.58 -13.74
N GLU M 24 -10.08 -6.29 -13.43
CA GLU M 24 -9.07 -6.68 -14.42
C GLU M 24 -8.87 -8.18 -14.38
N ARG M 25 -8.88 -8.82 -15.55
CA ARG M 25 -8.66 -10.26 -15.67
C ARG M 25 -7.70 -10.55 -16.81
N ASP M 26 -6.60 -11.23 -16.48
CA ASP M 26 -5.56 -11.66 -17.43
C ASP M 26 -4.95 -10.49 -18.19
N GLY M 27 -4.61 -9.43 -17.46
CA GLY M 27 -3.95 -8.27 -18.05
C GLY M 27 -4.81 -7.39 -18.93
N LYS M 28 -6.10 -7.68 -18.98
CA LYS M 28 -7.06 -6.92 -19.78
C LYS M 28 -8.13 -6.36 -18.86
N MET M 29 -8.32 -5.04 -18.91
CA MET M 29 -9.28 -4.36 -18.04
C MET M 29 -10.69 -4.68 -18.50
N VAL M 30 -11.37 -5.57 -17.79
CA VAL M 30 -12.69 -6.00 -18.21
C VAL M 30 -13.76 -4.97 -17.82
N VAL M 31 -13.63 -4.34 -16.65
CA VAL M 31 -14.60 -3.34 -16.20
C VAL M 31 -13.84 -2.12 -15.71
N GLY M 32 -14.15 -0.95 -16.27
CA GLY M 32 -13.47 0.26 -15.88
C GLY M 32 -14.38 1.35 -15.35
N ARG M 33 -14.26 1.63 -14.04
CA ARG M 33 -14.95 2.72 -13.33
C ARG M 33 -16.47 2.62 -13.46
N ALA M 34 -17.01 1.52 -12.98
CA ALA M 34 -18.45 1.29 -12.97
C ALA M 34 -19.00 1.67 -11.60
N ARG M 35 -20.21 2.22 -11.58
CA ARG M 35 -20.79 2.73 -10.35
C ARG M 35 -21.14 1.59 -9.40
N ALA M 36 -20.65 1.67 -8.17
CA ALA M 36 -20.97 0.70 -7.13
C ALA M 36 -22.09 1.16 -6.22
N GLY M 37 -22.05 2.39 -5.72
CA GLY M 37 -23.13 2.88 -4.89
C GLY M 37 -22.70 4.06 -4.03
N SER M 38 -23.60 4.41 -3.11
CA SER M 38 -23.43 5.56 -2.23
C SER M 38 -23.25 5.17 -0.77
N ASP M 39 -22.96 3.90 -0.50
CA ASP M 39 -22.68 3.43 0.85
C ASP M 39 -21.71 2.27 0.73
N PRO M 40 -21.02 1.90 1.82
CA PRO M 40 -20.07 0.78 1.72
C PRO M 40 -20.71 -0.58 1.50
N GLY M 41 -21.99 -0.77 1.86
CA GLY M 41 -22.62 -2.06 1.65
C GLY M 41 -22.87 -2.39 0.20
N ALA M 42 -23.30 -1.38 -0.58
CA ALA M 42 -23.50 -1.59 -2.02
C ALA M 42 -22.17 -1.81 -2.72
N ALA M 43 -21.12 -1.17 -2.23
CA ALA M 43 -19.78 -1.40 -2.77
C ALA M 43 -19.31 -2.82 -2.51
N ALA M 44 -19.56 -3.35 -1.30
CA ALA M 44 -19.17 -4.73 -0.99
C ALA M 44 -19.98 -5.74 -1.78
N ALA M 45 -21.28 -5.48 -1.98
CA ALA M 45 -22.12 -6.38 -2.78
C ALA M 45 -21.69 -6.39 -4.24
N LYS M 46 -21.37 -5.22 -4.80
CA LYS M 46 -20.91 -5.16 -6.19
C LYS M 46 -19.54 -5.80 -6.35
N ALA M 47 -18.66 -5.67 -5.35
CA ALA M 47 -17.35 -6.31 -5.42
C ALA M 47 -17.46 -7.83 -5.35
N MET M 48 -18.34 -8.35 -4.50
CA MET M 48 -18.49 -9.81 -4.43
C MET M 48 -19.19 -10.36 -5.66
N GLN M 49 -20.10 -9.59 -6.27
CA GLN M 49 -20.72 -10.01 -7.52
C GLN M 49 -19.69 -10.05 -8.65
N MET M 50 -18.81 -9.05 -8.73
CA MET M 50 -17.78 -9.06 -9.76
C MET M 50 -16.72 -10.11 -9.51
N ALA M 51 -16.53 -10.54 -8.26
CA ALA M 51 -15.63 -11.67 -8.01
C ALA M 51 -16.28 -13.01 -8.31
N MET M 52 -17.61 -13.09 -8.18
CA MET M 52 -18.31 -14.33 -8.53
C MET M 52 -18.37 -14.52 -10.04
N GLU M 53 -18.74 -13.48 -10.78
CA GLU M 53 -18.94 -13.64 -12.22
C GLU M 53 -17.61 -13.71 -12.96
N TRP M 54 -16.82 -12.65 -12.91
CA TRP M 54 -15.50 -12.67 -13.50
C TRP M 54 -14.55 -13.42 -12.58
N GLY M 55 -13.45 -13.89 -13.16
CA GLY M 55 -12.44 -14.56 -12.37
C GLY M 55 -12.89 -15.88 -11.78
N SER M 56 -13.06 -16.90 -12.63
CA SER M 56 -13.58 -18.18 -12.17
C SER M 56 -12.62 -18.94 -11.24
N PRO M 57 -11.31 -19.18 -11.60
CA PRO M 57 -10.47 -19.91 -10.63
C PRO M 57 -10.14 -19.14 -9.36
N ASN M 58 -9.54 -17.95 -9.47
CA ASN M 58 -9.06 -17.22 -8.31
C ASN M 58 -9.39 -15.74 -8.44
N TYR M 59 -9.32 -15.03 -7.32
CA TYR M 59 -9.58 -13.59 -7.29
C TYR M 59 -8.94 -12.98 -6.05
N VAL M 60 -8.71 -11.67 -6.11
CA VAL M 60 -8.33 -10.84 -4.96
C VAL M 60 -9.23 -9.62 -4.94
N ILE M 61 -9.76 -9.27 -3.78
CA ILE M 61 -10.64 -8.12 -3.63
C ILE M 61 -9.95 -7.07 -2.78
N LEU M 62 -9.76 -5.88 -3.33
CA LEU M 62 -9.16 -4.75 -2.65
C LEU M 62 -10.21 -3.66 -2.44
N GLY M 63 -10.00 -2.85 -1.41
CA GLY M 63 -10.94 -1.79 -1.10
C GLY M 63 -10.62 -1.16 0.22
N SER M 64 -11.48 -0.21 0.61
CA SER M 64 -11.30 0.52 1.85
C SER M 64 -11.63 -0.37 3.04
N ASN M 65 -11.38 0.15 4.25
CA ASN M 65 -11.62 -0.63 5.45
C ASN M 65 -13.06 -0.56 5.91
N LYS M 66 -13.80 0.46 5.51
CA LYS M 66 -15.24 0.48 5.75
C LYS M 66 -15.98 -0.44 4.79
N VAL M 67 -15.38 -0.75 3.65
CA VAL M 67 -16.00 -1.62 2.65
C VAL M 67 -15.71 -3.09 2.94
N LEU M 68 -14.46 -3.41 3.30
CA LEU M 68 -14.07 -4.78 3.61
C LEU M 68 -14.55 -5.25 4.97
N ALA M 69 -15.20 -4.40 5.76
CA ALA M 69 -15.76 -4.83 7.02
C ALA M 69 -17.02 -5.68 6.83
N PHE M 70 -17.65 -5.60 5.66
CA PHE M 70 -18.84 -6.40 5.38
C PHE M 70 -18.52 -7.79 4.88
N ILE M 71 -17.36 -7.98 4.25
CA ILE M 71 -16.91 -9.29 3.79
C ILE M 71 -16.28 -9.99 4.98
N PRO M 72 -16.48 -11.30 5.17
CA PRO M 72 -15.77 -12.03 6.23
C PRO M 72 -14.26 -11.95 6.06
N GLU M 73 -13.57 -11.86 7.20
CA GLU M 73 -12.17 -11.44 7.27
C GLU M 73 -11.27 -12.51 6.68
N GLN M 74 -10.81 -12.27 5.44
CA GLN M 74 -9.83 -13.03 4.67
C GLN M 74 -10.30 -14.42 4.25
N LEU M 75 -11.49 -14.86 4.67
CA LEU M 75 -11.99 -16.16 4.26
C LEU M 75 -12.51 -16.11 2.83
N ARG M 76 -13.22 -15.04 2.48
CA ARG M 76 -13.81 -14.88 1.17
C ARG M 76 -13.17 -13.74 0.37
N VAL M 77 -12.21 -13.02 0.94
CA VAL M 77 -11.55 -11.94 0.20
C VAL M 77 -10.58 -12.51 -0.82
N LYS M 78 -9.83 -13.56 -0.49
CA LYS M 78 -8.85 -14.14 -1.39
C LYS M 78 -9.26 -15.56 -1.78
N MET M 79 -8.82 -15.98 -2.96
CA MET M 79 -8.98 -17.35 -3.42
C MET M 79 -7.86 -17.72 -4.39
N SER N 2 26.29 17.05 -10.48
CA SER N 2 26.50 18.14 -11.42
C SER N 2 25.26 18.39 -12.27
N ARG N 3 25.01 17.48 -13.21
CA ARG N 3 23.81 17.56 -14.04
C ARG N 3 22.53 17.09 -13.34
N PRO N 4 22.41 15.90 -12.74
CA PRO N 4 21.12 15.51 -12.17
C PRO N 4 20.97 15.89 -10.70
N THR N 5 19.74 15.72 -10.21
CA THR N 5 19.50 15.83 -8.78
C THR N 5 20.01 14.58 -8.08
N VAL N 6 20.35 14.73 -6.80
CA VAL N 6 20.84 13.61 -6.00
C VAL N 6 19.90 13.40 -4.83
N VAL N 7 19.34 12.20 -4.74
CA VAL N 7 18.43 11.81 -3.66
C VAL N 7 19.15 10.78 -2.81
N THR N 8 19.30 11.06 -1.52
CA THR N 8 19.99 10.17 -0.60
C THR N 8 19.05 9.73 0.50
N VAL N 9 18.96 8.42 0.72
CA VAL N 9 18.07 7.83 1.71
C VAL N 9 18.95 7.17 2.77
N THR N 10 19.09 7.82 3.91
CA THR N 10 19.90 7.25 4.98
C THR N 10 19.00 6.74 6.10
N GLU N 11 19.55 5.87 6.93
CA GLU N 11 18.89 5.44 8.14
C GLU N 11 19.39 6.28 9.31
N THR N 12 18.47 6.88 10.06
CA THR N 12 18.80 7.70 11.21
C THR N 12 19.42 6.83 12.29
N PRO N 13 20.67 7.10 12.68
CA PRO N 13 21.32 6.24 13.70
C PRO N 13 20.83 6.51 15.10
N ARG N 14 20.07 7.57 15.34
CA ARG N 14 19.56 7.83 16.68
C ARG N 14 18.42 6.92 17.07
N ASN N 15 17.73 6.31 16.10
CA ASN N 15 16.83 5.20 16.36
C ASN N 15 16.85 4.26 15.15
N PRO N 16 17.27 3.01 15.34
CA PRO N 16 17.38 2.10 14.19
C PRO N 16 16.02 1.66 13.68
N GLY N 17 15.86 1.70 12.37
CA GLY N 17 14.62 1.31 11.72
C GLY N 17 13.88 2.43 11.02
N SER N 18 14.28 3.69 11.23
CA SER N 18 13.65 4.82 10.59
C SER N 18 14.64 5.50 9.65
N TYR N 19 14.10 6.25 8.68
CA TYR N 19 14.90 6.73 7.56
C TYR N 19 14.64 8.22 7.32
N GLU N 20 15.54 8.82 6.54
CA GLU N 20 15.50 10.24 6.20
C GLU N 20 16.00 10.42 4.77
N VAL N 21 15.54 11.48 4.11
CA VAL N 21 15.85 11.71 2.70
C VAL N 21 16.41 13.13 2.53
N ASN N 22 17.41 13.25 1.65
CA ASN N 22 18.06 14.52 1.32
C ASN N 22 18.07 14.69 -0.18
N VAL N 23 17.62 15.86 -0.65
CA VAL N 23 17.54 16.16 -2.07
C VAL N 23 18.46 17.33 -2.37
N GLU N 24 19.38 17.13 -3.31
CA GLU N 24 20.43 18.09 -3.64
C GLU N 24 20.36 18.42 -5.12
N ARG N 25 20.20 19.70 -5.43
CA ARG N 25 20.07 20.18 -6.81
C ARG N 25 20.93 21.41 -7.01
N ASP N 26 21.62 21.47 -8.16
CA ASP N 26 22.53 22.56 -8.55
C ASP N 26 23.63 22.80 -7.52
N GLY N 27 24.16 21.72 -6.95
CA GLY N 27 25.23 21.79 -5.98
C GLY N 27 24.83 22.26 -4.60
N LYS N 28 23.59 22.69 -4.39
CA LYS N 28 23.10 23.12 -3.08
C LYS N 28 21.99 22.18 -2.62
N MET N 29 21.66 22.27 -1.33
CA MET N 29 20.71 21.38 -0.71
C MET N 29 19.32 21.97 -0.87
N VAL N 30 18.49 21.32 -1.70
CA VAL N 30 17.13 21.81 -1.90
C VAL N 30 16.20 21.33 -0.80
N VAL N 31 16.39 20.10 -0.30
CA VAL N 31 15.55 19.54 0.75
C VAL N 31 16.47 18.81 1.73
N GLY N 32 16.37 19.13 3.02
CA GLY N 32 17.17 18.47 4.01
C GLY N 32 16.39 17.81 5.14
N ARG N 33 16.71 16.55 5.42
CA ARG N 33 16.25 15.78 6.59
C ARG N 33 14.73 15.59 6.64
N ALA N 34 14.06 15.51 5.51
CA ALA N 34 12.66 15.13 5.50
C ALA N 34 12.52 13.66 5.85
N ARG N 35 11.60 13.33 6.75
CA ARG N 35 11.47 11.96 7.21
C ARG N 35 10.76 11.10 6.17
N ALA N 36 11.14 9.83 6.11
CA ALA N 36 10.70 8.92 5.06
C ALA N 36 10.26 7.57 5.63
N GLY N 37 9.49 7.60 6.71
CA GLY N 37 8.85 6.40 7.20
C GLY N 37 9.71 5.56 8.14
N SER N 38 9.15 4.41 8.50
CA SER N 38 9.76 3.51 9.48
C SER N 38 10.02 2.11 8.94
N ASP N 39 10.01 1.93 7.63
CA ASP N 39 10.33 0.66 6.99
C ASP N 39 10.99 0.98 5.66
N PRO N 40 11.74 0.04 5.07
CA PRO N 40 12.40 0.35 3.78
C PRO N 40 11.46 0.58 2.61
N GLY N 41 10.23 0.07 2.67
CA GLY N 41 9.28 0.31 1.59
C GLY N 41 8.81 1.75 1.54
N ALA N 42 8.52 2.33 2.71
CA ALA N 42 8.13 3.73 2.77
C ALA N 42 9.29 4.65 2.40
N ALA N 43 10.52 4.24 2.70
CA ALA N 43 11.69 4.99 2.27
C ALA N 43 11.86 4.95 0.77
N ALA N 44 11.59 3.80 0.15
CA ALA N 44 11.65 3.70 -1.31
C ALA N 44 10.56 4.54 -1.97
N ALA N 45 9.36 4.56 -1.38
CA ALA N 45 8.26 5.36 -1.92
C ALA N 45 8.56 6.85 -1.82
N LYS N 46 9.09 7.30 -0.69
CA LYS N 46 9.45 8.71 -0.52
C LYS N 46 10.61 9.12 -1.42
N ALA N 47 11.58 8.20 -1.62
CA ALA N 47 12.70 8.48 -2.50
C ALA N 47 12.25 8.63 -3.96
N MET N 48 11.37 7.74 -4.42
CA MET N 48 10.90 7.85 -5.80
C MET N 48 9.99 9.06 -5.99
N GLN N 49 9.22 9.44 -4.96
CA GLN N 49 8.39 10.63 -5.04
C GLN N 49 9.25 11.90 -5.16
N MET N 50 10.29 12.01 -4.33
CA MET N 50 11.18 13.15 -4.41
C MET N 50 11.98 13.15 -5.70
N ALA N 51 12.27 11.97 -6.25
CA ALA N 51 12.95 11.91 -7.55
C ALA N 51 12.04 12.39 -8.67
N MET N 52 10.76 12.03 -8.62
CA MET N 52 9.79 12.49 -9.62
C MET N 52 9.62 14.00 -9.57
N GLU N 53 9.39 14.55 -8.37
CA GLU N 53 9.06 15.95 -8.24
C GLU N 53 10.29 16.84 -8.43
N TRP N 54 11.37 16.51 -7.72
CA TRP N 54 12.61 17.33 -7.75
C TRP N 54 13.57 16.84 -8.84
N GLY N 55 13.13 15.84 -9.60
CA GLY N 55 13.94 15.17 -10.63
C GLY N 55 14.37 16.07 -11.77
N SER N 56 13.50 16.98 -12.21
CA SER N 56 13.84 17.85 -13.37
C SER N 56 14.13 16.93 -14.56
N PRO N 57 15.16 17.19 -15.39
CA PRO N 57 15.45 16.30 -16.50
C PRO N 57 15.87 14.91 -16.00
N ASN N 58 16.76 14.87 -15.00
CA ASN N 58 17.59 13.67 -14.71
C ASN N 58 17.83 13.56 -13.19
N TYR N 59 18.08 12.35 -12.68
CA TYR N 59 18.33 12.17 -11.23
C TYR N 59 19.05 10.84 -10.96
N VAL N 60 19.64 10.71 -9.76
CA VAL N 60 20.30 9.45 -9.31
C VAL N 60 19.85 9.17 -7.87
N ILE N 61 19.47 7.93 -7.56
CA ILE N 61 19.02 7.59 -6.18
C ILE N 61 20.09 6.76 -5.47
N LEU N 62 20.58 7.26 -4.32
CA LEU N 62 21.57 6.57 -3.51
C LEU N 62 20.96 6.24 -2.16
N GLY N 63 21.65 5.42 -1.39
CA GLY N 63 21.19 5.19 -0.04
C GLY N 63 21.48 3.77 0.42
N SER N 64 20.68 3.32 1.38
CA SER N 64 20.89 2.03 2.03
C SER N 64 20.54 0.87 1.09
N ASN N 65 21.03 -0.31 1.45
CA ASN N 65 20.83 -1.51 0.65
C ASN N 65 19.52 -2.20 0.97
N LYS N 66 18.97 -2.01 2.16
CA LYS N 66 17.63 -2.50 2.45
C LYS N 66 16.58 -1.71 1.70
N VAL N 67 16.83 -0.42 1.48
CA VAL N 67 15.88 0.43 0.78
C VAL N 67 15.89 0.14 -0.72
N LEU N 68 17.07 0.05 -1.31
CA LEU N 68 17.20 -0.16 -2.75
C LEU N 68 16.88 -1.59 -3.19
N ALA N 69 16.55 -2.50 -2.27
CA ALA N 69 16.07 -3.81 -2.63
C ALA N 69 14.62 -3.81 -3.06
N PHE N 70 13.90 -2.70 -2.87
CA PHE N 70 12.51 -2.57 -3.28
C PHE N 70 12.36 -1.90 -4.63
N ILE N 71 13.40 -1.23 -5.11
CA ILE N 71 13.40 -0.55 -6.41
C ILE N 71 14.22 -1.41 -7.37
N PRO N 72 13.70 -1.73 -8.56
CA PRO N 72 14.52 -2.40 -9.57
C PRO N 72 15.68 -1.53 -10.01
N GLU N 73 16.75 -2.19 -10.48
CA GLU N 73 17.99 -1.49 -10.83
C GLU N 73 17.83 -0.57 -12.03
N GLN N 74 16.82 -0.80 -12.87
CA GLN N 74 16.54 0.09 -13.98
C GLN N 74 16.02 1.43 -13.52
N LEU N 75 15.24 1.46 -12.43
CA LEU N 75 14.55 2.66 -11.97
C LEU N 75 15.33 3.42 -10.90
N ARG N 76 16.66 3.40 -10.99
CA ARG N 76 17.50 4.12 -9.98
C ARG N 76 18.27 5.25 -10.65
N VAL N 77 18.22 5.34 -11.98
CA VAL N 77 18.96 6.41 -12.71
C VAL N 77 18.09 6.92 -13.87
N LYS N 78 18.33 8.16 -14.33
CA LYS N 78 17.57 8.74 -15.45
C LYS N 78 18.33 9.95 -16.01
N SER O 2 13.41 5.73 -17.69
CA SER O 2 12.56 4.78 -17.00
C SER O 2 11.43 4.31 -17.93
N ARG O 3 11.45 3.03 -18.29
CA ARG O 3 10.41 2.45 -19.15
C ARG O 3 9.09 2.12 -18.45
N PRO O 4 9.02 1.34 -17.34
CA PRO O 4 7.70 0.99 -16.81
C PRO O 4 7.09 2.12 -16.01
N THR O 5 5.83 1.93 -15.62
CA THR O 5 5.15 2.91 -14.80
C THR O 5 5.48 2.68 -13.33
N VAL O 6 5.63 3.78 -12.59
CA VAL O 6 5.96 3.71 -11.17
C VAL O 6 4.83 4.37 -10.40
N VAL O 7 4.22 3.60 -9.50
CA VAL O 7 3.15 4.09 -8.64
C VAL O 7 3.68 4.09 -7.21
N THR O 8 3.78 5.27 -6.61
CA THR O 8 4.31 5.42 -5.26
C THR O 8 3.21 5.91 -4.33
N VAL O 9 3.01 5.21 -3.23
CA VAL O 9 2.07 5.63 -2.19
C VAL O 9 2.87 6.09 -0.99
N THR O 10 2.76 7.37 -0.65
CA THR O 10 3.43 7.94 0.50
C THR O 10 2.39 8.37 1.53
N GLU O 11 2.85 8.62 2.75
CA GLU O 11 2.01 9.09 3.82
C GLU O 11 2.31 10.56 4.09
N THR O 12 1.26 11.33 4.36
CA THR O 12 1.41 12.76 4.61
C THR O 12 1.90 12.97 6.03
N PRO O 13 3.08 13.57 6.24
CA PRO O 13 3.58 13.75 7.61
C PRO O 13 2.95 14.91 8.35
N ARG O 14 2.22 15.78 7.65
CA ARG O 14 1.47 16.86 8.30
C ARG O 14 0.15 16.38 8.87
N ASN O 15 -0.31 15.20 8.47
CA ASN O 15 -1.55 14.62 9.00
C ASN O 15 -1.37 13.12 8.92
N PRO O 16 -0.97 12.48 10.02
CA PRO O 16 -0.65 11.05 9.96
C PRO O 16 -1.89 10.19 9.83
N GLY O 17 -1.75 9.13 9.03
CA GLY O 17 -2.84 8.23 8.72
C GLY O 17 -3.38 8.38 7.32
N SER O 18 -3.24 9.54 6.72
CA SER O 18 -3.72 9.81 5.37
C SER O 18 -2.60 9.63 4.36
N TYR O 19 -2.96 9.16 3.18
CA TYR O 19 -2.01 8.75 2.16
C TYR O 19 -2.19 9.57 0.89
N GLU O 20 -1.20 9.47 0.00
CA GLU O 20 -1.20 10.15 -1.29
C GLU O 20 -0.50 9.25 -2.30
N VAL O 21 -0.83 9.43 -3.57
CA VAL O 21 -0.37 8.55 -4.64
C VAL O 21 0.21 9.39 -5.77
N ASN O 22 1.32 8.93 -6.34
CA ASN O 22 1.95 9.55 -7.50
C ASN O 22 2.19 8.49 -8.56
N VAL O 23 1.99 8.86 -9.83
CA VAL O 23 2.19 7.97 -10.96
C VAL O 23 3.22 8.60 -11.89
N GLU O 24 4.15 7.78 -12.39
CA GLU O 24 5.29 8.29 -13.15
C GLU O 24 5.03 8.36 -14.65
N ARG O 25 4.78 7.21 -15.29
CA ARG O 25 4.26 7.12 -16.67
C ARG O 25 5.20 7.79 -17.69
N ASP O 26 6.35 7.13 -17.90
CA ASP O 26 7.31 7.44 -18.97
C ASP O 26 7.95 8.82 -18.79
N GLY O 27 8.53 9.05 -17.62
CA GLY O 27 9.39 10.19 -17.41
C GLY O 27 8.73 11.54 -17.27
N LYS O 28 7.39 11.60 -17.22
CA LYS O 28 6.69 12.84 -16.92
C LYS O 28 5.44 12.50 -16.15
N MET O 29 5.32 13.02 -14.92
CA MET O 29 4.29 12.59 -13.98
C MET O 29 2.90 13.00 -14.46
N VAL O 30 2.01 12.01 -14.52
CA VAL O 30 0.64 12.23 -14.95
C VAL O 30 -0.32 12.44 -13.78
N VAL O 31 0.09 12.07 -12.57
CA VAL O 31 -0.71 12.28 -11.37
C VAL O 31 0.23 12.85 -10.30
N GLY O 32 -0.15 13.97 -9.70
CA GLY O 32 0.66 14.53 -8.65
C GLY O 32 -0.06 14.77 -7.35
N ARG O 33 0.31 14.00 -6.32
CA ARG O 33 -0.18 14.14 -4.94
C ARG O 33 -1.69 14.04 -4.85
N ALA O 34 -2.27 13.07 -5.56
CA ALA O 34 -3.69 12.84 -5.51
C ALA O 34 -4.09 12.23 -4.17
N ARG O 35 -5.32 12.46 -3.76
CA ARG O 35 -5.81 12.00 -2.47
C ARG O 35 -6.14 10.52 -2.56
N ALA O 36 -5.32 9.69 -1.93
CA ALA O 36 -5.65 8.30 -1.67
C ALA O 36 -6.49 8.24 -0.39
N GLY O 37 -6.67 7.05 0.16
CA GLY O 37 -7.56 6.91 1.30
C GLY O 37 -6.97 7.44 2.59
N SER O 38 -7.71 7.19 3.68
CA SER O 38 -7.29 7.51 5.03
C SER O 38 -6.90 6.27 5.81
N ASP O 39 -6.60 5.18 5.13
CA ASP O 39 -6.24 3.90 5.73
C ASP O 39 -5.48 3.09 4.67
N PRO O 40 -4.69 2.08 5.09
CA PRO O 40 -3.89 1.34 4.09
C PRO O 40 -4.68 0.57 3.05
N GLY O 41 -5.91 0.16 3.36
CA GLY O 41 -6.71 -0.59 2.40
C GLY O 41 -7.12 0.24 1.20
N ALA O 42 -7.60 1.46 1.44
CA ALA O 42 -8.00 2.32 0.34
C ALA O 42 -6.80 2.83 -0.44
N ALA O 43 -5.66 2.98 0.23
CA ALA O 43 -4.42 3.32 -0.47
C ALA O 43 -3.98 2.19 -1.39
N ALA O 44 -4.14 0.94 -0.95
CA ALA O 44 -3.83 -0.21 -1.79
C ALA O 44 -4.80 -0.30 -2.98
N ALA O 45 -6.08 0.00 -2.75
CA ALA O 45 -7.05 -0.03 -3.83
C ALA O 45 -6.79 1.08 -4.86
N LYS O 46 -6.43 2.27 -4.39
CA LYS O 46 -6.10 3.36 -5.30
C LYS O 46 -4.82 3.10 -6.06
N ALA O 47 -3.83 2.45 -5.42
CA ALA O 47 -2.59 2.10 -6.10
C ALA O 47 -2.83 1.05 -7.17
N MET O 48 -3.67 0.05 -6.89
CA MET O 48 -3.95 -0.95 -7.91
C MET O 48 -4.80 -0.39 -9.04
N GLN O 49 -5.68 0.57 -8.76
CA GLN O 49 -6.41 1.24 -9.83
C GLN O 49 -5.47 2.04 -10.72
N MET O 50 -4.55 2.80 -10.12
CA MET O 50 -3.59 3.58 -10.91
C MET O 50 -2.55 2.71 -11.57
N ALA O 51 -2.40 1.45 -11.16
CA ALA O 51 -1.55 0.52 -11.89
C ALA O 51 -2.29 -0.17 -13.02
N MET O 52 -3.60 -0.38 -12.89
CA MET O 52 -4.39 -0.99 -13.94
C MET O 52 -4.45 -0.11 -15.17
N GLU O 53 -4.87 1.14 -15.00
CA GLU O 53 -4.67 2.16 -16.01
C GLU O 53 -3.20 2.60 -15.99
N TRP O 54 -2.76 3.23 -17.08
CA TRP O 54 -1.43 3.82 -17.23
C TRP O 54 -0.25 2.86 -17.09
N GLY O 55 -0.51 1.56 -17.02
CA GLY O 55 0.53 0.58 -16.81
C GLY O 55 0.48 -0.49 -17.86
N SER O 56 0.30 -0.09 -19.13
CA SER O 56 -0.12 -1.02 -20.18
C SER O 56 0.91 -2.12 -20.46
N PRO O 57 2.22 -1.85 -20.72
CA PRO O 57 3.15 -2.99 -20.78
C PRO O 57 3.45 -3.59 -19.41
N ASN O 58 3.92 -2.76 -18.47
CA ASN O 58 4.47 -3.22 -17.20
C ASN O 58 4.35 -2.09 -16.19
N TYR O 59 4.52 -2.43 -14.91
CA TYR O 59 4.47 -1.43 -13.83
C TYR O 59 5.25 -1.94 -12.63
N VAL O 60 5.45 -1.03 -11.66
CA VAL O 60 6.06 -1.32 -10.35
C VAL O 60 5.29 -0.51 -9.31
N ILE O 61 4.84 -1.17 -8.24
CA ILE O 61 4.11 -0.51 -7.15
C ILE O 61 5.01 -0.45 -5.93
N LEU O 62 5.19 0.76 -5.40
CA LEU O 62 5.96 0.98 -4.20
C LEU O 62 5.05 1.53 -3.11
N GLY O 63 5.49 1.40 -1.86
CA GLY O 63 4.69 1.85 -0.74
C GLY O 63 5.14 1.17 0.54
N SER O 64 4.39 1.45 1.60
CA SER O 64 4.71 0.96 2.93
C SER O 64 4.38 -0.51 3.06
N ASN O 65 4.68 -1.08 4.24
CA ASN O 65 4.39 -2.48 4.50
C ASN O 65 2.97 -2.71 4.97
N LYS O 66 2.32 -1.69 5.53
CA LYS O 66 0.90 -1.81 5.83
C LYS O 66 0.07 -1.69 4.57
N VAL O 67 0.57 -0.95 3.58
CA VAL O 67 -0.14 -0.80 2.32
C VAL O 67 0.01 -2.05 1.45
N LEU O 68 1.24 -2.52 1.30
CA LEU O 68 1.52 -3.66 0.43
C LEU O 68 1.21 -5.00 1.07
N ALA O 69 0.66 -5.03 2.28
CA ALA O 69 0.19 -6.27 2.87
C ALA O 69 -1.19 -6.68 2.38
N PHE O 70 -1.84 -5.84 1.57
CA PHE O 70 -3.11 -6.17 0.96
C PHE O 70 -2.98 -6.70 -0.44
N ILE O 71 -1.83 -6.52 -1.08
CA ILE O 71 -1.55 -7.00 -2.42
C ILE O 71 -0.62 -8.21 -2.29
N PRO O 72 -0.92 -9.33 -2.96
CA PRO O 72 0.02 -10.45 -2.96
C PRO O 72 1.31 -10.11 -3.69
N GLU O 73 2.36 -10.87 -3.38
CA GLU O 73 3.70 -10.52 -3.84
C GLU O 73 3.88 -10.69 -5.34
N GLN O 74 2.99 -11.42 -6.01
CA GLN O 74 3.08 -11.60 -7.45
C GLN O 74 2.31 -10.54 -8.23
N LEU O 75 1.64 -9.61 -7.55
CA LEU O 75 0.85 -8.57 -8.21
C LEU O 75 1.47 -7.18 -8.08
N ARG O 76 2.55 -7.03 -7.31
CA ARG O 76 3.15 -5.71 -7.13
C ARG O 76 4.04 -5.33 -8.30
N VAL O 77 4.82 -6.26 -8.82
CA VAL O 77 5.68 -5.99 -9.97
C VAL O 77 5.12 -6.76 -11.16
N LYS O 78 5.21 -6.15 -12.33
CA LYS O 78 4.84 -6.81 -13.57
C LYS O 78 5.79 -6.42 -14.70
N GLN P 11 90.39 24.79 12.03
CA GLN P 11 91.05 25.64 11.06
C GLN P 11 90.05 26.23 10.05
N GLU P 12 89.48 25.37 9.21
CA GLU P 12 88.51 25.83 8.22
C GLU P 12 87.10 25.89 8.80
N LEU P 13 86.58 24.74 9.22
CA LEU P 13 85.20 24.63 9.71
C LEU P 13 85.13 24.40 11.21
N ARG P 14 86.15 24.83 11.96
CA ARG P 14 86.12 24.71 13.42
C ARG P 14 85.06 25.61 14.03
N GLN P 15 84.89 26.81 13.46
CA GLN P 15 83.93 27.78 13.98
C GLN P 15 82.49 27.30 13.83
N PHE P 16 82.22 26.50 12.78
CA PHE P 16 80.87 25.97 12.58
C PHE P 16 80.46 25.02 13.70
N ILE P 17 81.35 24.09 14.04
CA ILE P 17 81.02 23.15 15.12
C ILE P 17 81.13 23.83 16.48
N GLU P 18 81.92 24.90 16.59
CA GLU P 18 81.94 25.69 17.83
C GLU P 18 80.60 26.39 18.05
N SER P 19 80.05 26.98 16.98
CA SER P 19 78.71 27.56 17.05
C SER P 19 77.65 26.50 17.27
N PHE P 20 77.87 25.28 16.77
CA PHE P 20 76.93 24.19 17.01
C PHE P 20 76.86 23.83 18.49
N ILE P 21 78.03 23.65 19.13
CA ILE P 21 78.05 23.37 20.57
C ILE P 21 77.52 24.56 21.37
N GLN P 22 77.75 25.79 20.89
CA GLN P 22 77.23 26.96 21.60
C GLN P 22 75.71 27.06 21.50
N GLU P 23 75.13 26.73 20.34
CA GLU P 23 73.67 26.69 20.22
C GLU P 23 73.08 25.59 21.07
N ARG P 24 73.79 24.45 21.19
CA ARG P 24 73.35 23.39 22.09
C ARG P 24 73.37 23.86 23.55
N LEU P 25 74.41 24.59 23.94
CA LEU P 25 74.52 25.09 25.31
C LEU P 25 73.45 26.13 25.63
N GLN P 26 73.20 27.04 24.69
CA GLN P 26 72.18 28.06 24.93
C GLN P 26 70.77 27.47 24.88
N GLY P 27 70.56 26.44 24.07
CA GLY P 27 69.30 25.73 24.11
C GLY P 27 69.08 25.00 25.42
N LYS P 28 70.14 24.39 25.96
CA LYS P 28 70.04 23.74 27.26
C LYS P 28 69.80 24.74 28.37
N LEU P 29 70.43 25.92 28.28
CA LEU P 29 70.24 26.94 29.31
C LEU P 29 68.84 27.55 29.24
N ASP P 30 68.31 27.74 28.03
CA ASP P 30 66.94 28.23 27.90
C ASP P 30 65.90 27.16 28.24
N LYS P 31 66.25 25.88 28.11
CA LYS P 31 65.30 24.82 28.44
C LYS P 31 65.25 24.54 29.93
N LEU P 32 66.41 24.48 30.59
CA LEU P 32 66.41 24.24 32.04
C LEU P 32 66.05 25.50 32.81
N HIS P 33 66.76 26.60 32.54
CA HIS P 33 66.66 27.91 33.18
C HIS P 33 66.81 27.80 34.70
N PRO P 34 67.77 27.00 35.18
CA PRO P 34 68.02 26.96 36.62
C PRO P 34 69.06 27.99 37.05
N ASP P 35 68.74 28.77 38.08
CA ASP P 35 69.64 29.82 38.57
C ASP P 35 70.01 29.57 40.03
N GLU P 36 70.28 28.32 40.39
CA GLU P 36 70.64 27.96 41.75
C GLU P 36 71.90 27.09 41.73
N ASP P 37 72.84 27.43 42.62
CA ASP P 37 74.09 26.70 42.85
C ASP P 37 74.96 26.60 41.60
N ASP P 38 74.86 27.62 40.73
CA ASP P 38 75.66 27.77 39.51
C ASP P 38 75.51 26.58 38.57
N LYS P 39 74.25 26.23 38.28
CA LYS P 39 73.98 25.14 37.34
C LYS P 39 74.35 25.54 35.92
N ARG P 40 74.18 26.83 35.58
CA ARG P 40 74.63 27.33 34.28
C ARG P 40 76.15 27.32 34.18
N GLN P 41 76.85 27.56 35.29
CA GLN P 41 78.30 27.45 35.29
C GLN P 41 78.73 25.99 35.17
N THR P 42 77.99 25.07 35.78
CA THR P 42 78.29 23.65 35.64
C THR P 42 77.96 23.14 34.24
N LEU P 43 77.06 23.81 33.51
CA LEU P 43 76.83 23.47 32.12
C LEU P 43 77.90 24.07 31.21
N LEU P 44 78.33 25.30 31.51
CA LEU P 44 79.40 25.93 30.73
C LEU P 44 80.75 25.28 30.98
N ALA P 45 80.90 24.60 32.11
CA ALA P 45 82.13 23.83 32.36
C ALA P 45 82.26 22.67 31.40
N THR P 46 81.15 22.09 30.96
CA THR P 46 81.17 20.97 30.03
C THR P 46 81.11 21.43 28.58
N HIS P 47 80.26 22.41 28.28
CA HIS P 47 79.98 22.75 26.89
C HIS P 47 81.06 23.66 26.28
N ARG P 48 81.55 24.64 27.03
CA ARG P 48 82.46 25.64 26.45
C ARG P 48 83.84 25.06 26.19
N ARG P 49 84.25 24.06 26.96
CA ARG P 49 85.48 23.34 26.68
C ARG P 49 85.19 22.21 25.69
N GLU P 50 86.14 21.32 25.48
CA GLU P 50 85.97 20.19 24.58
C GLU P 50 85.73 18.89 25.32
N ALA P 51 85.18 18.96 26.53
CA ALA P 51 84.71 17.76 27.21
C ALA P 51 83.47 17.19 26.53
N TRP P 52 82.71 18.04 25.84
CA TRP P 52 81.58 17.56 25.04
C TRP P 52 82.06 16.70 23.88
N LEU P 53 83.21 17.04 23.30
CA LEU P 53 83.75 16.21 22.22
C LEU P 53 84.24 14.87 22.75
N ALA P 54 84.79 14.85 23.96
CA ALA P 54 85.20 13.60 24.59
C ALA P 54 83.99 12.73 24.92
N ASP P 55 82.89 13.36 25.34
CA ASP P 55 81.66 12.61 25.62
C ASP P 55 81.04 12.08 24.33
N ALA P 56 81.10 12.87 23.25
CA ALA P 56 80.58 12.42 21.96
C ALA P 56 81.45 11.32 21.36
N ALA P 57 82.74 11.31 21.68
CA ALA P 57 83.57 10.17 21.29
C ALA P 57 83.27 8.96 22.16
N ARG P 58 82.86 9.18 23.41
CA ARG P 58 82.62 8.07 24.32
C ARG P 58 81.35 7.31 23.98
N ARG P 59 80.31 8.01 23.52
CA ARG P 59 78.98 7.42 23.43
C ARG P 59 78.87 6.51 22.21
N VAL P 60 78.74 5.21 22.47
CA VAL P 60 78.74 4.14 21.49
C VAL P 60 77.36 3.47 21.52
N GLY P 61 76.89 3.03 20.36
CA GLY P 61 75.59 2.39 20.31
C GLY P 61 74.85 2.61 19.00
N GLN P 62 75.28 3.59 18.21
CA GLN P 62 74.69 3.79 16.90
C GLN P 62 75.13 2.66 15.97
N LEU P 63 74.32 2.41 14.94
CA LEU P 63 74.57 1.25 14.08
C LEU P 63 74.43 1.53 12.59
N GLN P 64 73.72 2.57 12.18
CA GLN P 64 73.53 2.97 10.77
C GLN P 64 72.95 1.83 9.93
N LEU P 65 71.76 1.38 10.32
CA LEU P 65 71.11 0.22 9.71
C LEU P 65 69.81 0.66 9.09
N VAL P 66 69.60 0.33 7.82
CA VAL P 66 68.41 0.74 7.09
C VAL P 66 67.56 -0.44 6.66
N THR P 67 68.17 -1.54 6.20
CA THR P 67 67.39 -2.64 5.66
C THR P 67 66.76 -3.47 6.75
N HIS P 68 67.30 -3.38 7.96
CA HIS P 68 66.84 -4.18 9.09
C HIS P 68 66.68 -3.30 10.32
N THR P 69 65.48 -3.25 10.87
CA THR P 69 65.22 -2.57 12.12
C THR P 69 64.22 -3.43 12.91
N LEU P 70 64.65 -3.96 14.04
CA LEU P 70 63.86 -4.98 14.75
C LEU P 70 62.81 -4.35 15.65
N LYS P 71 63.05 -3.12 16.10
CA LYS P 71 62.15 -2.47 17.06
C LYS P 71 60.70 -2.24 16.61
N PRO P 72 60.35 -2.10 15.31
CA PRO P 72 58.93 -2.14 14.95
C PRO P 72 58.21 -3.44 15.30
N ILE P 73 58.88 -4.59 15.32
CA ILE P 73 58.21 -5.83 15.67
C ILE P 73 57.85 -5.86 17.15
N HIS P 74 58.75 -5.38 18.00
CA HIS P 74 58.48 -5.18 19.42
C HIS P 74 59.39 -4.08 19.94
N PRO P 75 58.87 -3.14 20.75
CA PRO P 75 59.69 -2.01 21.20
C PRO P 75 60.80 -2.37 22.17
N ASP P 76 60.74 -3.53 22.82
CA ASP P 76 61.87 -4.07 23.57
C ASP P 76 62.18 -5.46 23.02
N ALA P 77 62.96 -5.50 21.93
CA ALA P 77 63.36 -6.75 21.28
C ALA P 77 64.82 -6.58 20.89
N ARG P 78 65.72 -6.97 21.78
CA ARG P 78 67.15 -6.83 21.54
C ARG P 78 67.62 -7.91 20.57
N GLY P 79 68.14 -7.49 19.43
CA GLY P 79 68.61 -8.43 18.45
C GLY P 79 69.65 -7.84 17.53
N SER P 80 69.83 -8.47 16.39
CA SER P 80 70.82 -8.05 15.40
C SER P 80 70.15 -7.20 14.33
N ASN P 81 70.76 -6.07 14.01
CA ASN P 81 70.30 -5.19 12.95
C ASN P 81 71.35 -5.11 11.87
N LEU P 82 70.91 -5.03 10.62
CA LEU P 82 71.78 -5.19 9.47
C LEU P 82 71.69 -3.96 8.57
N HIS P 83 72.79 -3.67 7.87
CA HIS P 83 72.84 -2.64 6.85
C HIS P 83 73.38 -3.32 5.59
N SER P 84 72.49 -3.94 4.83
CA SER P 84 72.88 -4.63 3.61
C SER P 84 71.66 -4.75 2.71
N LEU P 85 71.80 -4.31 1.47
CA LEU P 85 70.72 -4.42 0.51
C LEU P 85 70.79 -5.77 -0.19
N PRO P 86 69.65 -6.38 -0.52
CA PRO P 86 69.68 -7.66 -1.24
C PRO P 86 70.11 -7.47 -2.68
N GLN P 87 70.38 -8.59 -3.34
CA GLN P 87 70.58 -8.55 -4.77
C GLN P 87 69.22 -8.47 -5.47
N ALA P 88 69.25 -8.06 -6.72
CA ALA P 88 68.03 -8.01 -7.50
C ALA P 88 67.57 -9.43 -7.84
N PRO P 89 66.28 -9.71 -7.78
CA PRO P 89 65.81 -11.06 -8.15
C PRO P 89 65.85 -11.31 -9.64
N GLY P 90 65.58 -12.54 -10.05
CA GLY P 90 65.59 -12.86 -11.47
C GLY P 90 64.20 -12.91 -12.06
N GLN P 91 63.22 -13.26 -11.25
CA GLN P 91 61.87 -13.48 -11.74
C GLN P 91 61.20 -12.14 -12.09
N PRO P 92 60.38 -12.11 -13.13
CA PRO P 92 59.68 -10.88 -13.51
C PRO P 92 58.49 -10.63 -12.60
N GLY P 93 57.84 -9.48 -12.82
CA GLY P 93 56.68 -9.15 -12.03
C GLY P 93 57.02 -8.42 -10.75
N LEU P 94 57.14 -9.19 -9.67
CA LEU P 94 57.32 -8.64 -8.33
C LEU P 94 58.71 -8.05 -8.16
N ALA P 95 58.79 -7.02 -7.32
CA ALA P 95 60.03 -6.33 -6.98
C ALA P 95 59.83 -5.56 -5.69
N GLY P 96 60.91 -5.43 -4.92
CA GLY P 96 60.86 -4.70 -3.66
C GLY P 96 62.19 -4.05 -3.34
N SER P 97 62.19 -3.27 -2.27
CA SER P 97 63.34 -2.57 -1.70
C SER P 97 63.97 -1.52 -2.63
N HIS P 98 63.18 -1.02 -3.60
CA HIS P 98 63.44 0.21 -4.39
C HIS P 98 64.82 0.24 -5.06
N GLU P 99 65.31 -0.92 -5.47
CA GLU P 99 66.72 -1.07 -5.86
C GLU P 99 67.09 -0.40 -7.18
N LEU P 100 66.13 0.17 -7.91
CA LEU P 100 66.45 0.75 -9.23
C LEU P 100 67.11 2.11 -9.10
N GLY P 101 66.41 3.08 -8.52
CA GLY P 101 66.93 4.43 -8.39
C GLY P 101 66.41 5.14 -7.15
N ASP P 102 66.49 6.48 -7.15
CA ASP P 102 66.03 7.35 -6.06
C ASP P 102 66.73 7.00 -4.75
N ARG P 103 68.04 7.31 -4.74
CA ARG P 103 69.01 6.82 -3.76
C ARG P 103 68.59 7.10 -2.31
N LEU P 104 68.91 6.14 -1.45
CA LEU P 104 68.23 5.95 -0.18
C LEU P 104 68.76 6.87 0.91
N VAL P 105 67.99 6.95 1.99
CA VAL P 105 68.40 7.62 3.23
C VAL P 105 68.52 6.55 4.30
N SER P 106 69.58 6.64 5.10
CA SER P 106 69.86 5.63 6.11
C SER P 106 69.30 6.05 7.46
N ASP P 107 69.13 5.06 8.32
CA ASP P 107 68.58 5.25 9.66
C ASP P 107 69.69 5.14 10.69
N VAL P 108 69.35 5.41 11.95
CA VAL P 108 70.26 5.24 13.07
C VAL P 108 69.48 4.57 14.20
N VAL P 109 69.95 3.40 14.63
CA VAL P 109 69.32 2.65 15.71
C VAL P 109 70.31 2.54 16.86
N GLY P 110 69.82 2.75 18.07
CA GLY P 110 70.67 2.71 19.24
C GLY P 110 70.00 3.40 20.41
N ASN P 111 70.81 3.78 21.39
CA ASN P 111 70.28 4.48 22.55
C ASN P 111 69.87 5.90 22.15
N ALA P 112 68.73 6.35 22.68
CA ALA P 112 68.22 7.67 22.35
C ALA P 112 69.06 8.77 22.99
N ALA P 113 69.68 8.49 24.15
CA ALA P 113 70.47 9.47 24.87
C ALA P 113 71.73 9.91 24.14
N ALA P 114 72.15 9.17 23.12
CA ALA P 114 73.27 9.56 22.28
C ALA P 114 72.83 9.98 20.88
N LEU P 115 71.52 10.13 20.65
CA LEU P 115 71.02 10.43 19.32
C LEU P 115 71.46 11.80 18.83
N ASP P 116 71.67 12.74 19.77
CA ASP P 116 72.18 14.06 19.43
C ASP P 116 73.59 14.01 18.85
N VAL P 117 74.35 12.95 19.17
CA VAL P 117 75.67 12.75 18.57
C VAL P 117 75.55 12.59 17.06
N PHE P 118 74.48 11.94 16.58
CA PHE P 118 74.26 11.86 15.15
C PHE P 118 73.93 13.23 14.56
N LYS P 119 73.29 14.09 15.36
CA LYS P 119 73.06 15.47 14.93
C LYS P 119 74.37 16.24 14.86
N PHE P 120 75.39 15.82 15.61
CA PHE P 120 76.70 16.41 15.45
C PHE P 120 77.34 15.97 14.14
N LEU P 121 77.02 14.77 13.65
CA LEU P 121 77.66 14.26 12.46
C LEU P 121 76.89 14.56 11.19
N SER P 122 75.73 15.21 11.29
CA SER P 122 74.92 15.52 10.12
C SER P 122 74.86 17.02 9.83
N LEU P 123 75.86 17.79 10.26
CA LEU P 123 75.93 19.20 9.93
C LEU P 123 76.24 19.39 8.46
N GLN P 124 75.39 20.13 7.76
CA GLN P 124 75.55 20.36 6.32
C GLN P 124 76.53 21.49 6.04
N TYR P 125 77.79 21.23 6.37
CA TYR P 125 78.90 22.10 6.00
C TYR P 125 79.96 21.22 5.34
N GLN P 126 80.13 21.40 4.02
CA GLN P 126 80.99 20.57 3.18
C GLN P 126 80.63 19.09 3.28
N GLY P 127 79.34 18.79 3.23
CA GLY P 127 78.86 17.42 3.26
C GLY P 127 78.44 16.94 4.64
N LYS P 128 77.15 16.73 4.83
CA LYS P 128 76.66 16.21 6.11
C LYS P 128 76.93 14.71 6.23
N ASN P 129 76.54 13.93 5.23
CA ASN P 129 76.90 12.52 5.20
C ASN P 129 78.40 12.33 4.98
N LEU P 130 79.08 13.32 4.40
CA LEU P 130 80.53 13.30 4.33
C LEU P 130 81.14 13.54 5.70
N LEU P 131 80.53 14.42 6.50
CA LEU P 131 81.01 14.63 7.86
C LEU P 131 80.71 13.45 8.76
N ASN P 132 79.63 12.72 8.47
CA ASN P 132 79.29 11.54 9.27
C ASN P 132 80.30 10.41 9.07
N TRP P 133 80.89 10.32 7.88
CA TRP P 133 81.97 9.38 7.61
C TRP P 133 83.10 10.18 6.95
N LEU P 134 83.93 10.81 7.78
CA LEU P 134 85.02 11.65 7.29
C LEU P 134 86.31 10.87 7.16
N THR P 135 86.25 9.75 6.43
CA THR P 135 87.45 8.94 6.22
C THR P 135 88.24 9.44 5.02
N GLU P 136 87.55 9.98 4.00
CA GLU P 136 88.24 10.43 2.80
C GLU P 136 89.02 11.71 3.04
N ASP P 137 88.50 12.60 3.89
CA ASP P 137 89.12 13.89 4.10
C ASP P 137 90.35 13.78 4.99
N SER P 138 91.23 14.77 4.88
CA SER P 138 92.43 14.85 5.70
C SER P 138 92.68 16.22 6.31
N ALA P 139 92.10 17.29 5.76
CA ALA P 139 92.24 18.60 6.36
C ALA P 139 91.35 18.75 7.59
N GLU P 140 90.15 18.18 7.53
CA GLU P 140 89.23 18.27 8.67
C GLU P 140 89.69 17.42 9.84
N ALA P 141 90.45 16.35 9.57
CA ALA P 141 90.89 15.45 10.64
C ALA P 141 91.90 16.14 11.56
N VAL P 142 92.75 17.01 11.00
CA VAL P 142 93.61 17.84 11.83
C VAL P 142 92.95 19.18 12.17
N GLN P 143 91.89 19.56 11.47
CA GLN P 143 91.17 20.79 11.76
C GLN P 143 90.16 20.64 12.87
N ALA P 144 89.89 19.41 13.31
CA ALA P 144 88.95 19.19 14.40
C ALA P 144 89.50 19.72 15.72
N LEU P 145 90.68 19.25 16.11
CA LEU P 145 91.30 19.65 17.37
C LEU P 145 92.44 20.61 17.09
N SER P 146 93.03 21.14 18.16
CA SER P 146 94.17 22.02 18.06
C SER P 146 95.31 21.68 19.01
N ASP P 147 95.14 20.73 19.93
CA ASP P 147 96.13 20.53 20.98
C ASP P 147 97.19 19.51 20.60
N ASN P 148 96.80 18.37 20.03
CA ASN P 148 97.75 17.30 19.74
C ASN P 148 97.25 16.50 18.55
N ALA P 149 97.86 15.35 18.32
CA ALA P 149 97.53 14.49 17.19
C ALA P 149 96.96 13.13 17.60
N GLU P 150 97.28 12.64 18.80
CA GLU P 150 96.76 11.35 19.24
C GLU P 150 95.27 11.42 19.53
N GLN P 151 94.82 12.53 20.14
CA GLN P 151 93.40 12.73 20.39
C GLN P 151 92.63 12.90 19.08
N ALA P 152 93.30 13.44 18.05
CA ALA P 152 92.69 13.59 16.73
C ALA P 152 92.36 12.24 16.11
N ARG P 153 93.35 11.34 16.08
CA ARG P 153 93.14 10.03 15.49
C ARG P 153 92.20 9.18 16.34
N GLU P 154 92.28 9.31 17.67
CA GLU P 154 91.40 8.55 18.54
C GLU P 154 89.94 9.00 18.40
N TRP P 155 89.70 10.32 18.34
CA TRP P 155 88.33 10.80 18.22
C TRP P 155 87.79 10.58 16.81
N ARG P 156 88.66 10.62 15.80
CA ARG P 156 88.23 10.28 14.45
C ARG P 156 87.87 8.81 14.33
N GLN P 157 88.66 7.93 14.97
CA GLN P 157 88.37 6.50 14.95
C GLN P 157 87.10 6.17 15.71
N ALA P 158 86.85 6.89 16.81
CA ALA P 158 85.59 6.72 17.52
C ALA P 158 84.40 7.24 16.71
N PHE P 159 84.61 8.31 15.93
CA PHE P 159 83.52 8.85 15.12
C PHE P 159 83.18 7.96 13.94
N ILE P 160 84.18 7.44 13.23
CA ILE P 160 83.89 6.54 12.12
C ILE P 160 83.61 5.12 12.58
N GLY P 161 83.85 4.81 13.85
CA GLY P 161 83.57 3.49 14.36
C GLY P 161 82.11 3.28 14.71
N ILE P 162 81.45 4.28 15.29
CA ILE P 162 80.09 4.12 15.78
C ILE P 162 79.08 4.19 14.63
N THR P 163 79.56 4.44 13.41
CA THR P 163 78.69 4.33 12.25
C THR P 163 78.51 2.87 11.85
N ALA P 164 79.60 2.19 11.50
CA ALA P 164 79.53 0.83 10.99
C ALA P 164 80.23 -0.12 11.97
N VAL P 165 79.45 -0.97 12.62
CA VAL P 165 79.97 -2.05 13.47
C VAL P 165 79.17 -3.32 13.17
N LYS P 166 79.86 -4.46 13.25
CA LYS P 166 79.26 -5.72 12.83
C LYS P 166 78.39 -6.33 13.94
N GLY P 167 79.01 -6.67 15.07
CA GLY P 167 78.29 -7.30 16.16
C GLY P 167 78.29 -8.81 16.09
N ALA P 168 77.22 -9.43 16.59
CA ALA P 168 77.08 -10.88 16.59
C ALA P 168 75.72 -11.27 16.04
N PRO P 169 75.63 -12.35 15.24
CA PRO P 169 74.34 -12.78 14.70
C PRO P 169 73.41 -13.33 15.77
N ALA P 170 72.34 -12.60 16.07
CA ALA P 170 71.44 -12.98 17.14
C ALA P 170 70.01 -12.65 16.75
N SER P 171 69.07 -13.19 17.51
CA SER P 171 67.65 -12.97 17.31
C SER P 171 67.00 -12.85 18.67
N HIS P 172 65.67 -12.96 18.69
CA HIS P 172 64.92 -12.83 19.93
C HIS P 172 63.69 -13.71 19.86
N SER P 173 63.14 -14.03 21.03
CA SER P 173 61.91 -14.81 21.09
C SER P 173 60.68 -13.98 20.73
N LEU P 174 60.77 -12.65 20.83
CA LEU P 174 59.70 -11.75 20.45
C LEU P 174 59.78 -11.34 18.99
N ALA P 175 60.76 -11.84 18.24
CA ALA P 175 60.86 -11.58 16.82
C ALA P 175 60.02 -12.60 16.06
N LYS P 176 60.17 -12.65 14.74
CA LYS P 176 59.42 -13.55 13.89
C LYS P 176 60.37 -14.57 13.26
N GLN P 177 60.02 -15.85 13.34
CA GLN P 177 60.81 -16.93 12.78
C GLN P 177 59.84 -17.98 12.25
N LEU P 178 59.89 -18.25 10.96
CA LEU P 178 58.91 -19.09 10.29
C LEU P 178 59.55 -20.39 9.81
N TYR P 179 58.80 -21.16 9.03
CA TYR P 179 59.32 -22.34 8.37
C TYR P 179 58.95 -22.27 6.89
N PHE P 180 59.81 -22.84 6.06
CA PHE P 180 59.53 -22.89 4.63
C PHE P 180 59.84 -24.28 4.09
N PRO P 181 58.86 -24.96 3.49
CA PRO P 181 59.13 -26.28 2.91
C PRO P 181 60.01 -26.19 1.67
N LEU P 182 61.02 -27.03 1.63
CA LEU P 182 61.93 -27.14 0.51
C LEU P 182 61.37 -28.12 -0.52
N PRO P 183 61.80 -28.04 -1.79
CA PRO P 183 61.30 -29.00 -2.78
C PRO P 183 61.69 -30.45 -2.53
N GLY P 184 62.87 -30.70 -1.95
CA GLY P 184 63.23 -32.07 -1.66
C GLY P 184 62.78 -32.57 -0.31
N SER P 185 63.24 -31.90 0.76
CA SER P 185 62.98 -32.23 2.15
C SER P 185 63.61 -31.14 3.00
N GLY P 186 63.29 -31.14 4.29
CA GLY P 186 63.86 -30.17 5.20
C GLY P 186 63.22 -28.80 5.07
N TYR P 187 63.71 -27.88 5.88
CA TYR P 187 63.10 -26.55 5.99
C TYR P 187 64.19 -25.50 6.18
N HIS P 188 63.78 -24.24 6.15
CA HIS P 188 64.60 -23.09 6.53
C HIS P 188 63.84 -22.30 7.60
N LEU P 189 64.53 -21.33 8.21
CA LEU P 189 63.96 -20.68 9.39
C LEU P 189 63.49 -19.24 9.17
N LEU P 190 64.01 -18.53 8.16
CA LEU P 190 63.36 -17.38 7.51
C LEU P 190 62.94 -16.28 8.49
N ALA P 191 63.93 -15.59 9.04
CA ALA P 191 63.63 -14.50 9.97
C ALA P 191 63.47 -13.16 9.24
N PRO P 192 62.25 -12.64 9.11
CA PRO P 192 62.06 -11.38 8.38
C PRO P 192 62.39 -10.18 9.26
N LEU P 193 62.50 -9.02 8.61
CA LEU P 193 62.77 -7.77 9.30
C LEU P 193 61.88 -6.68 8.69
N PHE P 194 62.03 -5.46 9.21
CA PHE P 194 61.19 -4.35 8.78
C PHE P 194 61.99 -3.43 7.86
N PRO P 195 61.56 -3.23 6.63
CA PRO P 195 62.32 -2.38 5.70
C PRO P 195 62.01 -0.91 5.93
N THR P 196 63.05 -0.13 6.24
CA THR P 196 62.90 1.32 6.42
C THR P 196 63.02 2.01 5.06
N SER P 197 61.97 1.84 4.25
CA SER P 197 61.82 2.52 2.99
C SER P 197 61.00 3.79 3.19
N LEU P 198 61.30 4.80 2.38
CA LEU P 198 60.58 6.07 2.43
C LEU P 198 59.79 6.21 1.12
N VAL P 199 58.62 5.58 1.09
CA VAL P 199 57.55 5.98 0.20
C VAL P 199 56.61 6.93 0.89
N HIS P 200 56.88 7.23 2.16
CA HIS P 200 56.18 8.28 2.91
C HIS P 200 56.34 9.64 2.24
N HIS P 201 57.52 9.90 1.68
CA HIS P 201 57.77 11.19 1.03
C HIS P 201 57.03 11.27 -0.31
N VAL P 202 56.91 10.15 -1.02
CA VAL P 202 56.12 10.11 -2.25
C VAL P 202 54.66 10.38 -1.95
N HIS P 203 54.13 9.81 -0.87
CA HIS P 203 52.75 10.05 -0.48
C HIS P 203 52.52 11.48 -0.02
N ALA P 204 53.47 12.04 0.72
CA ALA P 204 53.33 13.43 1.17
C ALA P 204 53.41 14.41 0.00
N LEU P 205 54.27 14.10 -0.97
CA LEU P 205 54.35 14.92 -2.19
C LEU P 205 53.08 14.83 -3.02
N LEU P 206 52.53 13.62 -3.16
CA LEU P 206 51.32 13.46 -3.97
C LEU P 206 50.04 13.84 -3.23
N ARG P 207 50.10 14.08 -1.92
CA ARG P 207 48.90 14.49 -1.19
C ARG P 207 48.90 15.95 -0.76
N GLU P 208 50.06 16.57 -0.54
CA GLU P 208 50.08 17.93 0.01
C GLU P 208 51.01 18.91 -0.69
N ALA P 209 51.87 18.46 -1.61
CA ALA P 209 52.79 19.40 -2.25
C ALA P 209 52.15 20.12 -3.44
N ARG P 210 51.81 19.37 -4.50
CA ARG P 210 51.25 19.97 -5.71
C ARG P 210 49.81 19.57 -5.94
N PHE P 211 49.10 19.16 -4.90
CA PHE P 211 47.66 18.93 -5.00
C PHE P 211 46.92 20.24 -5.22
N GLY P 212 47.41 21.34 -4.66
CA GLY P 212 46.70 22.60 -4.63
C GLY P 212 46.42 23.26 -5.97
N ASP P 213 47.47 23.46 -6.77
CA ASP P 213 47.35 24.21 -8.02
C ASP P 213 46.53 23.44 -9.06
N ALA P 214 46.87 22.17 -9.28
CA ALA P 214 46.10 21.34 -10.19
C ALA P 214 44.70 21.06 -9.66
N ALA P 215 44.54 21.04 -8.32
CA ALA P 215 43.22 20.81 -7.73
C ALA P 215 42.30 22.00 -7.98
N LYS P 216 42.81 23.23 -7.81
CA LYS P 216 41.94 24.36 -8.10
C LYS P 216 41.77 24.55 -9.61
N ALA P 217 42.74 24.08 -10.40
CA ALA P 217 42.56 24.08 -11.86
C ALA P 217 41.44 23.13 -12.27
N ALA P 218 41.35 21.97 -11.64
CA ALA P 218 40.22 21.09 -11.89
C ALA P 218 38.94 21.59 -11.23
N ARG P 219 39.07 22.44 -10.21
CA ARG P 219 37.90 22.96 -9.52
C ARG P 219 37.18 24.01 -10.37
N GLU P 220 37.86 25.11 -10.69
CA GLU P 220 37.19 26.25 -11.29
C GLU P 220 37.55 26.46 -12.76
N ALA P 221 37.99 25.41 -13.46
CA ALA P 221 38.20 25.50 -14.90
C ALA P 221 37.73 24.23 -15.60
N ARG P 222 36.56 23.74 -15.23
CA ARG P 222 36.00 22.58 -15.92
C ARG P 222 35.38 22.99 -17.26
N SER P 223 34.60 24.06 -17.27
CA SER P 223 34.01 24.55 -18.51
C SER P 223 35.03 25.27 -19.39
N ARG P 224 36.11 25.76 -18.81
CA ARG P 224 37.16 26.44 -19.57
C ARG P 224 38.17 25.43 -20.11
N GLN P 225 38.85 25.83 -21.18
CA GLN P 225 39.91 25.02 -21.75
C GLN P 225 41.26 25.21 -21.06
N GLU P 226 41.36 26.19 -20.16
CA GLU P 226 42.61 26.46 -19.43
C GLU P 226 42.83 25.35 -18.42
N SER P 227 43.70 24.40 -18.77
CA SER P 227 43.99 23.25 -17.92
C SER P 227 45.50 23.10 -17.84
N TRP P 228 46.01 23.00 -16.61
CA TRP P 228 47.45 22.93 -16.41
C TRP P 228 47.99 21.56 -16.84
N PRO P 229 49.26 21.50 -17.24
CA PRO P 229 49.86 20.18 -17.55
C PRO P 229 50.38 19.48 -16.30
N HIS P 230 49.44 19.06 -15.46
CA HIS P 230 49.76 18.46 -14.16
C HIS P 230 48.56 17.64 -13.73
N GLY P 231 48.52 17.30 -12.44
CA GLY P 231 47.42 16.54 -11.89
C GLY P 231 47.52 16.33 -10.40
N PHE P 232 46.91 15.27 -9.90
CA PHE P 232 46.88 14.97 -8.47
C PHE P 232 46.60 13.47 -8.31
N SER P 233 46.34 13.05 -7.08
CA SER P 233 46.01 11.68 -6.75
C SER P 233 45.26 11.69 -5.42
N GLU P 234 44.25 10.83 -5.30
CA GLU P 234 43.42 10.88 -4.09
C GLU P 234 43.84 9.89 -3.01
N TYR P 235 44.22 8.65 -3.40
CA TYR P 235 44.62 7.54 -2.52
C TYR P 235 43.58 7.25 -1.44
N PRO P 236 42.45 6.62 -1.78
CA PRO P 236 41.42 6.37 -0.77
C PRO P 236 41.82 5.25 0.18
N ASN P 237 41.24 5.32 1.39
CA ASN P 237 41.32 4.27 2.41
C ASN P 237 42.75 3.99 2.87
N LEU P 238 43.42 5.03 3.33
CA LEU P 238 44.69 4.80 3.99
C LEU P 238 44.46 4.41 5.46
N ALA P 239 45.50 3.84 6.07
CA ALA P 239 45.45 3.47 7.47
C ALA P 239 46.76 3.83 8.13
N ILE P 240 46.69 4.52 9.25
CA ILE P 240 47.87 4.96 9.97
C ILE P 240 48.22 3.94 11.04
N GLN P 241 49.50 3.62 11.17
CA GLN P 241 49.99 2.69 12.17
C GLN P 241 51.16 3.35 12.89
N LYS P 242 51.16 3.27 14.22
CA LYS P 242 52.15 3.95 15.03
C LYS P 242 53.00 2.94 15.80
N PHE P 243 54.31 3.14 15.78
CA PHE P 243 55.26 2.21 16.39
C PHE P 243 55.73 2.66 17.76
N GLY P 244 56.28 3.87 17.87
CA GLY P 244 56.52 4.47 19.16
C GLY P 244 55.26 5.16 19.64
N GLY P 245 54.93 4.97 20.91
CA GLY P 245 53.68 5.49 21.45
C GLY P 245 53.61 6.99 21.51
N THR P 246 54.37 7.60 22.41
CA THR P 246 54.50 9.05 22.45
C THR P 246 55.94 9.50 22.41
N LYS P 247 56.89 8.57 22.49
CA LYS P 247 58.31 8.84 22.34
C LYS P 247 58.82 7.98 21.19
N PRO P 248 58.66 8.43 19.95
CA PRO P 248 59.05 7.60 18.80
C PRO P 248 60.55 7.51 18.57
N GLN P 249 61.36 8.27 19.30
CA GLN P 249 62.81 8.24 19.11
C GLN P 249 63.45 7.01 19.73
N ASN P 250 62.72 6.24 20.54
CA ASN P 250 63.26 5.00 21.08
C ASN P 250 63.35 3.91 20.03
N ILE P 251 62.57 4.02 18.94
CA ILE P 251 62.63 3.04 17.87
C ILE P 251 63.84 3.28 16.98
N SER P 252 63.86 4.44 16.31
CA SER P 252 64.96 4.81 15.41
C SER P 252 64.91 6.32 15.21
N GLN P 253 65.76 6.80 14.30
CA GLN P 253 65.82 8.23 13.97
C GLN P 253 64.85 8.60 12.86
N LEU P 254 64.75 7.77 11.82
CA LEU P 254 63.76 8.00 10.77
C LEU P 254 62.34 7.82 11.27
N ASN P 255 62.14 7.07 12.36
CA ASN P 255 60.84 7.00 13.01
C ASN P 255 60.52 8.28 13.77
N SER P 256 61.51 9.11 14.06
CA SER P 256 61.22 10.40 14.65
C SER P 256 60.85 11.44 13.60
N GLU P 257 61.38 11.27 12.40
CA GLU P 257 61.13 12.19 11.29
C GLU P 257 59.66 12.15 10.92
N ARG P 258 59.14 10.93 10.92
CA ARG P 258 57.75 10.67 10.67
C ARG P 258 57.33 10.04 11.97
N TYR P 259 56.28 10.56 12.57
CA TYR P 259 55.84 10.06 13.86
C TYR P 259 54.80 9.00 13.54
N GLY P 260 55.16 7.74 13.73
CA GLY P 260 54.26 6.66 13.40
C GLY P 260 53.93 6.81 11.93
N GLU P 261 52.65 6.82 11.62
CA GLU P 261 52.16 7.04 10.25
C GLU P 261 52.70 6.12 9.16
N ASN P 262 52.82 4.83 9.44
CA ASN P 262 53.29 3.89 8.44
C ASN P 262 52.54 4.01 7.12
N TRP P 263 51.28 4.45 7.14
CA TRP P 263 50.46 4.79 5.97
C TRP P 263 50.28 3.58 5.05
N LEU P 264 49.60 2.57 5.57
CA LEU P 264 49.40 1.32 4.85
C LEU P 264 48.33 1.46 3.78
N LEU P 265 48.61 0.87 2.56
CA LEU P 265 47.81 0.89 1.34
C LEU P 265 46.74 -0.19 1.36
N PRO P 266 45.55 0.08 0.81
CA PRO P 266 44.46 -0.89 0.91
C PRO P 266 44.52 -2.00 -0.14
N SER P 267 44.25 -3.23 0.28
CA SER P 267 44.21 -4.36 -0.64
C SER P 267 43.11 -5.29 -0.16
N LEU P 268 41.86 -4.87 -0.35
CA LEU P 268 40.70 -5.62 0.12
C LEU P 268 39.81 -6.16 -0.99
N PRO P 269 39.26 -7.36 -0.77
CA PRO P 269 38.36 -8.08 -1.68
C PRO P 269 37.03 -7.36 -1.82
N PRO P 270 36.44 -7.42 -3.02
CA PRO P 270 35.16 -6.79 -3.34
C PRO P 270 34.01 -7.49 -2.61
N HIS P 271 32.94 -6.77 -2.33
CA HIS P 271 31.78 -7.36 -1.69
C HIS P 271 30.85 -7.77 -2.83
N TRP P 272 30.22 -8.94 -2.72
CA TRP P 272 29.40 -9.45 -3.81
C TRP P 272 28.20 -8.57 -4.21
N GLN P 273 27.46 -8.05 -3.23
CA GLN P 273 26.30 -7.21 -3.53
C GLN P 273 25.89 -6.34 -2.34
#